data_6RID
#
_entry.id   6RID
#
_cell.length_a   1.0
_cell.length_b   1.0
_cell.length_c   1.0
_cell.angle_alpha   90.00
_cell.angle_beta   90.00
_cell.angle_gamma   90.00
#
_symmetry.space_group_name_H-M   'P 1'
#
loop_
_entity.id
_entity.type
_entity.pdbx_description
1 polymer 'DNA-dependent RNA polymerase subunit rpo147'
2 polymer 'DNA-dependent RNA polymerase subunit rpo132'
3 polymer 'DNA-directed RNA polymerase 35 kDa subunit'
4 polymer 'DNA-directed RNA polymerase subunit'
5 polymer 'DNA-directed RNA polymerase 19 kDa subunit'
6 polymer 'DNA-dependent RNA polymerase subunit rpo18'
7 polymer 'DNA-dependent RNA polymerase subunit rpo7'
8 polymer 'DNA-directed RNA polymerase 30 kDa polypeptide'
9 polymer 'Non-template strand DNA'
10 polymer 'Template strand DNA'
11 polymer RNA
12 non-polymer 'MAGNESIUM ION'
13 non-polymer 'ZINC ION'
#
loop_
_entity_poly.entity_id
_entity_poly.type
_entity_poly.pdbx_seq_one_letter_code
_entity_poly.pdbx_strand_id
1 'polypeptide(L)'
;MAVISKVTYSLYDQKEINATDIIISHVKNDDDIGTVKDGRLGAMDGALCKTCGKTELECFGHWGKVSIYKTHIVKPEFIS
EIIRLLNHICIHCGLLRSREPYSDDINLKELSGHALRRLKDKILSKKKSCWNSECMQPYQKITFSKKKVCFVNKLDDINV
PNSLIYQKLISIHEKFWPLLEIHQYPANLFYTDYFPIPPLIIRPAISFWIDSIPKETNELTYLLGMIVKNCNLNADEQVI
QKAVIEYDDIKIISNNTTSINLSYITSGKNNMIRSYIVARRKDQTARSVIGPSTSITVNEVGMPAYIRNTLTEKIFVNAF
TVDKVKQLLASNQVKFYFNKRLNQLTRIRQGKFIKNKIHLLPGDWVEVAVQEYTSIIFGRQPSLHRYNVIASSIRATEGD
TIKISPGIANSQNADFDGDEEWMILEQNPKAVIEQSILMYPTTLLKHDIHGAPVYGSIQDEIVAAYSLFRIQDLCLDEVL
NILGKYGREFDPKGKCKFSGKDIYTYLIGEKINYPGLLKDGEIIANDVDSNFVVAMRHLSLAGLLSDHKSNVEGINFIIK
SSYVFKRYLSIYGFGVTFKDLRPNSTFTNKLEAINVEKIELIKEAYAKYLNDVRDGKIVPLSKALEADYVESMLSNLTNL
NIREIEEHMRQTLIDDPDNNLLKMAKAGYKVNPTELMYILGTYGQQRIDGEPAETRVLGRVLPYYLPDSKDPEGRGYILN
SLTKGLTGSQYYFSMLVARSQSTDIVCETSRTGTLARKIIKKMEDMVVDGYGQVVIGNTLIKYAANYTKILGSVCKPVDL
IYPDESMTWYLEISALWNKIKQGFVYSQKQKLAKKTLAPFNFLVFVKPTTEDNAIKVKDLYDMIHNVIDDVREKYFFTVS
NIDFMEYIFLTHLNPSRIRITKETAITIFEKFYEKLNYTLGGGTPIGIISAQVLSEKFTQQALSSFHTTEKSGAVKQKLG
FNEFNNLTNLSKNKTEIITLVSDDISKLQSVKINFEFVCLGELNPNITLRKETDKYVVDIIVNRLYIKRAEITELVVEYM
IERFISFSVIVKEWGMETFIEDEDNIRFTVYLNFVEPEELNLSKFMMVLPGAANKGKISKFKIPISDYTGYDDFNQTKKL
NKMTVELMNLKELGSFDLENVNVYPGVWNTYDIFGIEAAREYLCEAMLNTYGEGFDYLYQPCDLLASLLCASYEPESVNK
FKFGAASTLKRATFGDNKALLNAALHKKSEPINDNSSCHFFSKVPNIGTGYYKYFIDLGLLMRMERKLSDKISSQKIKEM
EETEDF
;
A
2 'polypeptide(L)'
;MKKNTNSEMDQRLGYKFLVPDPKAGVFYRPLHFQYVSYSNFILHRLHEILTVKRPLLSFKNNTERIMIEISNVKVTPPDY
SPIIASIKGKSYDALATFTVNIFKEVMTKEGISITKISSYEGKDSHLIKIPLLIGYGNKNPLDTAKYLVPNVIGGVFINK
QSVEKVGINLVEKITTWPKFRVVKPNSFTFSFSSVSPPNVLPTRYRHYKISLDISQLEALNISSTKTFITVNIVLLSQYL
SRVSLEFIRRSLSYDMPPEVVYLVNAIIDSAKRITESITDFNIDTYINDLVEAEHIKQKSQLTINEFKYEMLHNFLPHMN
YTPDQLKGFYMISLLRKFLYCIFHTSRYPDRDSMVCHRILTYGKYFETLAHDELENYIGNIRNDIMNNHKNRGTYAVNIH
VLTTPGLNHAFSSLLSGKFKKSDGSYRTHPHYSWMQNISIPRSVGFYPDQVKISKMFSVRKYHPSQYLYFCSSDVPERGP
QVGLVSQLSVLSSITNILTSEYLDLEKKICEYIRSYYKDDISYFETGFPITIENALVASLNPNMICDFVTDFRRRKRMGF
FGNLEVGITLVRDHMNEIRINIGAGRLVRPFLVVDNGELMMDVCPELESRLDDMTFSDIQKEFPHVIEMVDIEQFTFSNV
CESVQKFRMMSKDERKQYDLCDFPAEFRDGYVASSLVGINHNSGPRAILGCAQAKQAISCLSSDIRNKIDNGIHLMYPER
PIVISKALETSKIAANCFGQHVTIALMSYKGINQEDGIIIKKQFIQRGGLDIVTAKKHQVEIPLENFNNKERDRSNAYSK
LESNGLVRLNAFLESGDAMARNISSRTLEDDFARDNQISFDVSEKYTDMYKSRVERVQVELTDKVKVRVLTMKERRPILG
DKFTTRTSQKGTVAYVADETELPYDENGITPDVIINSTSIFSRKTISMLIEVILTAAYSAKPYNNKGENRPVCFPSSNET
SIDTYMQFAKQCYEHSNPKLSDEELSDKIFCEKILYDPETDKPYASKVFFGPIYYLRLRHLTQDKATVRCRGKKTKLIRQ
ANEGRKRGGGIKFGEMERDCLIAHGAANTITEVLKDSEEDYQDVYVCENCGDIAAQIKGINTCLRCSKLNLSPLLTKIDT
THVSKVFLTQMNARGVKVKLDFERRPPSFYKPLDKVDLKPSFLV
;
B
3 'polypeptide(L)'
;MQHPREENSIVVELEPSLATFIKQGFNNLVKWPLLNIGIVLSNTSTAVNEEWLTAVEHIPTMKIFYKHIHKILTREMGFL
VYLKRSQSERDNYITLYDFDYYIIDKDTNSVTMVDKPTELKETLLHVFQEYRLKSSQTIELIAFSSGTVINEDIVSKLTF
LDVEVFNREYNNVKTIIDPDFVFRSPFIVISPMGKLTFFVEVYSWFDFKSCFKDIIDFLEGALIANIHNHMIKVGNCDET
VSSYNPESGMLFVNDLMTMNIVNFFGCNSRLESYHRFDMTKVDVELFIKALSDACKKILSASNRL
;
C
4 'polypeptide(L)'
;MNQYNVKYLAKILCLKTEIARDPYAVINRNVLLRYTTDIEYNDLVTLITVRHKIDSMKTVFQVFNESSINYTPVDDDYGE
PIIITSYLQKGHNKFPVNFLYIDVVISDLFPSFVRLDTTETNIVNSVLQTGDGKKTLRLPKMLETEIVVKILYRPNIPLK
IVRFFRNNMVTGVEIADRSVISVAD
;
E
5 'polypeptide(L)'
;MADTDDIIDYESDDLTEYEDDEEEEEDGESLETSDIDPKSSYKIVESASTHIEDAHSNLKHIGNHISALKRRYTRRISLF
EIAGIIAESYNLLQRGRLPLVSEFSDETMKQNMLHVIIQEIEEGSCPIVIEKNGELLSVNDFDKDGLKFHLDYIIKIWKL
QKRY
;
F
6 'polypeptide(L)'
;MSSFVTNGYLSVTLEPHELTLDIKTNIRNAVYKTYLHREISGKMAKKIEIREDVELPLGEIVNNSVVINVPCVITYAYYH
VGDIVRGTLNIEDESNVTIQCGDLICKLSRDSGTVSFSDSKYCFFRNGNAYDNGSEVTAVLMEAQQGIESSFVFLANIVD
S
;
G
7 'polypeptide(L)' MVFQLVCSTCGKDISHERYKLIIRKKSLKDVLVSVKNECCRLKLSTQIEPQRNLTVQPLLDIN J
8 'polypeptide(L)'
;MENVYISSYSSNEQTSMAVAATDIRELLSQYVDDANLEDLIEWAMEKSSKYYIKNIGNTKSNIEETKFESKNNIGIEYSK
DSRNKLSYRNKPSIATNLEYKTLCDMIKGTSGTEKEFLRYLLFGIKCIKKGVEYNIDKIKDVSYNDYFNVLDEKYNTPCP
NCKSRNTTPMMIQTRAADEPPLVRHACRDCKQHFKPPKFRAFRNLNVTTQSIHENKEITEILPDNNPSPPESPEPASPID
DGLIRATFDRNDEPPEDDE
;
S
9 'polydeoxyribonucleotide'
;(DG)(DG)(DC)(DT)(DA)(DT)(DG)(DA)(DG)(DG)(DC)(DA)(DT)(DC)(DC)(DC)(DA)(DT)(DG)(DC)
(DG)(DT)(DT)(DG)(DA)(DG)(DG)(DA)(DC)(DT)(DC)(DT)(DT)(DA)(DT)(DC)(DC)(DG)(DA)(DT)
(DC)(DA)(DT)(DA)(DA)(DG)(DT)(DC)
;
N
10 'polydeoxyribonucleotide'
;(DG)(DA)(DC)(DT)(DT)(DA)(DT)(DG)(DA)(DT)(DC)(DG)(DG)(DA)(DT)(DA)(DA)(DG)(DA)(DG)
(DT)(DC)(DC)(DA)(DG)(DC)(DC)(DA)(DA)(DT)(DG)(DA)(DC)(DA)(DG)(DA)(DT)(DG)(DC)(DC)
(DT)(DC)(DA)(DT)(DA)(DG)(DC)(DC)
;
T
11 'polyribonucleotide' GAGUUGUAAUAACAAGGGAAAUGUCAUUGG P
#
loop_
_chem_comp.id
_chem_comp.type
_chem_comp.name
_chem_comp.formula
A RNA linking ADENOSINE-5'-MONOPHOSPHATE 'C10 H14 N5 O7 P'
C RNA linking CYTIDINE-5'-MONOPHOSPHATE 'C9 H14 N3 O8 P'
DA DNA linking 2'-DEOXYADENOSINE-5'-MONOPHOSPHATE 'C10 H14 N5 O6 P'
DC DNA linking 2'-DEOXYCYTIDINE-5'-MONOPHOSPHATE 'C9 H14 N3 O7 P'
DG DNA linking 2'-DEOXYGUANOSINE-5'-MONOPHOSPHATE 'C10 H14 N5 O7 P'
DT DNA linking THYMIDINE-5'-MONOPHOSPHATE 'C10 H15 N2 O8 P'
G RNA linking GUANOSINE-5'-MONOPHOSPHATE 'C10 H14 N5 O8 P'
MG non-polymer 'MAGNESIUM ION' 'Mg 2'
U RNA linking URIDINE-5'-MONOPHOSPHATE 'C9 H13 N2 O9 P'
ZN non-polymer 'ZINC ION' 'Zn 2'
#
# COMPACT_ATOMS: atom_id res chain seq x y z
N ALA A 2 -20.81 -13.32 -37.98
CA ALA A 2 -20.00 -12.12 -37.75
C ALA A 2 -19.99 -11.78 -36.27
N VAL A 3 -21.05 -12.17 -35.57
CA VAL A 3 -21.18 -11.97 -34.12
C VAL A 3 -21.00 -13.33 -33.46
N ILE A 4 -20.01 -13.45 -32.58
CA ILE A 4 -19.75 -14.70 -31.88
C ILE A 4 -20.78 -14.85 -30.77
N SER A 5 -21.51 -15.96 -30.78
CA SER A 5 -22.54 -16.20 -29.76
C SER A 5 -21.99 -17.02 -28.60
N LYS A 6 -21.54 -18.24 -28.87
CA LYS A 6 -21.13 -19.13 -27.80
C LYS A 6 -19.85 -19.83 -28.20
N VAL A 7 -19.09 -20.23 -27.19
CA VAL A 7 -17.80 -20.88 -27.36
C VAL A 7 -17.91 -22.28 -26.78
N THR A 8 -17.44 -23.28 -27.53
CA THR A 8 -17.46 -24.67 -27.10
C THR A 8 -16.05 -25.17 -26.90
N TYR A 9 -15.77 -25.68 -25.70
CA TYR A 9 -14.48 -26.26 -25.38
C TYR A 9 -14.58 -27.77 -25.45
N SER A 10 -13.54 -28.41 -25.97
CA SER A 10 -13.55 -29.85 -26.17
C SER A 10 -12.12 -30.35 -26.20
N LEU A 11 -11.93 -31.59 -26.62
CA LEU A 11 -10.62 -32.19 -26.76
C LEU A 11 -10.43 -32.63 -28.21
N TYR A 12 -9.21 -32.51 -28.70
CA TYR A 12 -8.89 -32.97 -30.03
C TYR A 12 -8.81 -34.50 -30.04
N ASP A 13 -9.50 -35.13 -30.97
CA ASP A 13 -9.34 -36.56 -31.17
C ASP A 13 -8.19 -36.80 -32.16
N GLN A 14 -7.83 -38.07 -32.32
CA GLN A 14 -6.64 -38.41 -33.09
C GLN A 14 -6.85 -38.21 -34.59
N LYS A 15 -8.09 -38.29 -35.07
CA LYS A 15 -8.33 -38.10 -36.49
C LYS A 15 -8.17 -36.64 -36.90
N GLU A 16 -8.29 -35.70 -35.96
CA GLU A 16 -8.01 -34.30 -36.24
C GLU A 16 -6.54 -33.95 -36.04
N ILE A 17 -5.84 -34.70 -35.19
CA ILE A 17 -4.40 -34.48 -35.04
C ILE A 17 -3.64 -35.03 -36.24
N ASN A 18 -4.07 -36.20 -36.73
CA ASN A 18 -3.44 -36.80 -37.91
C ASN A 18 -3.81 -36.12 -39.21
N ALA A 19 -4.78 -35.20 -39.20
CA ALA A 19 -5.24 -34.53 -40.42
C ALA A 19 -4.26 -33.42 -40.77
N THR A 20 -3.09 -33.83 -41.27
CA THR A 20 -1.98 -32.92 -41.51
C THR A 20 -1.12 -33.51 -42.62
N ASP A 21 -0.66 -32.65 -43.54
CA ASP A 21 0.27 -33.05 -44.59
C ASP A 21 1.70 -32.63 -44.29
N ILE A 22 2.00 -32.26 -43.05
CA ILE A 22 3.33 -31.80 -42.65
C ILE A 22 3.83 -32.76 -41.58
N ILE A 23 4.67 -33.70 -41.97
CA ILE A 23 5.22 -34.69 -41.04
C ILE A 23 6.59 -34.21 -40.59
N ILE A 24 6.72 -33.94 -39.30
CA ILE A 24 7.98 -33.51 -38.71
C ILE A 24 8.76 -34.75 -38.30
N SER A 25 10.01 -34.86 -38.78
CA SER A 25 10.75 -36.08 -38.57
C SER A 25 12.15 -35.87 -38.01
N HIS A 26 12.79 -34.76 -38.35
CA HIS A 26 14.21 -34.55 -38.07
C HIS A 26 14.42 -33.56 -36.95
N VAL A 27 15.54 -33.71 -36.26
CA VAL A 27 15.90 -32.85 -35.13
C VAL A 27 16.82 -31.73 -35.57
N LYS A 28 17.94 -32.07 -36.17
CA LYS A 28 18.82 -31.12 -36.85
C LYS A 28 18.90 -31.50 -38.31
N ASN A 29 19.14 -30.52 -39.17
CA ASN A 29 19.28 -30.81 -40.58
C ASN A 29 20.16 -29.75 -41.24
N ASP A 30 20.78 -30.13 -42.36
CA ASP A 30 21.52 -29.16 -43.17
C ASP A 30 20.56 -28.17 -43.82
N ASP A 31 19.34 -28.59 -44.12
CA ASP A 31 18.28 -27.70 -44.58
C ASP A 31 17.03 -28.03 -43.79
N ASP A 32 16.42 -27.01 -43.18
CA ASP A 32 15.28 -27.21 -42.29
C ASP A 32 14.03 -27.51 -43.12
N ILE A 33 13.93 -28.76 -43.55
CA ILE A 33 12.75 -29.30 -44.22
C ILE A 33 12.36 -30.56 -43.47
N GLY A 34 11.13 -30.59 -42.96
CA GLY A 34 10.72 -31.68 -42.10
C GLY A 34 11.18 -31.56 -40.68
N THR A 35 11.77 -30.44 -40.30
CA THR A 35 12.20 -30.19 -38.93
C THR A 35 11.12 -29.36 -38.22
N VAL A 36 11.36 -29.09 -36.93
CA VAL A 36 10.35 -28.38 -36.14
C VAL A 36 10.34 -26.90 -36.49
N LYS A 37 11.44 -26.36 -37.01
CA LYS A 37 11.47 -24.99 -37.52
C LYS A 37 11.19 -24.96 -39.02
N ASP A 38 10.11 -25.61 -39.43
CA ASP A 38 9.80 -25.75 -40.85
C ASP A 38 9.25 -24.45 -41.41
N GLY A 39 9.48 -24.23 -42.70
CA GLY A 39 8.97 -23.06 -43.38
C GLY A 39 7.53 -23.16 -43.79
N ARG A 40 6.93 -24.34 -43.72
CA ARG A 40 5.52 -24.53 -43.99
C ARG A 40 4.69 -24.60 -42.72
N LEU A 41 5.32 -24.53 -41.54
CA LEU A 41 4.60 -24.40 -40.29
C LEU A 41 4.26 -22.96 -39.95
N GLY A 42 4.56 -22.03 -40.84
CA GLY A 42 4.33 -20.62 -40.61
C GLY A 42 5.50 -19.82 -41.14
N ALA A 43 5.24 -18.53 -41.41
CA ALA A 43 6.28 -17.65 -41.89
C ALA A 43 7.16 -17.20 -40.74
N MET A 44 8.46 -17.45 -40.85
CA MET A 44 9.42 -17.03 -39.85
C MET A 44 9.88 -15.60 -40.15
N ASP A 45 10.85 -15.12 -39.38
CA ASP A 45 11.39 -13.78 -39.58
C ASP A 45 12.29 -13.78 -40.81
N GLY A 46 11.84 -13.16 -41.88
CA GLY A 46 12.62 -13.08 -43.09
C GLY A 46 12.32 -14.14 -44.13
N ALA A 47 11.14 -14.75 -44.08
CA ALA A 47 10.77 -15.77 -45.04
C ALA A 47 9.26 -15.84 -45.15
N LEU A 48 8.77 -16.01 -46.36
CA LEU A 48 7.35 -16.23 -46.56
C LEU A 48 6.96 -17.63 -46.11
N CYS A 49 5.67 -17.80 -45.80
CA CYS A 49 5.16 -19.11 -45.42
C CYS A 49 5.07 -20.00 -46.65
N LYS A 50 5.63 -21.21 -46.55
CA LYS A 50 5.62 -22.12 -47.69
C LYS A 50 4.24 -22.72 -47.95
N THR A 51 3.35 -22.70 -46.95
CA THR A 51 2.00 -23.20 -47.16
C THR A 51 1.13 -22.18 -47.85
N CYS A 52 1.22 -20.91 -47.44
CA CYS A 52 0.28 -19.89 -47.90
C CYS A 52 0.89 -18.84 -48.81
N GLY A 53 2.20 -18.59 -48.73
CA GLY A 53 2.79 -17.51 -49.48
C GLY A 53 2.72 -16.17 -48.80
N LYS A 54 2.26 -16.11 -47.55
CA LYS A 54 2.13 -14.87 -46.80
C LYS A 54 3.34 -14.66 -45.92
N THR A 55 3.55 -13.39 -45.54
CA THR A 55 4.68 -13.02 -44.70
C THR A 55 4.30 -13.21 -43.23
N GLU A 56 5.14 -12.72 -42.32
CA GLU A 56 4.96 -13.01 -40.90
C GLU A 56 3.76 -12.29 -40.31
N LEU A 57 3.43 -11.11 -40.82
CA LEU A 57 2.31 -10.34 -40.29
C LEU A 57 0.97 -10.72 -40.92
N GLU A 58 0.97 -11.67 -41.87
CA GLU A 58 -0.26 -12.13 -42.49
C GLU A 58 -0.47 -13.63 -42.38
N CYS A 59 0.56 -14.41 -42.01
CA CYS A 59 0.43 -15.84 -41.80
C CYS A 59 0.17 -16.12 -40.33
N PHE A 60 -0.86 -16.89 -40.05
CA PHE A 60 -1.20 -17.26 -38.69
C PHE A 60 -0.70 -18.64 -38.32
N GLY A 61 0.06 -19.27 -39.18
CA GLY A 61 0.73 -20.51 -38.81
C GLY A 61 -0.11 -21.74 -39.15
N HIS A 62 0.59 -22.86 -39.34
CA HIS A 62 -0.02 -24.11 -39.73
C HIS A 62 0.51 -25.23 -38.84
N TRP A 63 -0.25 -26.30 -38.74
CA TRP A 63 0.05 -27.38 -37.82
C TRP A 63 0.91 -28.45 -38.48
N GLY A 64 1.65 -29.19 -37.66
CA GLY A 64 2.41 -30.33 -38.09
C GLY A 64 2.12 -31.53 -37.21
N LYS A 65 2.76 -32.65 -37.56
CA LYS A 65 2.64 -33.85 -36.73
C LYS A 65 3.95 -34.61 -36.73
N VAL A 66 4.30 -35.17 -35.58
CA VAL A 66 5.45 -36.05 -35.45
C VAL A 66 4.93 -37.43 -35.06
N SER A 67 5.51 -38.47 -35.66
CA SER A 67 5.01 -39.83 -35.48
C SER A 67 5.69 -40.47 -34.27
N ILE A 68 4.91 -40.75 -33.24
CA ILE A 68 5.32 -41.64 -32.17
C ILE A 68 4.87 -43.05 -32.55
N TYR A 69 5.82 -43.98 -32.59
CA TYR A 69 5.61 -45.20 -33.38
C TYR A 69 4.68 -46.20 -32.69
N LYS A 70 5.07 -46.71 -31.53
CA LYS A 70 4.28 -47.71 -30.84
C LYS A 70 4.01 -47.30 -29.40
N THR A 71 3.89 -46.01 -29.15
CA THR A 71 3.75 -45.47 -27.80
C THR A 71 2.43 -44.74 -27.65
N HIS A 72 1.89 -44.78 -26.44
CA HIS A 72 0.64 -44.11 -26.09
C HIS A 72 0.99 -43.00 -25.12
N ILE A 73 1.21 -41.79 -25.64
CA ILE A 73 1.66 -40.67 -24.83
C ILE A 73 0.45 -40.01 -24.18
N VAL A 74 0.48 -39.91 -22.85
CA VAL A 74 -0.61 -39.34 -22.08
C VAL A 74 -0.56 -37.82 -22.20
N LYS A 75 -1.73 -37.20 -22.37
CA LYS A 75 -1.82 -35.75 -22.26
C LYS A 75 -1.56 -35.32 -20.82
N PRO A 76 -0.62 -34.39 -20.58
CA PRO A 76 -0.05 -34.24 -19.24
C PRO A 76 -0.95 -33.57 -18.20
N GLU A 77 -1.93 -32.77 -18.59
CA GLU A 77 -2.74 -32.09 -17.59
C GLU A 77 -4.02 -32.83 -17.25
N PHE A 78 -4.43 -33.80 -18.07
CA PHE A 78 -5.60 -34.60 -17.77
C PHE A 78 -5.25 -35.89 -17.05
N ILE A 79 -3.98 -36.03 -16.64
CA ILE A 79 -3.46 -37.21 -15.93
C ILE A 79 -4.30 -37.52 -14.70
N SER A 80 -4.57 -36.48 -13.90
CA SER A 80 -5.39 -36.61 -12.69
C SER A 80 -6.78 -37.14 -13.01
N GLU A 81 -7.37 -36.68 -14.12
CA GLU A 81 -8.66 -37.21 -14.55
C GLU A 81 -8.57 -38.68 -14.88
N ILE A 82 -7.48 -39.08 -15.55
CA ILE A 82 -7.22 -40.49 -15.82
C ILE A 82 -7.05 -41.25 -14.51
N ILE A 83 -6.40 -40.62 -13.53
CA ILE A 83 -6.24 -41.22 -12.20
C ILE A 83 -7.60 -41.42 -11.56
N ARG A 84 -8.49 -40.44 -11.72
CA ARG A 84 -9.85 -40.57 -11.22
C ARG A 84 -10.58 -41.68 -11.97
N LEU A 85 -10.34 -41.77 -13.28
CA LEU A 85 -10.97 -42.82 -14.08
C LEU A 85 -10.38 -44.18 -13.77
N LEU A 86 -9.23 -44.21 -13.08
CA LEU A 86 -8.65 -45.50 -12.72
C LEU A 86 -9.12 -45.93 -11.34
N ASN A 87 -9.72 -45.02 -10.56
CA ASN A 87 -10.33 -45.45 -9.30
C ASN A 87 -11.76 -45.93 -9.47
N HIS A 88 -12.22 -46.17 -10.69
CA HIS A 88 -13.55 -46.70 -10.92
C HIS A 88 -13.58 -48.08 -11.57
N ILE A 89 -12.47 -48.55 -12.16
CA ILE A 89 -12.45 -49.83 -12.86
C ILE A 89 -11.31 -50.70 -12.35
N CYS A 90 -11.43 -52.00 -12.65
CA CYS A 90 -10.32 -52.93 -12.53
C CYS A 90 -9.44 -52.79 -13.77
N ILE A 91 -8.18 -53.20 -13.66
CA ILE A 91 -7.26 -53.10 -14.79
C ILE A 91 -6.91 -54.45 -15.41
N HIS A 92 -7.23 -55.57 -14.76
CA HIS A 92 -6.99 -56.85 -15.43
C HIS A 92 -8.14 -57.20 -16.36
N CYS A 93 -9.36 -57.08 -15.86
CA CYS A 93 -10.53 -56.88 -16.71
C CYS A 93 -10.74 -55.39 -16.94
N GLY A 94 -11.86 -55.01 -17.53
CA GLY A 94 -12.13 -53.60 -17.70
C GLY A 94 -13.39 -53.13 -16.99
N LEU A 95 -14.04 -54.03 -16.26
CA LEU A 95 -15.38 -53.78 -15.77
C LEU A 95 -15.36 -52.88 -14.54
N LEU A 96 -16.51 -52.27 -14.27
CA LEU A 96 -16.72 -51.40 -13.12
C LEU A 96 -16.64 -52.17 -11.81
N ARG A 97 -16.64 -51.42 -10.71
CA ARG A 97 -16.47 -51.97 -9.38
C ARG A 97 -17.79 -52.37 -8.71
N SER A 98 -18.84 -52.63 -9.48
CA SER A 98 -20.12 -53.10 -8.95
C SER A 98 -20.93 -53.78 -10.04
N ARG A 99 -21.79 -54.72 -9.63
CA ARG A 99 -22.67 -55.42 -10.56
C ARG A 99 -23.94 -54.66 -10.96
N GLU A 100 -24.36 -53.66 -10.19
CA GLU A 100 -25.56 -52.88 -10.50
C GLU A 100 -25.50 -51.98 -11.75
N PRO A 101 -24.35 -51.49 -12.24
CA PRO A 101 -24.38 -50.92 -13.60
C PRO A 101 -24.74 -51.89 -14.70
N TYR A 102 -24.43 -53.18 -14.56
CA TYR A 102 -24.45 -54.09 -15.69
C TYR A 102 -25.72 -54.91 -15.82
N SER A 103 -26.63 -54.82 -14.86
CA SER A 103 -27.78 -55.71 -14.86
C SER A 103 -28.89 -55.15 -15.76
N ASP A 104 -29.82 -56.03 -16.14
CA ASP A 104 -30.94 -55.72 -17.03
C ASP A 104 -32.19 -55.32 -16.26
N ASP A 105 -32.03 -54.70 -15.08
CA ASP A 105 -33.14 -54.14 -14.32
C ASP A 105 -32.98 -52.66 -14.02
N ILE A 106 -31.83 -52.06 -14.33
CA ILE A 106 -31.55 -50.69 -13.86
C ILE A 106 -32.04 -49.63 -14.84
N ASN A 107 -31.77 -49.77 -16.14
CA ASN A 107 -32.15 -48.85 -17.22
C ASN A 107 -31.62 -47.43 -16.97
N LEU A 108 -30.29 -47.33 -17.11
CA LEU A 108 -29.48 -46.15 -16.77
C LEU A 108 -29.82 -44.90 -17.56
N LYS A 109 -30.59 -45.00 -18.64
CA LYS A 109 -30.96 -43.84 -19.43
C LYS A 109 -32.08 -42.98 -18.84
N GLU A 110 -32.78 -43.43 -17.79
CA GLU A 110 -33.99 -42.74 -17.37
C GLU A 110 -33.95 -42.18 -15.95
N LEU A 111 -33.03 -42.64 -15.09
CA LEU A 111 -33.00 -42.14 -13.72
C LEU A 111 -32.37 -40.75 -13.60
N SER A 112 -33.03 -39.90 -12.81
CA SER A 112 -32.75 -38.48 -12.72
C SER A 112 -32.34 -38.13 -11.29
N GLY A 113 -31.74 -36.95 -11.14
CA GLY A 113 -31.42 -36.45 -9.81
C GLY A 113 -30.24 -37.12 -9.14
N HIS A 114 -30.35 -37.31 -7.83
CA HIS A 114 -29.31 -37.89 -7.00
C HIS A 114 -29.27 -39.41 -7.03
N ALA A 115 -30.17 -40.06 -7.76
CA ALA A 115 -30.13 -41.51 -7.91
C ALA A 115 -28.91 -42.00 -8.69
N LEU A 116 -28.35 -41.15 -9.55
CA LEU A 116 -27.07 -41.46 -10.20
C LEU A 116 -25.90 -41.37 -9.23
N ARG A 117 -26.02 -40.55 -8.17
CA ARG A 117 -24.96 -40.38 -7.20
C ARG A 117 -25.10 -41.29 -6.00
N ARG A 118 -26.18 -42.05 -5.90
CA ARG A 118 -26.28 -43.09 -4.89
C ARG A 118 -25.28 -44.23 -5.15
N LEU A 119 -25.01 -44.54 -6.41
CA LEU A 119 -24.26 -45.74 -6.75
C LEU A 119 -22.75 -45.52 -6.72
N LYS A 120 -22.30 -44.26 -6.84
CA LYS A 120 -20.88 -44.01 -7.05
C LYS A 120 -20.06 -44.08 -5.77
N ASP A 121 -20.60 -43.64 -4.63
CA ASP A 121 -19.84 -43.86 -3.41
C ASP A 121 -19.90 -45.31 -2.95
N LYS A 122 -20.85 -46.09 -3.46
CA LYS A 122 -20.77 -47.53 -3.31
C LYS A 122 -19.62 -48.08 -4.13
N ILE A 123 -19.33 -47.48 -5.28
CA ILE A 123 -18.20 -47.88 -6.11
C ILE A 123 -16.88 -47.51 -5.45
N LEU A 124 -16.82 -46.34 -4.82
CA LEU A 124 -15.68 -45.94 -4.00
C LEU A 124 -15.71 -46.48 -2.56
N SER A 125 -16.62 -47.39 -2.21
CA SER A 125 -16.51 -48.00 -0.89
C SER A 125 -15.90 -49.40 -0.89
N LYS A 126 -15.99 -50.12 -2.02
CA LYS A 126 -15.52 -51.51 -2.12
C LYS A 126 -14.15 -51.51 -2.81
N LYS A 127 -13.10 -51.79 -2.03
CA LYS A 127 -11.70 -51.78 -2.45
C LYS A 127 -10.99 -53.07 -2.02
N LYS A 128 -11.73 -54.18 -1.93
CA LYS A 128 -11.17 -55.43 -1.46
C LYS A 128 -10.59 -56.25 -2.61
N SER A 129 -11.37 -56.54 -3.65
CA SER A 129 -10.99 -57.41 -4.74
C SER A 129 -12.02 -57.27 -5.84
N CYS A 130 -11.64 -57.67 -7.05
CA CYS A 130 -12.52 -57.57 -8.18
C CYS A 130 -13.62 -58.64 -8.07
N TRP A 131 -14.81 -58.32 -8.59
CA TRP A 131 -15.97 -59.13 -8.25
C TRP A 131 -16.27 -60.24 -9.23
N ASN A 132 -15.64 -60.26 -10.40
CA ASN A 132 -15.99 -61.19 -11.46
C ASN A 132 -15.24 -62.51 -11.30
N SER A 133 -15.77 -63.53 -11.97
CA SER A 133 -15.37 -64.91 -11.69
C SER A 133 -13.98 -65.23 -12.22
N GLU A 134 -13.52 -64.47 -13.21
CA GLU A 134 -12.21 -64.65 -13.82
C GLU A 134 -11.26 -63.50 -13.51
N CYS A 135 -11.60 -62.68 -12.51
CA CYS A 135 -10.70 -61.65 -12.00
C CYS A 135 -11.08 -61.35 -10.55
N MET A 136 -10.27 -61.85 -9.62
CA MET A 136 -10.51 -61.54 -8.21
C MET A 136 -9.28 -60.88 -7.61
N GLN A 137 -8.57 -60.09 -8.42
CA GLN A 137 -7.40 -59.36 -7.97
C GLN A 137 -7.82 -58.19 -7.07
N PRO A 138 -6.97 -57.78 -6.13
CA PRO A 138 -7.33 -56.63 -5.28
C PRO A 138 -7.32 -55.31 -6.05
N TYR A 139 -8.20 -54.41 -5.62
CA TYR A 139 -8.36 -53.11 -6.29
C TYR A 139 -7.14 -52.23 -6.02
N GLN A 140 -6.30 -52.05 -7.04
CA GLN A 140 -5.09 -51.24 -6.95
C GLN A 140 -5.41 -49.75 -6.87
N LYS A 141 -4.45 -49.00 -6.34
CA LYS A 141 -4.52 -47.55 -6.21
C LYS A 141 -3.36 -47.01 -7.03
N ILE A 142 -3.59 -46.81 -8.33
CA ILE A 142 -2.53 -46.37 -9.24
C ILE A 142 -2.35 -44.87 -9.10
N THR A 143 -1.11 -44.44 -8.87
CA THR A 143 -0.75 -43.03 -8.70
C THR A 143 0.32 -42.64 -9.72
N PHE A 144 0.26 -41.40 -10.18
CA PHE A 144 1.32 -40.85 -11.01
C PHE A 144 2.52 -40.51 -10.12
N SER A 145 3.66 -41.12 -10.41
CA SER A 145 4.89 -40.90 -9.66
C SER A 145 5.61 -39.63 -10.09
N LYS A 146 5.71 -38.66 -9.18
CA LYS A 146 6.40 -37.41 -9.49
C LYS A 146 7.90 -37.61 -9.50
N LYS A 147 8.37 -38.72 -8.92
CA LYS A 147 9.79 -39.01 -8.83
C LYS A 147 10.34 -39.45 -10.18
N LYS A 148 9.84 -40.57 -10.70
CA LYS A 148 10.11 -41.02 -12.06
C LYS A 148 8.81 -41.24 -12.84
N VAL A 149 8.82 -40.92 -14.14
CA VAL A 149 7.67 -40.28 -14.78
C VAL A 149 6.52 -41.25 -15.02
N CYS A 150 6.75 -42.56 -14.87
CA CYS A 150 5.73 -43.54 -15.17
C CYS A 150 4.58 -43.53 -14.16
N PHE A 151 3.48 -44.18 -14.54
CA PHE A 151 2.38 -44.51 -13.63
C PHE A 151 2.77 -45.70 -12.76
N VAL A 152 2.54 -45.61 -11.44
CA VAL A 152 3.09 -46.53 -10.46
C VAL A 152 1.99 -47.07 -9.54
N ASN A 153 1.95 -48.38 -9.41
CA ASN A 153 1.10 -49.01 -8.40
C ASN A 153 1.76 -48.80 -7.04
N LYS A 154 0.93 -48.57 -6.01
CA LYS A 154 1.44 -48.30 -4.67
C LYS A 154 1.19 -49.42 -3.67
N LEU A 155 0.57 -50.52 -4.07
CA LEU A 155 0.60 -51.71 -3.24
C LEU A 155 2.02 -52.29 -3.26
N ASP A 156 2.61 -52.33 -4.45
CA ASP A 156 4.01 -52.62 -4.66
C ASP A 156 4.45 -51.76 -5.83
N ASP A 157 5.67 -51.24 -5.74
CA ASP A 157 6.17 -50.22 -6.67
C ASP A 157 6.47 -50.91 -7.98
N ILE A 158 5.45 -50.95 -8.86
CA ILE A 158 5.63 -51.50 -10.20
C ILE A 158 5.03 -50.50 -11.19
N ASN A 159 5.76 -50.30 -12.28
CA ASN A 159 5.31 -49.41 -13.35
C ASN A 159 4.18 -50.07 -14.12
N VAL A 160 3.01 -49.43 -14.11
CA VAL A 160 1.88 -49.84 -14.94
C VAL A 160 1.98 -49.10 -16.28
N PRO A 161 2.10 -49.81 -17.40
CA PRO A 161 2.32 -49.13 -18.68
C PRO A 161 1.07 -48.41 -19.17
N ASN A 162 1.30 -47.34 -19.94
CA ASN A 162 0.20 -46.54 -20.46
C ASN A 162 -0.63 -47.28 -21.51
N SER A 163 -0.07 -48.28 -22.17
CA SER A 163 -0.86 -49.07 -23.11
C SER A 163 -1.92 -49.92 -22.42
N LEU A 164 -1.75 -50.23 -21.14
CA LEU A 164 -2.80 -50.98 -20.47
C LEU A 164 -3.87 -50.06 -19.87
N ILE A 165 -3.48 -48.87 -19.38
CA ILE A 165 -4.51 -47.91 -18.97
C ILE A 165 -5.29 -47.45 -20.19
N TYR A 166 -4.63 -47.40 -21.36
CA TYR A 166 -5.30 -47.06 -22.61
C TYR A 166 -6.32 -48.11 -23.00
N GLN A 167 -5.92 -49.40 -22.96
CA GLN A 167 -6.86 -50.48 -23.27
C GLN A 167 -8.04 -50.50 -22.30
N LYS A 168 -7.77 -50.31 -21.00
CA LYS A 168 -8.84 -50.40 -20.02
C LYS A 168 -9.71 -49.15 -20.01
N LEU A 169 -9.21 -48.02 -20.52
CA LEU A 169 -10.04 -46.82 -20.57
C LEU A 169 -10.82 -46.74 -21.87
N ILE A 170 -10.33 -47.34 -22.95
CA ILE A 170 -11.18 -47.46 -24.14
C ILE A 170 -12.13 -48.64 -24.06
N SER A 171 -11.93 -49.55 -23.09
CA SER A 171 -12.85 -50.67 -22.93
C SER A 171 -14.18 -50.27 -22.33
N ILE A 172 -14.29 -49.10 -21.70
CA ILE A 172 -15.53 -48.66 -21.08
C ILE A 172 -16.53 -48.28 -22.16
N HIS A 173 -17.76 -48.77 -22.02
CA HIS A 173 -18.80 -48.54 -23.02
C HIS A 173 -19.32 -47.11 -22.93
N GLU A 174 -20.08 -46.72 -23.94
CA GLU A 174 -20.53 -45.33 -24.06
C GLU A 174 -21.63 -45.00 -23.06
N LYS A 175 -22.51 -45.95 -22.75
CA LYS A 175 -23.66 -45.70 -21.89
C LYS A 175 -23.33 -45.82 -20.41
N PHE A 176 -22.06 -45.85 -20.03
CA PHE A 176 -21.63 -45.73 -18.64
C PHE A 176 -20.86 -44.43 -18.41
N TRP A 177 -20.89 -43.53 -19.38
CA TRP A 177 -20.31 -42.20 -19.31
C TRP A 177 -21.10 -41.21 -18.43
N PRO A 178 -22.44 -41.25 -18.33
CA PRO A 178 -23.11 -40.48 -17.26
C PRO A 178 -22.76 -40.93 -15.85
N LEU A 179 -22.21 -42.13 -15.66
CA LEU A 179 -21.79 -42.54 -14.33
C LEU A 179 -20.43 -41.96 -13.98
N LEU A 180 -19.44 -42.09 -14.86
CA LEU A 180 -18.07 -41.75 -14.53
C LEU A 180 -17.69 -40.33 -14.95
N GLU A 181 -18.68 -39.47 -15.22
CA GLU A 181 -18.50 -38.07 -15.63
C GLU A 181 -17.63 -37.96 -16.89
N ILE A 182 -17.98 -38.74 -17.90
CA ILE A 182 -17.28 -38.74 -19.17
C ILE A 182 -18.22 -38.16 -20.22
N HIS A 183 -17.68 -37.32 -21.10
CA HIS A 183 -18.49 -36.63 -22.10
C HIS A 183 -17.98 -36.83 -23.51
N GLN A 184 -16.90 -37.56 -23.70
CA GLN A 184 -16.32 -37.82 -25.01
C GLN A 184 -15.56 -39.13 -24.94
N TYR A 185 -14.85 -39.47 -26.00
CA TYR A 185 -14.06 -40.69 -26.00
C TYR A 185 -12.85 -40.53 -25.08
N PRO A 186 -12.58 -41.46 -24.17
CA PRO A 186 -11.37 -41.37 -23.34
C PRO A 186 -10.08 -41.58 -24.11
N ALA A 187 -10.15 -42.09 -25.34
CA ALA A 187 -9.00 -42.11 -26.25
C ALA A 187 -8.55 -40.71 -26.67
N ASN A 188 -9.36 -39.69 -26.45
CA ASN A 188 -8.93 -38.30 -26.57
C ASN A 188 -8.10 -37.83 -25.39
N LEU A 189 -7.90 -38.66 -24.37
CA LEU A 189 -7.00 -38.33 -23.28
C LEU A 189 -5.55 -38.71 -23.56
N PHE A 190 -5.29 -39.41 -24.66
CA PHE A 190 -3.97 -39.90 -25.01
C PHE A 190 -3.62 -39.47 -26.43
N TYR A 191 -2.32 -39.50 -26.73
CA TYR A 191 -1.82 -39.40 -28.11
C TYR A 191 -1.43 -40.82 -28.52
N THR A 192 -2.27 -41.46 -29.33
CA THR A 192 -2.09 -42.88 -29.54
C THR A 192 -1.09 -43.18 -30.67
N ASP A 193 -0.97 -42.31 -31.67
CA ASP A 193 -0.10 -42.59 -32.80
C ASP A 193 0.67 -41.38 -33.31
N TYR A 194 0.21 -40.16 -33.04
CA TYR A 194 0.90 -38.97 -33.51
C TYR A 194 0.87 -37.92 -32.41
N PHE A 195 1.73 -36.91 -32.57
CA PHE A 195 1.80 -35.80 -31.64
C PHE A 195 1.73 -34.52 -32.46
N PRO A 196 0.90 -33.55 -32.07
CA PRO A 196 0.75 -32.33 -32.87
C PRO A 196 1.89 -31.35 -32.61
N ILE A 197 2.44 -30.82 -33.69
CA ILE A 197 3.48 -29.78 -33.62
C ILE A 197 2.80 -28.44 -33.87
N PRO A 198 2.88 -27.50 -32.94
CA PRO A 198 2.08 -26.28 -33.02
C PRO A 198 2.65 -25.33 -34.06
N PRO A 199 1.86 -24.35 -34.51
CA PRO A 199 2.37 -23.35 -35.45
C PRO A 199 3.45 -22.46 -34.83
N LEU A 200 4.15 -21.75 -35.71
CA LEU A 200 5.25 -20.90 -35.27
C LEU A 200 4.79 -19.59 -34.66
N ILE A 201 3.51 -19.25 -34.77
CA ILE A 201 3.02 -17.97 -34.28
C ILE A 201 2.98 -17.91 -32.76
N ILE A 202 2.93 -19.06 -32.08
CA ILE A 202 3.07 -19.07 -30.63
C ILE A 202 4.52 -19.18 -30.20
N ARG A 203 5.45 -19.26 -31.15
CA ARG A 203 6.88 -19.37 -30.84
C ARG A 203 7.68 -18.67 -31.93
N PRO A 204 7.70 -17.34 -31.92
CA PRO A 204 8.41 -16.61 -32.96
C PRO A 204 9.92 -16.55 -32.67
N ALA A 205 10.66 -16.04 -33.64
CA ALA A 205 12.10 -15.92 -33.50
C ALA A 205 12.45 -14.79 -32.54
N ILE A 206 13.02 -15.14 -31.40
CA ILE A 206 13.42 -14.15 -30.40
C ILE A 206 14.70 -13.45 -30.86
N SER A 207 14.70 -12.13 -30.79
CA SER A 207 15.78 -11.31 -31.32
C SER A 207 16.15 -10.24 -30.32
N PHE A 208 17.36 -10.35 -29.76
CA PHE A 208 17.95 -9.32 -28.92
C PHE A 208 19.47 -9.53 -28.93
N TRP A 209 20.20 -8.43 -28.95
CA TRP A 209 21.66 -8.49 -28.97
C TRP A 209 22.27 -7.19 -28.45
N ASN A 218 13.71 -20.26 -29.77
CA ASN A 218 12.66 -20.11 -28.78
C ASN A 218 12.77 -21.22 -27.74
N GLU A 219 12.12 -21.04 -26.59
CA GLU A 219 12.10 -22.09 -25.57
C GLU A 219 11.18 -23.24 -25.96
N LEU A 220 10.00 -22.91 -26.50
CA LEU A 220 9.06 -23.95 -26.91
C LEU A 220 9.56 -24.71 -28.12
N THR A 221 10.31 -24.06 -29.02
CA THR A 221 10.95 -24.74 -30.13
C THR A 221 12.01 -25.73 -29.62
N TYR A 222 12.75 -25.34 -28.59
CA TYR A 222 13.74 -26.25 -27.99
C TYR A 222 13.07 -27.41 -27.28
N LEU A 223 11.91 -27.16 -26.64
CA LEU A 223 11.19 -28.24 -25.97
C LEU A 223 10.61 -29.22 -26.98
N LEU A 224 10.13 -28.72 -28.13
CA LEU A 224 9.67 -29.60 -29.19
C LEU A 224 10.84 -30.34 -29.84
N GLY A 225 12.02 -29.72 -29.89
CA GLY A 225 13.19 -30.43 -30.37
C GLY A 225 13.63 -31.54 -29.44
N MET A 226 13.49 -31.33 -28.13
CA MET A 226 13.72 -32.39 -27.17
C MET A 226 12.62 -33.44 -27.18
N ILE A 227 11.43 -33.10 -27.68
CA ILE A 227 10.42 -34.12 -27.94
C ILE A 227 10.81 -34.97 -29.15
N VAL A 228 11.15 -34.32 -30.26
CA VAL A 228 11.46 -35.02 -31.51
C VAL A 228 12.82 -35.71 -31.47
N LYS A 229 13.66 -35.38 -30.48
CA LYS A 229 14.91 -36.10 -30.29
C LYS A 229 14.71 -37.50 -29.71
N ASN A 230 13.54 -37.78 -29.16
CA ASN A 230 13.22 -39.10 -28.63
C ASN A 230 12.18 -39.82 -29.46
N CYS A 231 11.72 -39.24 -30.56
CA CYS A 231 10.67 -39.86 -31.37
C CYS A 231 11.28 -40.82 -32.39
N ASN A 232 11.72 -41.97 -31.86
CA ASN A 232 12.29 -43.02 -32.66
C ASN A 232 11.60 -44.34 -32.34
N LEU A 233 11.74 -45.30 -33.25
CA LEU A 233 11.10 -46.60 -33.06
C LEU A 233 11.76 -47.40 -31.93
N ASN A 234 13.07 -47.23 -31.75
CA ASN A 234 13.78 -47.86 -30.64
C ASN A 234 13.94 -46.86 -29.50
N ALA A 235 12.80 -46.52 -28.91
CA ALA A 235 12.76 -45.52 -27.85
C ALA A 235 11.58 -45.82 -26.92
N ASP A 236 11.84 -45.69 -25.62
CA ASP A 236 10.84 -45.98 -24.60
C ASP A 236 9.75 -44.92 -24.60
N GLU A 237 8.58 -45.29 -24.09
CA GLU A 237 7.52 -44.33 -23.91
C GLU A 237 7.74 -43.43 -22.70
N GLN A 238 8.65 -43.79 -21.79
CA GLN A 238 8.90 -42.97 -20.62
C GLN A 238 9.69 -41.71 -20.97
N VAL A 239 10.68 -41.81 -21.85
CA VAL A 239 11.47 -40.65 -22.21
C VAL A 239 10.66 -39.69 -23.10
N ILE A 240 9.81 -40.25 -23.98
CA ILE A 240 8.92 -39.41 -24.78
C ILE A 240 7.85 -38.77 -23.90
N GLN A 241 7.37 -39.52 -22.89
CA GLN A 241 6.40 -38.97 -21.96
C GLN A 241 7.00 -37.85 -21.12
N LYS A 242 8.26 -37.99 -20.71
CA LYS A 242 8.91 -36.93 -19.94
C LYS A 242 9.17 -35.70 -20.79
N ALA A 243 9.52 -35.90 -22.08
CA ALA A 243 9.72 -34.76 -22.98
C ALA A 243 8.41 -34.03 -23.23
N VAL A 244 7.31 -34.77 -23.45
CA VAL A 244 5.99 -34.17 -23.64
C VAL A 244 5.53 -33.44 -22.39
N ILE A 245 5.80 -34.01 -21.21
CA ILE A 245 5.37 -33.39 -19.97
C ILE A 245 6.15 -32.11 -19.70
N GLU A 246 7.48 -32.14 -19.85
CA GLU A 246 8.24 -30.92 -19.60
C GLU A 246 8.12 -29.90 -20.73
N TYR A 247 7.56 -30.28 -21.88
CA TYR A 247 7.16 -29.28 -22.85
C TYR A 247 5.82 -28.65 -22.48
N ASP A 248 4.91 -29.45 -21.91
CA ASP A 248 3.58 -28.94 -21.60
C ASP A 248 3.57 -28.34 -20.20
N ASP A 249 3.86 -29.14 -19.17
CA ASP A 249 3.74 -28.70 -17.79
C ASP A 249 4.83 -29.36 -16.94
N ILE A 250 5.86 -28.60 -16.60
CA ILE A 250 6.98 -29.12 -15.81
C ILE A 250 6.56 -29.38 -14.36
N LYS A 251 5.53 -28.69 -13.86
CA LYS A 251 5.17 -28.85 -12.46
C LYS A 251 4.38 -30.13 -12.19
N ILE A 252 4.11 -30.92 -13.23
CA ILE A 252 3.52 -32.25 -13.03
C ILE A 252 4.55 -33.19 -12.42
N ILE A 253 5.80 -33.11 -12.89
CA ILE A 253 6.86 -33.99 -12.42
C ILE A 253 7.91 -33.26 -11.61
N SER A 254 7.81 -31.94 -11.48
CA SER A 254 8.82 -31.17 -10.76
C SER A 254 8.15 -30.11 -9.91
N ASN A 255 8.98 -29.31 -9.25
CA ASN A 255 8.53 -28.19 -8.44
C ASN A 255 9.32 -26.92 -8.72
N ASN A 256 9.77 -26.72 -9.96
CA ASN A 256 10.51 -25.53 -10.32
C ASN A 256 9.63 -24.61 -11.15
N THR A 257 9.79 -23.31 -10.96
CA THR A 257 9.15 -22.32 -11.80
C THR A 257 10.21 -21.82 -12.79
N THR A 258 9.89 -20.75 -13.52
CA THR A 258 10.69 -20.00 -14.53
C THR A 258 10.96 -20.81 -15.79
N SER A 259 10.46 -22.04 -15.91
CA SER A 259 10.53 -22.75 -17.17
C SER A 259 9.39 -22.28 -18.07
N ILE A 260 9.73 -21.82 -19.27
CA ILE A 260 8.73 -21.34 -20.21
C ILE A 260 8.12 -22.57 -20.89
N ASN A 261 6.98 -23.01 -20.39
CA ASN A 261 6.23 -24.11 -20.97
C ASN A 261 4.88 -23.57 -21.44
N LEU A 262 3.95 -24.46 -21.78
CA LEU A 262 2.63 -24.00 -22.20
C LEU A 262 1.86 -23.37 -21.05
N SER A 263 1.94 -23.98 -19.86
CA SER A 263 1.25 -23.50 -18.66
C SER A 263 1.69 -22.11 -18.21
N TYR A 264 2.82 -21.61 -18.72
CA TYR A 264 3.27 -20.24 -18.50
C TYR A 264 2.25 -19.21 -18.98
N ILE A 265 1.39 -19.52 -19.95
CA ILE A 265 0.37 -18.55 -20.32
C ILE A 265 -0.81 -18.55 -19.38
N THR A 266 -0.92 -19.54 -18.48
CA THR A 266 -2.00 -19.60 -17.49
C THR A 266 -1.44 -19.89 -16.11
N SER A 267 -0.40 -19.15 -15.71
CA SER A 267 0.26 -19.37 -14.44
C SER A 267 0.25 -18.10 -13.61
N GLY A 268 -0.75 -17.96 -12.74
CA GLY A 268 -0.71 -16.95 -11.71
C GLY A 268 -1.14 -15.58 -12.18
N LYS A 269 -0.54 -14.55 -11.57
CA LYS A 269 -0.90 -13.17 -11.84
C LYS A 269 -0.42 -12.72 -13.22
N ASN A 270 0.76 -13.19 -13.64
CA ASN A 270 1.36 -12.77 -14.89
C ASN A 270 0.96 -13.63 -16.07
N ASN A 271 -0.23 -14.24 -16.03
CA ASN A 271 -0.73 -15.04 -17.13
C ASN A 271 -1.20 -14.15 -18.27
N MET A 272 -1.67 -14.77 -19.35
CA MET A 272 -1.88 -14.04 -20.60
C MET A 272 -3.12 -13.15 -20.54
N ILE A 273 -4.20 -13.62 -19.92
CA ILE A 273 -5.46 -12.89 -19.93
C ILE A 273 -5.37 -11.66 -19.04
N ARG A 274 -4.85 -11.83 -17.83
CA ARG A 274 -4.76 -10.74 -16.86
C ARG A 274 -3.78 -9.66 -17.29
N SER A 275 -2.78 -10.01 -18.08
CA SER A 275 -1.74 -9.05 -18.45
C SER A 275 -1.91 -8.45 -19.83
N TYR A 276 -2.47 -9.19 -20.79
CA TYR A 276 -2.47 -8.74 -22.17
C TYR A 276 -3.85 -8.68 -22.82
N ILE A 277 -4.91 -9.01 -22.09
CA ILE A 277 -6.26 -9.08 -22.66
C ILE A 277 -7.22 -8.14 -21.95
N VAL A 278 -7.25 -8.17 -20.62
CA VAL A 278 -8.01 -7.18 -19.87
C VAL A 278 -7.17 -5.94 -19.54
N ALA A 279 -5.91 -5.92 -19.94
CA ALA A 279 -5.03 -4.79 -19.74
C ALA A 279 -4.01 -4.80 -20.88
N ARG A 280 -3.58 -3.63 -21.32
CA ARG A 280 -2.56 -3.57 -22.36
C ARG A 280 -1.86 -2.22 -22.33
N ARG A 281 -0.70 -2.19 -22.98
CA ARG A 281 0.01 -0.95 -23.24
C ARG A 281 -0.49 -0.36 -24.55
N LYS A 282 -0.71 0.94 -24.56
CA LYS A 282 -1.44 1.59 -25.63
C LYS A 282 -0.61 2.66 -26.31
N ASP A 283 -0.97 2.93 -27.56
CA ASP A 283 -0.49 4.11 -28.27
C ASP A 283 -1.35 5.31 -27.88
N GLN A 284 -0.88 6.50 -28.28
CA GLN A 284 -1.49 7.79 -27.99
C GLN A 284 -1.65 8.02 -26.49
N THR A 285 -0.64 7.63 -25.73
CA THR A 285 -0.63 7.77 -24.29
C THR A 285 0.49 8.72 -23.87
N ALA A 286 0.40 9.16 -22.62
CA ALA A 286 1.39 10.06 -22.04
C ALA A 286 1.35 9.90 -20.53
N ARG A 287 2.37 10.41 -19.87
CA ARG A 287 2.45 10.38 -18.41
C ARG A 287 3.37 11.49 -17.95
N SER A 288 2.95 12.22 -16.93
CA SER A 288 3.72 13.36 -16.47
C SER A 288 3.33 13.71 -15.04
N VAL A 289 4.22 14.47 -14.37
CA VAL A 289 3.93 15.01 -13.05
C VAL A 289 2.81 16.04 -13.16
N ILE A 290 2.02 16.19 -12.10
CA ILE A 290 0.92 17.13 -12.10
C ILE A 290 1.24 18.36 -11.28
N GLY A 291 0.56 19.45 -11.60
CA GLY A 291 0.60 20.67 -10.84
C GLY A 291 -0.75 21.34 -10.88
N PRO A 292 -0.99 22.27 -9.96
CA PRO A 292 -2.28 22.97 -9.95
C PRO A 292 -2.34 24.06 -11.01
N SER A 293 -3.57 24.49 -11.29
CA SER A 293 -3.78 25.60 -12.21
C SER A 293 -5.05 26.33 -11.81
N THR A 294 -4.99 27.66 -11.81
CA THR A 294 -6.14 28.50 -11.55
C THR A 294 -6.85 28.97 -12.81
N SER A 295 -6.22 28.84 -13.97
CA SER A 295 -6.88 29.10 -15.24
C SER A 295 -7.53 27.86 -15.83
N ILE A 296 -7.59 26.78 -15.04
CA ILE A 296 -8.16 25.51 -15.47
C ILE A 296 -9.31 25.18 -14.52
N THR A 297 -10.51 25.03 -15.07
CA THR A 297 -11.65 24.65 -14.26
C THR A 297 -11.64 23.13 -14.04
N VAL A 298 -12.67 22.62 -13.36
CA VAL A 298 -12.75 21.19 -13.12
C VAL A 298 -13.13 20.43 -14.39
N ASN A 299 -13.62 21.12 -15.41
CA ASN A 299 -13.99 20.51 -16.67
C ASN A 299 -12.84 20.48 -17.67
N GLU A 300 -11.66 20.96 -17.29
CA GLU A 300 -10.55 21.10 -18.21
C GLU A 300 -9.29 20.46 -17.63
N VAL A 301 -8.28 20.33 -18.49
CA VAL A 301 -6.98 19.82 -18.07
C VAL A 301 -5.92 20.50 -18.93
N GLY A 302 -4.81 20.88 -18.31
CA GLY A 302 -3.72 21.51 -19.01
C GLY A 302 -2.74 20.48 -19.54
N MET A 303 -2.44 20.57 -20.83
CA MET A 303 -1.55 19.63 -21.47
C MET A 303 -0.23 20.31 -21.80
N PRO A 304 0.91 19.72 -21.43
CA PRO A 304 2.20 20.30 -21.78
C PRO A 304 2.46 20.24 -23.28
N ALA A 305 3.45 21.04 -23.71
CA ALA A 305 3.69 21.22 -25.13
C ALA A 305 4.31 20.00 -25.78
N TYR A 306 5.07 19.20 -25.03
CA TYR A 306 5.68 18.03 -25.64
C TYR A 306 4.64 16.94 -25.92
N ILE A 307 3.60 16.87 -25.09
CA ILE A 307 2.53 15.89 -25.31
C ILE A 307 1.71 16.27 -26.54
N ARG A 308 1.27 17.52 -26.63
CA ARG A 308 0.49 17.92 -27.79
C ARG A 308 1.34 18.13 -29.04
N ASN A 309 2.66 18.17 -28.91
CA ASN A 309 3.52 18.09 -30.07
C ASN A 309 3.79 16.66 -30.50
N THR A 310 3.55 15.68 -29.62
CA THR A 310 3.67 14.29 -30.02
C THR A 310 2.32 13.62 -30.32
N LEU A 311 1.32 13.84 -29.47
CA LEU A 311 0.04 13.16 -29.64
C LEU A 311 -0.74 13.71 -30.82
N THR A 312 -1.48 12.83 -31.49
CA THR A 312 -2.21 13.16 -32.70
C THR A 312 -3.69 12.90 -32.49
N GLU A 313 -4.51 13.62 -33.25
CA GLU A 313 -5.95 13.39 -33.27
C GLU A 313 -6.40 13.08 -34.68
N LYS A 314 -7.50 12.32 -34.77
CA LYS A 314 -8.04 11.84 -36.03
C LYS A 314 -9.08 12.82 -36.57
N ILE A 315 -8.97 13.14 -37.86
CA ILE A 315 -10.01 13.83 -38.59
C ILE A 315 -10.45 12.89 -39.72
N PHE A 316 -11.69 12.46 -39.68
CA PHE A 316 -12.21 11.53 -40.66
C PHE A 316 -12.56 12.26 -41.96
N VAL A 317 -12.40 11.57 -43.07
CA VAL A 317 -12.76 12.11 -44.38
C VAL A 317 -14.23 11.78 -44.63
N ASN A 318 -15.03 12.80 -44.87
CA ASN A 318 -16.44 12.66 -45.19
C ASN A 318 -16.86 13.89 -45.97
N ALA A 319 -18.17 14.07 -46.15
CA ALA A 319 -18.66 15.22 -46.89
C ALA A 319 -18.55 16.51 -46.09
N PHE A 320 -18.41 16.42 -44.77
CA PHE A 320 -18.38 17.60 -43.91
C PHE A 320 -16.98 18.17 -43.75
N THR A 321 -15.97 17.31 -43.64
CA THR A 321 -14.63 17.73 -43.27
C THR A 321 -13.62 17.58 -44.40
N VAL A 322 -14.07 17.42 -45.65
CA VAL A 322 -13.10 17.20 -46.73
C VAL A 322 -12.37 18.50 -47.07
N ASP A 323 -13.00 19.66 -46.86
CA ASP A 323 -12.33 20.93 -47.11
C ASP A 323 -11.27 21.21 -46.05
N LYS A 324 -11.56 20.86 -44.80
CA LYS A 324 -10.60 21.05 -43.72
C LYS A 324 -9.40 20.13 -43.88
N VAL A 325 -9.65 18.89 -44.32
CA VAL A 325 -8.56 17.93 -44.52
C VAL A 325 -7.71 18.34 -45.71
N LYS A 326 -8.33 18.85 -46.78
CA LYS A 326 -7.57 19.35 -47.92
C LYS A 326 -6.76 20.59 -47.57
N GLN A 327 -7.30 21.46 -46.70
CA GLN A 327 -6.58 22.63 -46.25
C GLN A 327 -5.40 22.25 -45.36
N LEU A 328 -5.58 21.24 -44.50
CA LEU A 328 -4.49 20.83 -43.63
C LEU A 328 -3.44 20.04 -44.38
N LEU A 329 -3.81 19.39 -45.48
CA LEU A 329 -2.81 18.75 -46.32
C LEU A 329 -2.05 19.76 -47.16
N ALA A 330 -2.70 20.86 -47.54
CA ALA A 330 -2.02 21.88 -48.32
C ALA A 330 -1.01 22.66 -47.50
N SER A 331 -1.19 22.72 -46.18
CA SER A 331 -0.33 23.49 -45.30
C SER A 331 0.61 22.62 -44.46
N ASN A 332 0.74 21.34 -44.82
CA ASN A 332 1.68 20.39 -44.21
C ASN A 332 1.47 20.21 -42.71
N GLN A 333 0.22 20.27 -42.27
CA GLN A 333 -0.12 20.05 -40.87
C GLN A 333 -0.57 18.63 -40.59
N VAL A 334 -0.63 17.78 -41.61
CA VAL A 334 -1.10 16.41 -41.47
C VAL A 334 0.10 15.52 -41.19
N LYS A 335 0.03 14.74 -40.12
CA LYS A 335 1.12 13.86 -39.71
C LYS A 335 0.96 12.44 -40.22
N PHE A 336 -0.24 11.86 -40.11
CA PHE A 336 -0.48 10.51 -40.61
C PHE A 336 -1.68 10.52 -41.54
N TYR A 337 -1.75 9.50 -42.40
CA TYR A 337 -2.91 9.32 -43.26
C TYR A 337 -3.24 7.84 -43.33
N PHE A 338 -4.47 7.48 -43.02
CA PHE A 338 -4.90 6.09 -43.08
C PHE A 338 -5.87 5.92 -44.23
N ASN A 339 -5.50 5.04 -45.16
CA ASN A 339 -6.34 4.65 -46.29
C ASN A 339 -7.09 3.38 -45.91
N LYS A 340 -8.41 3.52 -45.71
CA LYS A 340 -9.21 2.42 -45.19
C LYS A 340 -9.48 1.36 -46.26
N ARG A 341 -9.61 1.77 -47.53
CA ARG A 341 -9.96 0.82 -48.58
C ARG A 341 -8.78 -0.08 -48.94
N LEU A 342 -7.57 0.47 -48.95
CA LEU A 342 -6.37 -0.35 -49.05
C LEU A 342 -5.89 -0.86 -47.70
N ASN A 343 -6.42 -0.29 -46.61
CA ASN A 343 -6.17 -0.69 -45.23
C ASN A 343 -4.69 -0.54 -44.86
N GLN A 344 -4.19 0.69 -44.96
CA GLN A 344 -2.79 0.94 -44.65
C GLN A 344 -2.60 2.36 -44.14
N LEU A 345 -1.65 2.51 -43.23
CA LEU A 345 -1.28 3.79 -42.64
C LEU A 345 0.02 4.29 -43.24
N THR A 346 0.09 5.58 -43.50
CA THR A 346 1.26 6.21 -44.10
C THR A 346 1.65 7.43 -43.28
N ARG A 347 2.90 7.47 -42.84
CA ARG A 347 3.45 8.61 -42.13
C ARG A 347 3.93 9.66 -43.12
N ILE A 348 3.46 10.88 -42.97
CA ILE A 348 3.86 11.99 -43.83
C ILE A 348 5.05 12.68 -43.19
N ARG A 349 6.20 12.61 -43.85
CA ARG A 349 7.42 13.20 -43.32
C ARG A 349 7.56 14.66 -43.75
N LYS A 355 6.48 15.87 -52.19
CA LYS A 355 5.05 15.67 -52.07
C LYS A 355 4.59 14.38 -52.74
N ASN A 356 3.86 13.55 -52.02
CA ASN A 356 3.33 12.30 -52.54
C ASN A 356 1.93 12.54 -53.10
N LYS A 357 1.23 11.45 -53.42
CA LYS A 357 -0.14 11.51 -53.91
C LYS A 357 -1.06 10.81 -52.92
N ILE A 358 -2.06 11.54 -52.44
CA ILE A 358 -3.04 11.02 -51.50
C ILE A 358 -4.41 11.42 -52.01
N HIS A 359 -5.27 10.43 -52.25
CA HIS A 359 -6.66 10.68 -52.64
C HIS A 359 -7.55 10.35 -51.45
N LEU A 360 -8.39 11.31 -51.06
CA LEU A 360 -9.15 11.24 -49.82
C LEU A 360 -10.55 10.70 -50.13
N LEU A 361 -10.78 9.48 -49.75
CA LEU A 361 -12.09 8.87 -49.89
C LEU A 361 -12.80 8.82 -48.55
N PRO A 362 -14.13 8.80 -48.52
CA PRO A 362 -14.84 8.66 -47.24
C PRO A 362 -14.57 7.32 -46.60
N GLY A 363 -14.23 7.36 -45.31
CA GLY A 363 -13.73 6.20 -44.59
C GLY A 363 -12.26 6.30 -44.26
N ASP A 364 -11.48 7.00 -45.08
CA ASP A 364 -10.10 7.30 -44.75
C ASP A 364 -10.04 8.35 -43.64
N TRP A 365 -8.88 8.51 -43.02
CA TRP A 365 -8.73 9.61 -42.08
C TRP A 365 -7.32 10.17 -42.16
N VAL A 366 -7.16 11.35 -41.60
CA VAL A 366 -5.85 11.95 -41.39
C VAL A 366 -5.65 12.14 -39.90
N GLU A 367 -4.39 12.28 -39.50
CA GLU A 367 -4.05 12.49 -38.11
C GLU A 367 -3.14 13.70 -38.03
N VAL A 368 -3.60 14.72 -37.30
CA VAL A 368 -2.90 15.98 -37.14
C VAL A 368 -2.54 16.16 -35.68
N ALA A 369 -1.90 17.27 -35.33
CA ALA A 369 -1.63 17.57 -33.93
C ALA A 369 -2.93 17.79 -33.16
N VAL A 370 -2.93 17.40 -31.89
CA VAL A 370 -4.15 17.44 -31.09
C VAL A 370 -4.45 18.87 -30.69
N GLN A 371 -5.71 19.28 -30.87
CA GLN A 371 -6.12 20.66 -30.68
C GLN A 371 -6.77 20.84 -29.32
N GLU A 372 -7.07 22.10 -29.00
CA GLU A 372 -7.74 22.40 -27.74
C GLU A 372 -9.19 21.96 -27.78
N TYR A 373 -9.74 21.78 -26.57
CA TYR A 373 -11.11 21.30 -26.32
C TYR A 373 -11.36 19.93 -26.93
N THR A 374 -10.31 19.13 -27.03
CA THR A 374 -10.42 17.71 -27.35
C THR A 374 -10.45 16.95 -26.04
N SER A 375 -11.31 15.95 -25.95
CA SER A 375 -11.41 15.17 -24.72
C SER A 375 -10.26 14.17 -24.64
N ILE A 376 -9.41 14.34 -23.64
CA ILE A 376 -8.39 13.36 -23.30
C ILE A 376 -8.90 12.60 -22.08
N ILE A 377 -8.58 11.31 -22.02
CA ILE A 377 -8.92 10.50 -20.84
C ILE A 377 -7.68 10.45 -19.97
N PHE A 378 -7.72 11.14 -18.84
CA PHE A 378 -6.56 11.19 -17.98
C PHE A 378 -6.93 10.64 -16.60
N GLY A 379 -5.92 10.21 -15.87
CA GLY A 379 -6.19 9.62 -14.58
C GLY A 379 -4.97 9.49 -13.71
N ARG A 380 -5.23 9.20 -12.45
CA ARG A 380 -4.20 8.94 -11.45
C ARG A 380 -4.28 7.48 -11.02
N GLN A 381 -3.14 6.92 -10.63
CA GLN A 381 -3.08 5.57 -10.15
C GLN A 381 -2.73 5.52 -8.67
N PRO A 382 -3.31 4.59 -7.89
CA PRO A 382 -4.24 3.51 -8.25
C PRO A 382 -5.67 3.95 -8.49
N SER A 383 -6.29 3.37 -9.52
CA SER A 383 -7.67 3.68 -9.90
C SER A 383 -8.61 2.92 -8.97
N LEU A 384 -8.84 3.50 -7.80
CA LEU A 384 -9.63 2.83 -6.77
C LEU A 384 -11.11 2.92 -7.04
N HIS A 385 -11.56 3.99 -7.68
CA HIS A 385 -12.97 4.20 -7.97
C HIS A 385 -13.04 5.07 -9.21
N ARG A 386 -14.25 5.20 -9.76
CA ARG A 386 -14.39 5.71 -11.13
C ARG A 386 -14.14 7.20 -11.26
N TYR A 387 -13.97 7.93 -10.16
CA TYR A 387 -13.58 9.33 -10.24
C TYR A 387 -12.09 9.52 -10.39
N ASN A 388 -11.33 8.44 -10.48
CA ASN A 388 -9.91 8.52 -10.76
C ASN A 388 -9.66 8.73 -12.25
N VAL A 389 -10.46 8.10 -13.11
CA VAL A 389 -10.25 8.11 -14.56
C VAL A 389 -11.41 8.87 -15.18
N ILE A 390 -11.20 10.14 -15.52
CA ILE A 390 -12.25 10.97 -16.13
C ILE A 390 -11.79 11.44 -17.50
N ALA A 391 -12.66 12.15 -18.21
CA ALA A 391 -12.37 12.66 -19.55
C ALA A 391 -12.77 14.11 -19.65
N SER A 392 -11.78 15.00 -19.69
CA SER A 392 -12.03 16.43 -19.77
C SER A 392 -11.28 17.04 -20.95
N SER A 393 -11.42 18.35 -21.11
CA SER A 393 -11.02 19.04 -22.33
C SER A 393 -9.58 19.54 -22.24
N ILE A 394 -8.84 19.38 -23.34
CA ILE A 394 -7.44 19.78 -23.40
C ILE A 394 -7.34 21.29 -23.50
N ARG A 395 -6.53 21.89 -22.61
CA ARG A 395 -6.13 23.28 -22.72
C ARG A 395 -4.61 23.36 -22.82
N ALA A 396 -4.13 24.33 -23.59
CA ALA A 396 -2.71 24.52 -23.77
C ALA A 396 -2.13 25.30 -22.60
N THR A 397 -1.18 24.71 -21.89
CA THR A 397 -0.56 25.33 -20.73
C THR A 397 0.95 25.30 -20.90
N GLU A 398 1.66 25.85 -19.90
CA GLU A 398 3.11 25.96 -19.92
C GLU A 398 3.74 24.87 -19.06
N GLY A 399 5.03 24.67 -19.28
CA GLY A 399 5.78 23.70 -18.51
C GLY A 399 5.71 22.31 -19.10
N ASP A 400 6.19 21.35 -18.31
CA ASP A 400 6.16 19.94 -18.68
C ASP A 400 5.25 19.15 -17.76
N THR A 401 4.38 19.83 -17.01
CA THR A 401 3.48 19.18 -16.09
C THR A 401 2.05 19.22 -16.63
N ILE A 402 1.31 18.16 -16.35
CA ILE A 402 -0.12 18.13 -16.64
C ILE A 402 -0.84 18.93 -15.58
N LYS A 403 -1.37 20.08 -15.96
CA LYS A 403 -1.97 21.00 -14.99
C LYS A 403 -3.44 20.64 -14.80
N ILE A 404 -3.77 20.10 -13.62
CA ILE A 404 -5.13 19.80 -13.25
C ILE A 404 -5.65 20.90 -12.34
N SER A 405 -6.94 20.98 -12.22
CA SER A 405 -7.54 21.88 -11.26
C SER A 405 -7.41 21.28 -9.86
N PRO A 406 -7.25 22.12 -8.83
CA PRO A 406 -7.28 21.60 -7.46
C PRO A 406 -8.64 21.06 -7.04
N GLY A 407 -9.71 21.50 -7.69
CA GLY A 407 -11.05 21.07 -7.33
C GLY A 407 -11.32 19.60 -7.61
N ILE A 408 -10.58 19.00 -8.54
CA ILE A 408 -10.70 17.57 -8.77
C ILE A 408 -9.73 16.76 -7.94
N ALA A 409 -8.85 17.42 -7.18
CA ALA A 409 -7.71 16.74 -6.54
C ALA A 409 -8.16 15.72 -5.50
N ASN A 410 -9.10 16.11 -4.63
CA ASN A 410 -9.66 15.20 -3.64
C ASN A 410 -10.44 14.06 -4.28
N SER A 411 -10.92 14.24 -5.52
CA SER A 411 -11.57 13.16 -6.23
C SER A 411 -10.58 12.07 -6.64
N GLN A 412 -9.31 12.42 -6.82
CA GLN A 412 -8.32 11.46 -7.31
C GLN A 412 -7.29 11.10 -6.26
N ASN A 413 -7.49 11.53 -5.01
CA ASN A 413 -6.57 11.35 -3.89
C ASN A 413 -5.18 11.90 -4.22
N ALA A 414 -5.15 13.08 -4.83
CA ALA A 414 -3.93 13.62 -5.43
C ALA A 414 -3.38 14.79 -4.63
N ASP A 415 -2.06 14.82 -4.50
CA ASP A 415 -1.32 15.96 -4.01
C ASP A 415 -0.38 16.45 -5.10
N PHE A 416 0.09 17.68 -4.98
CA PHE A 416 1.13 18.18 -5.86
C PHE A 416 2.50 18.13 -5.19
N ASP A 417 2.87 16.94 -4.72
CA ASP A 417 4.18 16.72 -4.12
C ASP A 417 5.00 15.69 -4.90
N GLY A 418 4.62 15.44 -6.15
CA GLY A 418 5.37 14.53 -6.99
C GLY A 418 4.51 13.44 -7.60
N ASP A 419 3.19 13.58 -7.53
CA ASP A 419 2.30 12.59 -8.11
C ASP A 419 2.34 12.68 -9.63
N GLU A 420 2.23 11.52 -10.28
CA GLU A 420 2.18 11.43 -11.73
C GLU A 420 0.78 11.03 -12.16
N GLU A 421 0.38 11.51 -13.33
CA GLU A 421 -0.87 11.13 -13.94
C GLU A 421 -0.64 10.79 -15.40
N TRP A 422 -1.48 9.90 -15.92
CA TRP A 422 -1.39 9.41 -17.27
C TRP A 422 -2.53 9.97 -18.11
N MET A 423 -2.32 9.97 -19.42
CA MET A 423 -3.29 10.40 -20.42
C MET A 423 -3.37 9.35 -21.52
N ILE A 424 -4.57 9.20 -22.09
CA ILE A 424 -4.77 8.41 -23.29
C ILE A 424 -5.76 9.15 -24.19
N LEU A 425 -5.50 9.12 -25.49
CA LEU A 425 -6.34 9.75 -26.49
C LEU A 425 -6.97 8.64 -27.33
N GLU A 426 -8.29 8.51 -27.23
CA GLU A 426 -9.04 7.51 -27.97
C GLU A 426 -9.97 8.25 -28.93
N GLN A 427 -9.51 8.43 -30.17
CA GLN A 427 -10.23 9.23 -31.16
C GLN A 427 -11.11 8.37 -32.06
N ASN A 428 -11.92 7.51 -31.47
CA ASN A 428 -13.01 6.79 -32.13
C ASN A 428 -14.32 7.52 -31.84
N PRO A 429 -15.18 7.70 -32.86
CA PRO A 429 -16.34 8.59 -32.70
C PRO A 429 -17.36 8.16 -31.64
N LYS A 430 -17.59 6.86 -31.49
CA LYS A 430 -18.40 6.36 -30.38
C LYS A 430 -17.73 6.67 -29.04
N ALA A 431 -16.42 6.45 -28.97
CA ALA A 431 -15.67 6.79 -27.77
C ALA A 431 -15.62 8.30 -27.54
N VAL A 432 -15.59 9.09 -28.61
CA VAL A 432 -15.62 10.55 -28.48
C VAL A 432 -16.94 11.01 -27.87
N ILE A 433 -18.06 10.44 -28.31
CA ILE A 433 -19.36 10.82 -27.75
C ILE A 433 -19.49 10.36 -26.30
N GLU A 434 -19.02 9.15 -26.00
CA GLU A 434 -19.10 8.66 -24.62
C GLU A 434 -18.18 9.43 -23.68
N GLN A 435 -17.03 9.89 -24.17
CA GLN A 435 -16.16 10.75 -23.35
C GLN A 435 -16.79 12.11 -23.14
N SER A 436 -17.47 12.63 -24.17
CA SER A 436 -18.07 13.95 -24.07
C SER A 436 -19.26 13.98 -23.13
N ILE A 437 -20.00 12.87 -23.04
CA ILE A 437 -21.22 12.83 -22.25
C ILE A 437 -21.01 12.13 -20.91
N LEU A 438 -20.55 10.89 -20.93
CA LEU A 438 -20.59 10.04 -19.74
C LEU A 438 -19.42 10.27 -18.79
N MET A 439 -18.24 10.56 -19.29
CA MET A 439 -17.05 10.73 -18.46
C MET A 439 -16.68 12.18 -18.22
N TYR A 440 -17.51 13.12 -18.66
CA TYR A 440 -17.29 14.53 -18.38
C TYR A 440 -17.47 14.80 -16.89
N PRO A 441 -16.62 15.65 -16.29
CA PRO A 441 -16.73 15.91 -14.85
C PRO A 441 -18.02 16.61 -14.41
N THR A 442 -18.76 17.23 -15.33
CA THR A 442 -20.08 17.73 -14.96
C THR A 442 -21.06 16.57 -14.77
N THR A 443 -20.91 15.50 -15.55
CA THR A 443 -21.77 14.34 -15.40
C THR A 443 -21.49 13.60 -14.09
N LEU A 444 -20.24 13.66 -13.62
CA LEU A 444 -19.80 12.93 -12.45
C LEU A 444 -19.74 13.81 -11.21
N LEU A 445 -20.57 14.85 -11.14
CA LEU A 445 -20.49 15.81 -10.06
C LEU A 445 -20.91 15.20 -8.74
N LYS A 446 -22.05 14.52 -8.71
CA LYS A 446 -22.54 13.88 -7.50
C LYS A 446 -21.97 12.48 -7.37
N HIS A 447 -21.65 12.10 -6.14
CA HIS A 447 -21.19 10.75 -5.88
C HIS A 447 -22.33 9.76 -6.06
N ASP A 448 -22.01 8.60 -6.61
CA ASP A 448 -23.08 7.72 -7.09
C ASP A 448 -23.68 6.87 -5.98
N ILE A 449 -23.19 6.96 -4.75
CA ILE A 449 -23.73 6.22 -3.63
C ILE A 449 -24.40 7.15 -2.62
N HIS A 450 -23.67 8.18 -2.16
CA HIS A 450 -24.20 9.06 -1.14
C HIS A 450 -24.52 10.46 -1.63
N GLY A 451 -24.36 10.72 -2.92
CA GLY A 451 -24.91 11.92 -3.53
C GLY A 451 -24.18 13.21 -3.28
N ALA A 452 -23.17 13.22 -2.41
CA ALA A 452 -22.43 14.44 -2.12
C ALA A 452 -21.55 14.79 -3.32
N PRO A 453 -21.23 16.07 -3.51
CA PRO A 453 -20.41 16.46 -4.66
C PRO A 453 -19.00 15.92 -4.59
N VAL A 454 -18.48 15.51 -5.75
CA VAL A 454 -17.16 14.93 -5.86
C VAL A 454 -16.08 16.01 -5.94
N TYR A 455 -16.43 17.21 -6.37
CA TYR A 455 -15.50 18.33 -6.47
C TYR A 455 -15.87 19.42 -5.47
N GLY A 456 -14.91 20.30 -5.22
CA GLY A 456 -15.12 21.35 -4.24
C GLY A 456 -13.83 22.06 -3.93
N SER A 457 -13.78 22.65 -2.73
CA SER A 457 -12.65 23.46 -2.30
C SER A 457 -11.73 22.69 -1.38
N ILE A 458 -10.49 23.16 -1.28
CA ILE A 458 -9.47 22.55 -0.43
C ILE A 458 -8.85 23.64 0.44
N GLN A 459 -7.74 23.27 1.10
CA GLN A 459 -7.31 23.79 2.41
C GLN A 459 -7.45 25.29 2.61
N ASP A 460 -6.92 26.10 1.69
CA ASP A 460 -6.91 27.55 1.89
C ASP A 460 -8.27 28.14 1.60
N GLU A 461 -9.00 27.53 0.67
CA GLU A 461 -10.30 28.06 0.28
C GLU A 461 -11.35 27.79 1.35
N ILE A 462 -11.11 26.84 2.25
CA ILE A 462 -12.00 26.64 3.39
C ILE A 462 -11.96 27.84 4.33
N VAL A 463 -10.74 28.27 4.69
CA VAL A 463 -10.59 29.40 5.59
C VAL A 463 -10.96 30.69 4.86
N ALA A 464 -10.74 30.73 3.55
CA ALA A 464 -11.20 31.87 2.76
C ALA A 464 -12.73 31.96 2.75
N ALA A 465 -13.41 30.81 2.68
CA ALA A 465 -14.87 30.77 2.74
C ALA A 465 -15.39 31.23 4.09
N TYR A 466 -14.75 30.74 5.16
CA TYR A 466 -15.10 31.14 6.52
C TYR A 466 -14.94 32.64 6.74
N SER A 467 -13.76 33.17 6.39
CA SER A 467 -13.49 34.59 6.61
C SER A 467 -14.28 35.47 5.65
N LEU A 468 -14.66 34.93 4.49
CA LEU A 468 -15.50 35.70 3.57
C LEU A 468 -16.93 35.78 4.09
N PHE A 469 -17.40 34.73 4.75
CA PHE A 469 -18.72 34.80 5.38
C PHE A 469 -18.71 35.74 6.58
N ARG A 470 -17.61 35.77 7.32
CA ARG A 470 -17.55 36.59 8.52
C ARG A 470 -17.23 38.06 8.26
N ILE A 471 -16.92 38.45 7.02
CA ILE A 471 -16.50 39.82 6.75
C ILE A 471 -17.72 40.73 6.77
N GLN A 472 -17.49 42.01 7.06
CA GLN A 472 -18.57 42.96 7.30
C GLN A 472 -18.19 44.34 6.79
N ASP A 473 -19.22 45.12 6.45
CA ASP A 473 -19.14 46.57 6.26
C ASP A 473 -18.20 46.96 5.12
N LEU A 474 -18.38 46.29 3.98
CA LEU A 474 -17.56 46.53 2.82
C LEU A 474 -18.18 47.59 1.92
N CYS A 475 -17.32 48.26 1.15
CA CYS A 475 -17.78 49.21 0.15
C CYS A 475 -18.26 48.46 -1.08
N LEU A 476 -18.80 49.18 -2.06
CA LEU A 476 -19.14 48.54 -3.32
C LEU A 476 -17.88 48.17 -4.10
N ASP A 477 -16.84 48.98 -4.00
CA ASP A 477 -15.60 48.68 -4.72
C ASP A 477 -14.86 47.50 -4.08
N GLU A 478 -14.94 47.33 -2.76
CA GLU A 478 -14.32 46.18 -2.12
C GLU A 478 -15.06 44.89 -2.46
N VAL A 479 -16.39 44.95 -2.51
CA VAL A 479 -17.20 43.79 -2.91
C VAL A 479 -16.92 43.42 -4.36
N LEU A 480 -16.81 44.43 -5.23
CA LEU A 480 -16.54 44.14 -6.63
C LEU A 480 -15.11 43.69 -6.86
N ASN A 481 -14.17 44.13 -6.02
CA ASN A 481 -12.80 43.62 -6.05
C ASN A 481 -12.75 42.16 -5.64
N ILE A 482 -13.54 41.77 -4.64
CA ILE A 482 -13.58 40.37 -4.23
C ILE A 482 -14.24 39.52 -5.30
N LEU A 483 -15.30 40.05 -5.93
CA LEU A 483 -16.03 39.28 -6.94
C LEU A 483 -15.25 39.11 -8.22
N GLY A 484 -14.54 40.14 -8.66
CA GLY A 484 -13.68 40.01 -9.82
C GLY A 484 -14.41 40.02 -11.14
N LYS A 485 -14.24 38.96 -11.93
CA LYS A 485 -14.94 38.85 -13.20
C LYS A 485 -16.39 38.47 -13.05
N TYR A 486 -16.82 38.03 -11.88
CA TYR A 486 -18.22 37.74 -11.60
C TYR A 486 -18.95 38.93 -10.98
N GLY A 487 -18.33 40.10 -10.94
CA GLY A 487 -19.00 41.29 -10.49
C GLY A 487 -19.74 42.04 -11.57
N ARG A 488 -19.96 41.40 -12.71
CA ARG A 488 -20.60 42.07 -13.84
C ARG A 488 -22.10 42.23 -13.62
N GLU A 489 -22.76 41.18 -13.15
CA GLU A 489 -24.20 41.20 -12.92
C GLU A 489 -24.54 41.31 -11.45
N PHE A 490 -23.62 41.80 -10.63
CA PHE A 490 -23.91 42.04 -9.23
C PHE A 490 -24.83 43.24 -9.09
N ASP A 491 -25.93 43.06 -8.37
CA ASP A 491 -26.91 44.12 -8.20
C ASP A 491 -26.82 44.70 -6.81
N PRO A 492 -26.33 45.93 -6.64
CA PRO A 492 -26.57 46.66 -5.38
C PRO A 492 -27.97 47.26 -5.43
N LYS A 493 -28.84 46.79 -4.53
CA LYS A 493 -30.25 47.15 -4.61
C LYS A 493 -30.47 48.61 -4.25
N GLY A 494 -30.18 48.97 -3.01
CA GLY A 494 -30.14 50.36 -2.60
C GLY A 494 -29.05 50.55 -1.57
N LYS A 495 -28.29 49.49 -1.35
CA LYS A 495 -27.31 49.48 -0.27
C LYS A 495 -26.04 50.21 -0.70
N CYS A 496 -25.33 50.73 0.29
CA CYS A 496 -23.99 51.26 0.09
C CYS A 496 -22.93 50.53 0.90
N LYS A 497 -23.29 49.90 2.02
CA LYS A 497 -22.40 49.04 2.77
C LYS A 497 -22.90 47.60 2.69
N PHE A 498 -21.98 46.68 2.46
CA PHE A 498 -22.32 45.28 2.21
C PHE A 498 -21.58 44.39 3.19
N SER A 499 -22.01 43.13 3.25
CA SER A 499 -21.39 42.14 4.10
C SER A 499 -21.05 40.91 3.26
N GLY A 500 -20.39 39.93 3.88
CA GLY A 500 -20.09 38.70 3.18
C GLY A 500 -21.28 37.81 2.96
N LYS A 501 -22.33 37.98 3.75
CA LYS A 501 -23.58 37.26 3.50
C LYS A 501 -24.25 37.72 2.23
N ASP A 502 -24.09 39.00 1.87
CA ASP A 502 -24.60 39.48 0.59
C ASP A 502 -23.80 38.91 -0.57
N ILE A 503 -22.49 38.74 -0.38
CA ILE A 503 -21.65 38.10 -1.38
C ILE A 503 -22.06 36.65 -1.56
N TYR A 504 -22.37 35.94 -0.47
CA TYR A 504 -22.83 34.56 -0.58
C TYR A 504 -24.22 34.45 -1.19
N THR A 505 -25.10 35.43 -0.92
CA THR A 505 -26.42 35.45 -1.55
C THR A 505 -26.30 35.67 -3.05
N TYR A 506 -25.34 36.51 -3.46
CA TYR A 506 -25.09 36.67 -4.90
C TYR A 506 -24.48 35.42 -5.50
N LEU A 507 -23.61 34.74 -4.74
CA LEU A 507 -22.91 33.56 -5.28
C LEU A 507 -23.87 32.40 -5.46
N ILE A 508 -24.82 32.22 -4.54
CA ILE A 508 -25.78 31.13 -4.65
C ILE A 508 -26.76 31.41 -5.79
N GLY A 509 -27.44 32.55 -5.73
CA GLY A 509 -28.24 33.00 -6.85
C GLY A 509 -29.56 32.26 -7.04
N GLU A 510 -30.05 31.59 -6.00
CA GLU A 510 -31.34 30.91 -6.04
C GLU A 510 -32.03 31.15 -4.71
N LYS A 511 -33.34 31.30 -4.75
CA LYS A 511 -34.13 31.52 -3.53
C LYS A 511 -34.70 30.20 -3.04
N ILE A 512 -33.79 29.31 -2.66
CA ILE A 512 -34.17 27.97 -2.20
C ILE A 512 -34.00 27.91 -0.69
N ASN A 513 -34.74 27.00 -0.07
CA ASN A 513 -34.69 26.78 1.37
C ASN A 513 -34.09 25.41 1.65
N TYR A 514 -33.46 25.28 2.81
CA TYR A 514 -32.99 24.00 3.28
C TYR A 514 -32.93 24.07 4.79
N PRO A 515 -33.38 23.04 5.51
CA PRO A 515 -33.38 23.09 6.97
C PRO A 515 -31.99 23.16 7.59
N GLY A 516 -31.69 24.29 8.22
CA GLY A 516 -30.43 24.50 8.89
C GLY A 516 -29.40 25.26 8.08
N LEU A 517 -29.57 25.33 6.76
CA LEU A 517 -28.59 25.99 5.90
C LEU A 517 -29.13 27.24 5.25
N LEU A 518 -30.23 27.16 4.49
CA LEU A 518 -30.67 28.24 3.64
C LEU A 518 -32.07 28.69 4.00
N LYS A 519 -32.35 29.96 3.70
CA LYS A 519 -33.71 30.49 3.76
C LYS A 519 -33.77 31.67 2.80
N ASP A 520 -34.48 31.49 1.68
CA ASP A 520 -34.61 32.48 0.61
C ASP A 520 -33.26 32.89 0.04
N GLY A 521 -32.33 31.93 -0.04
CA GLY A 521 -31.01 32.18 -0.57
C GLY A 521 -29.97 32.59 0.44
N GLU A 522 -30.38 33.25 1.52
CA GLU A 522 -29.45 33.63 2.56
C GLU A 522 -29.04 32.40 3.38
N ILE A 523 -27.80 32.42 3.86
CA ILE A 523 -27.30 31.36 4.72
C ILE A 523 -27.72 31.68 6.15
N ILE A 524 -28.56 30.83 6.73
CA ILE A 524 -29.03 31.03 8.10
C ILE A 524 -28.18 30.26 9.10
N ALA A 525 -27.13 29.58 8.64
CA ALA A 525 -26.19 29.00 9.58
C ALA A 525 -25.34 30.08 10.21
N ASN A 526 -24.71 29.75 11.32
CA ASN A 526 -23.92 30.74 12.04
C ASN A 526 -22.62 31.03 11.29
N ASP A 527 -21.91 29.98 10.87
CA ASP A 527 -20.66 30.14 10.15
C ASP A 527 -20.66 29.21 8.95
N VAL A 528 -19.84 29.55 7.96
CA VAL A 528 -19.57 28.69 6.81
C VAL A 528 -18.30 27.91 7.11
N ASP A 529 -18.42 26.60 7.21
CA ASP A 529 -17.30 25.74 7.56
C ASP A 529 -17.01 24.76 6.43
N SER A 530 -16.14 23.78 6.70
CA SER A 530 -15.72 22.83 5.69
C SER A 530 -16.84 21.90 5.22
N ASN A 531 -17.92 21.78 5.98
CA ASN A 531 -19.05 20.99 5.50
C ASN A 531 -19.81 21.66 4.37
N PHE A 532 -19.57 22.94 4.13
CA PHE A 532 -20.29 23.72 3.13
C PHE A 532 -19.64 23.66 1.76
N VAL A 533 -18.31 23.64 1.69
CA VAL A 533 -17.61 23.86 0.43
C VAL A 533 -16.67 22.72 0.04
N VAL A 534 -16.22 21.89 0.98
CA VAL A 534 -15.31 20.80 0.63
C VAL A 534 -16.09 19.68 -0.03
N ALA A 535 -15.43 18.96 -0.93
CA ALA A 535 -16.03 17.84 -1.64
C ALA A 535 -16.39 16.71 -0.69
N MET A 536 -17.44 15.97 -1.06
CA MET A 536 -17.93 14.78 -0.38
C MET A 536 -18.37 15.08 1.05
N ARG A 537 -19.15 16.15 1.21
CA ARG A 537 -19.74 16.53 2.48
C ARG A 537 -21.25 16.63 2.33
N HIS A 538 -21.95 16.43 3.44
CA HIS A 538 -23.41 16.31 3.41
C HIS A 538 -24.13 17.64 3.43
N LEU A 539 -23.42 18.76 3.62
CA LEU A 539 -24.05 20.07 3.66
C LEU A 539 -23.52 20.99 2.57
N SER A 540 -23.19 20.42 1.41
CA SER A 540 -22.59 21.20 0.33
C SER A 540 -23.64 22.09 -0.34
N LEU A 541 -23.27 23.35 -0.58
CA LEU A 541 -24.17 24.26 -1.27
C LEU A 541 -24.26 23.93 -2.75
N ALA A 542 -23.18 23.41 -3.34
CA ALA A 542 -23.23 22.96 -4.73
C ALA A 542 -24.12 21.74 -4.89
N GLY A 543 -24.17 20.88 -3.87
CA GLY A 543 -25.10 19.76 -3.90
C GLY A 543 -26.55 20.19 -3.85
N LEU A 544 -26.84 21.23 -3.06
CA LEU A 544 -28.20 21.75 -3.01
C LEU A 544 -28.57 22.46 -4.31
N LEU A 545 -27.62 23.18 -4.90
CA LEU A 545 -27.90 23.89 -6.14
C LEU A 545 -28.05 22.94 -7.32
N SER A 546 -27.41 21.77 -7.25
CA SER A 546 -27.62 20.76 -8.28
C SER A 546 -28.78 19.83 -7.98
N ASP A 547 -29.22 19.74 -6.72
CA ASP A 547 -30.50 19.13 -6.41
C ASP A 547 -31.65 20.01 -6.87
N HIS A 548 -31.44 21.32 -6.91
CA HIS A 548 -32.49 22.23 -7.35
C HIS A 548 -32.68 22.18 -8.87
N LYS A 549 -31.60 22.35 -9.64
CA LYS A 549 -31.74 22.40 -11.10
C LYS A 549 -31.02 21.26 -11.80
N SER A 550 -29.69 21.18 -11.73
CA SER A 550 -28.89 20.30 -12.59
C SER A 550 -27.44 20.39 -12.15
N ASN A 551 -26.64 19.44 -12.67
CA ASN A 551 -25.22 19.39 -12.36
C ASN A 551 -24.43 20.53 -12.96
N VAL A 552 -24.97 21.19 -13.98
CA VAL A 552 -24.31 22.36 -14.56
C VAL A 552 -24.32 23.52 -13.57
N GLU A 553 -25.41 23.67 -12.80
CA GLU A 553 -25.50 24.74 -11.81
C GLU A 553 -24.57 24.48 -10.63
N GLY A 554 -24.43 23.22 -10.22
CA GLY A 554 -23.49 22.89 -9.16
C GLY A 554 -22.05 23.04 -9.60
N ILE A 555 -21.75 22.70 -10.86
CA ILE A 555 -20.38 22.86 -11.34
C ILE A 555 -20.07 24.34 -11.55
N ASN A 556 -21.08 25.16 -11.87
CA ASN A 556 -20.86 26.59 -12.02
C ASN A 556 -20.66 27.26 -10.67
N PHE A 557 -21.40 26.79 -9.65
CA PHE A 557 -21.17 27.30 -8.30
C PHE A 557 -19.79 26.92 -7.79
N ILE A 558 -19.32 25.72 -8.13
CA ILE A 558 -17.99 25.29 -7.68
C ILE A 558 -16.90 26.13 -8.33
N ILE A 559 -17.03 26.39 -9.64
CA ILE A 559 -16.03 27.20 -10.35
C ILE A 559 -16.03 28.64 -9.86
N LYS A 560 -17.22 29.24 -9.74
CA LYS A 560 -17.33 30.63 -9.33
C LYS A 560 -16.93 30.82 -7.87
N SER A 561 -17.25 29.84 -7.01
CA SER A 561 -16.87 29.89 -5.61
C SER A 561 -15.36 29.78 -5.44
N SER A 562 -14.72 28.89 -6.19
CA SER A 562 -13.26 28.75 -6.10
C SER A 562 -12.57 30.02 -6.58
N TYR A 563 -13.09 30.66 -7.64
CA TYR A 563 -12.55 31.93 -8.10
C TYR A 563 -12.68 33.02 -7.04
N VAL A 564 -13.84 33.12 -6.40
CA VAL A 564 -14.05 34.20 -5.42
C VAL A 564 -13.26 33.94 -4.14
N PHE A 565 -13.09 32.68 -3.73
CA PHE A 565 -12.30 32.38 -2.54
C PHE A 565 -10.82 32.65 -2.79
N LYS A 566 -10.33 32.33 -3.99
CA LYS A 566 -8.94 32.64 -4.30
C LYS A 566 -8.71 34.13 -4.47
N ARG A 567 -9.72 34.88 -4.91
CA ARG A 567 -9.58 36.34 -4.93
C ARG A 567 -9.59 36.93 -3.53
N TYR A 568 -10.35 36.32 -2.61
CA TYR A 568 -10.27 36.73 -1.21
C TYR A 568 -8.89 36.46 -0.64
N LEU A 569 -8.29 35.33 -0.99
CA LEU A 569 -6.93 35.04 -0.54
C LEU A 569 -5.91 35.96 -1.19
N SER A 570 -6.16 36.43 -2.41
CA SER A 570 -5.24 37.36 -3.05
C SER A 570 -5.33 38.74 -2.42
N ILE A 571 -6.53 39.19 -2.05
CA ILE A 571 -6.67 40.51 -1.45
C ILE A 571 -6.20 40.51 0.00
N TYR A 572 -6.68 39.57 0.80
CA TYR A 572 -6.49 39.63 2.24
C TYR A 572 -5.39 38.73 2.77
N GLY A 573 -5.14 37.59 2.12
CA GLY A 573 -4.08 36.70 2.53
C GLY A 573 -4.48 35.84 3.71
N PHE A 574 -3.73 34.75 3.88
CA PHE A 574 -3.87 33.89 5.05
C PHE A 574 -2.52 33.28 5.37
N GLY A 575 -2.07 33.45 6.59
CA GLY A 575 -0.85 32.81 7.05
C GLY A 575 -0.93 32.55 8.53
N VAL A 576 -0.37 31.42 8.94
CA VAL A 576 -0.26 31.07 10.36
C VAL A 576 1.20 31.18 10.75
N THR A 577 1.48 31.99 11.76
CA THR A 577 2.83 32.20 12.26
C THR A 577 3.05 31.38 13.53
N PHE A 578 4.28 31.43 14.06
CA PHE A 578 4.57 30.77 15.32
C PHE A 578 3.96 31.51 16.50
N LYS A 579 3.72 32.80 16.36
CA LYS A 579 3.15 33.60 17.45
C LYS A 579 1.70 33.26 17.72
N ASP A 580 0.98 32.71 16.73
CA ASP A 580 -0.39 32.28 16.97
C ASP A 580 -0.43 31.01 17.83
N LEU A 581 0.55 30.13 17.65
CA LEU A 581 0.59 28.88 18.40
C LEU A 581 1.11 29.10 19.81
N ARG A 582 2.31 29.66 19.94
CA ARG A 582 2.99 29.83 21.22
C ARG A 582 3.48 31.27 21.31
N PRO A 583 2.63 32.19 21.79
CA PRO A 583 3.04 33.60 21.86
C PRO A 583 4.01 33.88 23.00
N ASN A 584 3.90 33.10 24.07
CA ASN A 584 4.78 33.20 25.22
C ASN A 584 4.85 31.83 25.88
N SER A 585 5.46 31.77 27.05
CA SER A 585 5.69 30.51 27.74
C SER A 585 4.69 30.23 28.86
N THR A 586 3.66 31.08 29.01
CA THR A 586 2.81 31.05 30.19
C THR A 586 1.95 29.79 30.24
N PHE A 587 1.20 29.53 29.17
CA PHE A 587 0.27 28.40 29.17
C PHE A 587 0.99 27.06 29.14
N THR A 588 2.07 26.97 28.36
CA THR A 588 2.82 25.72 28.29
C THR A 588 3.56 25.44 29.59
N ASN A 589 4.05 26.48 30.26
CA ASN A 589 4.66 26.29 31.58
C ASN A 589 3.63 25.85 32.60
N LYS A 590 2.41 26.40 32.51
CA LYS A 590 1.34 26.01 33.42
C LYS A 590 0.94 24.55 33.22
N LEU A 591 0.80 24.13 31.96
CA LEU A 591 0.45 22.72 31.70
C LEU A 591 1.59 21.77 32.02
N GLU A 592 2.85 22.21 31.88
CA GLU A 592 3.98 21.39 32.30
C GLU A 592 3.97 21.17 33.80
N ALA A 593 3.70 22.23 34.58
CA ALA A 593 3.63 22.09 36.03
C ALA A 593 2.45 21.22 36.45
N ILE A 594 1.32 21.34 35.74
CA ILE A 594 0.14 20.52 36.02
C ILE A 594 0.43 19.05 35.77
N ASN A 595 1.12 18.75 34.66
CA ASN A 595 1.42 17.36 34.33
C ASN A 595 2.44 16.75 35.29
N VAL A 596 3.49 17.50 35.65
CA VAL A 596 4.47 16.96 36.59
C VAL A 596 3.98 16.95 38.02
N GLU A 597 2.87 17.63 38.33
CA GLU A 597 2.24 17.42 39.62
C GLU A 597 1.36 16.17 39.61
N LYS A 598 0.52 16.03 38.57
CA LYS A 598 -0.46 14.96 38.55
C LYS A 598 0.17 13.59 38.31
N ILE A 599 1.24 13.51 37.53
CA ILE A 599 1.83 12.19 37.30
C ILE A 599 2.59 11.71 38.53
N GLU A 600 3.11 12.64 39.35
CA GLU A 600 3.71 12.20 40.61
C GLU A 600 2.64 11.84 41.63
N LEU A 601 1.47 12.47 41.56
CA LEU A 601 0.34 12.02 42.39
C LEU A 601 -0.08 10.61 42.00
N ILE A 602 -0.12 10.32 40.70
CA ILE A 602 -0.46 8.97 40.21
C ILE A 602 0.58 7.96 40.67
N LYS A 603 1.87 8.32 40.59
CA LYS A 603 2.94 7.41 41.00
C LYS A 603 2.92 7.15 42.49
N GLU A 604 2.60 8.17 43.30
CA GLU A 604 2.55 7.95 44.74
C GLU A 604 1.33 7.14 45.15
N ALA A 605 0.19 7.32 44.47
CA ALA A 605 -0.98 6.49 44.76
C ALA A 605 -0.74 5.03 44.38
N TYR A 606 -0.09 4.81 43.23
CA TYR A 606 0.21 3.45 42.81
C TYR A 606 1.25 2.80 43.70
N ALA A 607 2.22 3.58 44.18
CA ALA A 607 3.22 3.04 45.11
C ALA A 607 2.61 2.73 46.47
N LYS A 608 1.63 3.53 46.91
CA LYS A 608 0.93 3.24 48.16
C LYS A 608 0.14 1.93 48.05
N TYR A 609 -0.53 1.72 46.90
CA TYR A 609 -1.21 0.44 46.67
C TYR A 609 -0.23 -0.72 46.64
N LEU A 610 0.92 -0.55 45.97
CA LEU A 610 1.90 -1.62 45.86
C LEU A 610 2.51 -1.96 47.22
N ASN A 611 2.76 -0.96 48.05
CA ASN A 611 3.32 -1.24 49.38
C ASN A 611 2.28 -1.84 50.31
N ASP A 612 1.00 -1.48 50.15
CA ASP A 612 -0.04 -2.13 50.94
C ASP A 612 -0.23 -3.58 50.54
N VAL A 613 0.01 -3.91 49.26
CA VAL A 613 0.03 -5.31 48.85
C VAL A 613 1.26 -6.01 49.39
N ARG A 614 2.42 -5.35 49.32
CA ARG A 614 3.71 -5.97 49.64
C ARG A 614 3.83 -6.28 51.14
N ASP A 615 3.39 -5.37 52.00
CA ASP A 615 3.42 -5.69 53.42
C ASP A 615 2.25 -6.61 53.80
N GLY A 616 1.22 -6.68 52.98
CA GLY A 616 0.17 -7.65 53.14
C GLY A 616 -1.15 -7.15 53.70
N LYS A 617 -1.39 -5.84 53.71
CA LYS A 617 -2.60 -5.30 54.29
C LYS A 617 -3.82 -5.51 53.40
N ILE A 618 -3.63 -5.67 52.10
CA ILE A 618 -4.70 -6.00 51.17
C ILE A 618 -4.25 -7.13 50.28
N VAL A 619 -5.21 -7.81 49.67
CA VAL A 619 -4.93 -8.86 48.71
C VAL A 619 -4.68 -8.21 47.35
N PRO A 620 -3.78 -8.74 46.52
CA PRO A 620 -3.48 -8.07 45.26
C PRO A 620 -4.60 -8.25 44.24
N LEU A 621 -4.62 -7.32 43.28
CA LEU A 621 -5.53 -7.40 42.15
C LEU A 621 -4.95 -8.31 41.07
N SER A 622 -5.79 -8.64 40.10
CA SER A 622 -5.28 -9.26 38.89
C SER A 622 -4.49 -8.23 38.08
N LYS A 623 -3.62 -8.72 37.20
CA LYS A 623 -2.81 -7.81 36.40
C LYS A 623 -3.64 -7.06 35.37
N ALA A 624 -4.72 -7.67 34.90
CA ALA A 624 -5.64 -6.97 33.99
C ALA A 624 -6.36 -5.82 34.68
N LEU A 625 -6.83 -6.06 35.91
CA LEU A 625 -7.53 -5.01 36.64
C LEU A 625 -6.58 -3.91 37.10
N GLU A 626 -5.36 -4.28 37.47
CA GLU A 626 -4.34 -3.30 37.85
C GLU A 626 -3.97 -2.42 36.65
N ALA A 627 -3.82 -3.05 35.47
CA ALA A 627 -3.56 -2.30 34.26
C ALA A 627 -4.74 -1.42 33.89
N ASP A 628 -5.98 -1.87 34.17
CA ASP A 628 -7.15 -1.05 33.91
C ASP A 628 -7.24 0.15 34.83
N TYR A 629 -6.84 -0.02 36.10
CA TYR A 629 -6.85 1.10 37.04
C TYR A 629 -5.82 2.16 36.67
N VAL A 630 -4.61 1.72 36.34
CA VAL A 630 -3.58 2.68 35.90
C VAL A 630 -3.97 3.32 34.57
N GLU A 631 -4.61 2.55 33.68
CA GLU A 631 -5.13 3.06 32.42
C GLU A 631 -6.17 4.15 32.64
N SER A 632 -7.04 3.98 33.64
CA SER A 632 -8.06 4.98 33.93
C SER A 632 -7.44 6.26 34.49
N MET A 633 -6.42 6.12 35.35
CA MET A 633 -5.77 7.32 35.90
C MET A 633 -5.03 8.10 34.82
N LEU A 634 -4.33 7.42 33.93
CA LEU A 634 -3.62 8.12 32.86
C LEU A 634 -4.59 8.70 31.83
N SER A 635 -5.73 8.04 31.60
CA SER A 635 -6.75 8.61 30.73
C SER A 635 -7.39 9.84 31.34
N ASN A 636 -7.52 9.87 32.67
CA ASN A 636 -8.01 11.07 33.34
C ASN A 636 -7.04 12.23 33.19
N LEU A 637 -5.73 11.94 33.27
CA LEU A 637 -4.73 12.98 33.05
C LEU A 637 -4.76 13.50 31.61
N THR A 638 -4.98 12.60 30.64
CA THR A 638 -5.10 12.99 29.24
C THR A 638 -6.34 13.86 29.00
N ASN A 639 -7.46 13.51 29.63
CA ASN A 639 -8.68 14.33 29.50
C ASN A 639 -8.55 15.68 30.20
N LEU A 640 -7.78 15.73 31.29
CA LEU A 640 -7.49 17.01 31.94
C LEU A 640 -6.67 17.91 31.03
N ASN A 641 -5.70 17.33 30.31
CA ASN A 641 -4.94 18.09 29.32
C ASN A 641 -5.84 18.58 28.19
N ILE A 642 -6.78 17.75 27.76
CA ILE A 642 -7.72 18.14 26.69
C ILE A 642 -8.58 19.31 27.12
N ARG A 643 -9.10 19.27 28.36
CA ARG A 643 -9.93 20.36 28.86
C ARG A 643 -9.14 21.64 29.05
N GLU A 644 -7.87 21.53 29.45
CA GLU A 644 -7.02 22.72 29.55
C GLU A 644 -6.76 23.33 28.18
N ILE A 645 -6.55 22.49 27.16
CA ILE A 645 -6.34 22.99 25.81
C ILE A 645 -7.59 23.67 25.27
N GLU A 646 -8.76 23.12 25.57
CA GLU A 646 -10.02 23.71 25.11
C GLU A 646 -10.28 25.05 25.79
N GLU A 647 -9.99 25.16 27.10
CA GLU A 647 -10.14 26.43 27.78
C GLU A 647 -9.14 27.47 27.27
N HIS A 648 -7.93 27.04 26.91
CA HIS A 648 -6.96 27.96 26.32
C HIS A 648 -7.40 28.44 24.95
N MET A 649 -8.02 27.57 24.16
CA MET A 649 -8.52 27.97 22.85
C MET A 649 -9.65 28.98 22.99
N ARG A 650 -10.55 28.76 23.96
CA ARG A 650 -11.64 29.70 24.23
C ARG A 650 -11.10 31.06 24.68
N GLN A 651 -10.15 31.05 25.63
CA GLN A 651 -9.60 32.29 26.15
C GLN A 651 -8.77 33.03 25.10
N THR A 652 -8.09 32.30 24.21
CA THR A 652 -7.32 32.96 23.16
C THR A 652 -8.25 33.57 22.12
N LEU A 653 -9.34 32.90 21.76
CA LEU A 653 -10.22 33.50 20.77
C LEU A 653 -11.10 34.61 21.35
N ILE A 654 -11.27 34.69 22.68
CA ILE A 654 -11.90 35.89 23.24
C ILE A 654 -10.89 36.98 23.58
N ASP A 655 -9.60 36.67 23.64
CA ASP A 655 -8.58 37.71 23.79
C ASP A 655 -8.09 38.20 22.43
N ASP A 656 -7.59 37.28 21.59
CA ASP A 656 -7.16 37.57 20.23
C ASP A 656 -8.15 36.93 19.28
N PRO A 657 -9.19 37.64 18.84
CA PRO A 657 -10.21 37.03 17.98
C PRO A 657 -9.78 36.86 16.52
N ASP A 658 -8.59 37.32 16.15
CA ASP A 658 -8.07 37.17 14.80
C ASP A 658 -6.89 36.20 14.73
N ASN A 659 -6.90 35.19 15.59
CA ASN A 659 -5.87 34.17 15.56
C ASN A 659 -6.10 33.24 14.38
N ASN A 660 -5.08 33.09 13.52
CA ASN A 660 -5.24 32.33 12.30
C ASN A 660 -5.29 30.82 12.54
N LEU A 661 -4.59 30.35 13.57
CA LEU A 661 -4.65 28.93 13.92
C LEU A 661 -6.04 28.55 14.41
N LEU A 662 -6.60 29.36 15.30
CA LEU A 662 -7.98 29.13 15.73
C LEU A 662 -8.98 29.45 14.63
N LYS A 663 -8.60 30.29 13.66
CA LYS A 663 -9.46 30.51 12.50
C LYS A 663 -9.59 29.26 11.65
N MET A 664 -8.47 28.59 11.36
CA MET A 664 -8.56 27.34 10.63
C MET A 664 -9.03 26.17 11.50
N ALA A 665 -9.04 26.33 12.83
CA ALA A 665 -9.72 25.37 13.67
C ALA A 665 -11.23 25.53 13.62
N LYS A 666 -11.72 26.78 13.62
CA LYS A 666 -13.16 27.03 13.55
C LYS A 666 -13.71 26.81 12.16
N ALA A 667 -12.89 26.98 11.12
CA ALA A 667 -13.35 26.73 9.76
C ALA A 667 -13.52 25.25 9.47
N GLY A 668 -12.90 24.38 10.27
CA GLY A 668 -13.04 22.96 10.12
C GLY A 668 -11.96 22.28 9.32
N TYR A 669 -10.72 22.74 9.39
CA TYR A 669 -9.62 22.15 8.63
C TYR A 669 -8.51 21.74 9.58
N LYS A 670 -8.48 20.45 9.94
CA LYS A 670 -7.32 19.73 10.44
C LYS A 670 -6.76 20.16 11.79
N VAL A 671 -7.34 21.18 12.42
CA VAL A 671 -6.93 21.62 13.75
C VAL A 671 -8.07 21.36 14.71
N ASN A 672 -7.80 20.60 15.76
CA ASN A 672 -8.77 20.22 16.78
C ASN A 672 -8.06 20.33 18.12
N PRO A 673 -8.75 20.19 19.27
CA PRO A 673 -8.02 20.22 20.55
C PRO A 673 -7.05 19.07 20.77
N THR A 674 -7.18 17.95 20.06
CA THR A 674 -6.25 16.84 20.28
C THR A 674 -4.89 17.12 19.66
N GLU A 675 -4.86 17.71 18.46
CA GLU A 675 -3.60 18.08 17.83
C GLU A 675 -2.91 19.21 18.60
N LEU A 676 -3.69 20.16 19.10
CA LEU A 676 -3.12 21.20 19.94
C LEU A 676 -2.68 20.66 21.31
N MET A 677 -3.28 19.56 21.78
CA MET A 677 -2.75 18.91 22.96
C MET A 677 -1.43 18.22 22.67
N TYR A 678 -1.30 17.65 21.46
CA TYR A 678 -0.03 17.03 21.08
C TYR A 678 1.08 18.06 20.95
N ILE A 679 0.74 19.26 20.50
CA ILE A 679 1.76 20.31 20.36
C ILE A 679 2.05 20.96 21.72
N LEU A 680 1.02 21.40 22.43
CA LEU A 680 1.21 22.26 23.60
C LEU A 680 1.02 21.57 24.93
N GLY A 681 0.35 20.42 24.97
CA GLY A 681 0.03 19.77 26.22
C GLY A 681 0.82 18.52 26.50
N THR A 682 0.23 17.36 26.20
CA THR A 682 0.88 16.08 26.41
C THR A 682 0.70 15.22 25.17
N TYR A 683 1.52 14.18 25.06
CA TYR A 683 1.47 13.28 23.93
C TYR A 683 0.67 12.01 24.21
N GLY A 684 0.37 11.73 25.47
CA GLY A 684 -0.51 10.64 25.81
C GLY A 684 0.18 9.32 25.99
N GLN A 685 -0.65 8.27 26.05
CA GLN A 685 -0.18 6.90 26.20
C GLN A 685 -0.06 6.27 24.81
N GLN A 686 1.11 5.69 24.53
CA GLN A 686 1.41 5.10 23.24
C GLN A 686 0.98 3.64 23.25
N ARG A 687 0.05 3.29 22.37
CA ARG A 687 -0.54 1.96 22.33
C ARG A 687 0.04 1.16 21.19
N ILE A 688 0.41 -0.09 21.46
CA ILE A 688 0.79 -1.06 20.45
C ILE A 688 -0.09 -2.28 20.65
N ASP A 689 -0.84 -2.66 19.61
CA ASP A 689 -1.83 -3.74 19.61
C ASP A 689 -2.91 -3.52 20.67
N GLY A 690 -3.27 -2.25 20.92
CA GLY A 690 -4.31 -1.91 21.87
C GLY A 690 -3.83 -1.73 23.30
N GLU A 691 -2.68 -2.27 23.64
CA GLU A 691 -2.12 -2.22 24.99
C GLU A 691 -0.85 -1.39 24.96
N PRO A 692 -0.21 -1.09 26.09
CA PRO A 692 1.16 -0.55 26.05
C PRO A 692 2.15 -1.56 25.50
N ALA A 693 3.40 -1.10 25.36
CA ALA A 693 4.48 -1.96 24.88
C ALA A 693 4.76 -3.05 25.89
N GLU A 694 4.94 -4.27 25.38
CA GLU A 694 5.09 -5.43 26.24
C GLU A 694 6.48 -5.46 26.88
N THR A 695 6.56 -6.10 28.04
CA THR A 695 7.82 -6.18 28.75
C THR A 695 8.68 -7.31 28.21
N ARG A 696 9.94 -6.99 27.93
CA ARG A 696 10.96 -7.91 27.47
C ARG A 696 11.71 -8.50 28.65
N VAL A 697 12.96 -8.89 28.39
CA VAL A 697 13.99 -9.28 29.35
C VAL A 697 13.99 -8.38 30.58
N LEU A 698 14.03 -9.02 31.78
CA LEU A 698 14.09 -8.40 33.10
C LEU A 698 12.83 -7.62 33.45
N GLY A 699 11.70 -7.97 32.85
CA GLY A 699 10.43 -7.34 33.21
C GLY A 699 10.30 -5.89 32.84
N ARG A 700 11.08 -5.42 31.87
CA ARG A 700 11.05 -4.03 31.47
C ARG A 700 11.13 -3.96 29.94
N VAL A 701 11.02 -2.75 29.41
CA VAL A 701 11.18 -2.51 27.98
C VAL A 701 12.57 -2.01 27.66
N LEU A 702 12.99 -0.93 28.31
CA LEU A 702 14.29 -0.31 28.12
C LEU A 702 15.12 -0.46 29.38
N PRO A 703 16.46 -0.43 29.27
CA PRO A 703 17.29 -0.46 30.48
C PRO A 703 17.37 0.87 31.23
N TYR A 704 16.56 1.84 30.85
CA TYR A 704 16.45 3.10 31.58
C TYR A 704 15.58 2.99 32.80
N TYR A 705 15.00 1.83 33.05
CA TYR A 705 14.10 1.60 34.15
C TYR A 705 14.58 0.37 34.90
N LEU A 706 14.19 0.25 36.16
CA LEU A 706 14.64 -0.84 37.00
C LEU A 706 13.99 -2.15 36.55
N PRO A 707 14.54 -3.30 36.93
CA PRO A 707 13.88 -4.56 36.60
C PRO A 707 12.54 -4.68 37.32
N ASP A 708 11.52 -5.08 36.55
CA ASP A 708 10.11 -5.11 36.96
C ASP A 708 9.64 -3.74 37.47
N SER A 709 9.89 -2.73 36.66
CA SER A 709 9.54 -1.36 37.02
C SER A 709 8.04 -1.13 36.84
N LYS A 710 7.41 -0.57 37.87
CA LYS A 710 6.00 -0.24 37.83
C LYS A 710 5.74 1.17 37.33
N ASP A 711 6.75 1.81 36.75
CA ASP A 711 6.63 3.16 36.23
C ASP A 711 5.75 3.15 34.98
N PRO A 712 4.62 3.87 34.96
CA PRO A 712 3.79 3.91 33.75
C PRO A 712 4.41 4.72 32.63
N GLU A 713 5.33 5.63 32.94
CA GLU A 713 6.05 6.37 31.93
C GLU A 713 7.04 5.49 31.19
N GLY A 714 7.54 4.45 31.84
CA GLY A 714 8.40 3.47 31.19
C GLY A 714 7.68 2.41 30.40
N ARG A 715 6.35 2.36 30.48
CA ARG A 715 5.56 1.47 29.65
C ARG A 715 4.99 2.18 28.43
N GLY A 716 5.20 3.49 28.30
CA GLY A 716 4.83 4.17 27.08
C GLY A 716 4.00 5.42 27.23
N TYR A 717 3.83 5.93 28.45
CA TYR A 717 3.10 7.17 28.66
C TYR A 717 4.07 8.33 28.52
N ILE A 718 3.78 9.25 27.60
CA ILE A 718 4.65 10.38 27.33
C ILE A 718 4.08 11.61 28.00
N LEU A 719 4.89 12.25 28.83
CA LEU A 719 4.50 13.45 29.55
C LEU A 719 4.78 14.72 28.76
N ASN A 720 5.82 14.73 27.93
CA ASN A 720 6.20 15.91 27.18
C ASN A 720 5.28 16.12 25.97
N SER A 721 5.51 17.24 25.29
CA SER A 721 4.80 17.57 24.07
C SER A 721 5.82 17.94 23.00
N LEU A 722 5.32 18.33 21.82
CA LEU A 722 6.21 18.67 20.72
C LEU A 722 6.87 20.02 20.92
N THR A 723 6.24 20.91 21.68
CA THR A 723 6.86 22.19 22.00
C THR A 723 8.03 22.01 22.96
N LYS A 724 7.85 21.20 24.00
CA LYS A 724 8.94 20.92 24.92
C LYS A 724 9.97 20.02 24.27
N GLY A 725 9.54 19.06 23.46
CA GLY A 725 10.44 18.12 22.84
C GLY A 725 10.48 16.82 23.60
N LEU A 726 10.29 15.72 22.89
CA LEU A 726 10.28 14.41 23.54
C LEU A 726 11.68 14.01 23.97
N THR A 727 11.77 13.31 25.09
CA THR A 727 13.05 12.79 25.56
C THR A 727 13.35 11.48 24.84
N GLY A 728 14.37 10.75 25.29
CA GLY A 728 14.82 9.59 24.55
C GLY A 728 13.86 8.42 24.61
N SER A 729 13.36 8.10 25.81
CA SER A 729 12.41 7.01 25.96
C SER A 729 11.08 7.35 25.31
N GLN A 730 10.64 8.60 25.45
CA GLN A 730 9.42 9.06 24.81
C GLN A 730 9.55 9.02 23.29
N TYR A 731 10.73 9.37 22.77
CA TYR A 731 10.95 9.24 21.34
C TYR A 731 10.99 7.79 20.90
N TYR A 732 11.47 6.88 21.77
CA TYR A 732 11.39 5.45 21.45
C TYR A 732 9.96 4.99 21.28
N PHE A 733 9.07 5.38 22.21
CA PHE A 733 7.70 4.89 22.14
C PHE A 733 6.92 5.54 21.01
N SER A 734 7.21 6.81 20.71
CA SER A 734 6.61 7.47 19.55
C SER A 734 7.07 6.83 18.24
N MET A 735 8.38 6.54 18.13
CA MET A 735 8.88 5.88 16.93
C MET A 735 8.40 4.44 16.82
N LEU A 736 8.13 3.79 17.96
CA LEU A 736 7.55 2.45 17.95
C LEU A 736 6.15 2.48 17.34
N VAL A 737 5.34 3.45 17.75
CA VAL A 737 4.00 3.59 17.18
C VAL A 737 4.06 3.95 15.69
N ALA A 738 4.99 4.84 15.31
CA ALA A 738 5.08 5.29 13.92
C ALA A 738 5.55 4.17 12.99
N ARG A 739 6.59 3.44 13.39
CA ARG A 739 7.10 2.34 12.56
C ARG A 739 6.14 1.17 12.55
N SER A 740 5.38 0.96 13.63
CA SER A 740 4.34 -0.06 13.63
C SER A 740 3.24 0.28 12.65
N GLN A 741 2.84 1.56 12.58
CA GLN A 741 1.83 1.98 11.62
C GLN A 741 2.32 1.84 10.19
N SER A 742 3.60 2.17 9.94
CA SER A 742 4.16 2.01 8.60
C SER A 742 4.22 0.55 8.17
N THR A 743 4.67 -0.32 9.06
CA THR A 743 4.71 -1.76 8.78
C THR A 743 3.31 -2.32 8.55
N ASP A 744 2.32 -1.84 9.32
CA ASP A 744 0.97 -2.35 9.19
C ASP A 744 0.32 -1.91 7.87
N ILE A 745 0.55 -0.67 7.45
CA ILE A 745 -0.06 -0.25 6.19
C ILE A 745 0.64 -0.91 5.00
N VAL A 746 1.96 -1.15 5.08
CA VAL A 746 2.66 -1.86 4.02
C VAL A 746 2.18 -3.31 3.95
N CYS A 747 1.94 -3.94 5.10
CA CYS A 747 1.47 -5.32 5.10
C CYS A 747 0.01 -5.44 4.69
N GLU A 748 -0.78 -4.38 4.85
CA GLU A 748 -2.20 -4.46 4.54
C GLU A 748 -2.57 -4.00 3.15
N THR A 749 -1.66 -3.27 2.45
CA THR A 749 -1.97 -2.72 1.13
C THR A 749 -2.27 -3.83 0.10
N SER A 750 -1.42 -4.86 0.06
CA SER A 750 -1.58 -5.94 -0.91
C SER A 750 -2.81 -6.79 -0.62
N ARG A 751 -3.12 -6.99 0.66
CA ARG A 751 -4.32 -7.75 1.03
C ARG A 751 -5.58 -7.00 0.65
N THR A 752 -5.60 -5.68 0.84
CA THR A 752 -6.74 -4.88 0.41
C THR A 752 -6.88 -4.89 -1.10
N GLY A 753 -5.76 -4.89 -1.83
CA GLY A 753 -5.82 -4.97 -3.28
C GLY A 753 -6.35 -6.29 -3.79
N THR A 754 -5.95 -7.40 -3.15
CA THR A 754 -6.43 -8.71 -3.54
C THR A 754 -7.93 -8.85 -3.28
N LEU A 755 -8.40 -8.42 -2.11
CA LEU A 755 -9.84 -8.49 -1.82
C LEU A 755 -10.64 -7.56 -2.72
N ALA A 756 -10.09 -6.39 -3.04
CA ALA A 756 -10.75 -5.44 -3.93
C ALA A 756 -10.92 -6.03 -5.33
N ARG A 757 -9.89 -6.72 -5.83
CA ARG A 757 -10.01 -7.34 -7.15
C ARG A 757 -11.00 -8.50 -7.15
N LYS A 758 -11.01 -9.29 -6.06
CA LYS A 758 -11.97 -10.40 -5.98
C LYS A 758 -13.41 -9.90 -5.95
N ILE A 759 -13.68 -8.86 -5.16
CA ILE A 759 -15.05 -8.33 -5.05
C ILE A 759 -15.47 -7.65 -6.35
N ILE A 760 -14.53 -6.96 -7.02
CA ILE A 760 -14.84 -6.28 -8.27
C ILE A 760 -15.17 -7.30 -9.37
N LYS A 761 -14.39 -8.38 -9.45
CA LYS A 761 -14.67 -9.41 -10.46
C LYS A 761 -15.95 -10.18 -10.14
N LYS A 762 -16.30 -10.34 -8.86
CA LYS A 762 -17.55 -11.01 -8.54
C LYS A 762 -18.76 -10.13 -8.86
N MET A 763 -18.69 -8.85 -8.52
CA MET A 763 -19.84 -7.97 -8.60
C MET A 763 -19.97 -7.23 -9.92
N GLU A 764 -18.99 -7.32 -10.82
CA GLU A 764 -18.97 -6.45 -12.00
C GLU A 764 -20.04 -6.79 -13.03
N ASP A 765 -20.60 -7.99 -13.01
CA ASP A 765 -21.61 -8.38 -13.98
C ASP A 765 -23.02 -8.11 -13.51
N MET A 766 -23.17 -7.49 -12.36
CA MET A 766 -24.48 -7.15 -11.80
C MET A 766 -24.85 -5.75 -12.26
N VAL A 767 -25.94 -5.64 -13.02
CA VAL A 767 -26.37 -4.38 -13.62
C VAL A 767 -27.84 -4.15 -13.34
N VAL A 768 -28.30 -2.95 -13.66
CA VAL A 768 -29.71 -2.60 -13.64
C VAL A 768 -30.29 -2.90 -15.01
N ASP A 769 -31.37 -3.67 -15.06
CA ASP A 769 -31.92 -4.07 -16.35
C ASP A 769 -32.93 -3.03 -16.82
N GLY A 770 -33.63 -3.33 -17.90
CA GLY A 770 -34.53 -2.37 -18.52
C GLY A 770 -35.79 -2.07 -17.74
N TYR A 771 -36.07 -2.84 -16.68
CA TYR A 771 -37.26 -2.66 -15.87
C TYR A 771 -36.95 -2.13 -14.48
N GLY A 772 -35.75 -1.62 -14.25
CA GLY A 772 -35.40 -1.05 -12.97
C GLY A 772 -34.97 -2.02 -11.92
N GLN A 773 -34.88 -3.30 -12.26
CA GLN A 773 -34.49 -4.35 -11.34
C GLN A 773 -32.99 -4.57 -11.42
N VAL A 774 -32.42 -5.06 -10.33
CA VAL A 774 -30.98 -5.37 -10.28
C VAL A 774 -30.84 -6.87 -10.52
N VAL A 775 -30.15 -7.23 -11.60
CA VAL A 775 -29.98 -8.62 -12.01
C VAL A 775 -28.49 -8.89 -12.25
N ILE A 776 -28.14 -10.18 -12.24
CA ILE A 776 -26.85 -10.65 -12.74
C ILE A 776 -27.08 -11.97 -13.47
N GLY A 777 -26.67 -12.04 -14.73
CA GLY A 777 -26.97 -13.19 -15.55
C GLY A 777 -28.44 -13.26 -15.88
N ASN A 778 -29.14 -14.23 -15.31
CA ASN A 778 -30.58 -14.34 -15.44
C ASN A 778 -31.24 -14.49 -14.07
N THR A 779 -30.59 -13.99 -13.03
CA THR A 779 -31.09 -14.07 -11.66
C THR A 779 -31.44 -12.67 -11.19
N LEU A 780 -32.65 -12.51 -10.68
CA LEU A 780 -33.08 -11.24 -10.12
C LEU A 780 -32.54 -11.09 -8.71
N ILE A 781 -31.67 -10.10 -8.51
CA ILE A 781 -31.12 -9.81 -7.18
C ILE A 781 -32.04 -8.88 -6.40
N LYS A 782 -32.46 -7.79 -7.01
CA LYS A 782 -33.34 -6.82 -6.38
C LYS A 782 -34.49 -6.49 -7.32
N TYR A 783 -35.67 -6.29 -6.74
CA TYR A 783 -36.84 -5.89 -7.51
C TYR A 783 -36.77 -4.43 -7.93
N ALA A 784 -36.13 -3.59 -7.15
CA ALA A 784 -35.98 -2.18 -7.48
C ALA A 784 -34.58 -1.74 -7.14
N ALA A 785 -33.91 -1.11 -8.11
CA ALA A 785 -32.57 -0.59 -7.89
C ALA A 785 -32.62 0.58 -6.93
N ASN A 786 -31.74 0.56 -5.91
CA ASN A 786 -31.59 1.56 -4.86
C ASN A 786 -32.85 1.76 -4.04
N TYR A 787 -33.74 0.76 -4.02
CA TYR A 787 -35.05 0.73 -3.38
C TYR A 787 -36.02 1.79 -3.90
N THR A 788 -35.66 2.52 -4.96
CA THR A 788 -36.43 3.65 -5.45
C THR A 788 -36.63 3.66 -6.95
N LYS A 789 -35.83 2.89 -7.71
CA LYS A 789 -35.72 2.96 -9.18
C LYS A 789 -35.35 4.36 -9.66
N ILE A 790 -34.58 5.07 -8.84
CA ILE A 790 -34.01 6.38 -9.14
C ILE A 790 -32.52 6.23 -8.85
N LEU A 791 -31.68 7.03 -9.51
CA LEU A 791 -30.24 7.00 -9.27
C LEU A 791 -29.90 7.33 -7.82
N GLY A 792 -28.84 6.69 -7.32
CA GLY A 792 -28.41 6.90 -5.95
C GLY A 792 -27.82 8.28 -5.69
N SER A 793 -27.33 8.95 -6.73
CA SER A 793 -26.90 10.33 -6.59
C SER A 793 -28.07 11.29 -6.47
N VAL A 794 -29.25 10.89 -6.94
CA VAL A 794 -30.44 11.70 -6.79
C VAL A 794 -31.11 11.46 -5.45
N CYS A 795 -30.99 10.24 -4.92
CA CYS A 795 -31.68 9.87 -3.68
C CYS A 795 -31.07 10.59 -2.49
N LYS A 796 -31.92 11.00 -1.56
CA LYS A 796 -31.50 11.87 -0.47
C LYS A 796 -31.79 11.24 0.88
N PRO A 797 -30.80 10.97 1.71
CA PRO A 797 -31.10 10.55 3.09
C PRO A 797 -31.69 11.69 3.90
N VAL A 798 -32.98 11.59 4.19
CA VAL A 798 -33.72 12.64 4.85
C VAL A 798 -33.98 12.19 6.28
N ASP A 799 -34.39 13.14 7.13
CA ASP A 799 -34.66 12.85 8.53
C ASP A 799 -35.90 11.98 8.68
N LEU A 800 -35.78 10.93 9.48
CA LEU A 800 -36.91 10.07 9.83
C LEU A 800 -37.64 10.70 11.01
N ILE A 801 -38.92 11.01 10.80
CA ILE A 801 -39.73 11.68 11.81
C ILE A 801 -40.67 10.64 12.40
N TYR A 802 -40.48 10.35 13.70
CA TYR A 802 -41.29 9.37 14.39
C TYR A 802 -42.71 9.91 14.60
N PRO A 803 -43.72 9.05 14.67
CA PRO A 803 -45.11 9.53 14.75
C PRO A 803 -45.40 10.20 16.08
N ASP A 804 -45.94 11.42 15.98
CA ASP A 804 -46.41 12.19 17.12
C ASP A 804 -47.89 12.44 16.96
N GLU A 805 -48.62 12.49 18.07
CA GLU A 805 -50.07 12.66 18.00
C GLU A 805 -50.50 14.10 17.80
N SER A 806 -49.57 15.04 17.69
CA SER A 806 -49.87 16.39 17.24
C SER A 806 -49.88 16.51 15.72
N MET A 807 -49.52 15.46 15.01
CA MET A 807 -49.46 15.49 13.56
C MET A 807 -50.86 15.46 12.97
N THR A 808 -50.97 16.02 11.76
CA THR A 808 -52.17 15.83 10.97
C THR A 808 -52.10 14.44 10.34
N TRP A 809 -53.19 13.69 10.45
CA TRP A 809 -53.26 12.25 10.17
C TRP A 809 -52.19 11.48 10.93
N TYR A 810 -52.32 11.51 12.26
CA TYR A 810 -51.54 10.63 13.10
C TYR A 810 -51.95 9.17 12.91
N LEU A 811 -53.20 8.93 12.51
CA LEU A 811 -53.67 7.55 12.31
C LEU A 811 -53.03 6.91 11.09
N GLU A 812 -52.99 7.63 9.96
CA GLU A 812 -52.38 7.09 8.75
C GLU A 812 -50.86 6.97 8.89
N ILE A 813 -50.24 7.96 9.54
CA ILE A 813 -48.81 7.94 9.75
C ILE A 813 -48.43 6.81 10.71
N SER A 814 -49.23 6.59 11.74
CA SER A 814 -48.97 5.47 12.65
C SER A 814 -49.26 4.13 12.00
N ALA A 815 -50.21 4.06 11.07
CA ALA A 815 -50.46 2.82 10.35
C ALA A 815 -49.29 2.47 9.44
N LEU A 816 -48.77 3.46 8.72
CA LEU A 816 -47.59 3.24 7.89
C LEU A 816 -46.37 2.89 8.74
N TRP A 817 -46.25 3.49 9.92
CA TRP A 817 -45.14 3.18 10.81
C TRP A 817 -45.27 1.77 11.38
N ASN A 818 -46.50 1.30 11.64
CA ASN A 818 -46.67 -0.08 12.07
C ASN A 818 -46.38 -1.05 10.93
N LYS A 819 -46.58 -0.61 9.69
CA LYS A 819 -46.20 -1.44 8.55
C LYS A 819 -44.69 -1.56 8.40
N ILE A 820 -43.96 -0.45 8.51
CA ILE A 820 -42.54 -0.44 8.15
C ILE A 820 -41.62 -0.29 9.35
N LYS A 821 -42.13 -0.48 10.56
CA LYS A 821 -41.33 -0.16 11.75
C LYS A 821 -40.24 -1.18 12.03
N GLN A 822 -40.34 -2.39 11.49
CA GLN A 822 -39.22 -3.31 11.55
C GLN A 822 -38.10 -2.82 10.64
N GLY A 823 -36.87 -3.16 11.01
CA GLY A 823 -35.72 -2.64 10.29
C GLY A 823 -35.25 -1.28 10.73
N PHE A 824 -36.12 -0.48 11.33
CA PHE A 824 -35.72 0.78 11.95
C PHE A 824 -35.19 0.59 13.36
N VAL A 825 -35.37 -0.60 13.92
CA VAL A 825 -34.69 -1.02 15.15
C VAL A 825 -33.74 -2.14 14.76
N TYR A 826 -32.45 -1.91 14.89
CA TYR A 826 -31.44 -2.81 14.36
C TYR A 826 -30.29 -2.90 15.34
N SER A 827 -29.21 -3.56 14.91
CA SER A 827 -27.96 -3.71 15.65
C SER A 827 -28.17 -4.38 17.01
N GLN A 828 -28.87 -5.52 16.98
CA GLN A 828 -29.30 -6.27 18.18
C GLN A 828 -30.09 -5.39 19.14
N LYS A 829 -31.03 -4.64 18.57
CA LYS A 829 -31.93 -3.68 19.23
C LYS A 829 -31.21 -2.54 19.92
N GLN A 830 -29.93 -2.30 19.62
CA GLN A 830 -29.21 -1.22 20.27
C GLN A 830 -29.45 0.12 19.61
N LYS A 831 -29.73 0.13 18.31
CA LYS A 831 -29.83 1.37 17.56
C LYS A 831 -31.23 1.55 17.00
N LEU A 832 -31.65 2.80 16.93
CA LEU A 832 -32.88 3.21 16.29
C LEU A 832 -32.53 4.11 15.12
N ALA A 833 -33.19 3.91 13.99
CA ALA A 833 -32.85 4.63 12.78
C ALA A 833 -33.31 6.08 12.86
N LYS A 834 -32.40 7.00 12.52
CA LYS A 834 -32.70 8.42 12.53
C LYS A 834 -32.88 9.00 11.14
N LYS A 835 -32.48 8.28 10.10
CA LYS A 835 -32.58 8.75 8.73
C LYS A 835 -33.27 7.68 7.89
N THR A 836 -34.00 8.14 6.88
CA THR A 836 -34.58 7.27 5.87
C THR A 836 -34.22 7.80 4.50
N LEU A 837 -34.74 7.21 3.43
CA LEU A 837 -34.30 7.54 2.08
C LEU A 837 -35.44 8.20 1.33
N ALA A 838 -35.41 9.53 1.26
CA ALA A 838 -36.28 10.24 0.33
C ALA A 838 -35.84 9.94 -1.09
N PRO A 839 -36.79 9.80 -2.03
CA PRO A 839 -36.43 9.45 -3.41
C PRO A 839 -35.64 10.52 -4.14
N PHE A 840 -35.75 11.77 -3.71
CA PHE A 840 -34.96 12.88 -4.23
C PHE A 840 -34.98 13.98 -3.19
N ASN A 841 -34.15 14.98 -3.40
CA ASN A 841 -34.09 16.12 -2.49
C ASN A 841 -35.25 17.04 -2.81
N PHE A 842 -36.39 16.77 -2.19
CA PHE A 842 -37.57 17.60 -2.34
C PHE A 842 -37.63 18.76 -1.34
N LEU A 843 -36.69 18.82 -0.41
CA LEU A 843 -36.69 19.87 0.60
C LEU A 843 -36.29 21.22 0.04
N VAL A 844 -35.59 21.26 -1.10
CA VAL A 844 -35.23 22.53 -1.71
C VAL A 844 -36.42 23.15 -2.44
N PHE A 845 -37.45 22.38 -2.74
CA PHE A 845 -38.64 22.89 -3.42
C PHE A 845 -39.75 23.27 -2.44
N VAL A 846 -39.54 23.08 -1.14
CA VAL A 846 -40.55 23.40 -0.14
C VAL A 846 -40.39 24.85 0.29
N LYS A 847 -41.45 25.63 0.13
CA LYS A 847 -41.48 27.01 0.58
C LYS A 847 -42.58 27.19 1.62
N PRO A 848 -42.32 27.85 2.74
CA PRO A 848 -43.37 28.07 3.74
C PRO A 848 -44.37 29.12 3.28
N THR A 849 -45.60 28.97 3.75
CA THR A 849 -46.73 29.74 3.25
C THR A 849 -47.74 29.89 4.38
N THR A 850 -48.30 31.09 4.51
CA THR A 850 -49.37 31.32 5.48
C THR A 850 -50.61 30.52 5.14
N GLU A 851 -51.44 30.25 6.15
CA GLU A 851 -52.52 29.28 6.05
C GLU A 851 -53.69 29.75 5.19
N ASP A 852 -53.72 31.02 4.78
CA ASP A 852 -54.76 31.47 3.88
C ASP A 852 -54.45 31.15 2.43
N ASN A 853 -53.17 31.13 2.06
CA ASN A 853 -52.75 30.85 0.70
C ASN A 853 -52.36 29.39 0.49
N ALA A 854 -52.36 28.59 1.54
CA ALA A 854 -51.86 27.23 1.46
C ALA A 854 -52.85 26.31 0.77
N ILE A 855 -52.34 25.18 0.28
CA ILE A 855 -53.19 24.12 -0.25
C ILE A 855 -54.02 23.54 0.89
N LYS A 856 -55.22 23.08 0.58
CA LYS A 856 -56.07 22.50 1.60
C LYS A 856 -55.50 21.18 2.07
N VAL A 857 -55.87 20.82 3.30
CA VAL A 857 -55.19 19.74 4.01
C VAL A 857 -55.61 18.39 3.44
N LYS A 858 -56.93 18.21 3.23
CA LYS A 858 -57.44 16.99 2.64
C LYS A 858 -57.01 16.83 1.18
N ASP A 859 -56.91 17.95 0.45
CA ASP A 859 -56.44 17.88 -0.93
C ASP A 859 -54.96 17.52 -1.01
N LEU A 860 -54.16 17.95 -0.03
CA LEU A 860 -52.77 17.54 0.03
C LEU A 860 -52.64 16.05 0.34
N TYR A 861 -53.49 15.53 1.22
CA TYR A 861 -53.48 14.09 1.46
C TYR A 861 -53.92 13.30 0.24
N ASP A 862 -54.94 13.79 -0.47
CA ASP A 862 -55.41 13.13 -1.68
C ASP A 862 -54.33 13.13 -2.75
N MET A 863 -53.57 14.22 -2.86
CA MET A 863 -52.49 14.29 -3.83
C MET A 863 -51.38 13.31 -3.50
N ILE A 864 -50.97 13.26 -2.22
CA ILE A 864 -49.90 12.33 -1.80
C ILE A 864 -50.32 10.88 -2.00
N HIS A 865 -51.55 10.55 -1.59
CA HIS A 865 -52.04 9.19 -1.68
C HIS A 865 -52.23 8.75 -3.13
N ASN A 866 -52.77 9.63 -3.99
CA ASN A 866 -52.98 9.28 -5.38
C ASN A 866 -51.65 9.13 -6.13
N VAL A 867 -50.67 10.01 -5.83
CA VAL A 867 -49.37 9.90 -6.48
C VAL A 867 -48.65 8.63 -6.06
N ILE A 868 -48.71 8.28 -4.76
CA ILE A 868 -48.02 7.08 -4.30
C ILE A 868 -48.71 5.81 -4.82
N ASP A 869 -50.04 5.82 -4.94
CA ASP A 869 -50.73 4.66 -5.51
C ASP A 869 -50.43 4.50 -7.00
N ASP A 870 -50.41 5.62 -7.74
CA ASP A 870 -50.10 5.55 -9.17
C ASP A 870 -48.67 5.11 -9.41
N VAL A 871 -47.75 5.55 -8.54
CA VAL A 871 -46.35 5.15 -8.67
C VAL A 871 -46.17 3.68 -8.34
N ARG A 872 -46.83 3.22 -7.27
CA ARG A 872 -46.78 1.81 -6.87
C ARG A 872 -47.36 0.89 -7.93
N GLU A 873 -48.36 1.35 -8.67
CA GLU A 873 -48.87 0.55 -9.79
C GLU A 873 -47.92 0.60 -10.98
N LYS A 874 -47.65 1.79 -11.50
CA LYS A 874 -47.05 1.91 -12.83
C LYS A 874 -45.54 1.73 -12.84
N TYR A 875 -44.84 2.05 -11.76
CA TYR A 875 -43.39 2.03 -11.77
C TYR A 875 -42.78 0.84 -11.05
N PHE A 876 -43.45 0.30 -10.04
CA PHE A 876 -42.93 -0.81 -9.27
C PHE A 876 -43.67 -2.11 -9.54
N PHE A 877 -44.69 -2.08 -10.38
CA PHE A 877 -45.42 -3.26 -10.89
C PHE A 877 -46.07 -4.07 -9.77
N THR A 878 -46.44 -3.37 -8.68
CA THR A 878 -47.18 -3.92 -7.53
C THR A 878 -46.44 -5.07 -6.86
N VAL A 879 -45.11 -5.06 -6.88
CA VAL A 879 -44.30 -6.06 -6.19
C VAL A 879 -43.31 -5.46 -5.21
N SER A 880 -43.28 -4.15 -5.05
CA SER A 880 -42.33 -3.50 -4.16
C SER A 880 -43.08 -2.67 -3.12
N ASN A 881 -42.56 -2.65 -1.91
CA ASN A 881 -43.16 -1.89 -0.82
C ASN A 881 -42.49 -0.52 -0.77
N ILE A 882 -43.24 0.52 -1.12
CA ILE A 882 -42.72 1.88 -1.12
C ILE A 882 -43.50 2.72 -0.13
N ASP A 883 -43.93 2.12 0.98
CA ASP A 883 -44.60 2.85 2.04
C ASP A 883 -43.69 3.85 2.74
N PHE A 884 -42.36 3.69 2.62
CA PHE A 884 -41.44 4.68 3.16
C PHE A 884 -41.53 6.00 2.41
N MET A 885 -41.81 5.96 1.10
CA MET A 885 -41.99 7.19 0.33
C MET A 885 -43.23 7.94 0.76
N GLU A 886 -44.34 7.21 0.99
CA GLU A 886 -45.56 7.84 1.47
C GLU A 886 -45.39 8.36 2.89
N TYR A 887 -44.62 7.65 3.71
CA TYR A 887 -44.34 8.12 5.07
C TYR A 887 -43.52 9.40 5.06
N ILE A 888 -42.55 9.48 4.15
CA ILE A 888 -41.72 10.68 4.03
C ILE A 888 -42.56 11.86 3.55
N PHE A 889 -43.40 11.65 2.54
CA PHE A 889 -44.24 12.72 2.03
C PHE A 889 -45.34 13.11 3.00
N LEU A 890 -45.75 12.23 3.91
CA LEU A 890 -46.78 12.59 4.87
C LEU A 890 -46.20 13.27 6.11
N THR A 891 -44.98 12.93 6.52
CA THR A 891 -44.40 13.58 7.68
C THR A 891 -43.63 14.85 7.35
N HIS A 892 -42.97 14.92 6.21
CA HIS A 892 -42.20 16.12 5.88
C HIS A 892 -43.05 17.21 5.26
N LEU A 893 -44.17 16.87 4.62
CA LEU A 893 -45.13 17.84 4.14
C LEU A 893 -46.34 17.93 5.05
N ASN A 894 -46.15 17.70 6.33
CA ASN A 894 -47.27 17.65 7.26
C ASN A 894 -47.77 19.07 7.54
N PRO A 895 -49.08 19.32 7.46
CA PRO A 895 -49.60 20.66 7.73
C PRO A 895 -49.48 21.10 9.17
N SER A 896 -49.21 20.18 10.09
CA SER A 896 -48.98 20.53 11.48
C SER A 896 -47.64 21.23 11.69
N ARG A 897 -46.71 21.12 10.74
CA ARG A 897 -45.40 21.74 10.86
C ARG A 897 -45.01 22.63 9.69
N ILE A 898 -45.63 22.48 8.52
CA ILE A 898 -45.32 23.28 7.34
C ILE A 898 -46.53 23.34 6.42
N ARG A 899 -46.86 24.54 5.96
CA ARG A 899 -47.92 24.74 4.97
C ARG A 899 -47.30 25.18 3.66
N ILE A 900 -47.77 24.60 2.55
CA ILE A 900 -47.24 24.88 1.22
C ILE A 900 -48.39 25.27 0.32
N THR A 901 -48.06 25.88 -0.81
CA THR A 901 -49.07 26.23 -1.79
C THR A 901 -49.46 25.01 -2.61
N LYS A 902 -50.39 25.21 -3.53
CA LYS A 902 -50.76 24.14 -4.44
C LYS A 902 -49.70 23.92 -5.51
N GLU A 903 -49.13 25.02 -6.02
CA GLU A 903 -48.09 24.90 -7.04
C GLU A 903 -46.77 24.37 -6.47
N THR A 904 -46.54 24.54 -5.16
CA THR A 904 -45.38 23.90 -4.53
C THR A 904 -45.51 22.39 -4.52
N ALA A 905 -46.70 21.88 -4.17
CA ALA A 905 -46.96 20.45 -4.20
C ALA A 905 -46.92 19.89 -5.61
N ILE A 906 -47.44 20.65 -6.58
CA ILE A 906 -47.40 20.24 -7.98
C ILE A 906 -45.97 20.19 -8.48
N THR A 907 -45.13 21.16 -8.08
CA THR A 907 -43.72 21.17 -8.44
C THR A 907 -42.98 19.98 -7.84
N ILE A 908 -43.28 19.65 -6.58
CA ILE A 908 -42.63 18.54 -5.90
C ILE A 908 -42.96 17.22 -6.57
N PHE A 909 -44.24 16.99 -6.88
CA PHE A 909 -44.60 15.69 -7.44
C PHE A 909 -44.27 15.59 -8.92
N GLU A 910 -44.21 16.71 -9.63
CA GLU A 910 -43.71 16.67 -11.00
C GLU A 910 -42.21 16.36 -11.03
N LYS A 911 -41.45 16.91 -10.07
CA LYS A 911 -40.05 16.54 -9.95
C LYS A 911 -39.88 15.08 -9.55
N PHE A 912 -40.81 14.56 -8.74
CA PHE A 912 -40.81 13.15 -8.36
C PHE A 912 -40.99 12.25 -9.59
N TYR A 913 -41.94 12.60 -10.44
CA TYR A 913 -42.16 11.83 -11.66
C TYR A 913 -41.00 12.00 -12.65
N GLU A 914 -40.36 13.17 -12.67
CA GLU A 914 -39.19 13.37 -13.52
C GLU A 914 -38.01 12.50 -13.08
N LYS A 915 -37.80 12.38 -11.77
CA LYS A 915 -36.74 11.52 -11.27
C LYS A 915 -37.08 10.04 -11.48
N LEU A 916 -38.36 9.69 -11.42
CA LEU A 916 -38.73 8.30 -11.70
C LEU A 916 -38.65 7.97 -13.18
N ASN A 917 -38.78 8.97 -14.05
CA ASN A 917 -38.81 8.72 -15.47
C ASN A 917 -37.46 8.81 -16.15
N TYR A 918 -36.57 9.71 -15.72
CA TYR A 918 -35.40 10.02 -16.53
C TYR A 918 -34.07 9.58 -15.94
N THR A 919 -33.96 9.40 -14.63
CA THR A 919 -32.64 9.30 -14.01
C THR A 919 -32.04 7.90 -14.17
N LEU A 920 -32.68 6.89 -13.62
CA LEU A 920 -32.12 5.54 -13.67
C LEU A 920 -32.41 4.89 -15.02
N GLY A 921 -31.38 4.25 -15.58
CA GLY A 921 -31.51 3.61 -16.86
C GLY A 921 -30.95 2.20 -16.84
N GLY A 922 -31.40 1.40 -17.79
CA GLY A 922 -30.95 0.03 -17.89
C GLY A 922 -29.51 -0.03 -18.38
N GLY A 923 -28.76 -0.96 -17.81
CA GLY A 923 -27.35 -1.05 -18.08
C GLY A 923 -26.48 -0.31 -17.11
N THR A 924 -27.03 0.22 -16.04
CA THR A 924 -26.24 0.93 -15.04
C THR A 924 -25.38 -0.06 -14.28
N PRO A 925 -24.06 0.11 -14.27
CA PRO A 925 -23.20 -0.87 -13.58
C PRO A 925 -23.21 -0.68 -12.07
N ILE A 926 -24.32 -1.08 -11.44
CA ILE A 926 -24.50 -0.82 -10.02
C ILE A 926 -23.61 -1.73 -9.19
N GLY A 927 -23.26 -2.91 -9.71
CA GLY A 927 -22.45 -3.84 -8.95
C GLY A 927 -21.00 -3.39 -8.86
N ILE A 928 -20.41 -2.97 -9.98
CA ILE A 928 -19.02 -2.57 -9.95
C ILE A 928 -18.87 -1.20 -9.28
N ILE A 929 -19.90 -0.36 -9.31
CA ILE A 929 -19.86 0.92 -8.60
C ILE A 929 -19.90 0.69 -7.10
N SER A 930 -20.79 -0.19 -6.64
CA SER A 930 -20.85 -0.52 -5.22
C SER A 930 -19.58 -1.22 -4.75
N ALA A 931 -19.02 -2.10 -5.59
CA ALA A 931 -17.79 -2.82 -5.23
C ALA A 931 -16.61 -1.87 -5.14
N GLN A 932 -16.52 -0.90 -6.07
CA GLN A 932 -15.43 0.07 -6.04
C GLN A 932 -15.57 1.01 -4.86
N VAL A 933 -16.81 1.34 -4.46
CA VAL A 933 -16.99 2.23 -3.32
C VAL A 933 -16.62 1.53 -2.02
N LEU A 934 -17.04 0.26 -1.86
CA LEU A 934 -16.66 -0.52 -0.68
C LEU A 934 -15.15 -0.75 -0.63
N SER A 935 -14.54 -1.05 -1.77
CA SER A 935 -13.11 -1.32 -1.83
C SER A 935 -12.28 -0.08 -1.55
N GLU A 936 -12.69 1.06 -2.12
CA GLU A 936 -12.01 2.33 -1.86
C GLU A 936 -12.13 2.73 -0.40
N LYS A 937 -13.28 2.46 0.23
CA LYS A 937 -13.44 2.82 1.63
C LYS A 937 -12.59 1.94 2.55
N PHE A 938 -12.54 0.62 2.33
CA PHE A 938 -11.72 -0.16 3.26
C PHE A 938 -10.22 0.01 2.96
N THR A 939 -9.87 0.35 1.72
CA THR A 939 -8.49 0.69 1.41
C THR A 939 -8.07 1.99 2.08
N GLN A 940 -8.96 3.00 2.07
CA GLN A 940 -8.66 4.27 2.74
C GLN A 940 -8.55 4.08 4.24
N GLN A 941 -9.42 3.26 4.82
CA GLN A 941 -9.38 3.06 6.27
C GLN A 941 -8.19 2.20 6.67
N ALA A 942 -7.71 1.33 5.77
CA ALA A 942 -6.52 0.55 6.09
C ALA A 942 -5.26 1.38 5.94
N LEU A 943 -5.16 2.20 4.89
CA LEU A 943 -3.98 3.01 4.67
C LEU A 943 -3.92 4.26 5.54
N SER A 944 -5.04 4.64 6.15
CA SER A 944 -5.07 5.81 7.01
C SER A 944 -4.98 5.48 8.49
N SER A 945 -4.94 4.18 8.83
CA SER A 945 -4.97 3.65 10.19
C SER A 945 -6.16 4.20 10.99
N PHE A 946 -7.33 4.16 10.34
CA PHE A 946 -8.54 4.72 10.93
C PHE A 946 -9.09 3.87 12.06
N HIS A 947 -8.87 2.56 11.99
CA HIS A 947 -9.43 1.62 12.98
C HIS A 947 -8.35 1.28 14.00
N THR A 948 -8.45 1.90 15.17
CA THR A 948 -7.51 1.64 16.25
C THR A 948 -7.92 0.38 16.99
N THR A 949 -6.93 -0.46 17.28
CA THR A 949 -7.16 -1.68 18.06
C THR A 949 -7.33 -1.31 19.52
N GLU A 950 -8.29 -1.93 20.18
CA GLU A 950 -8.50 -1.72 21.61
C GLU A 950 -8.97 -3.02 22.25
N LYS A 951 -8.43 -3.29 23.45
CA LYS A 951 -8.70 -4.52 24.17
C LYS A 951 -9.77 -4.28 25.23
N SER A 952 -10.62 -5.28 25.46
CA SER A 952 -11.64 -5.23 26.48
C SER A 952 -11.75 -6.60 27.13
N GLY A 953 -12.66 -6.72 28.10
CA GLY A 953 -12.79 -7.96 28.84
C GLY A 953 -13.55 -9.02 28.05
N ALA A 954 -14.68 -8.65 27.47
CA ALA A 954 -15.49 -9.57 26.69
C ALA A 954 -14.86 -9.78 25.32
N VAL A 955 -15.41 -10.73 24.57
CA VAL A 955 -15.08 -10.91 23.17
C VAL A 955 -16.03 -10.05 22.34
N LYS A 956 -15.47 -9.23 21.45
CA LYS A 956 -16.26 -8.30 20.66
C LYS A 956 -16.04 -8.60 19.18
N GLN A 957 -16.99 -8.18 18.36
CA GLN A 957 -16.80 -8.23 16.92
C GLN A 957 -15.77 -7.19 16.51
N LYS A 958 -14.79 -7.62 15.72
CA LYS A 958 -13.72 -6.72 15.30
C LYS A 958 -14.23 -5.74 14.25
N LEU A 959 -13.47 -4.66 14.09
CA LEU A 959 -13.72 -3.67 13.07
C LEU A 959 -12.53 -3.60 12.12
N GLY A 960 -12.82 -3.44 10.85
CA GLY A 960 -11.80 -3.15 9.88
C GLY A 960 -11.72 -4.18 8.78
N PHE A 961 -10.61 -4.11 8.05
CA PHE A 961 -10.48 -4.83 6.78
C PHE A 961 -10.35 -6.33 7.01
N ASN A 962 -9.62 -6.75 8.05
CA ASN A 962 -9.47 -8.19 8.28
C ASN A 962 -10.79 -8.83 8.71
N GLU A 963 -11.65 -8.09 9.41
CA GLU A 963 -12.98 -8.60 9.71
C GLU A 963 -13.86 -8.63 8.47
N PHE A 964 -13.72 -7.64 7.59
CA PHE A 964 -14.45 -7.66 6.32
C PHE A 964 -14.02 -8.83 5.45
N ASN A 965 -12.73 -9.14 5.45
CA ASN A 965 -12.20 -10.25 4.67
C ASN A 965 -12.60 -11.60 5.27
N ASN A 966 -12.68 -11.67 6.60
CA ASN A 966 -13.21 -12.88 7.23
C ASN A 966 -14.69 -13.06 6.92
N LEU A 967 -15.43 -11.96 6.79
CA LEU A 967 -16.85 -12.06 6.45
C LEU A 967 -17.04 -12.54 5.02
N THR A 968 -16.31 -11.96 4.08
CA THR A 968 -16.44 -12.39 2.69
C THR A 968 -15.75 -13.72 2.40
N ASN A 969 -14.90 -14.20 3.30
CA ASN A 969 -14.24 -15.48 3.10
C ASN A 969 -15.19 -16.65 3.36
N LEU A 970 -16.08 -16.50 4.36
CA LEU A 970 -17.09 -17.49 4.73
C LEU A 970 -16.48 -18.86 5.05
N SER A 971 -15.45 -18.85 5.89
CA SER A 971 -14.79 -20.09 6.26
C SER A 971 -15.64 -20.85 7.27
N LYS A 972 -15.64 -22.19 7.15
CA LYS A 972 -16.63 -23.00 7.85
C LYS A 972 -16.16 -23.43 9.23
N ASN A 973 -15.02 -24.12 9.31
CA ASN A 973 -14.58 -24.75 10.55
C ASN A 973 -13.83 -23.75 11.43
N LYS A 974 -14.54 -22.71 11.86
CA LYS A 974 -14.01 -21.71 12.76
C LYS A 974 -15.08 -21.37 13.79
N THR A 975 -14.64 -20.92 14.95
CA THR A 975 -15.58 -20.53 15.98
C THR A 975 -16.24 -19.20 15.63
N GLU A 976 -17.45 -19.01 16.13
CA GLU A 976 -18.22 -17.80 15.91
C GLU A 976 -18.52 -17.13 17.24
N ILE A 977 -18.66 -15.81 17.20
CA ILE A 977 -19.11 -15.06 18.36
C ILE A 977 -20.63 -15.13 18.40
N ILE A 978 -21.16 -15.80 19.41
CA ILE A 978 -22.59 -16.02 19.55
C ILE A 978 -23.07 -15.17 20.71
N THR A 979 -24.03 -14.28 20.43
CA THR A 979 -24.53 -13.33 21.39
C THR A 979 -25.85 -13.80 21.95
N LEU A 980 -26.00 -13.76 23.26
CA LEU A 980 -27.20 -14.14 23.97
C LEU A 980 -27.71 -12.92 24.71
N VAL A 981 -28.92 -12.48 24.37
CA VAL A 981 -29.57 -11.33 24.98
C VAL A 981 -30.81 -11.83 25.71
N SER A 982 -30.98 -11.38 26.96
CA SER A 982 -32.14 -11.81 27.72
C SER A 982 -32.59 -10.70 28.65
N ASP A 983 -33.89 -10.71 28.94
CA ASP A 983 -34.44 -9.75 29.89
C ASP A 983 -34.12 -10.15 31.33
N ASP A 984 -34.11 -11.44 31.62
CA ASP A 984 -33.73 -11.93 32.94
C ASP A 984 -32.27 -12.39 32.92
N ILE A 985 -31.57 -12.11 34.02
CA ILE A 985 -30.15 -12.41 34.10
C ILE A 985 -29.87 -13.81 34.61
N SER A 986 -30.89 -14.54 35.08
CA SER A 986 -30.68 -15.89 35.60
C SER A 986 -30.33 -16.86 34.48
N LYS A 987 -31.01 -16.73 33.33
CA LYS A 987 -30.74 -17.61 32.21
C LYS A 987 -29.39 -17.35 31.59
N LEU A 988 -28.90 -16.12 31.64
CA LEU A 988 -27.56 -15.83 31.17
C LEU A 988 -26.52 -16.26 32.20
N GLN A 989 -26.85 -16.18 33.49
CA GLN A 989 -25.92 -16.57 34.54
C GLN A 989 -25.69 -18.07 34.54
N SER A 990 -26.74 -18.85 34.23
CA SER A 990 -26.60 -20.31 34.19
C SER A 990 -25.69 -20.77 33.07
N VAL A 991 -25.65 -20.04 31.95
CA VAL A 991 -24.74 -20.40 30.87
C VAL A 991 -23.36 -19.81 31.12
N LYS A 992 -23.30 -18.64 31.76
CA LYS A 992 -22.03 -17.98 32.04
C LYS A 992 -21.21 -18.75 33.07
N ILE A 993 -21.88 -19.38 34.04
CA ILE A 993 -21.19 -20.19 35.03
C ILE A 993 -20.56 -21.42 34.38
N ASN A 994 -21.29 -22.04 33.46
CA ASN A 994 -20.86 -23.30 32.87
C ASN A 994 -19.89 -23.14 31.72
N PHE A 995 -19.85 -21.98 31.07
CA PHE A 995 -19.05 -21.83 29.87
C PHE A 995 -17.76 -21.04 30.08
N GLU A 996 -17.71 -20.17 31.09
CA GLU A 996 -16.55 -19.32 31.29
C GLU A 996 -15.40 -20.12 31.89
N PHE A 997 -14.22 -19.96 31.32
CA PHE A 997 -13.06 -20.73 31.75
C PHE A 997 -12.50 -20.17 33.05
N VAL A 998 -12.47 -21.00 34.08
CA VAL A 998 -11.80 -20.69 35.34
C VAL A 998 -10.95 -21.90 35.68
N CYS A 999 -9.66 -21.67 35.90
CA CYS A 999 -8.76 -22.73 36.36
C CYS A 999 -8.36 -22.46 37.80
N LEU A 1000 -7.69 -23.44 38.40
CA LEU A 1000 -7.25 -23.30 39.78
C LEU A 1000 -6.07 -22.34 39.91
N GLY A 1001 -5.21 -22.28 38.89
CA GLY A 1001 -4.04 -21.42 38.94
C GLY A 1001 -4.37 -19.95 38.85
N GLU A 1002 -5.43 -19.60 38.13
CA GLU A 1002 -5.84 -18.20 38.04
C GLU A 1002 -6.57 -17.73 39.29
N LEU A 1003 -6.93 -18.64 40.20
CA LEU A 1003 -7.50 -18.28 41.49
C LEU A 1003 -6.43 -17.92 42.52
N ASN A 1004 -5.16 -17.89 42.12
CA ASN A 1004 -3.97 -17.63 42.93
C ASN A 1004 -3.93 -18.50 44.19
N PRO A 1005 -3.75 -19.80 44.08
CA PRO A 1005 -3.82 -20.66 45.27
C PRO A 1005 -2.47 -20.77 45.97
N ASN A 1006 -2.52 -21.27 47.19
CA ASN A 1006 -1.32 -21.56 47.97
C ASN A 1006 -1.27 -23.07 48.13
N ILE A 1007 -0.52 -23.74 47.25
CA ILE A 1007 -0.50 -25.19 47.16
C ILE A 1007 0.80 -25.69 47.75
N THR A 1008 0.70 -26.52 48.78
CA THR A 1008 1.89 -27.12 49.38
C THR A 1008 1.59 -28.58 49.74
N LEU A 1009 2.52 -29.47 49.45
CA LEU A 1009 2.32 -30.89 49.69
C LEU A 1009 3.37 -31.39 50.66
N ARG A 1010 3.08 -32.51 51.29
CA ARG A 1010 4.05 -33.19 52.14
C ARG A 1010 3.79 -34.69 52.12
N LYS A 1011 4.86 -35.47 52.22
CA LYS A 1011 4.76 -36.92 52.24
C LYS A 1011 4.39 -37.41 53.64
N GLU A 1012 3.55 -38.44 53.70
CA GLU A 1012 3.21 -39.09 54.95
C GLU A 1012 3.09 -40.58 54.68
N THR A 1013 3.26 -41.35 55.76
CA THR A 1013 3.01 -42.79 55.68
C THR A 1013 1.55 -43.03 55.31
N ASP A 1014 1.36 -43.80 54.24
CA ASP A 1014 0.16 -44.17 53.48
C ASP A 1014 -0.33 -43.09 52.51
N LYS A 1015 0.17 -41.85 52.54
CA LYS A 1015 -0.50 -40.83 51.73
C LYS A 1015 0.38 -39.61 51.50
N TYR A 1016 0.30 -39.07 50.30
CA TYR A 1016 0.80 -37.74 50.00
C TYR A 1016 -0.36 -36.76 50.17
N VAL A 1017 -0.19 -35.77 51.02
CA VAL A 1017 -1.27 -34.85 51.34
C VAL A 1017 -0.92 -33.46 50.81
N VAL A 1018 -1.85 -32.89 50.04
CA VAL A 1018 -1.71 -31.60 49.38
C VAL A 1018 -2.73 -30.64 49.98
N ASP A 1019 -2.25 -29.54 50.56
CA ASP A 1019 -3.10 -28.48 51.07
C ASP A 1019 -3.15 -27.35 50.05
N ILE A 1020 -4.37 -26.93 49.71
CA ILE A 1020 -4.61 -25.85 48.75
C ILE A 1020 -5.35 -24.77 49.53
N ILE A 1021 -4.62 -23.75 49.97
CA ILE A 1021 -5.21 -22.64 50.70
C ILE A 1021 -5.52 -21.55 49.68
N VAL A 1022 -6.80 -21.39 49.36
CA VAL A 1022 -7.23 -20.36 48.43
C VAL A 1022 -7.83 -19.21 49.21
N ASN A 1023 -7.76 -18.02 48.62
CA ASN A 1023 -8.30 -16.82 49.23
C ASN A 1023 -9.71 -16.57 48.70
N ARG A 1024 -10.60 -16.16 49.60
CA ARG A 1024 -12.02 -16.10 49.26
C ARG A 1024 -12.35 -14.92 48.37
N LEU A 1025 -11.55 -13.85 48.43
CA LEU A 1025 -11.77 -12.71 47.54
C LEU A 1025 -11.39 -13.07 46.11
N TYR A 1026 -10.46 -14.00 45.94
CA TYR A 1026 -10.14 -14.51 44.62
C TYR A 1026 -11.29 -15.36 44.06
N ILE A 1027 -11.98 -16.09 44.93
CA ILE A 1027 -13.13 -16.87 44.51
C ILE A 1027 -14.29 -15.96 44.15
N LYS A 1028 -14.43 -14.84 44.86
CA LYS A 1028 -15.51 -13.90 44.55
C LYS A 1028 -15.18 -13.07 43.31
N ARG A 1029 -13.90 -12.83 43.04
CA ARG A 1029 -13.52 -12.10 41.84
C ARG A 1029 -13.71 -12.94 40.59
N ALA A 1030 -13.59 -14.26 40.73
CA ALA A 1030 -13.91 -15.17 39.63
C ALA A 1030 -15.40 -15.41 39.46
N GLU A 1031 -16.22 -14.87 40.39
CA GLU A 1031 -17.68 -14.99 40.39
C GLU A 1031 -18.12 -16.45 40.41
N ILE A 1032 -17.45 -17.25 41.22
CA ILE A 1032 -17.80 -18.63 41.50
C ILE A 1032 -17.91 -18.79 43.01
N THR A 1033 -18.17 -20.01 43.45
CA THR A 1033 -18.24 -20.31 44.88
C THR A 1033 -17.11 -21.26 45.26
N GLU A 1034 -17.02 -21.56 46.56
CA GLU A 1034 -16.03 -22.51 47.04
C GLU A 1034 -16.37 -23.93 46.60
N LEU A 1035 -17.65 -24.22 46.43
CA LEU A 1035 -18.09 -25.53 45.97
C LEU A 1035 -17.70 -25.75 44.51
N VAL A 1036 -17.61 -24.67 43.74
CA VAL A 1036 -17.14 -24.76 42.36
C VAL A 1036 -15.67 -25.16 42.31
N VAL A 1037 -14.85 -24.57 43.19
CA VAL A 1037 -13.43 -24.92 43.27
C VAL A 1037 -13.25 -26.36 43.74
N GLU A 1038 -14.04 -26.76 44.74
CA GLU A 1038 -14.03 -28.14 45.23
C GLU A 1038 -14.43 -29.11 44.13
N TYR A 1039 -15.43 -28.74 43.31
CA TYR A 1039 -15.86 -29.61 42.22
C TYR A 1039 -14.81 -29.68 41.11
N MET A 1040 -14.11 -28.59 40.84
CA MET A 1040 -13.04 -28.59 39.84
C MET A 1040 -11.92 -29.53 40.24
N ILE A 1041 -11.44 -29.40 41.48
CA ILE A 1041 -10.36 -30.25 41.96
C ILE A 1041 -10.81 -31.70 42.05
N GLU A 1042 -12.06 -31.93 42.47
CA GLU A 1042 -12.58 -33.29 42.61
C GLU A 1042 -12.76 -33.96 41.24
N ARG A 1043 -13.20 -33.20 40.24
CA ARG A 1043 -13.37 -33.77 38.90
C ARG A 1043 -12.02 -34.14 38.29
N PHE A 1044 -11.02 -33.26 38.44
CA PHE A 1044 -9.70 -33.57 37.91
C PHE A 1044 -9.06 -34.76 38.61
N ILE A 1045 -9.17 -34.84 39.94
CA ILE A 1045 -8.50 -35.93 40.64
C ILE A 1045 -9.27 -37.24 40.48
N SER A 1046 -10.60 -37.18 40.40
CA SER A 1046 -11.40 -38.39 40.25
C SER A 1046 -11.36 -38.94 38.84
N PHE A 1047 -11.00 -38.15 37.83
CA PHE A 1047 -10.93 -38.70 36.48
C PHE A 1047 -9.51 -38.89 35.96
N SER A 1048 -8.48 -38.49 36.69
CA SER A 1048 -7.12 -38.59 36.19
C SER A 1048 -6.61 -40.02 36.23
N VAL A 1049 -5.66 -40.31 35.33
CA VAL A 1049 -5.11 -41.65 35.19
C VAL A 1049 -4.01 -41.88 36.22
N ILE A 1050 -3.19 -40.86 36.49
CA ILE A 1050 -2.01 -41.01 37.34
C ILE A 1050 -2.32 -41.12 38.82
N VAL A 1051 -3.58 -40.94 39.23
CA VAL A 1051 -3.96 -41.02 40.63
C VAL A 1051 -4.60 -42.38 40.88
N LYS A 1052 -4.08 -43.12 41.85
CA LYS A 1052 -4.62 -44.44 42.16
C LYS A 1052 -5.70 -44.39 43.23
N GLU A 1053 -5.50 -43.62 44.30
CA GLU A 1053 -6.54 -43.45 45.30
C GLU A 1053 -6.44 -42.04 45.86
N TRP A 1054 -7.57 -41.54 46.38
CA TRP A 1054 -7.64 -40.16 46.81
C TRP A 1054 -8.78 -39.98 47.81
N GLY A 1055 -8.74 -38.85 48.50
CA GLY A 1055 -9.79 -38.45 49.43
C GLY A 1055 -9.71 -36.99 49.77
N MET A 1056 -10.83 -36.27 49.67
CA MET A 1056 -10.82 -34.81 49.75
C MET A 1056 -11.60 -34.33 50.97
N GLU A 1057 -11.10 -33.27 51.59
CA GLU A 1057 -11.73 -32.64 52.75
C GLU A 1057 -11.61 -31.14 52.60
N THR A 1058 -12.55 -30.41 53.20
CA THR A 1058 -12.57 -28.95 53.12
C THR A 1058 -12.54 -28.38 54.52
N PHE A 1059 -11.49 -27.60 54.81
CA PHE A 1059 -11.31 -26.93 56.08
C PHE A 1059 -11.54 -25.43 55.92
N ILE A 1060 -11.98 -24.80 57.00
CA ILE A 1060 -12.08 -23.35 57.06
C ILE A 1060 -10.94 -22.81 57.91
N GLU A 1061 -10.16 -21.91 57.32
CA GLU A 1061 -9.03 -21.29 58.00
C GLU A 1061 -9.31 -19.89 58.50
N ASP A 1062 -10.17 -19.14 57.81
CA ASP A 1062 -10.54 -17.77 58.12
C ASP A 1062 -11.83 -17.47 57.35
N GLU A 1063 -12.21 -16.20 57.32
CA GLU A 1063 -13.09 -15.75 56.25
C GLU A 1063 -12.30 -15.23 55.06
N ASP A 1064 -10.97 -15.33 55.11
CA ASP A 1064 -10.10 -15.00 54.00
C ASP A 1064 -9.43 -16.22 53.40
N ASN A 1065 -9.69 -17.42 53.90
CA ASN A 1065 -8.96 -18.60 53.44
C ASN A 1065 -9.86 -19.84 53.52
N ILE A 1066 -9.72 -20.70 52.53
CA ILE A 1066 -10.38 -22.00 52.48
C ILE A 1066 -9.31 -23.03 52.14
N ARG A 1067 -9.21 -24.09 52.93
CA ARG A 1067 -8.16 -25.10 52.74
C ARG A 1067 -8.78 -26.36 52.15
N PHE A 1068 -8.54 -26.61 50.88
CA PHE A 1068 -8.90 -27.87 50.25
C PHE A 1068 -7.75 -28.84 50.47
N THR A 1069 -7.98 -29.86 51.29
CA THR A 1069 -6.96 -30.85 51.60
C THR A 1069 -7.26 -32.12 50.82
N VAL A 1070 -6.27 -32.61 50.07
CA VAL A 1070 -6.39 -33.84 49.31
C VAL A 1070 -5.38 -34.83 49.86
N TYR A 1071 -5.82 -36.06 50.08
CA TYR A 1071 -4.95 -37.18 50.41
C TYR A 1071 -4.87 -38.10 49.20
N LEU A 1072 -3.66 -38.52 48.85
CA LEU A 1072 -3.40 -39.09 47.54
C LEU A 1072 -2.46 -40.29 47.64
N ASN A 1073 -2.62 -41.20 46.69
CA ASN A 1073 -1.61 -42.21 46.39
C ASN A 1073 -1.63 -42.40 44.88
N PHE A 1074 -0.48 -42.23 44.25
CA PHE A 1074 -0.39 -42.20 42.80
C PHE A 1074 -0.10 -43.60 42.24
N VAL A 1075 -0.35 -43.75 40.95
CA VAL A 1075 -0.03 -44.98 40.24
C VAL A 1075 1.49 -45.07 40.11
N GLU A 1076 2.03 -46.26 40.39
CA GLU A 1076 3.47 -46.49 40.30
C GLU A 1076 3.94 -46.38 38.84
N PRO A 1077 5.05 -45.66 38.57
CA PRO A 1077 5.99 -44.95 39.44
C PRO A 1077 5.44 -43.66 40.07
N GLU A 1078 5.37 -43.66 41.40
CA GLU A 1078 4.62 -42.63 42.12
C GLU A 1078 5.39 -41.33 42.30
N GLU A 1079 6.71 -41.33 42.16
CA GLU A 1079 7.46 -40.09 42.31
C GLU A 1079 7.37 -39.24 41.04
N LEU A 1080 7.50 -39.88 39.88
CA LEU A 1080 7.31 -39.19 38.60
C LEU A 1080 5.87 -38.75 38.43
N ASN A 1081 4.92 -39.60 38.83
CA ASN A 1081 3.51 -39.23 38.77
C ASN A 1081 3.16 -38.16 39.80
N LEU A 1082 3.88 -38.13 40.92
CA LEU A 1082 3.74 -37.07 41.90
C LEU A 1082 4.17 -35.73 41.32
N SER A 1083 5.33 -35.70 40.68
CA SER A 1083 5.82 -34.47 40.08
C SER A 1083 4.95 -34.01 38.91
N LYS A 1084 4.46 -34.96 38.10
CA LYS A 1084 3.57 -34.60 37.00
C LYS A 1084 2.22 -34.07 37.51
N PHE A 1085 1.71 -34.65 38.60
CA PHE A 1085 0.48 -34.14 39.22
C PHE A 1085 0.68 -32.74 39.76
N MET A 1086 1.80 -32.49 40.44
CA MET A 1086 2.06 -31.18 41.01
C MET A 1086 2.33 -30.16 39.91
N MET A 1087 2.78 -30.61 38.75
CA MET A 1087 2.98 -29.70 37.63
C MET A 1087 1.68 -29.34 36.94
N VAL A 1088 0.78 -30.32 36.75
CA VAL A 1088 -0.44 -30.05 35.98
C VAL A 1088 -1.64 -29.67 36.86
N LEU A 1089 -1.50 -29.69 38.18
CA LEU A 1089 -2.64 -29.40 39.04
C LEU A 1089 -3.22 -27.98 38.94
N PRO A 1090 -2.45 -26.88 38.90
CA PRO A 1090 -3.12 -25.57 38.80
C PRO A 1090 -3.81 -25.29 37.48
N GLY A 1091 -3.49 -26.03 36.42
CA GLY A 1091 -4.13 -25.78 35.14
C GLY A 1091 -5.25 -26.75 34.83
N ALA A 1092 -5.08 -28.03 35.19
CA ALA A 1092 -6.02 -29.05 34.73
C ALA A 1092 -7.27 -29.10 35.60
N ALA A 1093 -7.18 -28.62 36.83
CA ALA A 1093 -8.37 -28.47 37.65
C ALA A 1093 -9.10 -27.21 37.21
N ASN A 1094 -10.01 -27.35 36.24
CA ASN A 1094 -10.65 -26.20 35.65
C ASN A 1094 -12.10 -26.52 35.34
N LYS A 1095 -12.78 -25.59 34.68
CA LYS A 1095 -14.16 -25.76 34.24
C LYS A 1095 -14.41 -24.80 33.09
N GLY A 1096 -15.41 -25.12 32.28
CA GLY A 1096 -15.84 -24.26 31.20
C GLY A 1096 -15.04 -24.46 29.92
N LYS A 1097 -15.51 -23.80 28.86
CA LYS A 1097 -14.82 -23.84 27.58
C LYS A 1097 -13.55 -23.02 27.63
N ILE A 1098 -12.44 -23.60 27.17
CA ILE A 1098 -11.15 -22.92 27.22
C ILE A 1098 -11.13 -21.81 26.17
N SER A 1099 -11.00 -20.57 26.64
CA SER A 1099 -10.84 -19.42 25.75
C SER A 1099 -10.10 -18.33 26.52
N LYS A 1100 -9.46 -17.44 25.77
CA LYS A 1100 -8.76 -16.33 26.40
C LYS A 1100 -9.73 -15.25 26.89
N PHE A 1101 -10.93 -15.20 26.34
CA PHE A 1101 -11.91 -14.19 26.73
C PHE A 1101 -12.78 -14.70 27.86
N LYS A 1102 -13.07 -13.83 28.81
CA LYS A 1102 -14.04 -14.13 29.85
C LYS A 1102 -15.44 -13.85 29.33
N ILE A 1103 -16.44 -14.16 30.13
CA ILE A 1103 -17.83 -13.90 29.75
C ILE A 1103 -18.45 -12.94 30.77
N PRO A 1104 -18.27 -11.63 30.64
CA PRO A 1104 -19.00 -10.72 31.53
C PRO A 1104 -20.38 -10.38 30.97
N ILE A 1105 -21.36 -10.35 31.87
CA ILE A 1105 -22.75 -10.11 31.49
C ILE A 1105 -22.95 -8.61 31.43
N SER A 1106 -23.01 -8.07 30.21
CA SER A 1106 -23.26 -6.66 29.99
C SER A 1106 -24.75 -6.37 30.04
N ASP A 1107 -25.09 -5.09 29.95
CA ASP A 1107 -26.48 -4.69 29.86
C ASP A 1107 -26.55 -3.35 29.13
N TYR A 1108 -27.69 -3.11 28.49
CA TYR A 1108 -27.90 -1.90 27.72
C TYR A 1108 -29.40 -1.62 27.68
N THR A 1109 -29.77 -0.59 26.93
CA THR A 1109 -31.17 -0.22 26.73
C THR A 1109 -31.54 -0.56 25.29
N GLY A 1110 -32.41 -1.54 25.12
CA GLY A 1110 -32.84 -1.96 23.81
C GLY A 1110 -34.19 -1.38 23.43
N TYR A 1111 -34.43 -1.23 22.13
CA TYR A 1111 -35.64 -0.61 21.61
C TYR A 1111 -36.64 -1.69 21.21
N ASP A 1112 -37.87 -1.56 21.70
CA ASP A 1112 -38.97 -2.26 21.05
C ASP A 1112 -39.58 -1.41 19.95
N ASP A 1113 -39.58 -0.10 20.15
CA ASP A 1113 -40.03 0.87 19.17
C ASP A 1113 -39.31 2.19 19.47
N PHE A 1114 -39.79 3.26 18.84
CA PHE A 1114 -39.21 4.58 19.11
C PHE A 1114 -39.61 5.08 20.50
N ASN A 1115 -40.77 4.66 20.98
CA ASN A 1115 -41.32 5.21 22.20
C ASN A 1115 -41.25 4.26 23.39
N GLN A 1116 -40.92 2.99 23.17
CA GLN A 1116 -40.84 2.02 24.24
C GLN A 1116 -39.49 1.31 24.20
N THR A 1117 -38.82 1.26 25.35
CA THR A 1117 -37.52 0.63 25.50
C THR A 1117 -37.57 -0.33 26.67
N LYS A 1118 -36.50 -1.12 26.82
CA LYS A 1118 -36.37 -2.03 27.95
C LYS A 1118 -34.91 -2.33 28.21
N LYS A 1119 -34.59 -2.57 29.49
CA LYS A 1119 -33.24 -2.93 29.87
C LYS A 1119 -32.97 -4.39 29.51
N LEU A 1120 -31.88 -4.64 28.79
CA LEU A 1120 -31.56 -5.98 28.31
C LEU A 1120 -30.15 -6.36 28.73
N ASN A 1121 -29.98 -7.63 29.10
CA ASN A 1121 -28.69 -8.17 29.50
C ASN A 1121 -28.07 -8.92 28.33
N LYS A 1122 -26.77 -8.70 28.11
CA LYS A 1122 -26.07 -9.24 26.96
C LYS A 1122 -24.93 -10.16 27.40
N MET A 1123 -24.56 -11.07 26.50
CA MET A 1123 -23.51 -12.05 26.77
C MET A 1123 -22.96 -12.53 25.44
N THR A 1124 -21.65 -12.71 25.34
CA THR A 1124 -21.03 -13.18 24.11
C THR A 1124 -20.14 -14.38 24.41
N VAL A 1125 -20.26 -15.43 23.61
CA VAL A 1125 -19.49 -16.66 23.78
C VAL A 1125 -18.83 -17.01 22.46
N GLU A 1126 -17.52 -17.26 22.49
CA GLU A 1126 -16.86 -17.89 21.36
C GLU A 1126 -17.21 -19.37 21.33
N LEU A 1127 -17.82 -19.83 20.24
CA LEU A 1127 -18.38 -21.16 20.22
C LEU A 1127 -18.41 -21.68 18.80
N MET A 1128 -18.08 -22.96 18.63
CA MET A 1128 -18.00 -23.56 17.30
C MET A 1128 -19.37 -23.97 16.79
N ASN A 1129 -20.01 -24.88 17.50
CA ASN A 1129 -21.35 -25.34 17.16
C ASN A 1129 -22.37 -24.66 18.06
N LEU A 1130 -23.62 -25.06 17.92
CA LEU A 1130 -24.69 -24.61 18.80
C LEU A 1130 -25.25 -25.75 19.62
N LYS A 1131 -24.53 -26.87 19.69
CA LYS A 1131 -25.08 -28.10 20.28
C LYS A 1131 -25.08 -28.03 21.81
N GLU A 1132 -23.98 -27.59 22.39
CA GLU A 1132 -23.83 -27.57 23.84
C GLU A 1132 -24.69 -26.50 24.52
N LEU A 1133 -25.29 -25.58 23.77
CA LEU A 1133 -26.29 -24.68 24.32
C LEU A 1133 -27.64 -25.36 24.49
N GLY A 1134 -27.83 -26.54 23.89
CA GLY A 1134 -29.11 -27.21 23.90
C GLY A 1134 -29.50 -27.91 25.18
N SER A 1135 -28.68 -27.81 26.22
CA SER A 1135 -28.97 -28.39 27.52
C SER A 1135 -29.43 -27.36 28.54
N PHE A 1136 -29.68 -26.13 28.11
CA PHE A 1136 -30.00 -25.03 29.01
C PHE A 1136 -31.41 -24.53 28.76
N ASP A 1137 -31.93 -23.78 29.74
CA ASP A 1137 -33.27 -23.19 29.64
C ASP A 1137 -33.16 -21.83 28.96
N LEU A 1138 -32.91 -21.88 27.65
CA LEU A 1138 -32.76 -20.68 26.84
C LEU A 1138 -34.08 -20.28 26.20
N GLU A 1139 -35.12 -20.12 27.00
CA GLU A 1139 -36.40 -19.62 26.52
C GLU A 1139 -36.45 -18.12 26.75
N ASN A 1140 -37.12 -17.41 25.83
CA ASN A 1140 -37.22 -15.94 25.81
C ASN A 1140 -35.85 -15.28 25.75
N VAL A 1141 -34.92 -15.92 25.05
CA VAL A 1141 -33.54 -15.44 24.91
C VAL A 1141 -33.25 -15.26 23.42
N ASN A 1142 -32.91 -14.03 23.03
CA ASN A 1142 -32.42 -13.79 21.68
C ASN A 1142 -31.03 -14.37 21.52
N VAL A 1143 -30.81 -15.12 20.46
CA VAL A 1143 -29.51 -15.70 20.15
C VAL A 1143 -29.11 -15.26 18.76
N TYR A 1144 -27.96 -14.60 18.65
CA TYR A 1144 -27.39 -14.12 17.41
C TYR A 1144 -26.11 -14.91 17.14
N PRO A 1145 -26.16 -15.94 16.32
CA PRO A 1145 -24.93 -16.69 16.01
C PRO A 1145 -24.13 -16.06 14.88
N GLY A 1146 -23.11 -16.77 14.40
CA GLY A 1146 -22.38 -16.36 13.21
C GLY A 1146 -23.15 -16.67 11.95
N VAL A 1147 -22.42 -16.69 10.82
CA VAL A 1147 -23.10 -16.78 9.53
C VAL A 1147 -23.54 -18.22 9.23
N TRP A 1148 -22.72 -19.21 9.60
CA TRP A 1148 -23.04 -20.58 9.21
C TRP A 1148 -24.08 -21.21 10.12
N ASN A 1149 -24.09 -20.85 11.40
CA ASN A 1149 -25.17 -21.31 12.26
C ASN A 1149 -26.49 -20.61 11.94
N THR A 1150 -26.43 -19.34 11.53
CA THR A 1150 -27.64 -18.66 11.06
C THR A 1150 -28.17 -19.29 9.77
N TYR A 1151 -27.28 -19.75 8.89
CA TYR A 1151 -27.74 -20.44 7.69
C TYR A 1151 -28.31 -21.81 8.04
N ASP A 1152 -27.64 -22.55 8.92
CA ASP A 1152 -28.07 -23.90 9.22
C ASP A 1152 -29.31 -23.94 10.10
N ILE A 1153 -29.67 -22.84 10.76
CA ILE A 1153 -30.89 -22.84 11.56
C ILE A 1153 -31.98 -22.05 10.86
N PHE A 1154 -31.73 -20.77 10.63
CA PHE A 1154 -32.79 -19.88 10.15
C PHE A 1154 -32.91 -19.84 8.65
N GLY A 1155 -31.81 -20.06 7.92
CA GLY A 1155 -31.90 -20.16 6.48
C GLY A 1155 -31.05 -19.19 5.70
N ILE A 1156 -31.33 -19.06 4.41
CA ILE A 1156 -30.47 -18.29 3.52
C ILE A 1156 -30.78 -16.80 3.60
N GLU A 1157 -32.03 -16.42 3.91
CA GLU A 1157 -32.37 -15.02 3.99
C GLU A 1157 -31.82 -14.38 5.26
N ALA A 1158 -31.84 -15.12 6.37
CA ALA A 1158 -31.22 -14.63 7.59
C ALA A 1158 -29.71 -14.58 7.47
N ALA A 1159 -29.12 -15.50 6.69
CA ALA A 1159 -27.69 -15.43 6.41
C ALA A 1159 -27.34 -14.19 5.59
N ARG A 1160 -28.20 -13.86 4.60
CA ARG A 1160 -28.03 -12.65 3.80
C ARG A 1160 -28.13 -11.40 4.68
N GLU A 1161 -29.09 -11.40 5.62
CA GLU A 1161 -29.27 -10.25 6.51
C GLU A 1161 -28.10 -10.09 7.48
N TYR A 1162 -27.61 -11.21 8.04
CA TYR A 1162 -26.45 -11.18 8.91
C TYR A 1162 -25.22 -10.68 8.17
N LEU A 1163 -25.02 -11.14 6.92
CA LEU A 1163 -23.87 -10.72 6.14
C LEU A 1163 -23.93 -9.23 5.82
N CYS A 1164 -25.13 -8.72 5.48
CA CYS A 1164 -25.33 -7.29 5.27
C CYS A 1164 -24.94 -6.46 6.48
N GLU A 1165 -25.55 -6.75 7.64
CA GLU A 1165 -25.30 -5.89 8.80
C GLU A 1165 -23.89 -6.08 9.36
N ALA A 1166 -23.33 -7.28 9.23
CA ALA A 1166 -21.99 -7.52 9.75
C ALA A 1166 -20.93 -6.87 8.85
N MET A 1167 -21.14 -6.87 7.54
CA MET A 1167 -20.21 -6.18 6.66
C MET A 1167 -20.33 -4.68 6.79
N LEU A 1168 -21.52 -4.19 7.13
CA LEU A 1168 -21.67 -2.75 7.37
C LEU A 1168 -20.97 -2.33 8.66
N ASN A 1169 -21.02 -3.19 9.69
CA ASN A 1169 -20.46 -2.82 10.99
C ASN A 1169 -18.94 -2.76 11.01
N THR A 1170 -18.26 -3.28 10.00
CA THR A 1170 -16.79 -3.24 9.98
C THR A 1170 -16.23 -1.88 9.60
N TYR A 1171 -17.05 -0.99 9.05
CA TYR A 1171 -16.55 0.31 8.63
C TYR A 1171 -16.54 1.31 9.77
N GLY A 1172 -17.37 1.13 10.78
CA GLY A 1172 -17.38 1.98 11.94
C GLY A 1172 -18.58 2.91 11.95
N GLU A 1173 -18.50 3.91 12.82
CA GLU A 1173 -19.56 4.88 12.99
C GLU A 1173 -19.50 5.93 11.89
N GLY A 1174 -20.66 6.24 11.32
CA GLY A 1174 -20.77 7.32 10.36
C GLY A 1174 -20.76 6.93 8.90
N PHE A 1175 -21.05 5.67 8.58
CA PHE A 1175 -20.97 5.16 7.23
C PHE A 1175 -22.23 4.40 6.85
N ASP A 1176 -23.40 4.98 7.16
CA ASP A 1176 -24.67 4.32 6.86
C ASP A 1176 -24.98 4.28 5.37
N TYR A 1177 -24.37 5.18 4.58
CA TYR A 1177 -24.57 5.17 3.14
C TYR A 1177 -23.97 3.93 2.47
N LEU A 1178 -23.07 3.23 3.16
CA LEU A 1178 -22.56 1.95 2.70
C LEU A 1178 -23.51 0.79 2.99
N TYR A 1179 -24.73 1.06 3.44
CA TYR A 1179 -25.69 -0.01 3.62
C TYR A 1179 -26.14 -0.58 2.29
N GLN A 1180 -26.49 0.28 1.34
CA GLN A 1180 -26.96 -0.13 0.03
C GLN A 1180 -25.90 -0.85 -0.83
N PRO A 1181 -24.58 -0.49 -0.78
CA PRO A 1181 -23.60 -1.39 -1.39
C PRO A 1181 -23.47 -2.74 -0.71
N CYS A 1182 -23.41 -2.75 0.63
CA CYS A 1182 -23.15 -3.97 1.39
C CYS A 1182 -24.27 -5.00 1.20
N ASP A 1183 -25.51 -4.53 1.19
CA ASP A 1183 -26.66 -5.38 0.86
C ASP A 1183 -26.50 -5.98 -0.53
N LEU A 1184 -26.05 -5.16 -1.48
CA LEU A 1184 -25.82 -5.63 -2.84
C LEU A 1184 -24.69 -6.64 -2.89
N LEU A 1185 -23.75 -6.56 -1.94
CA LEU A 1185 -22.74 -7.62 -1.85
C LEU A 1185 -23.32 -8.87 -1.21
N ALA A 1186 -24.11 -8.69 -0.14
CA ALA A 1186 -24.61 -9.84 0.62
C ALA A 1186 -25.63 -10.62 -0.19
N SER A 1187 -26.49 -9.92 -0.91
CA SER A 1187 -27.42 -10.55 -1.84
C SER A 1187 -26.72 -11.25 -3.00
N LEU A 1188 -25.45 -10.91 -3.27
CA LEU A 1188 -24.67 -11.69 -4.23
C LEU A 1188 -24.09 -12.93 -3.58
N LEU A 1189 -23.70 -12.85 -2.31
CA LEU A 1189 -23.14 -14.03 -1.65
C LEU A 1189 -24.21 -15.03 -1.29
N CYS A 1190 -25.46 -14.59 -1.21
CA CYS A 1190 -26.57 -15.46 -0.86
C CYS A 1190 -27.60 -15.44 -1.98
N ALA A 1191 -27.15 -15.54 -3.22
CA ALA A 1191 -28.04 -15.57 -4.36
C ALA A 1191 -28.48 -16.98 -4.72
N SER A 1192 -27.72 -17.99 -4.31
CA SER A 1192 -28.09 -19.39 -4.42
C SER A 1192 -28.73 -19.84 -3.12
N TYR A 1193 -28.85 -21.15 -2.92
CA TYR A 1193 -29.46 -21.68 -1.72
C TYR A 1193 -28.49 -21.77 -0.54
N GLU A 1194 -27.25 -21.32 -0.71
CA GLU A 1194 -26.20 -21.47 0.28
C GLU A 1194 -25.26 -20.27 0.17
N PRO A 1195 -24.71 -19.78 1.27
CA PRO A 1195 -23.74 -18.68 1.18
C PRO A 1195 -22.46 -19.11 0.48
N GLU A 1196 -22.06 -18.34 -0.53
CA GLU A 1196 -20.92 -18.63 -1.37
C GLU A 1196 -19.90 -17.52 -1.20
N SER A 1197 -18.63 -17.88 -1.12
CA SER A 1197 -17.58 -16.90 -0.82
C SER A 1197 -17.21 -16.11 -2.07
N VAL A 1198 -16.27 -15.18 -1.89
CA VAL A 1198 -15.76 -14.40 -3.01
C VAL A 1198 -14.53 -15.02 -3.65
N ASN A 1199 -14.12 -16.21 -3.20
CA ASN A 1199 -12.92 -16.82 -3.75
C ASN A 1199 -13.22 -17.84 -4.83
N LYS A 1200 -14.38 -18.47 -4.80
CA LYS A 1200 -14.69 -19.56 -5.70
C LYS A 1200 -16.00 -19.30 -6.43
N PHE A 1201 -16.22 -20.07 -7.48
CA PHE A 1201 -17.49 -20.14 -8.19
C PHE A 1201 -18.05 -21.54 -7.99
N LYS A 1202 -19.03 -21.67 -7.11
CA LYS A 1202 -19.62 -22.96 -6.78
C LYS A 1202 -20.99 -23.16 -7.38
N PHE A 1203 -21.92 -22.23 -7.15
CA PHE A 1203 -23.28 -22.34 -7.65
C PHE A 1203 -23.62 -21.34 -8.74
N GLY A 1204 -22.95 -20.19 -8.76
CA GLY A 1204 -23.24 -19.19 -9.76
C GLY A 1204 -22.71 -19.61 -11.12
N ALA A 1205 -23.54 -19.39 -12.15
CA ALA A 1205 -23.17 -19.75 -13.51
C ALA A 1205 -22.13 -18.77 -14.06
N ALA A 1206 -20.86 -19.09 -13.90
CA ALA A 1206 -19.76 -18.29 -14.42
C ALA A 1206 -19.13 -19.01 -15.60
N SER A 1207 -18.80 -18.26 -16.64
CA SER A 1207 -18.21 -18.84 -17.83
C SER A 1207 -16.75 -19.19 -17.59
N THR A 1208 -16.16 -19.90 -18.55
CA THR A 1208 -14.79 -20.36 -18.41
C THR A 1208 -13.81 -19.21 -18.51
N LEU A 1209 -14.07 -18.24 -19.38
CA LEU A 1209 -13.19 -17.08 -19.46
C LEU A 1209 -13.35 -16.17 -18.25
N LYS A 1210 -14.53 -16.14 -17.64
CA LYS A 1210 -14.71 -15.42 -16.39
C LYS A 1210 -13.91 -16.05 -15.26
N ARG A 1211 -13.92 -17.39 -15.18
CA ARG A 1211 -13.14 -18.10 -14.17
C ARG A 1211 -11.64 -17.99 -14.43
N ALA A 1212 -11.24 -17.95 -15.70
CA ALA A 1212 -9.82 -17.82 -16.01
C ALA A 1212 -9.31 -16.40 -15.79
N THR A 1213 -10.15 -15.39 -16.03
CA THR A 1213 -9.78 -14.02 -15.75
C THR A 1213 -9.76 -13.77 -14.24
N PHE A 1214 -10.67 -14.41 -13.50
CA PHE A 1214 -10.66 -14.33 -12.04
C PHE A 1214 -9.41 -14.98 -11.46
N GLY A 1215 -8.89 -15.99 -12.13
CA GLY A 1215 -7.72 -16.72 -11.67
C GLY A 1215 -8.09 -18.12 -11.28
N ASP A 1216 -7.97 -19.02 -12.25
CA ASP A 1216 -8.22 -20.44 -12.05
C ASP A 1216 -7.49 -21.12 -13.19
N ASN A 1217 -6.39 -21.79 -12.88
CA ASN A 1217 -5.48 -22.23 -13.92
C ASN A 1217 -6.01 -23.44 -14.68
N LYS A 1218 -6.86 -24.23 -14.03
CA LYS A 1218 -7.45 -25.41 -14.63
C LYS A 1218 -8.88 -25.18 -15.11
N ALA A 1219 -9.22 -23.93 -15.43
CA ALA A 1219 -10.59 -23.61 -15.86
C ALA A 1219 -10.87 -24.14 -17.26
N LEU A 1220 -9.97 -23.86 -18.21
CA LEU A 1220 -10.19 -24.32 -19.58
C LEU A 1220 -10.00 -25.82 -19.71
N LEU A 1221 -9.17 -26.41 -18.85
CA LEU A 1221 -9.01 -27.87 -18.87
C LEU A 1221 -10.27 -28.57 -18.36
N ASN A 1222 -10.88 -28.04 -17.29
CA ASN A 1222 -12.12 -28.61 -16.80
C ASN A 1222 -13.28 -28.34 -17.76
N ALA A 1223 -13.23 -27.23 -18.49
CA ALA A 1223 -14.25 -26.98 -19.50
C ALA A 1223 -14.08 -27.92 -20.69
N ALA A 1224 -12.84 -28.26 -21.04
CA ALA A 1224 -12.60 -29.19 -22.13
C ALA A 1224 -12.94 -30.61 -21.75
N LEU A 1225 -12.78 -30.97 -20.47
CA LEU A 1225 -13.14 -32.31 -20.02
C LEU A 1225 -14.65 -32.51 -20.06
N HIS A 1226 -15.41 -31.52 -19.61
CA HIS A 1226 -16.85 -31.61 -19.50
C HIS A 1226 -17.58 -31.10 -20.74
N LYS A 1227 -16.82 -30.70 -21.77
CA LYS A 1227 -17.35 -30.33 -23.09
C LYS A 1227 -18.33 -29.16 -23.02
N LYS A 1228 -17.93 -28.09 -22.34
CA LYS A 1228 -18.83 -27.01 -22.02
C LYS A 1228 -19.03 -26.09 -23.22
N SER A 1229 -20.27 -25.66 -23.42
CA SER A 1229 -20.64 -24.75 -24.50
C SER A 1229 -21.34 -23.56 -23.87
N GLU A 1230 -20.63 -22.43 -23.76
CA GLU A 1230 -21.09 -21.30 -22.98
C GLU A 1230 -21.33 -20.07 -23.84
N PRO A 1231 -22.40 -19.33 -23.59
CA PRO A 1231 -22.61 -18.08 -24.34
C PRO A 1231 -21.73 -16.96 -23.80
N ILE A 1232 -21.43 -16.01 -24.69
CA ILE A 1232 -20.55 -14.90 -24.36
C ILE A 1232 -21.38 -13.72 -23.87
N ASN A 1233 -21.76 -13.75 -22.57
CA ASN A 1233 -22.43 -12.62 -21.91
C ASN A 1233 -21.80 -12.43 -20.54
N ASP A 1234 -20.69 -11.70 -20.51
CA ASP A 1234 -20.01 -11.17 -19.32
C ASP A 1234 -18.87 -10.31 -19.84
N ASN A 1235 -18.28 -9.52 -18.95
CA ASN A 1235 -17.25 -8.57 -19.36
C ASN A 1235 -15.95 -9.30 -19.71
N SER A 1236 -15.59 -10.31 -18.93
CA SER A 1236 -14.35 -11.05 -19.16
C SER A 1236 -14.40 -11.86 -20.45
N SER A 1237 -15.59 -12.29 -20.87
CA SER A 1237 -15.75 -13.00 -22.12
C SER A 1237 -15.92 -12.05 -23.30
N CYS A 1238 -16.41 -10.84 -23.07
CA CYS A 1238 -16.54 -9.86 -24.14
C CYS A 1238 -15.20 -9.22 -24.47
N HIS A 1239 -14.32 -9.04 -23.48
CA HIS A 1239 -13.02 -8.45 -23.74
C HIS A 1239 -12.08 -9.41 -24.45
N PHE A 1240 -12.31 -10.71 -24.30
CA PHE A 1240 -11.50 -11.71 -24.99
C PHE A 1240 -11.76 -11.67 -26.49
N PHE A 1241 -13.01 -11.63 -26.88
CA PHE A 1241 -13.40 -11.71 -28.28
C PHE A 1241 -13.62 -10.34 -28.91
N SER A 1242 -13.16 -9.27 -28.25
CA SER A 1242 -13.27 -7.89 -28.71
C SER A 1242 -14.73 -7.49 -28.96
N LYS A 1243 -15.61 -7.92 -28.06
CA LYS A 1243 -17.02 -7.58 -28.12
C LYS A 1243 -17.32 -6.44 -27.17
N VAL A 1244 -18.34 -5.66 -27.52
CA VAL A 1244 -18.78 -4.59 -26.63
C VAL A 1244 -19.50 -5.19 -25.43
N PRO A 1245 -19.12 -4.86 -24.20
CA PRO A 1245 -19.79 -5.43 -23.04
C PRO A 1245 -21.23 -4.95 -22.91
N ASN A 1246 -22.00 -5.68 -22.12
CA ASN A 1246 -23.40 -5.35 -21.89
C ASN A 1246 -23.55 -4.44 -20.67
N ILE A 1247 -22.78 -3.35 -20.69
CA ILE A 1247 -22.70 -2.36 -19.63
C ILE A 1247 -22.98 -1.00 -20.24
N GLY A 1248 -23.94 -0.27 -19.69
CA GLY A 1248 -24.14 1.10 -20.11
C GLY A 1248 -24.72 1.19 -21.51
N THR A 1249 -24.02 1.95 -22.37
CA THR A 1249 -24.44 2.12 -23.75
C THR A 1249 -24.38 0.82 -24.53
N GLY A 1250 -23.50 -0.10 -24.15
CA GLY A 1250 -23.46 -1.42 -24.72
C GLY A 1250 -24.51 -2.37 -24.22
N TYR A 1251 -25.40 -1.92 -23.33
CA TYR A 1251 -26.50 -2.75 -22.86
C TYR A 1251 -27.54 -2.98 -23.94
N TYR A 1252 -27.58 -2.13 -24.96
CA TYR A 1252 -28.59 -2.20 -26.00
C TYR A 1252 -27.95 -2.54 -27.34
N LYS A 1253 -28.71 -3.22 -28.18
CA LYS A 1253 -28.31 -3.46 -29.56
C LYS A 1253 -28.82 -2.33 -30.43
N TYR A 1254 -28.01 -1.93 -31.40
CA TYR A 1254 -28.32 -0.78 -32.25
C TYR A 1254 -28.41 -1.22 -33.70
N PHE A 1255 -29.52 -0.84 -34.33
CA PHE A 1255 -29.78 -1.14 -35.73
C PHE A 1255 -29.87 0.17 -36.48
N ILE A 1256 -29.90 0.08 -37.81
CA ILE A 1256 -30.15 1.24 -38.66
C ILE A 1256 -31.33 0.92 -39.57
N ASP A 1257 -32.27 1.85 -39.64
CA ASP A 1257 -33.46 1.71 -40.47
C ASP A 1257 -33.17 2.34 -41.82
N LEU A 1258 -32.92 1.50 -42.82
CA LEU A 1258 -32.62 1.96 -44.16
C LEU A 1258 -33.86 2.25 -45.00
N GLY A 1259 -35.02 2.37 -44.37
CA GLY A 1259 -36.23 2.63 -45.13
C GLY A 1259 -36.29 4.05 -45.65
N LEU A 1260 -35.95 5.02 -44.81
CA LEU A 1260 -36.03 6.41 -45.21
C LEU A 1260 -34.93 6.78 -46.20
N LEU A 1261 -33.81 6.04 -46.21
CA LEU A 1261 -32.79 6.27 -47.21
C LEU A 1261 -33.17 5.69 -48.55
N MET A 1262 -33.78 4.50 -48.57
CA MET A 1262 -34.23 3.89 -49.81
C MET A 1262 -35.48 4.56 -50.36
N ARG A 1263 -36.25 5.26 -49.52
CA ARG A 1263 -37.45 5.93 -49.98
C ARG A 1263 -37.11 7.13 -50.85
N MET A 1264 -35.95 7.76 -50.62
CA MET A 1264 -35.48 8.85 -51.46
C MET A 1264 -34.10 8.54 -52.01
N GLU B 8 26.36 19.87 30.47
CA GLU B 8 27.17 20.34 29.35
C GLU B 8 28.44 19.51 29.22
N MET B 9 28.87 18.89 30.32
CA MET B 9 30.12 18.14 30.33
C MET B 9 30.00 16.84 29.57
N ASP B 10 28.86 16.15 29.69
CA ASP B 10 28.65 14.91 28.95
C ASP B 10 28.50 15.16 27.46
N GLN B 11 28.00 16.34 27.08
CA GLN B 11 27.91 16.67 25.67
C GLN B 11 29.30 16.89 25.07
N ARG B 12 30.20 17.52 25.81
CA ARG B 12 31.57 17.70 25.32
C ARG B 12 32.33 16.38 25.31
N LEU B 13 32.07 15.52 26.30
CA LEU B 13 32.67 14.19 26.32
C LEU B 13 32.18 13.34 25.15
N GLY B 14 30.91 13.49 24.77
CA GLY B 14 30.41 12.80 23.60
C GLY B 14 30.89 13.40 22.29
N TYR B 15 31.16 14.71 22.29
CA TYR B 15 31.73 15.35 21.10
C TYR B 15 33.16 14.90 20.87
N LYS B 16 33.86 14.54 21.96
CA LYS B 16 35.22 14.02 21.82
C LYS B 16 35.28 12.67 21.11
N PHE B 17 34.19 11.91 21.12
CA PHE B 17 34.16 10.67 20.36
C PHE B 17 33.99 10.92 18.87
N LEU B 18 33.29 11.99 18.50
CA LEU B 18 32.97 12.22 17.10
C LEU B 18 34.15 12.81 16.31
N VAL B 19 35.00 13.59 16.97
CA VAL B 19 36.14 14.24 16.33
C VAL B 19 37.19 13.18 16.04
N PRO B 20 38.09 13.38 15.07
CA PRO B 20 39.11 12.37 14.79
C PRO B 20 40.14 12.25 15.91
N ASP B 21 40.63 11.02 16.09
CA ASP B 21 41.62 10.68 17.10
C ASP B 21 42.89 10.24 16.36
N PRO B 22 43.85 11.16 16.14
CA PRO B 22 45.07 10.77 15.44
C PRO B 22 45.98 9.88 16.27
N LYS B 23 45.82 9.86 17.60
CA LYS B 23 46.65 9.02 18.44
C LYS B 23 46.22 7.56 18.38
N ALA B 24 44.91 7.32 18.31
CA ALA B 24 44.38 5.97 18.21
C ALA B 24 44.26 5.48 16.78
N GLY B 25 44.71 6.26 15.80
CA GLY B 25 44.61 5.87 14.41
C GLY B 25 43.25 6.11 13.79
N VAL B 26 42.42 6.95 14.40
CA VAL B 26 41.08 7.25 13.90
C VAL B 26 41.14 8.59 13.19
N PHE B 27 41.22 8.55 11.86
CA PHE B 27 41.21 9.78 11.08
C PHE B 27 39.82 10.15 10.58
N TYR B 28 38.94 9.17 10.44
CA TYR B 28 37.54 9.41 10.10
C TYR B 28 36.69 8.47 10.95
N ARG B 29 36.16 9.00 12.04
CA ARG B 29 35.28 8.21 12.92
C ARG B 29 34.02 7.63 12.26
N PRO B 30 33.29 8.30 11.35
CA PRO B 30 32.09 7.65 10.77
C PRO B 30 32.34 6.40 9.94
N LEU B 31 33.58 6.08 9.55
CA LEU B 31 33.83 4.87 8.78
C LEU B 31 35.05 4.11 9.29
N HIS B 32 35.47 4.35 10.52
CA HIS B 32 36.72 3.82 11.02
C HIS B 32 36.68 2.31 11.25
N PHE B 33 35.52 1.80 11.70
CA PHE B 33 35.41 0.36 11.96
C PHE B 33 35.43 -0.46 10.67
N GLN B 34 34.94 0.09 9.56
CA GLN B 34 35.04 -0.63 8.30
C GLN B 34 36.46 -0.61 7.73
N TYR B 35 37.18 0.49 7.92
CA TYR B 35 38.59 0.54 7.54
C TYR B 35 39.41 -0.47 8.33
N VAL B 36 39.16 -0.55 9.63
CA VAL B 36 39.90 -1.49 10.47
C VAL B 36 39.50 -2.93 10.15
N SER B 37 38.24 -3.15 9.75
CA SER B 37 37.80 -4.49 9.35
C SER B 37 38.52 -4.96 8.10
N TYR B 38 38.56 -4.13 7.06
CA TYR B 38 39.25 -4.51 5.84
C TYR B 38 40.76 -4.59 6.05
N SER B 39 41.32 -3.74 6.92
CA SER B 39 42.75 -3.80 7.20
C SER B 39 43.11 -5.07 7.97
N ASN B 40 42.22 -5.50 8.87
CA ASN B 40 42.43 -6.73 9.60
C ASN B 40 42.33 -7.94 8.68
N PHE B 41 41.47 -7.86 7.66
CA PHE B 41 41.43 -8.96 6.69
C PHE B 41 42.71 -9.00 5.85
N ILE B 42 43.03 -7.89 5.17
CA ILE B 42 44.07 -7.95 4.14
C ILE B 42 45.48 -7.87 4.70
N LEU B 43 45.66 -7.47 5.96
CA LEU B 43 47.01 -7.40 6.50
C LEU B 43 47.36 -8.59 7.38
N HIS B 44 46.39 -9.20 8.06
CA HIS B 44 46.70 -10.29 8.98
C HIS B 44 45.95 -11.58 8.68
N ARG B 45 44.64 -11.49 8.47
CA ARG B 45 43.81 -12.69 8.45
C ARG B 45 43.95 -13.46 7.15
N LEU B 46 44.22 -12.78 6.04
CA LEU B 46 44.51 -13.48 4.79
C LEU B 46 45.82 -14.26 4.89
N HIS B 47 46.79 -13.71 5.62
CA HIS B 47 48.04 -14.41 5.89
C HIS B 47 47.82 -15.64 6.78
N GLU B 48 46.82 -15.59 7.65
CA GLU B 48 46.53 -16.74 8.51
C GLU B 48 45.75 -17.80 7.76
N ILE B 49 44.86 -17.40 6.88
CA ILE B 49 44.03 -18.36 6.15
C ILE B 49 44.82 -19.05 5.06
N LEU B 50 45.56 -18.27 4.25
CA LEU B 50 46.23 -18.84 3.09
C LEU B 50 47.46 -19.66 3.48
N THR B 51 48.08 -19.38 4.62
CA THR B 51 49.18 -20.23 5.09
C THR B 51 48.61 -21.53 5.64
N VAL B 52 48.79 -22.61 4.89
CA VAL B 52 48.23 -23.91 5.20
C VAL B 52 49.36 -24.91 5.30
N LYS B 53 49.33 -25.75 6.34
CA LYS B 53 50.19 -26.94 6.42
C LYS B 53 49.38 -28.03 7.10
N ARG B 54 48.69 -28.84 6.30
CA ARG B 54 47.82 -29.88 6.82
C ARG B 54 47.96 -31.13 5.97
N PRO B 55 47.81 -32.31 6.56
CA PRO B 55 47.88 -33.54 5.76
C PRO B 55 46.61 -33.77 4.95
N LEU B 56 46.80 -34.04 3.66
CA LEU B 56 45.66 -34.23 2.76
C LEU B 56 45.17 -35.68 2.82
N LEU B 57 46.05 -36.63 2.51
CA LEU B 57 45.77 -38.05 2.66
C LEU B 57 46.90 -38.72 3.42
N SER B 58 46.60 -39.87 4.02
CA SER B 58 47.56 -40.62 4.81
C SER B 58 47.29 -42.11 4.67
N PHE B 59 48.35 -42.88 4.41
CA PHE B 59 48.28 -44.30 4.16
C PHE B 59 49.33 -45.06 4.95
N LYS B 60 49.16 -46.38 4.95
CA LYS B 60 50.05 -47.38 5.56
C LYS B 60 50.16 -47.19 7.07
N ASN B 61 49.00 -47.25 7.73
CA ASN B 61 48.84 -47.06 9.18
C ASN B 61 49.47 -45.74 9.64
N ASN B 62 49.00 -44.66 8.99
CA ASN B 62 49.37 -43.24 9.19
C ASN B 62 50.84 -42.99 9.49
N THR B 63 51.73 -43.68 8.75
CA THR B 63 53.14 -43.29 8.70
C THR B 63 53.55 -42.76 7.33
N GLU B 64 52.70 -42.90 6.31
CA GLU B 64 52.88 -42.23 5.04
C GLU B 64 51.78 -41.19 4.91
N ARG B 65 52.12 -39.98 4.46
CA ARG B 65 51.13 -38.94 4.29
C ARG B 65 51.59 -37.94 3.25
N ILE B 66 50.62 -37.41 2.51
CA ILE B 66 50.86 -36.34 1.53
C ILE B 66 50.38 -35.04 2.18
N MET B 67 51.30 -34.10 2.36
CA MET B 67 50.96 -32.82 2.95
C MET B 67 51.02 -31.71 1.91
N ILE B 68 49.96 -30.92 1.84
CA ILE B 68 50.00 -29.68 1.10
C ILE B 68 50.62 -28.59 1.98
N GLU B 69 51.21 -27.58 1.35
CA GLU B 69 51.92 -26.55 2.10
C GLU B 69 51.90 -25.28 1.26
N ILE B 70 51.12 -24.29 1.70
CA ILE B 70 51.07 -23.00 1.05
C ILE B 70 51.81 -21.99 1.92
N SER B 71 52.70 -21.22 1.31
CA SER B 71 53.52 -20.26 2.02
C SER B 71 53.84 -19.12 1.07
N ASN B 72 54.67 -18.19 1.55
CA ASN B 72 55.15 -17.02 0.80
C ASN B 72 53.99 -16.17 0.27
N VAL B 73 52.96 -16.00 1.09
CA VAL B 73 51.79 -15.22 0.70
C VAL B 73 52.16 -13.75 0.75
N LYS B 74 52.06 -13.07 -0.39
CA LYS B 74 52.40 -11.65 -0.45
C LYS B 74 51.35 -10.92 -1.27
N VAL B 75 50.90 -9.78 -0.74
CA VAL B 75 49.85 -8.97 -1.35
C VAL B 75 50.45 -7.62 -1.73
N THR B 76 50.29 -7.23 -2.99
CA THR B 76 50.82 -5.97 -3.49
C THR B 76 49.70 -5.10 -4.03
N PRO B 77 49.75 -3.79 -3.80
CA PRO B 77 48.72 -2.89 -4.31
C PRO B 77 48.91 -2.63 -5.80
N PRO B 78 47.87 -2.14 -6.49
CA PRO B 78 48.05 -1.76 -7.89
C PRO B 78 48.88 -0.50 -8.04
N ASP B 79 49.45 -0.33 -9.22
CA ASP B 79 50.36 0.79 -9.50
C ASP B 79 49.63 1.98 -10.12
N TYR B 80 48.51 2.38 -9.53
CA TYR B 80 47.81 3.59 -9.93
C TYR B 80 46.87 4.00 -8.78
N SER B 81 46.23 5.14 -8.97
CA SER B 81 45.23 5.72 -8.08
C SER B 81 43.85 5.25 -8.51
N PRO B 82 42.84 5.33 -7.63
CA PRO B 82 41.48 4.91 -8.04
C PRO B 82 40.85 5.77 -9.12
N ILE B 83 41.26 7.03 -9.29
CA ILE B 83 40.68 7.86 -10.34
C ILE B 83 41.19 7.43 -11.71
N ILE B 84 42.44 6.98 -11.79
CA ILE B 84 42.94 6.45 -13.05
C ILE B 84 42.31 5.10 -13.36
N ALA B 85 42.01 4.31 -12.32
CA ALA B 85 41.28 3.07 -12.51
C ALA B 85 39.85 3.32 -12.98
N SER B 86 39.24 4.41 -12.52
CA SER B 86 37.89 4.73 -12.95
C SER B 86 37.86 5.28 -14.36
N ILE B 87 38.86 6.09 -14.73
CA ILE B 87 38.86 6.70 -16.07
C ILE B 87 39.27 5.68 -17.11
N LYS B 88 40.39 4.98 -16.89
CA LYS B 88 40.95 4.09 -17.91
C LYS B 88 40.09 2.85 -18.11
N GLY B 89 39.42 2.36 -17.06
CA GLY B 89 38.59 1.18 -17.14
C GLY B 89 39.09 0.01 -16.33
N LYS B 90 40.25 0.13 -15.68
CA LYS B 90 40.79 -0.97 -14.90
C LYS B 90 40.02 -1.13 -13.59
N SER B 91 40.38 -2.16 -12.84
CA SER B 91 39.75 -2.46 -11.56
C SER B 91 40.78 -2.32 -10.46
N TYR B 92 40.41 -1.61 -9.39
CA TYR B 92 41.31 -1.36 -8.26
C TYR B 92 41.39 -2.64 -7.42
N ASP B 93 42.26 -3.54 -7.86
CA ASP B 93 42.44 -4.84 -7.24
C ASP B 93 43.89 -5.00 -6.79
N ALA B 94 44.07 -5.50 -5.58
CA ALA B 94 45.38 -5.91 -5.13
C ALA B 94 45.69 -7.32 -5.65
N LEU B 95 46.97 -7.62 -5.78
CA LEU B 95 47.41 -8.88 -6.35
C LEU B 95 48.15 -9.66 -5.28
N ALA B 96 47.63 -10.82 -4.92
CA ALA B 96 48.28 -11.70 -3.96
C ALA B 96 48.80 -12.94 -4.67
N THR B 97 50.02 -13.34 -4.29
CA THR B 97 50.66 -14.53 -4.83
C THR B 97 51.15 -15.40 -3.67
N PHE B 98 51.19 -16.71 -3.92
CA PHE B 98 51.61 -17.68 -2.93
C PHE B 98 52.33 -18.83 -3.64
N THR B 99 53.09 -19.59 -2.86
CA THR B 99 53.76 -20.79 -3.35
C THR B 99 53.12 -22.00 -2.67
N VAL B 100 52.59 -22.91 -3.47
CA VAL B 100 51.91 -24.10 -2.97
C VAL B 100 52.70 -25.34 -3.38
N ASN B 101 52.97 -26.22 -2.41
CA ASN B 101 53.80 -27.38 -2.61
C ASN B 101 53.08 -28.61 -2.09
N ILE B 102 52.95 -29.64 -2.92
CA ILE B 102 52.44 -30.94 -2.51
C ILE B 102 53.61 -31.92 -2.52
N PHE B 103 53.71 -32.72 -1.47
CA PHE B 103 54.81 -33.65 -1.30
C PHE B 103 54.38 -34.73 -0.33
N LYS B 104 54.89 -35.94 -0.52
CA LYS B 104 54.61 -37.03 0.40
C LYS B 104 55.70 -37.10 1.46
N GLU B 105 55.30 -37.47 2.67
CA GLU B 105 56.14 -37.36 3.85
C GLU B 105 55.99 -38.64 4.67
N VAL B 106 57.00 -39.50 4.63
CA VAL B 106 57.00 -40.77 5.33
C VAL B 106 57.98 -40.70 6.48
N MET B 107 57.58 -41.20 7.64
CA MET B 107 58.38 -41.12 8.85
C MET B 107 59.12 -42.45 9.05
N THR B 108 60.44 -42.38 9.07
CA THR B 108 61.28 -43.53 9.38
C THR B 108 61.51 -43.51 10.90
N LYS B 109 62.47 -44.30 11.39
CA LYS B 109 62.79 -44.27 12.81
C LYS B 109 63.45 -42.95 13.20
N GLU B 110 64.45 -42.51 12.42
CA GLU B 110 65.04 -41.19 12.60
C GLU B 110 65.21 -40.48 11.26
N GLY B 111 64.27 -40.67 10.35
CA GLY B 111 64.32 -40.00 9.07
C GLY B 111 62.93 -39.58 8.63
N ILE B 112 62.88 -38.50 7.86
CA ILE B 112 61.64 -37.96 7.31
C ILE B 112 61.88 -37.80 5.81
N SER B 113 61.26 -38.67 5.02
CA SER B 113 61.47 -38.69 3.56
C SER B 113 60.49 -37.69 2.93
N ILE B 114 60.96 -36.47 2.74
CA ILE B 114 60.15 -35.40 2.16
C ILE B 114 60.52 -35.30 0.68
N THR B 115 59.77 -36.04 -0.15
CA THR B 115 60.02 -36.06 -1.58
C THR B 115 58.99 -35.18 -2.28
N LYS B 116 59.48 -34.17 -2.99
CA LYS B 116 58.62 -33.17 -3.62
C LYS B 116 57.86 -33.77 -4.79
N ILE B 117 56.53 -33.80 -4.67
CA ILE B 117 55.69 -34.26 -5.77
C ILE B 117 55.49 -33.15 -6.79
N SER B 118 54.87 -32.05 -6.37
CA SER B 118 54.59 -30.94 -7.26
C SER B 118 54.77 -29.62 -6.52
N SER B 119 55.13 -28.58 -7.25
CA SER B 119 55.35 -27.26 -6.69
C SER B 119 54.78 -26.21 -7.64
N TYR B 120 54.45 -25.05 -7.07
CA TYR B 120 53.91 -23.95 -7.87
C TYR B 120 54.26 -22.65 -7.15
N GLU B 121 55.23 -21.92 -7.69
CA GLU B 121 55.68 -20.65 -7.14
C GLU B 121 54.99 -19.53 -7.92
N GLY B 122 53.94 -18.98 -7.34
CA GLY B 122 53.20 -17.89 -7.97
C GLY B 122 52.39 -18.34 -9.16
N HIS B 126 50.60 -13.25 -11.54
CA HIS B 126 49.77 -12.92 -10.39
C HIS B 126 48.70 -13.98 -10.19
N LEU B 127 48.47 -14.37 -8.93
CA LEU B 127 47.59 -15.50 -8.67
C LEU B 127 46.15 -15.07 -8.42
N ILE B 128 45.91 -14.29 -7.37
CA ILE B 128 44.55 -13.90 -7.01
C ILE B 128 44.45 -12.38 -6.98
N LYS B 129 43.40 -11.85 -7.60
CA LYS B 129 43.12 -10.42 -7.57
C LYS B 129 41.96 -10.19 -6.60
N ILE B 130 42.26 -9.47 -5.53
CA ILE B 130 41.30 -9.19 -4.46
C ILE B 130 40.82 -7.76 -4.64
N PRO B 131 39.52 -7.47 -4.49
CA PRO B 131 39.08 -6.07 -4.55
C PRO B 131 39.61 -5.27 -3.37
N LEU B 132 40.16 -4.10 -3.66
CA LEU B 132 40.85 -3.27 -2.69
C LEU B 132 39.92 -2.13 -2.25
N LEU B 133 39.82 -1.95 -0.94
CA LEU B 133 38.93 -0.93 -0.38
C LEU B 133 39.60 0.43 -0.44
N ILE B 134 38.97 1.36 -1.15
CA ILE B 134 39.40 2.75 -1.15
C ILE B 134 39.01 3.36 0.19
N GLY B 135 40.01 3.82 0.93
CA GLY B 135 39.81 4.31 2.27
C GLY B 135 39.72 5.82 2.34
N TYR B 136 40.06 6.36 3.51
CA TYR B 136 39.96 7.79 3.74
C TYR B 136 41.05 8.53 2.99
N GLY B 137 40.65 9.47 2.13
CA GLY B 137 41.60 10.21 1.33
C GLY B 137 42.20 9.39 0.20
N ASN B 138 41.44 8.44 -0.35
CA ASN B 138 41.85 7.51 -1.41
C ASN B 138 43.10 6.73 -1.02
N LYS B 139 43.17 6.30 0.24
CA LYS B 139 44.32 5.58 0.77
C LYS B 139 43.92 4.16 1.15
N ASN B 140 44.47 3.19 0.45
CA ASN B 140 44.26 1.78 0.73
C ASN B 140 45.18 1.33 1.87
N PRO B 141 44.89 0.18 2.50
CA PRO B 141 45.78 -0.30 3.58
C PRO B 141 47.17 -0.73 3.13
N LEU B 142 47.40 -0.91 1.84
CA LEU B 142 48.69 -1.39 1.35
C LEU B 142 49.64 -0.27 0.97
N ASP B 143 49.13 0.80 0.34
CA ASP B 143 49.95 1.97 0.05
C ASP B 143 50.21 2.78 1.31
N THR B 144 51.37 2.55 1.93
CA THR B 144 51.74 3.22 3.17
C THR B 144 52.19 4.66 2.96
N ALA B 145 52.47 5.06 1.72
CA ALA B 145 52.97 6.39 1.41
C ALA B 145 52.16 6.95 0.24
N LYS B 146 51.18 7.80 0.56
CA LYS B 146 50.30 8.37 -0.45
C LYS B 146 49.71 9.66 0.10
N TYR B 147 49.47 10.62 -0.79
CA TYR B 147 49.00 11.95 -0.41
C TYR B 147 47.48 11.93 -0.21
N LEU B 148 47.03 12.44 0.93
CA LEU B 148 45.61 12.40 1.28
C LEU B 148 44.83 13.42 0.45
N VAL B 149 43.93 12.93 -0.39
CA VAL B 149 42.97 13.79 -1.10
C VAL B 149 42.02 14.41 -0.08
N PRO B 150 41.88 15.73 -0.03
CA PRO B 150 41.28 16.38 1.15
C PRO B 150 39.76 16.34 1.22
N ASN B 151 39.08 15.54 0.41
CA ASN B 151 37.62 15.50 0.51
C ASN B 151 37.02 14.11 0.48
N VAL B 152 37.72 13.10 -0.04
CA VAL B 152 37.14 11.78 -0.23
C VAL B 152 37.25 10.99 1.07
N ILE B 153 36.16 10.30 1.43
CA ILE B 153 36.17 9.41 2.59
C ILE B 153 36.27 7.95 2.20
N GLY B 154 35.99 7.59 0.95
CA GLY B 154 36.18 6.23 0.49
C GLY B 154 35.10 5.28 0.95
N GLY B 155 35.48 4.04 1.23
CA GLY B 155 34.53 3.03 1.63
C GLY B 155 33.84 2.32 0.50
N VAL B 156 34.42 2.33 -0.70
CA VAL B 156 33.82 1.72 -1.88
C VAL B 156 34.86 0.84 -2.57
N PHE B 157 34.37 -0.02 -3.46
CA PHE B 157 35.19 -0.90 -4.28
C PHE B 157 34.92 -0.60 -5.74
N ILE B 158 35.97 -0.57 -6.54
CA ILE B 158 35.85 -0.35 -7.98
C ILE B 158 35.77 -1.70 -8.68
N ASN B 159 34.72 -1.89 -9.47
CA ASN B 159 34.46 -3.13 -10.18
C ASN B 159 35.35 -3.25 -11.41
N LYS B 160 35.14 -4.33 -12.16
CA LYS B 160 35.88 -4.55 -13.41
C LYS B 160 35.37 -3.68 -14.54
N GLN B 161 34.15 -3.14 -14.41
CA GLN B 161 33.58 -2.21 -15.38
C GLN B 161 33.53 -0.78 -14.85
N SER B 162 34.49 -0.44 -13.98
CA SER B 162 34.62 0.89 -13.34
C SER B 162 33.39 1.27 -12.52
N VAL B 163 32.71 0.29 -11.96
CA VAL B 163 31.49 0.52 -11.20
C VAL B 163 31.85 0.55 -9.73
N GLU B 164 31.40 1.58 -9.02
CA GLU B 164 31.66 1.67 -7.59
C GLU B 164 30.69 0.78 -6.83
N LYS B 165 31.23 -0.09 -5.98
CA LYS B 165 30.45 -1.04 -5.22
C LYS B 165 30.57 -0.71 -3.74
N VAL B 166 29.44 -0.69 -3.04
CA VAL B 166 29.40 -0.32 -1.63
C VAL B 166 28.62 -1.39 -0.87
N GLY B 167 29.00 -1.61 0.38
CA GLY B 167 28.47 -2.72 1.14
C GLY B 167 27.85 -2.31 2.46
N ILE B 168 26.85 -3.09 2.87
CA ILE B 168 26.21 -2.92 4.15
C ILE B 168 26.71 -4.00 5.11
N ASN B 169 26.44 -3.81 6.39
CA ASN B 169 26.73 -4.83 7.38
C ASN B 169 25.54 -5.78 7.51
N LEU B 170 25.83 -7.03 7.83
CA LEU B 170 24.81 -8.07 7.86
C LEU B 170 24.82 -8.79 9.21
N VAL B 171 23.62 -9.04 9.72
CA VAL B 171 23.48 -9.80 10.96
C VAL B 171 23.78 -11.27 10.68
N GLU B 172 24.62 -11.86 11.53
CA GLU B 172 25.00 -13.26 11.39
C GLU B 172 23.80 -14.18 11.60
N LYS B 173 23.90 -15.39 11.04
CA LYS B 173 22.87 -16.39 11.23
C LYS B 173 23.08 -17.16 12.53
N ILE B 174 24.34 -17.37 12.92
CA ILE B 174 24.64 -18.07 14.16
C ILE B 174 24.29 -17.18 15.34
N THR B 175 23.53 -17.72 16.28
CA THR B 175 23.01 -16.99 17.42
C THR B 175 23.88 -17.27 18.64
N THR B 176 24.11 -16.23 19.44
CA THR B 176 24.98 -16.38 20.62
C THR B 176 24.24 -16.87 21.85
N TRP B 177 22.92 -16.71 21.90
CA TRP B 177 22.05 -17.35 22.87
C TRP B 177 21.31 -18.50 22.19
N PRO B 178 20.90 -19.53 22.92
CA PRO B 178 20.12 -20.60 22.30
C PRO B 178 18.70 -20.14 21.97
N LYS B 179 18.10 -20.84 21.02
CA LYS B 179 16.82 -20.46 20.45
C LYS B 179 15.72 -21.35 21.01
N PHE B 180 14.66 -20.72 21.50
CA PHE B 180 13.51 -21.43 22.06
C PHE B 180 12.39 -21.47 21.04
N ARG B 181 11.69 -22.61 21.00
CA ARG B 181 10.59 -22.78 20.07
C ARG B 181 9.54 -23.68 20.71
N VAL B 182 8.28 -23.46 20.35
CA VAL B 182 7.17 -24.33 20.74
C VAL B 182 6.65 -24.98 19.46
N VAL B 183 6.92 -26.27 19.30
CA VAL B 183 6.51 -26.99 18.10
C VAL B 183 5.02 -27.23 18.13
N LYS B 184 4.58 -28.03 19.10
CA LYS B 184 3.20 -28.28 19.44
C LYS B 184 3.09 -28.06 20.95
N PRO B 185 1.88 -27.78 21.47
CA PRO B 185 1.76 -27.43 22.90
C PRO B 185 2.21 -28.54 23.84
N ASN B 186 2.87 -28.11 24.92
CA ASN B 186 3.65 -28.96 25.83
C ASN B 186 4.75 -29.73 25.12
N SER B 187 5.33 -29.14 24.08
CA SER B 187 6.52 -29.67 23.43
C SER B 187 7.40 -28.50 23.03
N PHE B 188 8.63 -28.48 23.55
CA PHE B 188 9.51 -27.33 23.42
C PHE B 188 10.86 -27.73 22.85
N THR B 189 11.55 -26.76 22.27
CA THR B 189 12.79 -26.97 21.54
C THR B 189 13.80 -25.91 21.97
N PHE B 190 15.04 -26.32 22.18
CA PHE B 190 16.10 -25.41 22.63
C PHE B 190 17.30 -25.68 21.73
N SER B 191 17.48 -24.86 20.71
CA SER B 191 18.50 -25.07 19.69
C SER B 191 19.65 -24.13 19.91
N PHE B 192 20.87 -24.67 20.02
CA PHE B 192 22.05 -23.85 20.15
C PHE B 192 23.11 -24.32 19.17
N SER B 193 24.17 -23.54 19.06
CA SER B 193 25.22 -23.79 18.09
C SER B 193 26.57 -23.58 18.74
N SER B 194 27.59 -24.20 18.14
CA SER B 194 28.95 -24.13 18.65
C SER B 194 29.90 -23.98 17.49
N VAL B 195 30.67 -22.91 17.49
CA VAL B 195 31.67 -22.60 16.47
C VAL B 195 33.03 -22.55 17.15
N SER B 196 34.06 -23.02 16.43
CA SER B 196 35.42 -23.04 16.94
C SER B 196 35.95 -21.63 17.19
N PRO B 197 36.94 -21.49 18.08
CA PRO B 197 37.63 -20.21 18.21
C PRO B 197 38.37 -19.86 16.92
N PRO B 198 38.56 -18.57 16.65
CA PRO B 198 39.07 -18.16 15.33
C PRO B 198 40.52 -18.53 15.05
N ASN B 199 41.26 -19.05 16.02
CA ASN B 199 42.60 -19.57 15.78
C ASN B 199 42.60 -21.03 15.40
N VAL B 200 41.42 -21.63 15.18
CA VAL B 200 41.29 -23.03 14.81
C VAL B 200 40.78 -23.05 13.38
N LEU B 201 41.67 -23.38 12.44
CA LEU B 201 41.35 -23.41 11.03
C LEU B 201 41.51 -24.83 10.50
N PRO B 202 40.51 -25.36 9.76
CA PRO B 202 39.20 -24.79 9.44
C PRO B 202 38.20 -24.86 10.60
N THR B 203 37.22 -23.96 10.59
CA THR B 203 36.28 -23.86 11.70
C THR B 203 35.22 -24.95 11.62
N ARG B 204 34.76 -25.37 12.79
CA ARG B 204 33.75 -26.42 12.92
C ARG B 204 32.46 -25.84 13.48
N TYR B 205 31.36 -26.08 12.79
CA TYR B 205 30.04 -25.73 13.28
C TYR B 205 29.31 -26.98 13.76
N ARG B 206 28.67 -26.88 14.92
CA ARG B 206 27.86 -27.96 15.44
C ARG B 206 26.55 -27.38 15.95
N HIS B 207 25.44 -27.79 15.34
CA HIS B 207 24.12 -27.27 15.66
C HIS B 207 23.37 -28.32 16.46
N TYR B 208 23.30 -28.13 17.78
CA TYR B 208 22.66 -29.06 18.68
C TYR B 208 21.24 -28.60 19.02
N LYS B 209 20.41 -29.56 19.41
CA LYS B 209 19.00 -29.29 19.69
C LYS B 209 18.56 -30.15 20.86
N ILE B 210 17.86 -29.53 21.81
CA ILE B 210 17.28 -30.21 22.96
C ILE B 210 15.76 -30.21 22.77
N SER B 211 15.14 -31.37 22.90
CA SER B 211 13.69 -31.48 22.79
C SER B 211 13.10 -31.90 24.13
N LEU B 212 12.03 -31.23 24.53
CA LEU B 212 11.33 -31.54 25.77
C LEU B 212 9.86 -31.77 25.48
N ASP B 213 9.30 -32.80 26.09
CA ASP B 213 7.86 -33.06 26.02
C ASP B 213 7.40 -33.47 27.41
N ILE B 214 6.23 -32.96 27.81
CA ILE B 214 5.66 -33.38 29.08
C ILE B 214 5.14 -34.81 28.98
N SER B 215 4.75 -35.24 27.77
CA SER B 215 4.34 -36.63 27.57
C SER B 215 5.52 -37.58 27.69
N GLN B 216 6.68 -37.19 27.18
CA GLN B 216 7.89 -38.02 27.21
C GLN B 216 9.00 -37.23 27.90
N LEU B 217 9.01 -37.29 29.22
CA LEU B 217 10.06 -36.61 29.99
C LEU B 217 11.33 -37.43 30.08
N GLU B 218 11.30 -38.69 29.64
CA GLU B 218 12.51 -39.49 29.50
C GLU B 218 13.21 -39.25 28.18
N ALA B 219 12.52 -38.70 27.19
CA ALA B 219 13.12 -38.32 25.92
C ALA B 219 13.53 -36.84 25.92
N LEU B 220 14.27 -36.44 26.95
CA LEU B 220 14.87 -35.11 27.02
C LEU B 220 16.18 -35.18 26.24
N ASN B 221 16.07 -35.10 24.93
CA ASN B 221 17.09 -35.58 24.02
C ASN B 221 17.90 -34.42 23.46
N ILE B 222 19.19 -34.39 23.79
CA ILE B 222 20.16 -33.66 22.98
C ILE B 222 20.35 -34.41 21.67
N SER B 223 20.31 -33.69 20.55
CA SER B 223 20.18 -34.35 19.26
C SER B 223 20.73 -33.45 18.16
N SER B 224 21.86 -33.84 17.58
CA SER B 224 22.37 -33.20 16.39
C SER B 224 21.89 -33.95 15.15
N THR B 225 22.44 -33.65 13.98
CA THR B 225 22.08 -34.32 12.75
C THR B 225 23.33 -34.94 12.13
N LYS B 226 23.34 -36.27 12.03
CA LYS B 226 24.35 -37.09 11.35
C LYS B 226 25.77 -36.97 11.92
N THR B 227 25.94 -36.33 13.08
CA THR B 227 27.27 -36.20 13.65
C THR B 227 27.29 -36.38 15.16
N PHE B 228 26.15 -36.69 15.79
CA PHE B 228 26.11 -36.96 17.21
C PHE B 228 24.96 -37.88 17.51
N ILE B 229 25.01 -38.49 18.70
CA ILE B 229 24.02 -39.44 19.16
C ILE B 229 22.91 -38.71 19.90
N THR B 230 21.79 -39.41 20.06
CA THR B 230 20.58 -38.84 20.68
C THR B 230 20.48 -39.39 22.10
N VAL B 231 21.03 -38.64 23.05
CA VAL B 231 21.13 -39.09 24.43
C VAL B 231 20.20 -38.21 25.27
N ASN B 232 19.74 -38.76 26.39
CA ASN B 232 19.21 -37.93 27.46
C ASN B 232 20.31 -36.98 27.96
N ILE B 233 19.96 -35.70 28.11
CA ILE B 233 20.95 -34.70 28.47
C ILE B 233 21.37 -34.81 29.93
N VAL B 234 20.51 -35.35 30.80
CA VAL B 234 20.90 -35.54 32.19
C VAL B 234 21.92 -36.66 32.30
N LEU B 235 21.73 -37.73 31.53
CA LEU B 235 22.69 -38.81 31.50
C LEU B 235 23.98 -38.41 30.79
N LEU B 236 23.89 -37.52 29.80
CA LEU B 236 25.10 -37.01 29.16
C LEU B 236 25.90 -36.12 30.11
N SER B 237 25.21 -35.30 30.91
CA SER B 237 25.90 -34.52 31.93
C SER B 237 26.46 -35.41 33.03
N GLN B 238 25.79 -36.52 33.34
CA GLN B 238 26.32 -37.48 34.28
C GLN B 238 27.54 -38.21 33.72
N TYR B 239 27.60 -38.38 32.40
CA TYR B 239 28.77 -39.00 31.78
C TYR B 239 29.94 -38.03 31.74
N LEU B 240 29.68 -36.78 31.38
CA LEU B 240 30.76 -35.81 31.21
C LEU B 240 31.29 -35.30 32.54
N SER B 241 30.40 -35.00 33.48
CA SER B 241 30.83 -34.42 34.76
C SER B 241 31.15 -35.46 35.81
N ARG B 242 30.66 -36.70 35.64
CA ARG B 242 30.85 -37.82 36.57
C ARG B 242 30.32 -37.47 37.98
N VAL B 243 29.02 -37.14 38.03
CA VAL B 243 28.41 -36.68 39.26
C VAL B 243 26.98 -37.19 39.31
N SER B 244 26.44 -37.28 40.53
CA SER B 244 25.17 -37.96 40.76
C SER B 244 23.99 -37.14 40.26
N LEU B 245 22.83 -37.80 40.17
CA LEU B 245 21.61 -37.12 39.72
C LEU B 245 21.02 -36.24 40.81
N GLU B 246 21.29 -36.55 42.08
CA GLU B 246 20.88 -35.67 43.16
C GLU B 246 21.65 -34.35 43.11
N PHE B 247 22.90 -34.39 42.64
CA PHE B 247 23.66 -33.17 42.39
C PHE B 247 23.01 -32.32 41.31
N ILE B 248 22.57 -32.95 40.21
CA ILE B 248 21.95 -32.20 39.13
C ILE B 248 20.59 -31.67 39.56
N ARG B 249 19.87 -32.41 40.39
CA ARG B 249 18.60 -31.93 40.93
C ARG B 249 18.81 -30.75 41.86
N ARG B 250 19.83 -30.81 42.72
CA ARG B 250 20.08 -29.71 43.64
C ARG B 250 20.67 -28.50 42.91
N SER B 251 21.32 -28.71 41.78
CA SER B 251 21.85 -27.59 41.00
C SER B 251 20.77 -26.90 40.20
N LEU B 252 19.87 -27.68 39.58
CA LEU B 252 18.80 -27.08 38.79
C LEU B 252 17.68 -26.50 39.64
N SER B 253 17.68 -26.72 40.96
CA SER B 253 16.62 -26.25 41.84
C SER B 253 17.10 -25.27 42.88
N TYR B 254 18.29 -24.67 42.70
CA TYR B 254 18.84 -23.83 43.76
C TYR B 254 18.12 -22.49 43.84
N ASP B 255 18.15 -21.72 42.76
CA ASP B 255 17.56 -20.40 42.78
C ASP B 255 16.39 -20.35 41.81
N MET B 256 15.54 -21.36 41.84
CA MET B 256 14.43 -21.42 40.91
C MET B 256 13.11 -21.16 41.62
N PRO B 257 12.13 -20.61 40.92
CA PRO B 257 10.76 -20.55 41.45
C PRO B 257 10.19 -21.95 41.59
N PRO B 258 9.23 -22.16 42.50
CA PRO B 258 8.76 -23.53 42.78
C PRO B 258 7.98 -24.19 41.65
N GLU B 259 7.54 -23.45 40.64
CA GLU B 259 6.90 -24.10 39.50
C GLU B 259 7.90 -24.72 38.55
N VAL B 260 9.17 -24.32 38.61
CA VAL B 260 10.20 -24.92 37.78
C VAL B 260 10.78 -26.16 38.46
N VAL B 261 10.78 -26.19 39.79
CA VAL B 261 11.30 -27.32 40.55
C VAL B 261 10.47 -28.57 40.35
N TYR B 262 9.18 -28.43 40.02
CA TYR B 262 8.36 -29.59 39.68
C TYR B 262 8.81 -30.24 38.38
N LEU B 263 9.11 -29.43 37.35
CA LEU B 263 9.64 -29.97 36.11
C LEU B 263 11.05 -30.53 36.29
N VAL B 264 11.85 -29.92 37.17
CA VAL B 264 13.19 -30.42 37.47
C VAL B 264 13.10 -31.79 38.12
N ASN B 265 12.22 -31.94 39.12
CA ASN B 265 12.03 -33.22 39.77
C ASN B 265 11.46 -34.26 38.81
N ALA B 266 10.61 -33.83 37.86
CA ALA B 266 10.06 -34.77 36.89
C ALA B 266 11.11 -35.28 35.93
N ILE B 267 12.00 -34.40 35.43
CA ILE B 267 13.02 -34.88 34.50
C ILE B 267 14.11 -35.67 35.22
N ILE B 268 14.39 -35.34 36.49
CA ILE B 268 15.36 -36.12 37.24
C ILE B 268 14.80 -37.51 37.58
N ASP B 269 13.50 -37.59 37.86
CA ASP B 269 12.87 -38.89 38.11
C ASP B 269 12.77 -39.72 36.85
N SER B 270 12.54 -39.09 35.68
CA SER B 270 12.58 -39.86 34.44
C SER B 270 13.99 -40.34 34.11
N ALA B 271 15.00 -39.53 34.43
CA ALA B 271 16.39 -39.98 34.25
C ALA B 271 16.72 -41.14 35.17
N LYS B 272 16.25 -41.10 36.42
CA LYS B 272 16.46 -42.22 37.34
C LYS B 272 15.68 -43.45 36.92
N ARG B 273 14.51 -43.27 36.30
CA ARG B 273 13.73 -44.40 35.82
C ARG B 273 14.43 -45.08 34.64
N ILE B 274 14.94 -44.29 33.69
CA ILE B 274 15.65 -44.88 32.57
C ILE B 274 17.03 -45.38 32.99
N THR B 275 17.55 -44.92 34.14
CA THR B 275 18.73 -45.55 34.72
C THR B 275 18.39 -46.93 35.28
N GLU B 276 17.34 -47.01 36.09
CA GLU B 276 16.97 -48.25 36.75
C GLU B 276 16.32 -49.27 35.82
N SER B 277 15.96 -48.88 34.60
CA SER B 277 15.33 -49.81 33.67
C SER B 277 16.29 -50.86 33.13
N ILE B 278 17.60 -50.65 33.26
CA ILE B 278 18.60 -51.60 32.79
C ILE B 278 19.33 -52.15 34.01
N THR B 279 19.56 -53.46 34.04
CA THR B 279 20.14 -54.11 35.21
C THR B 279 21.61 -53.72 35.38
N ASP B 280 21.92 -53.12 36.54
CA ASP B 280 23.25 -52.64 36.93
C ASP B 280 23.78 -51.63 35.90
N PHE B 281 23.12 -50.48 35.90
CA PHE B 281 23.38 -49.43 34.93
C PHE B 281 24.77 -48.84 35.11
N ASN B 282 25.51 -48.76 34.00
CA ASN B 282 26.78 -48.05 33.92
C ASN B 282 26.65 -46.99 32.84
N ILE B 283 27.09 -45.77 33.15
CA ILE B 283 26.86 -44.67 32.23
C ILE B 283 27.79 -44.75 31.02
N ASP B 284 29.02 -45.27 31.22
CA ASP B 284 29.95 -45.43 30.11
C ASP B 284 29.47 -46.51 29.16
N THR B 285 28.87 -47.57 29.69
CA THR B 285 28.32 -48.63 28.85
C THR B 285 27.14 -48.14 28.03
N TYR B 286 26.29 -47.30 28.63
CA TYR B 286 25.13 -46.78 27.90
C TYR B 286 25.55 -45.79 26.81
N ILE B 287 26.53 -44.93 27.12
CA ILE B 287 27.06 -44.00 26.13
C ILE B 287 27.72 -44.75 24.98
N ASN B 288 28.55 -45.74 25.31
CA ASN B 288 29.24 -46.53 24.28
C ASN B 288 28.26 -47.37 23.47
N ASP B 289 27.17 -47.83 24.08
CA ASP B 289 26.15 -48.58 23.35
C ASP B 289 25.43 -47.68 22.34
N LEU B 290 25.16 -46.43 22.73
CA LEU B 290 24.56 -45.50 21.77
C LEU B 290 25.53 -45.16 20.64
N VAL B 291 26.81 -45.02 20.97
CA VAL B 291 27.85 -44.79 19.96
C VAL B 291 27.94 -45.97 18.99
N GLU B 292 27.91 -47.20 19.52
CA GLU B 292 27.93 -48.40 18.70
C GLU B 292 26.71 -48.50 17.80
N ALA B 293 25.54 -48.17 18.35
CA ALA B 293 24.28 -48.29 17.60
C ALA B 293 24.25 -47.31 16.43
N GLU B 294 24.62 -46.05 16.66
CA GLU B 294 24.62 -45.14 15.52
C GLU B 294 25.86 -45.28 14.64
N HIS B 295 26.92 -45.92 15.15
CA HIS B 295 28.06 -46.29 14.32
C HIS B 295 27.65 -47.32 13.27
N ILE B 296 26.96 -48.38 13.68
CA ILE B 296 26.50 -49.35 12.70
C ILE B 296 25.25 -48.88 11.96
N LYS B 297 24.57 -47.85 12.47
CA LYS B 297 23.42 -47.28 11.77
C LYS B 297 23.85 -46.38 10.62
N GLN B 298 24.92 -45.61 10.80
CA GLN B 298 25.38 -44.67 9.78
C GLN B 298 26.12 -45.33 8.62
N LYS B 299 26.33 -46.65 8.68
CA LYS B 299 27.13 -47.48 7.74
C LYS B 299 28.45 -46.81 7.34
N SER B 300 29.15 -46.30 8.36
CA SER B 300 30.41 -45.60 8.16
C SER B 300 31.56 -46.59 8.04
N GLN B 301 32.47 -46.31 7.12
CA GLN B 301 33.64 -47.16 6.90
C GLN B 301 34.79 -46.64 7.77
N LEU B 302 34.69 -46.92 9.06
CA LEU B 302 35.67 -46.47 10.02
C LEU B 302 35.63 -47.39 11.23
N THR B 303 36.78 -47.53 11.90
CA THR B 303 36.84 -48.30 13.13
C THR B 303 36.17 -47.54 14.28
N ILE B 304 36.03 -48.22 15.41
CA ILE B 304 35.18 -47.70 16.46
C ILE B 304 35.91 -46.73 17.38
N ASN B 305 37.24 -46.84 17.50
CA ASN B 305 37.99 -45.89 18.33
C ASN B 305 38.08 -44.53 17.64
N GLU B 306 38.32 -44.54 16.33
CA GLU B 306 38.33 -43.30 15.54
C GLU B 306 36.95 -42.64 15.54
N PHE B 307 35.89 -43.44 15.39
CA PHE B 307 34.53 -42.91 15.39
C PHE B 307 34.14 -42.35 16.74
N LYS B 308 34.52 -43.03 17.83
CA LYS B 308 34.17 -42.56 19.16
C LYS B 308 34.96 -41.31 19.53
N TYR B 309 36.23 -41.23 19.13
CA TYR B 309 37.00 -40.03 19.41
C TYR B 309 36.52 -38.85 18.57
N GLU B 310 36.13 -39.12 17.31
CA GLU B 310 35.59 -38.06 16.46
C GLU B 310 34.23 -37.59 16.95
N MET B 311 33.47 -38.46 17.60
CA MET B 311 32.16 -38.06 18.11
C MET B 311 32.29 -37.30 19.43
N LEU B 312 33.10 -37.80 20.35
CA LEU B 312 33.14 -37.27 21.71
C LEU B 312 34.24 -36.23 21.93
N HIS B 313 35.09 -35.99 20.94
CA HIS B 313 36.08 -34.92 21.04
C HIS B 313 35.65 -33.67 20.30
N ASN B 314 34.91 -33.82 19.20
CA ASN B 314 34.36 -32.70 18.46
C ASN B 314 33.01 -32.24 19.00
N PHE B 315 32.59 -32.78 20.14
CA PHE B 315 31.45 -32.23 20.86
C PHE B 315 31.83 -30.88 21.44
N LEU B 316 30.99 -29.86 21.19
CA LEU B 316 31.20 -28.45 21.54
C LEU B 316 32.54 -27.92 21.04
N PRO B 317 32.66 -27.59 19.74
CA PRO B 317 33.93 -27.01 19.24
C PRO B 317 34.36 -25.72 19.92
N HIS B 318 33.45 -24.94 20.49
CA HIS B 318 33.87 -23.77 21.26
C HIS B 318 34.46 -24.15 22.61
N MET B 319 34.28 -25.39 23.05
CA MET B 319 34.88 -25.91 24.26
C MET B 319 35.77 -27.10 23.91
N ASN B 320 36.63 -26.95 22.90
CA ASN B 320 37.32 -28.09 22.32
C ASN B 320 38.45 -28.60 23.20
N TYR B 321 39.17 -27.72 23.89
CA TYR B 321 40.34 -28.10 24.65
C TYR B 321 40.15 -27.83 26.14
N THR B 322 38.97 -28.17 26.65
CA THR B 322 38.65 -28.04 28.06
C THR B 322 38.38 -29.42 28.64
N PRO B 323 38.49 -29.59 29.97
CA PRO B 323 38.04 -30.85 30.58
C PRO B 323 36.55 -31.10 30.37
N ASP B 324 36.17 -32.38 30.42
CA ASP B 324 34.82 -32.78 30.07
C ASP B 324 33.82 -32.45 31.16
N GLN B 325 34.27 -32.25 32.40
CA GLN B 325 33.34 -31.86 33.46
C GLN B 325 32.78 -30.47 33.22
N LEU B 326 33.58 -29.57 32.64
CA LEU B 326 33.07 -28.26 32.29
C LEU B 326 32.09 -28.33 31.13
N LYS B 327 32.26 -29.32 30.24
CA LYS B 327 31.27 -29.55 29.19
C LYS B 327 29.95 -30.04 29.78
N GLY B 328 30.02 -30.92 30.77
CA GLY B 328 28.80 -31.39 31.42
C GLY B 328 28.09 -30.30 32.20
N PHE B 329 28.87 -29.45 32.89
CA PHE B 329 28.25 -28.34 33.62
C PHE B 329 27.71 -27.27 32.67
N TYR B 330 28.31 -27.15 31.47
CA TYR B 330 27.74 -26.29 30.44
C TYR B 330 26.40 -26.83 29.95
N MET B 331 26.31 -28.15 29.80
CA MET B 331 25.02 -28.76 29.43
C MET B 331 23.98 -28.57 30.54
N ILE B 332 24.42 -28.60 31.80
CA ILE B 332 23.51 -28.39 32.92
C ILE B 332 23.00 -26.95 32.94
N SER B 333 23.86 -25.97 32.68
CA SER B 333 23.42 -24.58 32.66
C SER B 333 22.54 -24.28 31.45
N LEU B 334 22.77 -24.98 30.34
CA LEU B 334 21.88 -24.86 29.18
C LEU B 334 20.51 -25.47 29.48
N LEU B 335 20.48 -26.59 30.20
CA LEU B 335 19.22 -27.16 30.65
C LEU B 335 18.49 -26.24 31.61
N ARG B 336 19.24 -25.55 32.47
CA ARG B 336 18.65 -24.58 33.39
C ARG B 336 18.02 -23.41 32.65
N LYS B 337 18.69 -22.91 31.62
CA LYS B 337 18.13 -21.84 30.80
C LYS B 337 16.89 -22.31 30.04
N PHE B 338 16.88 -23.57 29.59
CA PHE B 338 15.70 -24.12 28.94
C PHE B 338 14.52 -24.22 29.90
N LEU B 339 14.78 -24.69 31.13
CA LEU B 339 13.71 -24.82 32.12
C LEU B 339 13.15 -23.46 32.51
N TYR B 340 14.00 -22.45 32.61
CA TYR B 340 13.50 -21.11 32.92
C TYR B 340 12.72 -20.52 31.75
N CYS B 341 13.19 -20.73 30.52
CA CYS B 341 12.53 -20.16 29.35
C CYS B 341 11.21 -20.86 29.03
N ILE B 342 11.02 -22.10 29.51
CA ILE B 342 9.74 -22.77 29.32
C ILE B 342 8.63 -22.04 30.08
N PHE B 343 8.90 -21.62 31.31
CA PHE B 343 7.88 -20.98 32.13
C PHE B 343 7.81 -19.47 31.89
N HIS B 344 8.94 -18.79 31.89
CA HIS B 344 8.98 -17.34 31.67
C HIS B 344 9.67 -17.08 30.33
N THR B 345 8.90 -17.17 29.25
CA THR B 345 9.49 -17.08 27.93
C THR B 345 9.67 -15.64 27.46
N SER B 346 9.03 -14.68 28.11
CA SER B 346 9.20 -13.28 27.75
C SER B 346 10.38 -12.62 28.45
N ARG B 347 10.87 -13.20 29.54
CA ARG B 347 12.01 -12.69 30.26
C ARG B 347 13.33 -13.26 29.73
N TYR B 348 13.29 -14.04 28.70
CA TYR B 348 14.38 -14.63 27.96
C TYR B 348 14.62 -13.85 26.67
N PRO B 349 15.88 -13.75 26.24
CA PRO B 349 16.20 -13.03 24.99
C PRO B 349 15.57 -13.67 23.75
N ASP B 350 14.79 -12.87 23.04
CA ASP B 350 14.11 -13.29 21.83
C ASP B 350 15.12 -13.57 20.71
N ARG B 351 14.69 -14.35 19.72
CA ARG B 351 15.58 -14.68 18.62
C ARG B 351 15.75 -13.53 17.64
N ASP B 352 14.77 -12.62 17.57
CA ASP B 352 14.87 -11.43 16.74
C ASP B 352 15.51 -10.27 17.48
N SER B 353 15.96 -10.49 18.71
CA SER B 353 16.62 -9.46 19.48
C SER B 353 18.05 -9.26 18.98
N MET B 354 18.56 -8.06 19.23
CA MET B 354 19.94 -7.72 18.88
C MET B 354 20.93 -8.14 19.95
N VAL B 355 20.45 -8.62 21.10
CA VAL B 355 21.32 -9.10 22.15
C VAL B 355 21.91 -10.46 21.78
N CYS B 356 21.33 -11.14 20.81
CA CYS B 356 21.64 -12.52 20.49
C CYS B 356 22.51 -12.68 19.26
N HIS B 357 22.89 -11.59 18.60
CA HIS B 357 23.49 -11.67 17.29
C HIS B 357 24.78 -10.88 17.22
N ARG B 358 25.61 -11.26 16.26
CA ARG B 358 26.81 -10.53 15.90
C ARG B 358 26.68 -10.09 14.45
N ILE B 359 27.48 -9.09 14.07
CA ILE B 359 27.30 -8.38 12.80
C ILE B 359 28.57 -8.53 11.97
N LEU B 360 28.39 -8.81 10.68
CA LEU B 360 29.51 -8.94 9.75
C LEU B 360 29.87 -7.58 9.18
N THR B 361 31.14 -7.22 9.24
CA THR B 361 31.66 -5.99 8.66
C THR B 361 32.16 -6.28 7.25
N TYR B 362 32.96 -5.36 6.68
CA TYR B 362 33.50 -5.56 5.33
C TYR B 362 34.45 -6.74 5.26
N GLY B 363 35.36 -6.85 6.22
CA GLY B 363 36.37 -7.89 6.17
C GLY B 363 35.85 -9.29 6.42
N LYS B 364 34.72 -9.41 7.11
CA LYS B 364 34.20 -10.74 7.43
C LYS B 364 33.66 -11.46 6.21
N TYR B 365 33.11 -10.71 5.23
CA TYR B 365 32.69 -11.33 3.98
C TYR B 365 33.88 -11.89 3.22
N PHE B 366 34.98 -11.14 3.20
CA PHE B 366 36.19 -11.56 2.50
C PHE B 366 36.83 -12.76 3.21
N GLU B 367 36.78 -12.77 4.55
CA GLU B 367 37.31 -13.89 5.32
C GLU B 367 36.51 -15.16 5.09
N THR B 368 35.17 -15.04 5.10
CA THR B 368 34.31 -16.20 4.87
C THR B 368 34.48 -16.75 3.47
N LEU B 369 34.61 -15.87 2.47
CA LEU B 369 34.77 -16.34 1.10
C LEU B 369 36.15 -16.92 0.87
N ALA B 370 37.18 -16.36 1.51
CA ALA B 370 38.52 -16.92 1.40
C ALA B 370 38.60 -18.29 2.06
N HIS B 371 37.92 -18.47 3.19
CA HIS B 371 37.87 -19.77 3.86
C HIS B 371 37.16 -20.80 3.01
N ASP B 372 36.00 -20.43 2.44
CA ASP B 372 35.23 -21.35 1.61
C ASP B 372 36.00 -21.76 0.36
N GLU B 373 36.66 -20.80 -0.30
CA GLU B 373 37.40 -21.16 -1.51
C GLU B 373 38.71 -21.87 -1.22
N LEU B 374 39.34 -21.64 -0.08
CA LEU B 374 40.51 -22.43 0.30
C LEU B 374 40.13 -23.87 0.57
N GLU B 375 39.01 -24.10 1.27
CA GLU B 375 38.57 -25.47 1.51
C GLU B 375 38.12 -26.14 0.22
N ASN B 376 37.51 -25.38 -0.70
CA ASN B 376 37.13 -25.95 -1.99
C ASN B 376 38.36 -26.28 -2.84
N TYR B 377 39.41 -25.47 -2.74
CA TYR B 377 40.66 -25.72 -3.47
C TYR B 377 41.35 -26.98 -2.96
N ILE B 378 41.47 -27.12 -1.65
CA ILE B 378 42.10 -28.31 -1.08
C ILE B 378 41.23 -29.56 -1.31
N GLY B 379 39.91 -29.41 -1.31
CA GLY B 379 39.05 -30.56 -1.59
C GLY B 379 39.10 -30.99 -3.04
N ASN B 380 39.23 -30.04 -3.96
CA ASN B 380 39.38 -30.39 -5.38
C ASN B 380 40.72 -31.05 -5.63
N ILE B 381 41.77 -30.59 -4.97
CA ILE B 381 43.08 -31.25 -5.06
C ILE B 381 43.01 -32.67 -4.51
N ARG B 382 42.27 -32.87 -3.42
CA ARG B 382 42.12 -34.19 -2.83
C ARG B 382 41.35 -35.14 -3.74
N ASN B 383 40.25 -34.66 -4.34
CA ASN B 383 39.47 -35.50 -5.24
C ASN B 383 40.26 -35.84 -6.51
N ASP B 384 41.05 -34.89 -7.01
CA ASP B 384 41.89 -35.14 -8.17
C ASP B 384 42.99 -36.14 -7.85
N ILE B 385 43.58 -36.05 -6.66
CA ILE B 385 44.66 -36.98 -6.28
C ILE B 385 44.11 -38.39 -6.07
N MET B 386 42.91 -38.49 -5.47
CA MET B 386 42.28 -39.80 -5.28
C MET B 386 41.92 -40.44 -6.61
N ASN B 387 41.41 -39.65 -7.57
CA ASN B 387 41.11 -40.22 -8.87
C ASN B 387 42.37 -40.52 -9.68
N ASN B 388 43.46 -39.76 -9.49
CA ASN B 388 44.72 -40.11 -10.13
C ASN B 388 45.31 -41.40 -9.56
N HIS B 389 45.11 -41.66 -8.27
CA HIS B 389 45.60 -42.90 -7.71
C HIS B 389 44.70 -44.08 -8.06
N LYS B 390 43.41 -43.84 -8.28
CA LYS B 390 42.48 -44.92 -8.59
C LYS B 390 42.15 -45.03 -10.07
N ASN B 391 42.83 -44.27 -10.93
CA ASN B 391 42.73 -44.45 -12.37
C ASN B 391 44.03 -44.87 -13.03
N ARG B 392 45.17 -44.32 -12.60
CA ARG B 392 46.45 -44.65 -13.19
C ARG B 392 47.45 -45.26 -12.21
N GLY B 393 47.45 -44.83 -10.95
CA GLY B 393 48.24 -45.47 -9.93
C GLY B 393 49.55 -44.80 -9.57
N THR B 394 49.66 -43.48 -9.71
CA THR B 394 50.84 -42.74 -9.29
C THR B 394 50.42 -41.57 -8.40
N TYR B 395 51.23 -41.28 -7.39
CA TYR B 395 50.98 -40.15 -6.51
C TYR B 395 51.34 -38.85 -7.21
N ALA B 396 50.38 -38.31 -7.97
CA ALA B 396 50.60 -37.10 -8.74
C ALA B 396 49.35 -36.23 -8.67
N VAL B 397 49.48 -35.02 -9.18
CA VAL B 397 48.38 -34.07 -9.23
C VAL B 397 48.45 -33.31 -10.55
N ASN B 398 47.31 -33.16 -11.22
CA ASN B 398 47.26 -32.45 -12.49
C ASN B 398 47.45 -30.97 -12.26
N ILE B 399 48.19 -30.31 -13.17
CA ILE B 399 48.44 -28.89 -13.01
C ILE B 399 47.19 -28.08 -13.38
N HIS B 400 46.27 -28.65 -14.15
CA HIS B 400 45.06 -27.94 -14.53
C HIS B 400 44.11 -27.76 -13.36
N VAL B 401 44.17 -28.65 -12.37
CA VAL B 401 43.42 -28.48 -11.15
C VAL B 401 44.16 -27.55 -10.20
N LEU B 402 45.48 -27.69 -10.12
CA LEU B 402 46.26 -26.99 -9.11
C LEU B 402 46.42 -25.50 -9.41
N THR B 403 46.58 -25.14 -10.69
CA THR B 403 46.95 -23.77 -11.01
C THR B 403 45.78 -22.79 -10.90
N THR B 404 44.56 -23.26 -10.72
CA THR B 404 43.43 -22.38 -10.47
C THR B 404 42.95 -22.50 -9.03
N PRO B 405 42.87 -21.40 -8.28
CA PRO B 405 42.42 -21.48 -6.89
C PRO B 405 40.91 -21.46 -6.72
N GLY B 406 40.17 -21.04 -7.75
CA GLY B 406 38.74 -20.83 -7.59
C GLY B 406 38.40 -19.61 -6.76
N LEU B 407 39.35 -18.70 -6.57
CA LEU B 407 39.18 -17.55 -5.70
C LEU B 407 39.07 -16.24 -6.46
N ASN B 408 39.60 -16.17 -7.68
CA ASN B 408 39.48 -14.95 -8.49
C ASN B 408 38.02 -14.71 -8.88
N HIS B 409 37.33 -15.75 -9.34
CA HIS B 409 35.93 -15.61 -9.69
C HIS B 409 35.06 -15.33 -8.47
N ALA B 410 35.42 -15.91 -7.32
CA ALA B 410 34.65 -15.66 -6.11
C ALA B 410 34.84 -14.24 -5.60
N PHE B 411 36.07 -13.73 -5.64
CA PHE B 411 36.31 -12.35 -5.26
C PHE B 411 35.75 -11.37 -6.29
N SER B 412 35.54 -11.79 -7.53
CA SER B 412 34.85 -10.93 -8.48
C SER B 412 33.34 -10.94 -8.24
N SER B 413 32.76 -12.10 -7.95
CA SER B 413 31.32 -12.21 -7.72
C SER B 413 30.91 -11.83 -6.30
N LEU B 414 31.88 -11.55 -5.43
CA LEU B 414 31.55 -11.06 -4.09
C LEU B 414 30.90 -9.68 -4.14
N LEU B 415 31.32 -8.85 -5.09
CA LEU B 415 30.80 -7.50 -5.21
C LEU B 415 29.46 -7.44 -5.92
N SER B 416 28.97 -8.56 -6.47
CA SER B 416 27.64 -8.59 -7.04
C SER B 416 26.56 -8.78 -5.99
N GLY B 417 26.91 -9.25 -4.80
CA GLY B 417 25.97 -9.33 -3.69
C GLY B 417 24.90 -10.39 -3.85
N LYS B 418 25.29 -11.66 -3.85
CA LYS B 418 24.35 -12.75 -4.05
C LYS B 418 24.82 -14.01 -3.35
N SER B 422 26.10 -13.74 3.08
CA SER B 422 26.22 -12.60 2.17
C SER B 422 25.01 -12.52 1.25
N ASP B 423 23.85 -12.22 1.82
CA ASP B 423 22.62 -12.08 1.05
C ASP B 423 22.65 -10.82 0.19
N GLY B 424 22.70 -9.68 0.84
CA GLY B 424 22.68 -8.40 0.16
C GLY B 424 23.82 -7.51 0.58
N SER B 425 25.02 -8.08 0.71
CA SER B 425 26.18 -7.35 1.22
C SER B 425 26.56 -6.18 0.33
N TYR B 426 27.07 -6.46 -0.86
CA TYR B 426 27.57 -5.42 -1.74
C TYR B 426 26.57 -5.13 -2.84
N ARG B 427 26.60 -3.89 -3.32
CA ARG B 427 25.66 -3.44 -4.32
C ARG B 427 26.29 -2.32 -5.13
N THR B 428 25.66 -2.02 -6.26
CA THR B 428 26.02 -0.84 -7.03
C THR B 428 25.75 0.41 -6.22
N HIS B 429 26.76 1.26 -6.09
CA HIS B 429 26.61 2.50 -5.35
C HIS B 429 25.70 3.44 -6.10
N PRO B 430 24.57 3.85 -5.54
CA PRO B 430 23.80 4.94 -6.15
C PRO B 430 24.44 6.27 -5.78
N HIS B 431 24.70 7.10 -6.78
CA HIS B 431 25.36 8.38 -6.51
C HIS B 431 24.29 9.45 -6.33
N TYR B 432 23.52 9.25 -5.27
CA TYR B 432 22.42 10.16 -4.94
C TYR B 432 22.93 11.36 -4.18
N SER B 433 23.86 11.14 -3.25
CA SER B 433 24.29 12.17 -2.34
C SER B 433 25.66 11.78 -1.80
N TRP B 434 26.38 12.76 -1.28
CA TRP B 434 27.64 12.50 -0.60
C TRP B 434 27.41 11.77 0.72
N MET B 435 26.23 11.94 1.30
CA MET B 435 25.89 11.35 2.58
C MET B 435 25.81 9.83 2.51
N GLN B 436 25.55 9.27 1.32
CA GLN B 436 25.33 7.84 1.16
C GLN B 436 26.60 7.03 1.42
N ASN B 437 27.77 7.63 1.19
CA ASN B 437 29.04 6.99 1.54
C ASN B 437 29.20 6.81 3.04
N ILE B 438 28.45 7.55 3.85
CA ILE B 438 28.33 7.28 5.27
C ILE B 438 27.11 6.42 5.56
N SER B 439 26.06 6.55 4.75
CA SER B 439 24.78 5.95 5.10
C SER B 439 24.79 4.45 4.89
N ILE B 440 25.32 4.00 3.77
CA ILE B 440 25.28 2.58 3.40
C ILE B 440 26.27 1.73 4.20
N PRO B 441 27.55 2.08 4.39
CA PRO B 441 28.39 1.20 5.22
C PRO B 441 28.11 1.26 6.71
N ARG B 442 27.23 2.13 7.18
CA ARG B 442 26.82 2.13 8.58
C ARG B 442 25.48 1.45 8.80
N SER B 443 24.83 0.98 7.75
CA SER B 443 23.53 0.34 7.87
C SER B 443 23.69 -1.16 8.02
N VAL B 444 22.86 -1.75 8.88
CA VAL B 444 22.92 -3.15 9.26
C VAL B 444 21.64 -3.82 8.81
N GLY B 445 21.76 -4.90 8.04
CA GLY B 445 20.63 -5.62 7.50
C GLY B 445 20.37 -6.90 8.27
N PHE B 446 19.11 -7.10 8.64
CA PHE B 446 18.64 -8.30 9.32
C PHE B 446 17.89 -9.13 8.31
N TYR B 447 18.57 -10.09 7.68
CA TYR B 447 17.83 -10.77 6.63
C TYR B 447 17.33 -12.13 7.10
N PRO B 448 16.07 -12.49 6.77
CA PRO B 448 15.50 -13.78 7.16
C PRO B 448 15.95 -14.93 6.27
N SER B 458 6.57 -10.99 14.65
CA SER B 458 7.84 -11.21 15.32
C SER B 458 8.92 -10.26 14.81
N VAL B 459 9.47 -10.56 13.64
CA VAL B 459 10.56 -9.80 13.06
C VAL B 459 9.93 -8.57 12.40
N ARG B 460 10.76 -7.57 12.06
CA ARG B 460 10.50 -6.33 11.33
C ARG B 460 9.67 -5.32 12.13
N LYS B 461 9.19 -5.66 13.32
CA LYS B 461 8.70 -4.67 14.26
C LYS B 461 9.86 -4.10 15.06
N TYR B 462 9.65 -2.91 15.60
CA TYR B 462 10.71 -2.20 16.31
C TYR B 462 10.92 -2.83 17.67
N HIS B 463 11.99 -3.60 17.80
CA HIS B 463 12.38 -4.28 19.02
C HIS B 463 13.09 -3.30 19.95
N PRO B 464 12.91 -3.44 21.27
CA PRO B 464 13.61 -2.54 22.21
C PRO B 464 15.12 -2.68 22.22
N SER B 465 15.66 -3.82 21.77
CA SER B 465 17.11 -4.00 21.76
C SER B 465 17.78 -3.18 20.66
N GLN B 466 17.05 -2.75 19.65
CA GLN B 466 17.59 -1.91 18.60
C GLN B 466 17.62 -0.43 18.97
N TYR B 467 17.27 -0.06 20.20
CA TYR B 467 16.92 1.33 20.47
C TYR B 467 18.16 2.24 20.53
N LEU B 468 19.07 1.97 21.47
CA LEU B 468 20.14 2.93 21.70
C LEU B 468 21.25 2.80 20.67
N TYR B 469 21.44 1.61 20.14
CA TYR B 469 22.57 1.33 19.27
C TYR B 469 22.27 1.59 17.81
N PHE B 470 21.00 1.82 17.46
CA PHE B 470 20.61 2.14 16.10
C PHE B 470 19.79 3.41 16.10
N CYS B 471 19.77 4.08 14.95
CA CYS B 471 18.95 5.27 14.78
C CYS B 471 17.47 4.89 14.74
N SER B 472 16.65 5.64 15.48
CA SER B 472 15.24 5.28 15.64
C SER B 472 14.44 5.60 14.39
N SER B 473 14.81 6.65 13.68
CA SER B 473 14.00 7.19 12.59
C SER B 473 14.50 6.85 11.19
N ASP B 474 15.77 6.46 11.04
CA ASP B 474 16.31 6.14 9.72
C ASP B 474 16.03 4.68 9.38
N VAL B 475 14.80 4.40 8.99
CA VAL B 475 14.40 3.08 8.54
C VAL B 475 13.64 3.24 7.23
N PRO B 476 13.66 2.25 6.34
CA PRO B 476 12.80 2.32 5.15
C PRO B 476 11.33 2.18 5.51
N GLU B 477 10.49 2.85 4.73
CA GLU B 477 9.06 2.91 5.00
C GLU B 477 8.22 2.15 3.99
N ARG B 478 8.84 1.53 2.99
CA ARG B 478 8.10 0.86 1.94
C ARG B 478 9.00 -0.19 1.31
N GLY B 479 8.40 -1.02 0.45
CA GLY B 479 9.15 -1.98 -0.31
C GLY B 479 9.33 -3.29 0.42
N PRO B 480 10.26 -4.12 -0.06
CA PRO B 480 10.45 -5.44 0.55
C PRO B 480 11.30 -5.42 1.81
N GLN B 481 12.09 -4.38 2.03
CA GLN B 481 13.05 -4.33 3.13
C GLN B 481 12.57 -3.46 4.28
N VAL B 482 11.26 -3.25 4.41
CA VAL B 482 10.73 -2.38 5.45
C VAL B 482 10.87 -3.06 6.81
N GLY B 483 11.49 -2.35 7.75
CA GLY B 483 11.79 -2.94 9.04
C GLY B 483 12.92 -3.94 9.05
N LEU B 484 13.74 -3.97 8.00
CA LEU B 484 14.83 -4.92 7.90
C LEU B 484 16.21 -4.29 7.96
N VAL B 485 16.35 -3.03 7.56
CA VAL B 485 17.65 -2.36 7.48
C VAL B 485 17.65 -1.24 8.50
N SER B 486 18.55 -1.31 9.47
CA SER B 486 18.70 -0.30 10.50
C SER B 486 19.97 0.50 10.25
N GLN B 487 20.13 1.57 11.01
CA GLN B 487 21.20 2.53 10.80
C GLN B 487 21.86 2.83 12.14
N LEU B 488 23.18 2.72 12.19
CA LEU B 488 23.92 2.89 13.44
C LEU B 488 23.82 4.32 13.96
N SER B 489 23.77 4.45 15.29
CA SER B 489 23.89 5.75 15.94
C SER B 489 25.32 6.26 15.78
N VAL B 490 25.50 7.56 16.07
CA VAL B 490 26.79 8.18 15.84
C VAL B 490 27.84 7.76 16.86
N LEU B 491 27.42 7.26 18.02
CA LEU B 491 28.36 6.74 19.00
C LEU B 491 28.54 5.24 18.92
N SER B 492 27.81 4.57 18.04
CA SER B 492 27.87 3.12 17.95
C SER B 492 28.93 2.68 16.95
N SER B 493 29.69 1.67 17.33
CA SER B 493 30.68 1.04 16.47
C SER B 493 30.42 -0.46 16.45
N ILE B 494 31.15 -1.16 15.59
CA ILE B 494 31.16 -2.62 15.55
C ILE B 494 32.60 -3.06 15.80
N THR B 495 32.78 -3.99 16.72
CA THR B 495 34.11 -4.35 17.17
C THR B 495 34.87 -5.17 16.12
N ASN B 496 36.16 -4.90 16.01
CA ASN B 496 37.10 -5.71 15.27
C ASN B 496 38.17 -6.19 16.22
N ILE B 497 38.64 -7.41 16.04
CA ILE B 497 39.73 -7.94 16.85
C ILE B 497 40.57 -8.88 15.98
N LEU B 498 41.88 -8.79 16.13
CA LEU B 498 42.77 -9.73 15.48
C LEU B 498 42.79 -11.04 16.26
N THR B 499 43.32 -12.09 15.63
CA THR B 499 43.40 -13.38 16.28
C THR B 499 44.46 -13.40 17.38
N SER B 500 45.57 -12.67 17.18
CA SER B 500 46.59 -12.55 18.21
C SER B 500 46.06 -11.84 19.45
N GLU B 501 45.33 -10.74 19.23
CA GLU B 501 44.72 -10.02 20.33
C GLU B 501 43.62 -10.84 21.00
N TYR B 502 42.91 -11.67 20.23
CA TYR B 502 41.90 -12.56 20.78
C TYR B 502 42.51 -13.59 21.72
N LEU B 503 43.62 -14.20 21.30
CA LEU B 503 44.27 -15.21 22.13
C LEU B 503 44.90 -14.59 23.38
N ASP B 504 45.54 -13.42 23.22
CA ASP B 504 46.12 -12.73 24.37
C ASP B 504 45.04 -12.28 25.35
N LEU B 505 43.90 -11.81 24.82
CA LEU B 505 42.80 -11.34 25.67
C LEU B 505 42.16 -12.49 26.43
N GLU B 506 41.91 -13.62 25.76
CA GLU B 506 41.33 -14.77 26.42
C GLU B 506 42.26 -15.35 27.47
N LYS B 507 43.57 -15.40 27.17
CA LYS B 507 44.54 -15.90 28.14
C LYS B 507 44.63 -14.99 29.36
N LYS B 508 44.59 -13.67 29.15
CA LYS B 508 44.68 -12.74 30.28
C LYS B 508 43.42 -12.78 31.14
N ILE B 509 42.24 -12.97 30.53
CA ILE B 509 41.02 -13.02 31.31
C ILE B 509 40.94 -14.32 32.12
N CYS B 510 41.33 -15.46 31.52
CA CYS B 510 41.37 -16.71 32.28
C CYS B 510 42.43 -16.67 33.38
N GLU B 511 43.55 -15.99 33.15
CA GLU B 511 44.55 -15.83 34.19
C GLU B 511 44.05 -14.95 35.33
N TYR B 512 43.24 -13.94 35.01
CA TYR B 512 42.63 -13.13 36.07
C TYR B 512 41.60 -13.93 36.86
N ILE B 513 40.81 -14.77 36.18
CA ILE B 513 39.78 -15.56 36.83
C ILE B 513 40.40 -16.62 37.73
N ARG B 514 41.52 -17.21 37.32
CA ARG B 514 42.13 -18.26 38.11
C ARG B 514 43.14 -17.74 39.14
N SER B 515 43.68 -16.55 38.97
CA SER B 515 44.67 -16.05 39.92
C SER B 515 44.01 -15.51 41.18
N TYR B 516 43.21 -14.46 41.04
CA TYR B 516 42.34 -14.04 42.12
C TYR B 516 41.12 -14.96 42.13
N TYR B 517 40.36 -14.91 43.23
CA TYR B 517 39.19 -15.77 43.48
C TYR B 517 39.55 -17.25 43.34
N LYS B 518 40.70 -17.64 43.89
CA LYS B 518 41.26 -18.96 43.62
C LYS B 518 40.49 -20.09 44.29
N ASP B 519 39.92 -19.84 45.46
CA ASP B 519 39.18 -20.85 46.19
C ASP B 519 37.67 -20.72 46.04
N ASP B 520 37.21 -19.80 45.18
CA ASP B 520 35.79 -19.49 45.08
C ASP B 520 35.26 -19.64 43.66
N ILE B 521 35.90 -20.46 42.84
CA ILE B 521 35.47 -20.65 41.46
C ILE B 521 35.20 -22.12 41.20
N SER B 522 34.86 -22.86 42.25
CA SER B 522 34.58 -24.28 42.16
C SER B 522 33.17 -24.58 42.67
N TYR B 523 32.25 -23.66 42.45
CA TYR B 523 30.87 -23.79 42.91
C TYR B 523 30.01 -24.26 41.75
N PHE B 524 30.13 -25.54 41.41
CA PHE B 524 29.38 -26.06 40.27
C PHE B 524 27.93 -26.36 40.63
N GLU B 525 27.68 -26.77 41.87
CA GLU B 525 26.33 -26.71 42.44
C GLU B 525 26.23 -25.41 43.20
N THR B 526 25.11 -24.70 43.00
CA THR B 526 24.83 -23.37 43.58
C THR B 526 25.95 -22.38 43.22
N GLY B 527 26.03 -22.07 41.94
CA GLY B 527 27.05 -21.13 41.49
C GLY B 527 26.71 -20.48 40.18
N PHE B 528 27.42 -19.39 39.90
CA PHE B 528 27.25 -18.62 38.68
C PHE B 528 28.30 -19.04 37.67
N PRO B 529 27.94 -19.69 36.57
CA PRO B 529 28.95 -20.09 35.58
C PRO B 529 29.56 -18.89 34.87
N ILE B 530 30.87 -18.71 35.04
CA ILE B 530 31.62 -17.71 34.31
C ILE B 530 32.07 -18.34 33.00
N THR B 531 31.49 -17.86 31.90
CA THR B 531 31.81 -18.31 30.56
C THR B 531 32.44 -17.19 29.76
N ILE B 532 33.37 -17.55 28.87
CA ILE B 532 34.04 -16.61 27.99
C ILE B 532 33.77 -17.07 26.56
N GLU B 533 33.01 -16.28 25.81
CA GLU B 533 32.56 -16.58 24.45
C GLU B 533 31.84 -17.92 24.39
N ASN B 534 30.92 -18.12 25.34
CA ASN B 534 30.09 -19.30 25.60
C ASN B 534 30.88 -20.51 26.08
N ALA B 535 32.20 -20.42 26.22
CA ALA B 535 33.00 -21.52 26.74
C ALA B 535 33.05 -21.40 28.25
N LEU B 536 32.46 -22.36 28.95
CA LEU B 536 32.39 -22.32 30.41
C LEU B 536 33.79 -22.50 30.99
N VAL B 537 34.22 -21.54 31.78
CA VAL B 537 35.55 -21.51 32.35
C VAL B 537 35.53 -21.79 33.85
N ALA B 538 34.66 -21.10 34.59
CA ALA B 538 34.61 -21.28 36.04
C ALA B 538 33.17 -21.29 36.50
N SER B 539 32.97 -21.42 37.81
CA SER B 539 31.65 -21.32 38.41
C SER B 539 31.82 -20.66 39.78
N LEU B 540 31.49 -19.37 39.83
CA LEU B 540 31.76 -18.53 40.99
C LEU B 540 30.73 -18.75 42.10
N ASN B 541 31.17 -18.46 43.33
CA ASN B 541 30.31 -18.31 44.49
C ASN B 541 29.20 -17.29 44.19
N PRO B 542 27.95 -17.56 44.60
CA PRO B 542 26.88 -16.58 44.34
C PRO B 542 26.95 -15.35 45.24
N ASN B 543 27.74 -15.38 46.30
CA ASN B 543 27.89 -14.23 47.18
C ASN B 543 29.01 -13.30 46.74
N MET B 544 29.62 -13.55 45.59
CA MET B 544 30.77 -12.78 45.14
C MET B 544 30.56 -12.10 43.80
N ILE B 545 29.39 -12.25 43.18
CA ILE B 545 29.21 -11.88 41.78
C ILE B 545 29.30 -10.37 41.59
N CYS B 546 28.65 -9.60 42.45
CA CYS B 546 28.78 -8.16 42.39
C CYS B 546 30.16 -7.69 42.83
N ASP B 547 30.87 -8.49 43.62
CA ASP B 547 32.27 -8.19 43.89
C ASP B 547 33.13 -8.52 42.68
N PHE B 548 32.69 -9.47 41.85
CA PHE B 548 33.47 -9.87 40.68
C PHE B 548 33.32 -8.85 39.57
N VAL B 549 32.07 -8.65 39.11
CA VAL B 549 31.77 -7.95 37.87
C VAL B 549 32.27 -6.51 37.91
N THR B 550 31.96 -5.81 39.01
CA THR B 550 32.43 -4.46 39.25
C THR B 550 33.95 -4.37 39.17
N ASP B 551 34.64 -5.31 39.85
CA ASP B 551 36.10 -5.32 39.79
C ASP B 551 36.59 -5.63 38.39
N PHE B 552 35.88 -6.51 37.67
CA PHE B 552 36.19 -6.78 36.28
C PHE B 552 36.04 -5.51 35.45
N ARG B 553 34.96 -4.76 35.68
CA ARG B 553 34.79 -3.50 34.97
C ARG B 553 35.85 -2.50 35.41
N ARG B 554 36.24 -2.55 36.68
CA ARG B 554 37.30 -1.69 37.17
C ARG B 554 38.64 -2.03 36.54
N ARG B 555 38.80 -3.27 36.10
CA ARG B 555 40.01 -3.64 35.38
C ARG B 555 39.83 -3.58 33.87
N LYS B 556 38.60 -3.41 33.38
CA LYS B 556 38.46 -3.25 31.94
C LYS B 556 38.83 -1.82 31.53
N ARG B 557 38.32 -0.85 32.27
CA ARG B 557 38.58 0.55 31.95
C ARG B 557 40.02 0.95 32.24
N MET B 558 40.68 0.24 33.17
CA MET B 558 42.10 0.46 33.44
C MET B 558 43.00 -0.16 32.39
N GLY B 559 42.46 -0.93 31.44
CA GLY B 559 43.28 -1.56 30.43
C GLY B 559 44.09 -2.73 30.95
N PHE B 560 43.62 -3.39 32.01
CA PHE B 560 44.36 -4.49 32.61
C PHE B 560 44.38 -5.71 31.69
N PHE B 561 43.37 -5.86 30.84
CA PHE B 561 43.28 -7.00 29.95
C PHE B 561 43.87 -6.72 28.57
N GLY B 562 44.33 -5.51 28.32
CA GLY B 562 44.81 -5.14 27.00
C GLY B 562 43.73 -4.73 26.04
N ASN B 563 42.48 -4.63 26.50
CA ASN B 563 41.36 -4.23 25.67
C ASN B 563 40.39 -3.44 26.52
N LEU B 564 39.57 -2.62 25.86
CA LEU B 564 38.59 -1.80 26.54
C LEU B 564 37.15 -2.15 26.17
N GLU B 565 36.93 -3.10 25.26
CA GLU B 565 35.60 -3.48 24.82
C GLU B 565 35.29 -4.91 25.19
N VAL B 566 35.64 -5.32 26.41
CA VAL B 566 35.36 -6.65 26.91
C VAL B 566 33.98 -6.61 27.56
N GLY B 567 32.98 -7.18 26.88
CA GLY B 567 31.64 -7.19 27.44
C GLY B 567 31.53 -8.13 28.62
N ILE B 568 30.96 -7.64 29.72
CA ILE B 568 30.83 -8.42 30.95
C ILE B 568 29.37 -8.32 31.40
N THR B 569 28.59 -9.36 31.11
CA THR B 569 27.16 -9.39 31.38
C THR B 569 26.91 -10.23 32.63
N LEU B 570 26.13 -9.68 33.55
CA LEU B 570 25.70 -10.40 34.74
C LEU B 570 24.22 -10.69 34.61
N VAL B 571 23.87 -11.94 34.34
CA VAL B 571 22.49 -12.35 34.14
C VAL B 571 22.00 -12.93 35.45
N ARG B 572 21.27 -12.10 36.20
CA ARG B 572 20.43 -12.52 37.31
C ARG B 572 19.10 -13.03 36.79
N ASP B 573 18.07 -13.01 37.64
CA ASP B 573 16.68 -13.38 37.30
C ASP B 573 16.58 -14.87 37.00
N HIS B 574 17.17 -15.68 37.89
CA HIS B 574 17.12 -17.14 37.94
C HIS B 574 17.75 -17.83 36.74
N MET B 575 18.42 -17.09 35.86
CA MET B 575 19.27 -17.71 34.86
C MET B 575 20.70 -17.81 35.33
N ASN B 576 21.19 -16.75 36.01
CA ASN B 576 22.34 -16.78 36.91
C ASN B 576 23.64 -17.19 36.19
N GLU B 577 24.10 -16.33 35.30
CA GLU B 577 25.35 -16.61 34.59
C GLU B 577 26.15 -15.32 34.40
N ILE B 578 27.47 -15.47 34.38
CA ILE B 578 28.37 -14.37 34.06
C ILE B 578 28.94 -14.65 32.68
N ARG B 579 28.70 -13.74 31.74
CA ARG B 579 29.09 -13.92 30.35
C ARG B 579 30.14 -12.89 29.97
N ILE B 580 31.26 -13.36 29.44
CA ILE B 580 32.34 -12.48 28.98
C ILE B 580 32.46 -12.62 27.47
N ASN B 581 32.27 -11.51 26.77
CA ASN B 581 32.31 -11.47 25.31
C ASN B 581 33.52 -10.67 24.88
N ILE B 582 34.37 -11.29 24.05
CA ILE B 582 35.58 -10.64 23.56
C ILE B 582 35.69 -10.64 22.06
N GLY B 583 34.76 -11.29 21.35
CA GLY B 583 34.87 -11.47 19.93
C GLY B 583 34.54 -10.23 19.13
N ALA B 584 34.60 -10.39 17.82
CA ALA B 584 34.27 -9.32 16.89
C ALA B 584 32.79 -9.37 16.54
N GLY B 585 32.32 -8.28 15.95
CA GLY B 585 30.95 -8.20 15.50
C GLY B 585 29.95 -7.73 16.53
N ARG B 586 30.42 -7.21 17.66
CA ARG B 586 29.52 -6.72 18.69
C ARG B 586 29.36 -5.22 18.57
N LEU B 587 28.17 -4.74 18.90
CA LEU B 587 27.87 -3.32 18.92
C LEU B 587 28.27 -2.73 20.25
N VAL B 588 29.24 -1.82 20.25
CA VAL B 588 29.68 -1.17 21.47
C VAL B 588 29.37 0.31 21.41
N ARG B 589 29.38 0.95 22.58
CA ARG B 589 28.99 2.34 22.71
C ARG B 589 29.60 2.88 23.99
N PRO B 590 30.01 4.15 24.03
CA PRO B 590 30.47 4.72 25.30
C PRO B 590 29.31 5.13 26.20
N PHE B 591 29.51 4.90 27.50
CA PHE B 591 28.58 5.26 28.55
C PHE B 591 29.36 5.95 29.67
N LEU B 592 28.62 6.62 30.54
CA LEU B 592 29.19 7.25 31.72
C LEU B 592 29.09 6.29 32.90
N VAL B 593 30.19 6.06 33.58
CA VAL B 593 30.24 5.08 34.67
C VAL B 593 29.60 5.68 35.90
N VAL B 594 28.74 4.90 36.56
CA VAL B 594 28.25 5.18 37.90
C VAL B 594 28.81 4.09 38.80
N ASP B 595 29.84 4.41 39.57
CA ASP B 595 30.48 3.44 40.44
C ASP B 595 30.08 3.75 41.87
N ASN B 596 29.24 2.88 42.44
CA ASN B 596 28.77 2.96 43.83
C ASN B 596 28.02 4.25 44.11
N GLY B 597 27.03 4.53 43.27
CA GLY B 597 26.09 5.59 43.54
C GLY B 597 26.56 7.00 43.26
N GLU B 598 27.75 7.18 42.70
CA GLU B 598 28.24 8.50 42.35
C GLU B 598 28.68 8.52 40.89
N LEU B 599 28.35 9.62 40.21
CA LEU B 599 28.76 9.80 38.83
C LEU B 599 30.24 10.11 38.77
N MET B 600 31.00 9.28 38.07
CA MET B 600 32.45 9.45 38.00
C MET B 600 32.85 10.65 37.13
N MET B 601 31.93 11.15 36.32
CA MET B 601 32.17 12.40 35.60
C MET B 601 32.21 13.58 36.55
N ASP B 602 31.49 13.51 37.67
CA ASP B 602 31.35 14.61 38.61
C ASP B 602 32.37 14.60 39.73
N VAL B 603 33.31 13.64 39.74
CA VAL B 603 34.35 13.58 40.75
C VAL B 603 35.71 13.92 40.18
N CYS B 604 35.82 14.21 38.89
CA CYS B 604 37.06 14.65 38.28
C CYS B 604 36.98 16.15 38.01
N PRO B 605 37.63 16.99 38.83
CA PRO B 605 37.51 18.44 38.63
C PRO B 605 38.41 19.00 37.54
N GLU B 606 39.53 18.32 37.28
CA GLU B 606 40.46 18.75 36.24
C GLU B 606 40.04 18.29 34.85
N LEU B 607 38.96 17.51 34.75
CA LEU B 607 38.49 17.03 33.46
C LEU B 607 37.93 18.17 32.62
N GLU B 608 37.27 19.15 33.26
CA GLU B 608 36.72 20.26 32.50
C GLU B 608 37.82 21.20 32.01
N SER B 609 38.90 21.32 32.79
CA SER B 609 39.99 22.20 32.39
C SER B 609 40.95 21.54 31.42
N ARG B 610 40.98 20.21 31.36
CA ARG B 610 41.93 19.52 30.49
C ARG B 610 41.28 18.88 29.26
N LEU B 611 40.00 19.14 28.99
CA LEU B 611 39.29 18.32 28.02
C LEU B 611 39.63 18.69 26.58
N ASP B 612 39.79 19.98 26.27
CA ASP B 612 39.90 20.37 24.88
C ASP B 612 41.27 20.04 24.30
N ASP B 613 42.29 19.92 25.14
CA ASP B 613 43.62 19.52 24.69
C ASP B 613 43.88 18.03 24.89
N MET B 614 42.84 17.20 24.78
CA MET B 614 43.01 15.76 24.84
C MET B 614 41.95 15.10 23.98
N THR B 615 42.27 13.91 23.47
CA THR B 615 41.40 13.15 22.60
C THR B 615 40.64 12.11 23.41
N PHE B 616 39.93 11.21 22.72
CA PHE B 616 39.10 10.23 23.41
C PHE B 616 39.94 9.16 24.09
N SER B 617 41.00 8.69 23.41
CA SER B 617 41.89 7.71 24.00
C SER B 617 42.71 8.31 25.13
N ASP B 618 42.98 9.61 25.08
CA ASP B 618 43.65 10.28 26.19
C ASP B 618 42.75 10.34 27.42
N ILE B 619 41.45 10.52 27.21
CA ILE B 619 40.50 10.47 28.32
C ILE B 619 40.44 9.06 28.88
N GLN B 620 40.36 8.04 28.02
CA GLN B 620 40.29 6.66 28.47
C GLN B 620 41.56 6.20 29.17
N LYS B 621 42.70 6.81 28.87
CA LYS B 621 43.94 6.44 29.56
C LYS B 621 44.16 7.23 30.83
N GLU B 622 43.92 8.54 30.82
CA GLU B 622 44.21 9.36 32.00
C GLU B 622 43.08 9.40 33.01
N PHE B 623 41.84 9.47 32.54
CA PHE B 623 40.68 9.38 33.42
C PHE B 623 39.92 8.11 33.08
N PRO B 624 40.39 6.94 33.52
CA PRO B 624 39.89 5.68 32.95
C PRO B 624 38.47 5.32 33.39
N HIS B 625 38.07 5.70 34.60
CA HIS B 625 36.79 5.30 35.15
C HIS B 625 35.67 6.28 34.82
N VAL B 626 35.89 7.20 33.90
CA VAL B 626 34.84 8.14 33.52
C VAL B 626 33.94 7.57 32.43
N ILE B 627 34.53 6.98 31.39
CA ILE B 627 33.78 6.47 30.24
C ILE B 627 34.04 4.98 30.10
N GLU B 628 32.97 4.21 29.98
CA GLU B 628 33.07 2.77 29.74
C GLU B 628 32.55 2.41 28.36
N MET B 629 33.22 1.47 27.71
CA MET B 629 32.79 0.96 26.41
C MET B 629 31.94 -0.27 26.65
N VAL B 630 30.62 -0.12 26.52
CA VAL B 630 29.66 -1.14 26.90
C VAL B 630 29.02 -1.70 25.64
N ASP B 631 28.94 -3.01 25.53
CA ASP B 631 28.27 -3.62 24.40
C ASP B 631 26.79 -3.86 24.71
N ILE B 632 26.06 -4.29 23.69
CA ILE B 632 24.59 -4.28 23.73
C ILE B 632 24.06 -5.35 24.68
N GLU B 633 24.81 -6.43 24.88
CA GLU B 633 24.41 -7.46 25.84
C GLU B 633 24.59 -6.97 27.27
N GLN B 634 25.70 -6.29 27.56
CA GLN B 634 25.89 -5.69 28.86
C GLN B 634 24.94 -4.54 29.10
N PHE B 635 24.52 -3.86 28.03
CA PHE B 635 23.57 -2.77 28.15
C PHE B 635 22.18 -3.28 28.50
N THR B 636 21.78 -4.42 27.92
CA THR B 636 20.44 -4.96 28.14
C THR B 636 20.25 -5.45 29.57
N PHE B 637 21.31 -5.95 30.21
CA PHE B 637 21.21 -6.57 31.52
C PHE B 637 21.75 -5.69 32.64
N SER B 638 21.76 -4.37 32.45
CA SER B 638 22.24 -3.46 33.48
C SER B 638 21.21 -2.36 33.71
N ASN B 639 21.46 -1.55 34.74
CA ASN B 639 20.59 -0.43 35.08
C ASN B 639 21.28 0.85 34.63
N VAL B 640 20.76 1.46 33.58
CA VAL B 640 21.32 2.66 32.98
C VAL B 640 20.39 3.83 33.29
N CYS B 641 20.97 4.99 33.60
CA CYS B 641 20.20 6.21 33.77
C CYS B 641 20.18 6.98 32.47
N GLU B 642 19.04 7.62 32.17
CA GLU B 642 18.83 8.20 30.84
C GLU B 642 19.62 9.48 30.65
N SER B 643 19.71 10.32 31.69
CA SER B 643 20.37 11.60 31.59
C SER B 643 21.22 11.83 32.83
N VAL B 644 22.11 12.81 32.75
CA VAL B 644 22.81 13.24 33.96
C VAL B 644 21.94 14.17 34.79
N GLN B 645 20.98 14.88 34.17
CA GLN B 645 20.03 15.67 34.93
C GLN B 645 19.07 14.76 35.68
N LYS B 646 18.62 13.69 35.03
CA LYS B 646 17.76 12.70 35.69
C LYS B 646 18.52 11.93 36.76
N PHE B 647 19.84 11.80 36.60
CA PHE B 647 20.65 11.21 37.65
C PHE B 647 20.78 12.16 38.84
N ARG B 648 21.01 13.44 38.57
CA ARG B 648 21.23 14.41 39.64
C ARG B 648 19.95 14.79 40.38
N MET B 649 18.79 14.60 39.77
CA MET B 649 17.53 14.84 40.46
C MET B 649 17.05 13.62 41.25
N MET B 650 17.90 12.63 41.48
CA MET B 650 17.56 11.45 42.25
C MET B 650 18.19 11.53 43.63
N SER B 651 17.63 10.73 44.54
CA SER B 651 18.19 10.61 45.88
C SER B 651 19.51 9.85 45.83
N LYS B 652 20.30 9.99 46.90
CA LYS B 652 21.60 9.36 46.97
C LYS B 652 21.53 7.86 47.24
N ASP B 653 20.34 7.31 47.49
CA ASP B 653 20.14 5.88 47.60
C ASP B 653 19.55 5.26 46.34
N GLU B 654 18.84 6.04 45.53
CA GLU B 654 18.40 5.55 44.23
C GLU B 654 19.55 5.43 43.25
N ARG B 655 20.62 6.22 43.46
CA ARG B 655 21.75 6.22 42.55
C ARG B 655 22.60 4.96 42.67
N LYS B 656 22.48 4.23 43.77
CA LYS B 656 23.25 3.00 43.95
C LYS B 656 22.74 1.87 43.07
N GLN B 657 21.51 1.96 42.58
CA GLN B 657 20.98 0.91 41.72
C GLN B 657 21.55 0.98 40.32
N TYR B 658 21.92 2.17 39.86
CA TYR B 658 22.30 2.38 38.48
C TYR B 658 23.78 2.11 38.29
N ASP B 659 24.10 1.32 37.26
CA ASP B 659 25.47 0.98 36.92
C ASP B 659 26.08 1.98 35.94
N LEU B 660 25.30 2.47 35.00
CA LEU B 660 25.78 3.35 33.95
C LEU B 660 24.88 4.58 33.84
N CYS B 661 25.36 5.57 33.12
CA CYS B 661 24.59 6.76 32.78
C CYS B 661 24.79 7.06 31.31
N ASP B 662 23.76 7.60 30.67
CA ASP B 662 23.77 7.75 29.23
C ASP B 662 24.21 9.16 28.82
N PHE B 663 24.62 9.27 27.56
CA PHE B 663 24.91 10.52 26.89
C PHE B 663 23.60 11.15 26.44
N PRO B 664 23.60 12.42 26.00
CA PRO B 664 22.36 13.03 25.49
C PRO B 664 21.78 12.33 24.26
N ALA B 665 20.54 12.69 23.97
CA ALA B 665 19.75 11.98 22.96
C ALA B 665 20.21 12.28 21.54
N GLU B 666 20.93 13.39 21.32
CA GLU B 666 21.47 13.70 20.00
C GLU B 666 22.50 12.69 19.54
N PHE B 667 23.12 11.97 20.48
CA PHE B 667 24.05 10.90 20.18
C PHE B 667 23.35 9.58 19.87
N ARG B 668 22.02 9.55 19.87
CA ARG B 668 21.29 8.33 19.57
C ARG B 668 20.76 8.31 18.15
N ASP B 669 21.06 9.33 17.35
CA ASP B 669 20.66 9.39 15.96
C ASP B 669 21.83 8.98 15.07
N GLY B 670 21.51 8.69 13.82
CA GLY B 670 22.52 8.40 12.83
C GLY B 670 23.13 9.68 12.27
N TYR B 671 23.90 9.50 11.20
CA TYR B 671 24.47 10.65 10.51
C TYR B 671 23.49 11.23 9.50
N VAL B 672 22.57 10.41 8.98
CA VAL B 672 21.52 10.92 8.12
C VAL B 672 20.49 11.68 8.93
N ALA B 673 20.19 11.22 10.14
CA ALA B 673 19.24 11.90 10.99
C ALA B 673 19.80 13.17 11.61
N SER B 674 21.13 13.28 11.72
CA SER B 674 21.74 14.51 12.21
C SER B 674 21.68 15.63 11.18
N SER B 675 21.39 15.32 9.92
CA SER B 675 21.11 16.36 8.93
C SER B 675 19.82 17.10 9.24
N LEU B 676 18.85 16.40 9.81
CA LEU B 676 17.60 17.03 10.21
C LEU B 676 17.79 17.79 11.51
N VAL B 677 16.85 18.66 11.81
CA VAL B 677 16.90 19.50 13.00
C VAL B 677 15.62 19.32 13.81
N GLY B 678 15.78 19.01 15.09
CA GLY B 678 14.69 18.90 16.04
C GLY B 678 13.63 17.86 15.70
N ILE B 679 14.04 16.60 15.53
CA ILE B 679 13.07 15.57 15.16
C ILE B 679 12.19 15.15 16.32
N ASN B 680 12.57 15.49 17.55
CA ASN B 680 11.70 15.25 18.69
C ASN B 680 10.65 16.33 18.87
N HIS B 681 10.70 17.40 18.08
CA HIS B 681 9.67 18.43 18.10
C HIS B 681 8.64 18.25 17.00
N ASN B 682 8.82 17.28 16.11
CA ASN B 682 7.83 16.91 15.12
C ASN B 682 7.27 15.54 15.47
N SER B 683 6.36 15.05 14.63
CA SER B 683 5.85 13.71 14.78
C SER B 683 6.79 12.71 14.10
N GLY B 684 6.64 11.44 14.49
CA GLY B 684 7.45 10.34 14.01
C GLY B 684 7.53 10.09 12.50
N PRO B 685 6.39 9.97 11.80
CA PRO B 685 6.43 9.77 10.35
C PRO B 685 7.14 10.87 9.58
N ARG B 686 7.12 12.10 10.09
CA ARG B 686 7.86 13.18 9.45
C ARG B 686 9.36 12.97 9.59
N ALA B 687 9.80 12.37 10.69
CA ALA B 687 11.22 12.07 10.84
C ALA B 687 11.65 10.91 9.95
N ILE B 688 10.76 9.92 9.77
CA ILE B 688 11.06 8.82 8.84
C ILE B 688 11.15 9.33 7.41
N LEU B 689 10.21 10.19 7.02
CA LEU B 689 10.24 10.78 5.68
C LEU B 689 11.42 11.74 5.51
N GLY B 690 11.84 12.42 6.57
CA GLY B 690 12.98 13.30 6.46
C GLY B 690 14.29 12.55 6.33
N CYS B 691 14.42 11.42 7.03
CA CYS B 691 15.58 10.56 6.85
C CYS B 691 15.58 9.91 5.47
N ALA B 692 14.40 9.64 4.90
CA ALA B 692 14.35 9.12 3.54
C ALA B 692 14.69 10.17 2.51
N GLN B 693 14.31 11.43 2.75
CA GLN B 693 14.55 12.50 1.79
C GLN B 693 15.92 13.16 1.92
N ALA B 694 16.61 12.97 3.05
CA ALA B 694 17.94 13.55 3.18
C ALA B 694 18.96 12.83 2.31
N LYS B 695 18.74 11.55 2.03
CA LYS B 695 19.62 10.80 1.16
C LYS B 695 19.36 11.06 -0.32
N GLN B 696 18.26 11.74 -0.65
CA GLN B 696 17.92 12.09 -2.02
C GLN B 696 18.23 13.53 -2.34
N ALA B 697 18.74 14.30 -1.38
CA ALA B 697 19.04 15.69 -1.61
C ALA B 697 20.31 15.83 -2.44
N ILE B 698 20.31 16.79 -3.35
CA ILE B 698 21.46 17.01 -4.21
C ILE B 698 22.56 17.67 -3.40
N SER B 699 23.78 17.16 -3.53
CA SER B 699 24.89 17.67 -2.75
C SER B 699 26.13 17.90 -3.60
N CYS B 700 27.24 18.22 -2.95
CA CYS B 700 28.56 18.19 -3.59
C CYS B 700 29.00 16.74 -3.64
N LEU B 701 28.66 16.08 -4.75
CA LEU B 701 28.69 14.62 -4.78
C LEU B 701 30.11 14.08 -4.86
N SER B 702 30.93 14.63 -5.74
CA SER B 702 32.29 14.14 -5.90
C SER B 702 33.23 15.28 -6.25
N SER B 703 34.47 15.16 -5.78
CA SER B 703 35.53 16.08 -6.19
C SER B 703 35.94 15.86 -7.63
N ASP B 704 35.74 14.66 -8.16
CA ASP B 704 36.04 14.33 -9.55
C ASP B 704 34.78 14.46 -10.39
N ILE B 705 34.24 15.67 -10.43
CA ILE B 705 33.01 15.92 -11.17
C ILE B 705 33.30 15.91 -12.67
N ARG B 706 34.44 16.44 -13.08
CA ARG B 706 34.84 16.48 -14.48
C ARG B 706 35.72 15.31 -14.88
N ASN B 707 35.93 14.35 -13.97
CA ASN B 707 36.86 13.25 -14.21
C ASN B 707 36.18 11.90 -14.27
N LYS B 708 35.29 11.61 -13.33
CA LYS B 708 34.61 10.32 -13.30
C LYS B 708 33.50 10.29 -14.35
N ILE B 709 33.56 9.33 -15.26
CA ILE B 709 32.46 9.08 -16.17
C ILE B 709 31.43 8.24 -15.42
N ASP B 710 30.48 8.90 -14.78
CA ASP B 710 29.54 8.21 -13.92
C ASP B 710 28.28 9.06 -13.79
N ASN B 711 27.18 8.40 -13.46
CA ASN B 711 25.92 9.10 -13.25
C ASN B 711 25.95 9.84 -11.92
N GLY B 712 25.43 11.06 -11.90
CA GLY B 712 25.37 11.83 -10.68
C GLY B 712 24.65 13.14 -10.89
N ILE B 713 24.21 13.70 -9.78
CA ILE B 713 23.63 15.06 -9.77
C ILE B 713 24.40 15.89 -8.75
N HIS B 714 24.85 17.07 -9.17
CA HIS B 714 25.74 17.91 -8.40
C HIS B 714 25.12 19.28 -8.18
N LEU B 715 25.29 19.81 -6.98
CA LEU B 715 24.82 21.15 -6.65
C LEU B 715 25.83 22.19 -7.10
N MET B 716 25.35 23.30 -7.65
CA MET B 716 26.23 24.20 -8.39
C MET B 716 26.86 25.29 -7.54
N TYR B 717 26.06 25.98 -6.72
CA TYR B 717 26.56 27.06 -5.87
C TYR B 717 26.26 26.72 -4.41
N PRO B 718 27.02 25.82 -3.82
CA PRO B 718 26.63 25.21 -2.55
C PRO B 718 26.87 26.10 -1.35
N GLU B 719 26.02 25.94 -0.34
CA GLU B 719 26.10 26.70 0.90
C GLU B 719 26.10 25.74 2.07
N ARG B 720 27.01 25.94 3.02
CA ARG B 720 27.02 25.10 4.20
C ARG B 720 25.84 25.43 5.10
N PRO B 721 25.23 24.42 5.73
CA PRO B 721 24.20 24.71 6.72
C PRO B 721 24.81 25.26 8.00
N ILE B 722 24.03 26.09 8.67
CA ILE B 722 24.49 26.80 9.86
C ILE B 722 23.76 26.39 11.11
N VAL B 723 22.55 25.85 10.99
CA VAL B 723 21.77 25.44 12.15
C VAL B 723 21.85 23.91 12.17
N ILE B 724 22.84 23.38 12.87
CA ILE B 724 23.31 22.02 12.65
C ILE B 724 23.59 21.36 14.00
N SER B 725 23.98 20.10 13.94
CA SER B 725 24.55 19.36 15.06
C SER B 725 26.06 19.23 14.85
N LYS B 726 26.75 18.72 15.88
CA LYS B 726 28.19 18.51 15.76
C LYS B 726 28.51 17.28 14.92
N ALA B 727 27.58 16.32 14.88
CA ALA B 727 27.80 15.12 14.08
C ALA B 727 27.74 15.43 12.59
N LEU B 728 27.07 16.52 12.22
CA LEU B 728 27.06 16.93 10.83
C LEU B 728 28.35 17.67 10.49
N GLU B 729 29.02 18.24 11.49
CA GLU B 729 30.30 18.88 11.27
C GLU B 729 31.43 17.87 11.18
N THR B 730 31.42 16.87 12.06
CA THR B 730 32.54 15.95 12.15
C THR B 730 32.53 14.87 11.08
N SER B 731 31.37 14.58 10.50
CA SER B 731 31.30 13.66 9.38
C SER B 731 31.55 14.33 8.06
N LYS B 732 31.74 15.66 8.07
CA LYS B 732 31.97 16.51 6.91
C LYS B 732 30.83 16.47 5.90
N ILE B 733 29.61 16.20 6.36
CA ILE B 733 28.43 16.35 5.51
C ILE B 733 28.11 17.83 5.32
N ALA B 734 28.38 18.64 6.35
CA ALA B 734 28.13 20.07 6.25
C ALA B 734 29.12 20.75 5.30
N ALA B 735 30.34 20.22 5.18
CA ALA B 735 31.29 20.76 4.23
C ALA B 735 30.95 20.40 2.80
N ASN B 736 30.36 19.22 2.59
CA ASN B 736 29.93 18.78 1.28
C ASN B 736 28.44 19.07 1.18
N CYS B 737 28.15 20.31 0.81
CA CYS B 737 26.89 20.97 1.14
C CYS B 737 25.73 20.39 0.35
N PHE B 738 24.58 20.24 1.01
CA PHE B 738 23.45 19.52 0.44
C PHE B 738 22.22 20.41 0.26
N GLY B 739 22.41 21.71 0.10
CA GLY B 739 21.28 22.60 -0.13
C GLY B 739 21.72 24.04 -0.22
N GLN B 740 20.75 24.95 -0.12
CA GLN B 740 21.02 26.39 -0.19
C GLN B 740 20.10 27.14 0.76
N HIS B 741 20.56 28.28 1.26
CA HIS B 741 19.72 29.12 2.11
C HIS B 741 18.85 30.01 1.24
N VAL B 742 17.54 29.85 1.34
CA VAL B 742 16.60 30.67 0.57
C VAL B 742 15.72 31.44 1.55
N THR B 743 15.04 32.45 1.03
CA THR B 743 14.05 33.20 1.79
C THR B 743 12.69 32.61 1.51
N ILE B 744 12.00 32.17 2.56
CA ILE B 744 10.68 31.59 2.45
C ILE B 744 9.67 32.49 3.14
N ALA B 745 8.44 32.40 2.64
CA ALA B 745 7.27 33.05 3.22
C ALA B 745 6.20 31.99 3.44
N LEU B 746 5.61 31.99 4.63
CA LEU B 746 4.52 31.08 4.97
C LEU B 746 3.22 31.84 4.82
N MET B 747 2.67 31.83 3.61
CA MET B 747 1.43 32.51 3.32
C MET B 747 0.77 31.82 2.14
N SER B 748 -0.42 32.30 1.79
CA SER B 748 -1.16 31.84 0.62
C SER B 748 -0.93 32.82 -0.50
N TYR B 749 -0.42 32.33 -1.63
CA TYR B 749 -0.20 33.18 -2.79
C TYR B 749 -1.27 32.86 -3.83
N LYS B 750 -2.40 33.57 -3.71
CA LYS B 750 -3.53 33.53 -4.65
C LYS B 750 -4.14 32.15 -4.80
N GLY B 751 -4.03 31.30 -3.78
CA GLY B 751 -4.57 29.95 -3.86
C GLY B 751 -3.79 29.00 -4.74
N ILE B 752 -2.55 29.33 -5.10
CA ILE B 752 -1.75 28.45 -5.93
C ILE B 752 -0.91 27.50 -5.09
N ASN B 753 -0.69 27.81 -3.81
CA ASN B 753 0.16 27.03 -2.91
C ASN B 753 -0.48 25.77 -2.37
N GLN B 754 -1.57 25.31 -2.97
CA GLN B 754 -2.39 24.27 -2.39
C GLN B 754 -1.86 22.88 -2.71
N GLU B 755 -1.99 21.98 -1.73
CA GLU B 755 -1.52 20.59 -1.77
C GLU B 755 -0.03 20.50 -2.08
N ASP B 756 0.77 21.14 -1.22
CA ASP B 756 2.23 21.14 -1.20
C ASP B 756 2.85 21.76 -2.45
N GLY B 757 2.12 22.54 -3.23
CA GLY B 757 2.74 23.30 -4.30
C GLY B 757 3.45 24.52 -3.73
N ILE B 758 4.61 24.82 -4.30
CA ILE B 758 5.39 25.97 -3.85
C ILE B 758 5.49 26.98 -4.98
N ILE B 759 5.52 28.25 -4.61
CA ILE B 759 5.79 29.34 -5.52
C ILE B 759 7.27 29.64 -5.46
N ILE B 760 7.89 29.86 -6.62
CA ILE B 760 9.31 30.13 -6.69
C ILE B 760 9.52 31.38 -7.55
N LYS B 761 10.58 32.11 -7.25
CA LYS B 761 10.88 33.36 -7.94
C LYS B 761 11.68 33.10 -9.20
N LYS B 762 11.32 33.78 -10.28
CA LYS B 762 12.00 33.59 -11.55
C LYS B 762 13.39 34.20 -11.53
N GLN B 763 13.54 35.36 -10.90
CA GLN B 763 14.83 36.01 -10.80
C GLN B 763 15.77 35.24 -9.87
N PHE B 764 15.22 34.51 -8.91
CA PHE B 764 16.05 33.65 -8.07
C PHE B 764 16.61 32.48 -8.86
N ILE B 765 15.80 31.88 -9.75
CA ILE B 765 16.24 30.77 -10.57
C ILE B 765 17.27 31.24 -11.60
N GLN B 766 17.08 32.44 -12.15
CA GLN B 766 18.01 32.96 -13.16
C GLN B 766 19.39 33.22 -12.59
N ARG B 767 19.49 33.55 -11.31
CA ARG B 767 20.76 33.84 -10.67
C ARG B 767 21.44 32.60 -10.11
N GLY B 768 21.11 31.41 -10.60
CA GLY B 768 21.73 30.20 -10.14
C GLY B 768 21.15 29.64 -8.87
N GLY B 769 19.90 29.95 -8.56
CA GLY B 769 19.30 29.53 -7.31
C GLY B 769 18.78 28.11 -7.32
N LEU B 770 19.37 27.28 -6.46
CA LEU B 770 19.13 25.83 -6.37
C LEU B 770 19.31 25.15 -7.73
N ASP B 771 20.37 25.55 -8.41
CA ASP B 771 20.70 25.07 -9.74
C ASP B 771 21.55 23.81 -9.64
N ILE B 772 21.22 22.80 -10.45
CA ILE B 772 21.96 21.54 -10.38
C ILE B 772 22.55 21.22 -11.74
N VAL B 773 23.43 20.22 -11.75
CA VAL B 773 24.00 19.66 -12.98
C VAL B 773 23.81 18.15 -12.92
N THR B 774 23.15 17.60 -13.93
CA THR B 774 23.01 16.15 -14.06
C THR B 774 24.05 15.65 -15.05
N ALA B 775 24.85 14.69 -14.62
CA ALA B 775 25.86 14.05 -15.44
C ALA B 775 25.46 12.60 -15.68
N LYS B 776 25.34 12.22 -16.93
CA LYS B 776 25.00 10.86 -17.31
C LYS B 776 26.19 10.17 -17.97
N LYS B 777 26.25 8.87 -17.77
CA LYS B 777 27.28 8.02 -18.35
C LYS B 777 26.66 7.13 -19.41
N HIS B 778 27.20 7.17 -20.62
CA HIS B 778 26.78 6.30 -21.70
C HIS B 778 27.94 5.41 -22.09
N GLN B 779 27.67 4.13 -22.30
CA GLN B 779 28.72 3.19 -22.63
C GLN B 779 28.24 2.30 -23.77
N VAL B 780 28.89 2.41 -24.92
CA VAL B 780 28.54 1.59 -26.07
C VAL B 780 29.70 0.67 -26.40
N GLU B 781 29.35 -0.51 -26.93
CA GLU B 781 30.28 -1.56 -27.25
C GLU B 781 30.12 -1.91 -28.72
N ILE B 782 31.09 -1.51 -29.54
CA ILE B 782 30.99 -1.56 -30.99
C ILE B 782 31.95 -2.61 -31.53
N PRO B 783 31.58 -3.39 -32.55
CA PRO B 783 32.59 -4.16 -33.28
C PRO B 783 33.55 -3.23 -34.00
N LEU B 784 34.81 -3.67 -34.10
CA LEU B 784 35.86 -2.85 -34.71
C LEU B 784 35.63 -2.65 -36.20
N GLU B 785 35.10 -3.67 -36.88
CA GLU B 785 34.73 -3.52 -38.27
C GLU B 785 33.50 -2.64 -38.44
N ASN B 786 32.66 -2.57 -37.41
CA ASN B 786 31.53 -1.65 -37.42
C ASN B 786 31.96 -0.22 -37.11
N PHE B 787 33.01 -0.06 -36.31
CA PHE B 787 33.48 1.27 -35.96
C PHE B 787 34.30 1.88 -37.09
N ASN B 788 35.11 1.07 -37.77
CA ASN B 788 35.93 1.57 -38.86
C ASN B 788 35.17 1.76 -40.17
N ASN B 789 33.93 1.28 -40.24
CA ASN B 789 33.14 1.43 -41.45
C ASN B 789 32.64 2.86 -41.61
N ALA B 797 21.74 11.64 -38.25
CA ALA B 797 21.92 10.91 -37.00
C ALA B 797 23.38 10.93 -36.58
N TYR B 798 24.27 11.18 -37.54
CA TYR B 798 25.70 11.26 -37.30
C TYR B 798 26.21 12.68 -37.40
N SER B 799 25.36 13.67 -37.17
CA SER B 799 25.74 15.06 -37.38
C SER B 799 26.69 15.58 -36.31
N LYS B 800 26.70 14.97 -35.13
CA LYS B 800 27.59 15.37 -34.05
C LYS B 800 28.88 14.58 -34.03
N LEU B 801 29.09 13.68 -34.99
CA LEU B 801 30.30 12.88 -35.06
C LEU B 801 31.37 13.60 -35.85
N GLU B 802 32.62 13.35 -35.50
CA GLU B 802 33.77 13.91 -36.18
C GLU B 802 34.29 12.92 -37.21
N SER B 803 35.47 13.22 -37.77
CA SER B 803 36.13 12.27 -38.66
C SER B 803 36.73 11.10 -37.90
N ASN B 804 36.88 11.22 -36.58
CA ASN B 804 37.34 10.13 -35.72
C ASN B 804 36.26 9.07 -35.49
N GLY B 805 35.04 9.29 -35.96
CA GLY B 805 33.95 8.38 -35.68
C GLY B 805 33.41 8.47 -34.28
N LEU B 806 33.75 9.53 -33.56
CA LEU B 806 33.32 9.75 -32.18
C LEU B 806 32.60 11.08 -32.09
N VAL B 807 31.90 11.29 -30.99
CA VAL B 807 31.13 12.52 -30.82
C VAL B 807 32.07 13.66 -30.49
N ARG B 808 31.71 14.85 -30.93
CA ARG B 808 32.52 16.04 -30.74
C ARG B 808 32.39 16.55 -29.31
N LEU B 809 33.50 16.99 -28.74
CA LEU B 809 33.49 17.54 -27.39
C LEU B 809 32.70 18.84 -27.34
N ASN B 810 32.05 19.06 -26.19
CA ASN B 810 31.19 20.21 -25.87
C ASN B 810 29.98 20.31 -26.78
N ALA B 811 29.59 19.23 -27.46
CA ALA B 811 28.41 19.24 -28.31
C ALA B 811 27.19 18.84 -27.49
N PHE B 812 26.04 19.38 -27.87
CA PHE B 812 24.78 19.11 -27.19
C PHE B 812 24.02 18.05 -27.99
N LEU B 813 23.79 16.91 -27.36
CA LEU B 813 23.18 15.77 -28.03
C LEU B 813 21.66 15.85 -27.93
N GLU B 814 20.98 15.76 -29.07
CA GLU B 814 19.53 15.74 -29.14
C GLU B 814 19.10 14.27 -29.21
N SER B 815 17.79 14.03 -29.17
CA SER B 815 17.22 12.71 -28.89
C SER B 815 17.22 11.75 -30.08
N GLY B 816 18.01 11.99 -31.11
CA GLY B 816 18.17 10.99 -32.16
C GLY B 816 19.61 10.83 -32.58
N ASP B 817 20.52 11.23 -31.70
CA ASP B 817 21.93 11.35 -32.01
C ASP B 817 22.72 10.17 -31.47
N ALA B 818 23.65 9.68 -32.27
CA ALA B 818 24.53 8.59 -31.88
C ALA B 818 25.88 9.14 -31.46
N MET B 819 26.46 8.54 -30.43
CA MET B 819 27.70 9.03 -29.86
C MET B 819 28.94 8.48 -30.55
N ALA B 820 28.81 7.44 -31.36
CA ALA B 820 29.94 6.88 -32.08
C ALA B 820 29.41 6.17 -33.32
N ARG B 821 30.29 6.00 -34.30
CA ARG B 821 29.92 5.34 -35.54
C ARG B 821 29.77 3.84 -35.31
N ASN B 822 28.65 3.28 -35.77
CA ASN B 822 28.39 1.84 -35.64
C ASN B 822 27.50 1.45 -36.83
N ILE B 823 28.14 1.02 -37.91
CA ILE B 823 27.46 0.65 -39.14
C ILE B 823 27.78 -0.82 -39.43
N SER B 824 26.75 -1.63 -39.60
CA SER B 824 26.89 -3.08 -39.72
C SER B 824 26.62 -3.53 -41.15
N SER B 825 27.70 -3.74 -41.91
CA SER B 825 27.70 -4.30 -43.26
C SER B 825 26.81 -3.56 -44.27
N SER B 839 24.60 -0.49 -45.81
CA SER B 839 24.89 0.33 -44.64
C SER B 839 24.26 -0.28 -43.38
N PHE B 840 23.04 0.17 -43.08
CA PHE B 840 22.22 -0.30 -41.95
C PHE B 840 22.95 -0.11 -40.61
N ASP B 841 23.11 1.17 -40.25
CA ASP B 841 23.73 1.53 -38.98
C ASP B 841 22.88 1.07 -37.81
N VAL B 842 23.54 0.55 -36.77
CA VAL B 842 22.86 -0.06 -35.63
C VAL B 842 23.33 0.58 -34.34
N SER B 843 23.71 1.86 -34.41
CA SER B 843 24.24 2.55 -33.25
C SER B 843 23.15 2.87 -32.24
N GLU B 844 23.43 2.61 -30.97
CA GLU B 844 22.55 3.05 -29.90
C GLU B 844 22.58 4.57 -29.81
N LYS B 845 21.41 5.16 -29.66
CA LYS B 845 21.27 6.61 -29.80
C LYS B 845 20.84 7.24 -28.49
N TYR B 846 21.10 8.55 -28.41
CA TYR B 846 20.65 9.37 -27.29
C TYR B 846 19.13 9.40 -27.26
N THR B 847 18.55 9.27 -26.07
CA THR B 847 17.12 9.05 -25.94
C THR B 847 16.48 9.90 -24.87
N ASP B 848 17.15 10.94 -24.38
CA ASP B 848 16.60 11.77 -23.32
C ASP B 848 15.76 12.90 -23.91
N MET B 849 14.91 13.47 -23.06
CA MET B 849 14.02 14.55 -23.49
C MET B 849 14.76 15.86 -23.67
N TYR B 850 15.84 16.06 -22.91
CA TYR B 850 16.64 17.27 -22.90
C TYR B 850 17.96 17.04 -23.63
N LYS B 851 18.62 18.12 -23.98
CA LYS B 851 19.96 18.02 -24.53
C LYS B 851 20.97 17.85 -23.42
N SER B 852 22.19 17.45 -23.77
CA SER B 852 23.25 17.31 -22.80
C SER B 852 24.60 17.56 -23.46
N ARG B 853 25.43 18.34 -22.80
CA ARG B 853 26.73 18.70 -23.35
C ARG B 853 27.73 17.59 -23.13
N VAL B 854 28.43 17.20 -24.20
CA VAL B 854 29.44 16.16 -24.11
C VAL B 854 30.63 16.71 -23.32
N GLU B 855 30.81 16.19 -22.11
CA GLU B 855 31.88 16.62 -21.22
C GLU B 855 33.15 15.80 -21.41
N ARG B 856 33.02 14.48 -21.53
CA ARG B 856 34.21 13.64 -21.62
C ARG B 856 33.95 12.45 -22.52
N VAL B 857 34.96 12.05 -23.30
CA VAL B 857 34.91 10.84 -24.12
C VAL B 857 36.15 10.01 -23.82
N GLN B 858 35.95 8.74 -23.45
CA GLN B 858 37.04 7.80 -23.18
C GLN B 858 36.85 6.59 -24.06
N VAL B 859 37.83 6.31 -24.91
CA VAL B 859 37.72 5.26 -25.93
C VAL B 859 38.80 4.23 -25.67
N GLU B 860 38.40 2.96 -25.66
CA GLU B 860 39.34 1.85 -25.56
C GLU B 860 39.25 1.00 -26.82
N LEU B 861 40.39 0.85 -27.51
CA LEU B 861 40.48 0.01 -28.69
C LEU B 861 41.05 -1.35 -28.31
N THR B 862 40.28 -2.39 -28.60
CA THR B 862 40.56 -3.78 -28.27
C THR B 862 39.97 -4.61 -29.40
N ASP B 863 39.66 -5.89 -29.13
CA ASP B 863 38.83 -6.65 -30.06
C ASP B 863 37.49 -5.97 -30.31
N LYS B 864 36.93 -5.30 -29.31
CA LYS B 864 35.71 -4.54 -29.41
C LYS B 864 35.96 -3.14 -28.89
N VAL B 865 35.49 -2.13 -29.63
CA VAL B 865 35.65 -0.74 -29.24
C VAL B 865 34.70 -0.44 -28.09
N LYS B 866 35.23 0.11 -26.99
CA LYS B 866 34.42 0.50 -25.85
C LYS B 866 34.46 2.02 -25.74
N VAL B 867 33.32 2.67 -25.92
CA VAL B 867 33.23 4.13 -25.87
C VAL B 867 32.40 4.52 -24.65
N ARG B 868 32.98 5.34 -23.78
CA ARG B 868 32.34 5.83 -22.56
C ARG B 868 32.27 7.34 -22.63
N VAL B 869 31.06 7.88 -22.73
CA VAL B 869 30.83 9.30 -22.86
C VAL B 869 30.14 9.81 -21.59
N LEU B 870 30.71 10.82 -20.98
CA LEU B 870 30.11 11.55 -19.87
C LEU B 870 29.49 12.82 -20.41
N THR B 871 28.17 12.97 -20.27
CA THR B 871 27.48 14.17 -20.69
C THR B 871 26.91 14.90 -19.49
N MET B 872 26.73 16.21 -19.64
CA MET B 872 26.29 17.07 -18.54
C MET B 872 25.19 18.00 -19.01
N LYS B 873 24.29 18.35 -18.09
CA LYS B 873 23.22 19.29 -18.36
C LYS B 873 22.93 20.09 -17.11
N GLU B 874 22.86 21.41 -17.25
CA GLU B 874 22.44 22.28 -16.16
C GLU B 874 20.93 22.29 -16.08
N ARG B 875 20.40 21.90 -14.93
CA ARG B 875 18.97 21.85 -14.68
C ARG B 875 18.61 22.94 -13.67
N ARG B 876 17.90 23.94 -14.14
CA ARG B 876 17.27 24.97 -13.35
C ARG B 876 15.89 24.49 -12.90
N PRO B 877 15.38 25.02 -11.78
CA PRO B 877 14.04 24.60 -11.32
C PRO B 877 12.95 25.01 -12.29
N ILE B 878 12.20 24.02 -12.76
CA ILE B 878 11.05 24.23 -13.63
C ILE B 878 9.83 23.73 -12.87
N LEU B 879 8.66 23.80 -13.51
CA LEU B 879 7.43 23.36 -12.88
C LEU B 879 7.45 21.84 -12.68
N GLY B 880 7.18 21.41 -11.45
CA GLY B 880 7.15 20.00 -11.13
C GLY B 880 8.40 19.46 -10.48
N ASP B 881 9.42 20.27 -10.31
CA ASP B 881 10.65 19.82 -9.69
C ASP B 881 10.49 19.77 -8.18
N LYS B 882 10.94 18.68 -7.58
CA LYS B 882 10.69 18.43 -6.16
C LYS B 882 11.71 19.15 -5.30
N PHE B 883 11.22 19.69 -4.18
CA PHE B 883 12.02 20.42 -3.22
C PHE B 883 11.57 20.01 -1.83
N THR B 884 12.41 20.25 -0.82
CA THR B 884 12.05 19.90 0.56
C THR B 884 12.82 20.76 1.53
N THR B 885 12.48 20.64 2.80
CA THR B 885 13.23 21.20 3.91
C THR B 885 13.91 20.08 4.68
N ARG B 886 14.57 20.44 5.77
CA ARG B 886 15.12 19.48 6.72
C ARG B 886 14.10 19.07 7.77
N THR B 887 12.81 19.22 7.48
CA THR B 887 11.72 18.92 8.40
C THR B 887 10.68 18.06 7.68
N SER B 888 11.05 17.50 6.52
CA SER B 888 10.16 16.74 5.62
C SER B 888 8.94 17.56 5.20
N GLN B 889 9.19 18.79 4.78
CA GLN B 889 8.15 19.63 4.21
C GLN B 889 8.44 19.72 2.72
N LYS B 890 7.95 18.74 1.96
CA LYS B 890 8.32 18.60 0.57
C LYS B 890 7.18 18.95 -0.36
N GLY B 891 7.54 19.25 -1.60
CA GLY B 891 6.56 19.56 -2.62
C GLY B 891 7.23 20.02 -3.88
N THR B 892 6.43 20.15 -4.93
CA THR B 892 6.92 20.49 -6.27
C THR B 892 6.57 21.93 -6.62
N VAL B 893 7.22 22.42 -7.67
CA VAL B 893 7.04 23.80 -8.12
C VAL B 893 5.71 23.93 -8.84
N ALA B 894 4.83 24.77 -8.30
CA ALA B 894 3.52 24.99 -8.90
C ALA B 894 3.49 26.20 -9.81
N TYR B 895 4.29 27.21 -9.53
CA TYR B 895 4.24 28.48 -10.24
C TYR B 895 5.58 29.17 -10.10
N VAL B 896 6.12 29.64 -11.21
CA VAL B 896 7.37 30.41 -11.23
C VAL B 896 6.98 31.87 -11.36
N ALA B 897 6.93 32.57 -10.24
CA ALA B 897 6.46 33.95 -10.22
C ALA B 897 7.60 34.91 -10.53
N ASP B 898 7.27 35.99 -11.22
CA ASP B 898 8.20 37.09 -11.38
C ASP B 898 8.37 37.81 -10.04
N GLU B 899 9.50 38.50 -9.88
CA GLU B 899 9.73 39.21 -8.62
C GLU B 899 8.87 40.44 -8.47
N THR B 900 8.23 40.90 -9.53
CA THR B 900 7.34 42.05 -9.49
C THR B 900 5.89 41.68 -9.19
N GLU B 901 5.56 40.39 -9.16
CA GLU B 901 4.24 39.93 -8.75
C GLU B 901 4.28 39.16 -7.45
N LEU B 902 5.30 39.36 -6.63
CA LEU B 902 5.47 38.72 -5.34
C LEU B 902 5.35 39.74 -4.21
N PRO B 903 4.85 39.34 -3.05
CA PRO B 903 4.78 40.28 -1.92
C PRO B 903 6.15 40.61 -1.37
N TYR B 904 6.29 41.84 -0.90
CA TYR B 904 7.58 42.35 -0.43
C TYR B 904 7.41 42.96 0.95
N ASP B 905 8.52 43.10 1.65
CA ASP B 905 8.54 43.73 2.96
C ASP B 905 9.05 45.17 2.84
N GLU B 906 9.30 45.80 3.99
CA GLU B 906 9.74 47.19 4.01
C GLU B 906 11.14 47.37 3.44
N ASN B 907 11.97 46.32 3.48
CA ASN B 907 13.32 46.37 2.94
C ASN B 907 13.37 46.04 1.46
N GLY B 908 12.25 45.80 0.82
CA GLY B 908 12.22 45.49 -0.59
C GLY B 908 12.66 44.08 -0.92
N ILE B 909 12.34 43.11 -0.07
CA ILE B 909 12.81 41.74 -0.24
C ILE B 909 11.59 40.87 -0.49
N THR B 910 11.57 40.22 -1.65
CA THR B 910 10.57 39.24 -2.03
C THR B 910 11.08 37.85 -1.73
N PRO B 911 10.23 36.91 -1.31
CA PRO B 911 10.72 35.58 -0.95
C PRO B 911 11.09 34.77 -2.18
N ASP B 912 12.13 33.96 -2.03
CA ASP B 912 12.49 33.03 -3.10
C ASP B 912 11.48 31.90 -3.19
N VAL B 913 11.00 31.42 -2.04
CA VAL B 913 10.02 30.33 -1.99
C VAL B 913 8.86 30.77 -1.10
N ILE B 914 7.64 30.53 -1.57
CA ILE B 914 6.44 30.67 -0.75
C ILE B 914 5.89 29.29 -0.49
N ILE B 915 5.91 28.87 0.77
CA ILE B 915 5.31 27.62 1.20
C ILE B 915 3.98 27.95 1.87
N ASN B 916 3.00 27.08 1.71
CA ASN B 916 1.74 27.28 2.42
C ASN B 916 1.92 27.01 3.91
N SER B 917 1.19 27.78 4.72
CA SER B 917 1.34 27.74 6.16
C SER B 917 0.44 26.72 6.84
N THR B 918 -0.56 26.19 6.14
CA THR B 918 -1.49 25.24 6.75
C THR B 918 -0.85 23.88 6.97
N SER B 919 0.01 23.46 6.05
CA SER B 919 0.68 22.17 6.16
C SER B 919 1.78 22.17 7.21
N ILE B 920 2.24 23.34 7.64
CA ILE B 920 3.23 23.41 8.71
C ILE B 920 2.60 23.07 10.05
N PHE B 921 1.34 23.42 10.24
CA PHE B 921 0.67 23.22 11.51
C PHE B 921 -0.28 22.04 11.50
N SER B 922 -0.64 21.52 10.33
CA SER B 922 -1.41 20.28 10.31
C SER B 922 -0.53 19.06 10.50
N ARG B 923 0.70 19.09 9.97
CA ARG B 923 1.64 17.98 10.10
C ARG B 923 2.49 18.07 11.36
N LYS B 924 2.32 19.15 12.14
CA LYS B 924 3.00 19.37 13.42
C LYS B 924 4.51 19.39 13.27
N THR B 925 4.99 20.09 12.24
CA THR B 925 6.43 20.28 12.04
C THR B 925 6.87 21.58 12.71
N ILE B 926 6.99 21.50 14.03
CA ILE B 926 7.27 22.67 14.84
C ILE B 926 8.73 23.11 14.69
N SER B 927 9.63 22.18 14.36
CA SER B 927 11.06 22.51 14.36
C SER B 927 11.45 23.35 13.15
N MET B 928 10.58 23.40 12.13
CA MET B 928 10.85 24.25 10.98
C MET B 928 10.79 25.73 11.34
N LEU B 929 9.84 26.10 12.20
CA LEU B 929 9.72 27.47 12.67
C LEU B 929 10.92 27.88 13.51
N ILE B 930 11.39 26.97 14.36
CA ILE B 930 12.58 27.21 15.17
C ILE B 930 13.82 27.30 14.28
N GLU B 931 13.85 26.52 13.19
CA GLU B 931 14.98 26.58 12.27
C GLU B 931 15.03 27.89 11.52
N VAL B 932 13.86 28.43 11.14
CA VAL B 932 13.83 29.74 10.49
C VAL B 932 14.22 30.84 11.47
N ILE B 933 13.77 30.72 12.73
CA ILE B 933 14.13 31.69 13.76
C ILE B 933 15.64 31.69 14.02
N LEU B 934 16.25 30.50 14.07
CA LEU B 934 17.67 30.41 14.36
C LEU B 934 18.52 30.80 13.14
N THR B 935 18.02 30.54 11.94
CA THR B 935 18.71 30.98 10.73
C THR B 935 18.71 32.51 10.62
N ALA B 936 17.59 33.14 10.95
CA ALA B 936 17.53 34.60 10.94
C ALA B 936 18.37 35.20 12.06
N ALA B 937 18.44 34.52 13.21
CA ALA B 937 19.30 34.99 14.29
C ALA B 937 20.77 34.83 13.95
N TYR B 938 21.14 33.83 13.15
CA TYR B 938 22.49 33.77 12.62
C TYR B 938 22.74 34.92 11.65
N SER B 939 21.78 35.23 10.80
CA SER B 939 22.01 36.30 9.84
C SER B 939 22.10 37.66 10.51
N ALA B 940 21.53 37.81 11.72
CA ALA B 940 21.78 39.01 12.49
C ALA B 940 23.19 39.03 13.05
N LYS B 941 23.65 37.92 13.64
CA LYS B 941 24.98 37.83 14.24
C LYS B 941 25.62 36.50 13.87
N PRO B 942 26.40 36.46 12.80
CA PRO B 942 27.01 35.20 12.35
C PRO B 942 28.31 34.86 13.03
N TYR B 943 28.84 35.74 13.87
CA TYR B 943 30.14 35.59 14.47
C TYR B 943 30.00 35.52 15.98
N ASN B 944 31.01 34.97 16.64
CA ASN B 944 31.04 34.95 18.09
C ASN B 944 31.73 36.23 18.58
N ASN B 945 32.09 36.26 19.86
CA ASN B 945 32.77 37.43 20.40
C ASN B 945 34.25 37.49 20.02
N LYS B 946 34.80 36.43 19.46
CA LYS B 946 36.14 36.46 18.89
C LYS B 946 36.12 36.89 17.43
N GLY B 947 34.96 36.93 16.78
CA GLY B 947 34.84 37.29 15.39
C GLY B 947 34.77 36.12 14.44
N GLU B 948 34.94 34.90 14.93
CA GLU B 948 34.95 33.71 14.08
C GLU B 948 33.54 33.27 13.74
N ASN B 949 33.38 32.69 12.55
CA ASN B 949 32.13 32.13 12.09
C ASN B 949 31.71 30.95 12.97
N ARG B 950 30.72 31.15 13.84
CA ARG B 950 30.27 29.97 14.55
C ARG B 950 28.87 29.58 14.11
N PRO B 951 28.59 28.30 13.99
CA PRO B 951 27.22 27.86 13.69
C PRO B 951 26.35 27.90 14.93
N VAL B 952 25.07 27.60 14.72
CA VAL B 952 24.09 27.55 15.79
C VAL B 952 23.78 26.09 16.06
N CYS B 953 24.07 25.63 17.27
CA CYS B 953 23.87 24.23 17.64
C CYS B 953 22.40 24.01 17.95
N PHE B 954 21.69 23.41 17.00
CA PHE B 954 20.31 22.96 17.18
C PHE B 954 20.32 21.50 16.74
N PRO B 955 20.46 20.57 17.69
CA PRO B 955 20.73 19.17 17.34
C PRO B 955 19.52 18.49 16.74
N SER B 956 19.75 17.25 16.31
CA SER B 956 18.68 16.45 15.75
C SER B 956 17.67 16.05 16.82
N SER B 957 18.16 15.65 18.00
CA SER B 957 17.32 15.43 19.17
C SER B 957 17.72 16.46 20.22
N ASN B 958 16.95 17.55 20.29
CA ASN B 958 17.31 18.73 21.06
C ASN B 958 16.72 18.67 22.46
N GLU B 959 17.51 19.06 23.45
CA GLU B 959 17.06 19.13 24.83
C GLU B 959 17.03 20.53 25.41
N THR B 960 17.46 21.55 24.67
CA THR B 960 17.35 22.92 25.12
C THR B 960 15.98 23.48 24.73
N SER B 961 15.42 24.29 25.61
CA SER B 961 14.05 24.77 25.44
C SER B 961 13.99 25.86 24.36
N ILE B 962 12.75 26.18 23.96
CA ILE B 962 12.54 27.19 22.95
C ILE B 962 12.82 28.58 23.50
N ASP B 963 12.62 28.78 24.81
CA ASP B 963 12.87 30.09 25.41
C ASP B 963 14.36 30.42 25.44
N THR B 964 15.23 29.42 25.53
CA THR B 964 16.67 29.66 25.42
C THR B 964 17.05 30.09 24.01
N TYR B 965 16.38 29.53 23.00
CA TYR B 965 16.64 29.95 21.62
C TYR B 965 16.08 31.34 21.36
N MET B 966 14.95 31.68 22.00
CA MET B 966 14.42 33.04 21.91
C MET B 966 15.35 34.04 22.58
N GLN B 967 15.97 33.65 23.70
CA GLN B 967 16.92 34.53 24.38
C GLN B 967 18.18 34.71 23.55
N PHE B 968 18.65 33.64 22.90
CA PHE B 968 19.79 33.73 21.99
C PHE B 968 19.49 34.65 20.80
N ALA B 969 18.29 34.52 20.23
CA ALA B 969 17.90 35.38 19.11
C ALA B 969 17.75 36.83 19.53
N LYS B 970 17.23 37.06 20.76
CA LYS B 970 17.14 38.41 21.29
C LYS B 970 18.51 39.04 21.47
N GLN B 971 19.48 38.26 21.97
CA GLN B 971 20.84 38.77 22.13
C GLN B 971 21.49 39.08 20.78
N CYS B 972 21.21 38.26 19.76
CA CYS B 972 21.74 38.52 18.43
C CYS B 972 21.16 39.79 17.83
N TYR B 973 19.84 39.96 17.91
CA TYR B 973 19.19 41.13 17.33
C TYR B 973 19.50 42.40 18.12
N GLU B 974 19.79 42.27 19.41
CA GLU B 974 20.21 43.42 20.20
C GLU B 974 21.68 43.75 20.00
N HIS B 975 22.49 42.79 19.56
CA HIS B 975 23.85 43.11 19.14
C HIS B 975 23.86 43.81 17.80
N SER B 976 22.94 43.42 16.90
CA SER B 976 22.91 44.03 15.57
C SER B 976 22.46 45.49 15.65
N ASN B 977 21.24 45.72 16.11
CA ASN B 977 20.76 47.09 16.28
C ASN B 977 20.66 47.39 17.77
N PRO B 978 21.47 48.32 18.29
CA PRO B 978 21.60 48.46 19.75
C PRO B 978 20.36 49.01 20.46
N LYS B 979 19.42 49.60 19.75
CA LYS B 979 18.13 49.92 20.35
C LYS B 979 17.03 49.74 19.32
N LEU B 980 16.02 48.97 19.70
CA LEU B 980 14.80 48.74 18.93
C LEU B 980 13.61 48.88 19.85
N SER B 981 12.47 49.24 19.28
CA SER B 981 11.22 49.13 20.02
C SER B 981 10.92 47.65 20.24
N ASP B 982 10.27 47.34 21.36
CA ASP B 982 10.05 45.95 21.73
C ASP B 982 9.05 45.26 20.82
N GLU B 983 8.16 46.02 20.17
CA GLU B 983 7.34 45.44 19.11
C GLU B 983 8.19 45.03 17.92
N GLU B 984 9.16 45.88 17.54
CA GLU B 984 10.07 45.55 16.44
C GLU B 984 10.98 44.39 16.82
N LEU B 985 11.41 44.32 18.07
CA LEU B 985 12.26 43.21 18.51
C LEU B 985 11.48 41.90 18.56
N SER B 986 10.22 41.94 19.00
CA SER B 986 9.41 40.74 19.03
C SER B 986 9.00 40.31 17.63
N ASP B 987 8.90 41.26 16.69
CA ASP B 987 8.68 40.91 15.30
C ASP B 987 9.93 40.35 14.64
N LYS B 988 11.11 40.76 15.09
CA LYS B 988 12.34 40.22 14.52
C LYS B 988 12.65 38.83 15.07
N ILE B 989 12.34 38.59 16.34
CA ILE B 989 12.62 37.29 16.95
C ILE B 989 11.69 36.22 16.38
N PHE B 990 10.40 36.52 16.32
CA PHE B 990 9.40 35.57 15.82
C PHE B 990 9.31 35.53 14.31
N CYS B 991 10.14 36.33 13.61
CA CYS B 991 10.24 36.36 12.14
C CYS B 991 8.91 36.71 11.48
N GLU B 992 8.16 37.60 12.11
CA GLU B 992 6.92 38.12 11.56
C GLU B 992 7.18 39.43 10.84
N LYS B 993 6.54 39.61 9.69
CA LYS B 993 6.78 40.79 8.88
C LYS B 993 5.48 41.22 8.22
N ILE B 994 5.32 42.52 8.07
CA ILE B 994 4.22 43.07 7.28
C ILE B 994 4.63 43.04 5.81
N LEU B 995 3.89 42.29 5.00
CA LEU B 995 4.14 42.17 3.58
C LEU B 995 3.11 42.98 2.81
N TYR B 996 3.49 43.44 1.62
CA TYR B 996 2.67 44.34 0.83
C TYR B 996 2.30 43.67 -0.48
N ASP B 997 1.02 43.81 -0.86
CA ASP B 997 0.52 43.35 -2.14
C ASP B 997 1.24 44.08 -3.26
N PRO B 998 1.93 43.40 -4.17
CA PRO B 998 2.73 44.11 -5.18
C PRO B 998 1.90 44.84 -6.23
N GLU B 999 0.61 44.53 -6.34
CA GLU B 999 -0.25 45.14 -7.32
C GLU B 999 -0.88 46.44 -6.82
N THR B 1000 -1.35 46.46 -5.57
CA THR B 1000 -1.99 47.62 -5.00
C THR B 1000 -1.12 48.38 -4.01
N ASP B 1001 0.06 47.87 -3.67
CA ASP B 1001 1.05 48.48 -2.78
C ASP B 1001 0.49 48.75 -1.39
N LYS B 1002 -0.44 47.91 -0.95
CA LYS B 1002 -1.10 47.96 0.34
C LYS B 1002 -0.76 46.73 1.15
N PRO B 1003 -0.62 46.85 2.47
CA PRO B 1003 -0.25 45.68 3.28
C PRO B 1003 -1.38 44.68 3.38
N TYR B 1004 -1.00 43.47 3.78
CA TYR B 1004 -1.98 42.43 4.01
C TYR B 1004 -2.60 42.60 5.39
N ALA B 1005 -3.45 41.66 5.78
CA ALA B 1005 -4.20 41.79 7.02
C ALA B 1005 -3.31 41.58 8.24
N SER B 1006 -2.62 40.44 8.30
CA SER B 1006 -1.78 40.12 9.43
C SER B 1006 -0.33 39.91 8.99
N LYS B 1007 0.55 39.79 9.98
CA LYS B 1007 1.96 39.61 9.70
C LYS B 1007 2.24 38.18 9.25
N VAL B 1008 3.28 38.03 8.43
CA VAL B 1008 3.59 36.78 7.74
C VAL B 1008 4.89 36.23 8.30
N PHE B 1009 4.92 34.91 8.52
CA PHE B 1009 6.16 34.23 8.88
C PHE B 1009 7.12 34.26 7.70
N PHE B 1010 8.19 35.04 7.83
CA PHE B 1010 9.05 35.39 6.72
C PHE B 1010 10.49 35.27 7.18
N GLY B 1011 11.28 34.44 6.50
CA GLY B 1011 12.66 34.31 6.91
C GLY B 1011 13.46 33.33 6.10
N PRO B 1012 14.74 33.18 6.42
CA PRO B 1012 15.59 32.26 5.65
C PRO B 1012 15.63 30.86 6.24
N ILE B 1013 15.84 29.89 5.36
CA ILE B 1013 15.93 28.49 5.77
C ILE B 1013 16.82 27.75 4.77
N TYR B 1014 17.48 26.71 5.27
CA TYR B 1014 18.21 25.78 4.43
C TYR B 1014 17.24 24.87 3.69
N TYR B 1015 17.23 24.96 2.38
CA TYR B 1015 16.24 24.33 1.53
C TYR B 1015 16.98 23.39 0.59
N LEU B 1016 16.35 22.26 0.29
CA LEU B 1016 17.01 21.16 -0.38
C LEU B 1016 16.31 20.87 -1.68
N ARG B 1017 17.07 20.56 -2.72
CA ARG B 1017 16.51 20.07 -3.97
C ARG B 1017 16.61 18.56 -4.00
N LEU B 1018 15.55 17.91 -4.46
CA LEU B 1018 15.50 16.47 -4.57
C LEU B 1018 15.70 16.03 -6.00
N ARG B 1019 16.09 14.77 -6.17
CA ARG B 1019 16.56 14.24 -7.44
C ARG B 1019 15.43 13.76 -8.34
N HIS B 1020 14.21 14.23 -8.15
CA HIS B 1020 13.07 13.82 -8.95
C HIS B 1020 12.66 14.99 -9.82
N LEU B 1021 13.20 15.02 -11.03
CA LEU B 1021 12.96 16.08 -11.99
C LEU B 1021 11.84 15.67 -12.94
N THR B 1022 11.18 16.67 -13.53
CA THR B 1022 9.99 16.41 -14.34
C THR B 1022 10.35 15.72 -15.65
N GLN B 1023 11.43 16.15 -16.29
CA GLN B 1023 11.81 15.59 -17.58
C GLN B 1023 12.47 14.22 -17.46
N ASP B 1024 12.81 13.78 -16.25
CA ASP B 1024 13.20 12.40 -16.03
C ASP B 1024 12.00 11.46 -15.96
N LYS B 1025 10.80 12.00 -15.72
CA LYS B 1025 9.60 11.20 -15.60
C LYS B 1025 8.63 11.41 -16.75
N ALA B 1026 8.87 12.37 -17.62
CA ALA B 1026 7.94 12.75 -18.66
C ALA B 1026 7.97 11.73 -19.81
N THR B 1027 6.80 11.19 -20.14
CA THR B 1027 6.66 10.13 -21.13
C THR B 1027 5.55 10.50 -22.09
N VAL B 1028 5.79 10.26 -23.38
CA VAL B 1028 4.74 10.41 -24.39
C VAL B 1028 5.03 9.43 -25.52
N ARG B 1029 3.97 8.90 -26.12
CA ARG B 1029 4.11 7.98 -27.24
C ARG B 1029 2.94 8.17 -28.20
N CYS B 1030 3.26 8.43 -29.46
CA CYS B 1030 2.22 8.40 -30.49
C CYS B 1030 2.17 7.02 -31.15
N ARG B 1031 3.27 6.61 -31.76
CA ARG B 1031 3.41 5.28 -32.34
C ARG B 1031 4.84 4.84 -32.15
N GLY B 1032 5.06 3.54 -32.25
CA GLY B 1032 6.40 3.01 -32.07
C GLY B 1032 6.50 1.53 -32.34
N LYS B 1033 7.42 0.87 -31.66
CA LYS B 1033 7.61 -0.55 -31.85
C LYS B 1033 6.52 -1.35 -31.19
N LYS B 1034 6.38 -2.59 -31.63
CA LYS B 1034 5.48 -3.56 -31.03
C LYS B 1034 6.26 -4.82 -30.67
N THR B 1035 5.85 -5.49 -29.60
CA THR B 1035 6.48 -6.75 -29.23
C THR B 1035 6.09 -7.82 -30.24
N LYS B 1036 6.96 -8.83 -30.39
CA LYS B 1036 6.81 -9.75 -31.52
C LYS B 1036 5.71 -10.78 -31.29
N LEU B 1037 5.50 -11.24 -30.06
CA LEU B 1037 4.54 -12.31 -29.82
C LEU B 1037 3.11 -11.81 -29.91
N ILE B 1038 2.74 -10.86 -29.02
CA ILE B 1038 1.35 -10.45 -28.89
C ILE B 1038 0.99 -9.25 -29.77
N ARG B 1039 1.98 -8.57 -30.34
CA ARG B 1039 1.81 -7.43 -31.26
C ARG B 1039 1.06 -6.27 -30.60
N GLN B 1040 1.37 -6.03 -29.34
CA GLN B 1040 1.00 -4.81 -28.63
C GLN B 1040 2.26 -3.99 -28.40
N ALA B 1041 2.09 -2.80 -27.83
CA ALA B 1041 3.18 -1.84 -27.68
C ALA B 1041 4.25 -2.35 -26.72
N ASN B 1042 5.46 -1.80 -26.89
CA ASN B 1042 6.59 -2.19 -26.06
C ASN B 1042 6.54 -1.45 -24.72
N GLU B 1043 7.54 -1.70 -23.88
CA GLU B 1043 7.46 -1.43 -22.45
C GLU B 1043 8.19 -0.18 -22.00
N GLY B 1044 9.48 -0.08 -22.30
CA GLY B 1044 10.35 0.86 -21.60
C GLY B 1044 10.15 2.31 -22.00
N ARG B 1045 10.78 3.18 -21.21
CA ARG B 1045 10.79 4.61 -21.52
C ARG B 1045 11.93 4.99 -22.45
N LYS B 1046 13.07 4.31 -22.34
CA LYS B 1046 14.15 4.52 -23.30
C LYS B 1046 13.79 3.93 -24.65
N ARG B 1047 12.94 2.91 -24.67
CA ARG B 1047 12.50 2.28 -25.91
C ARG B 1047 11.30 2.96 -26.52
N GLY B 1048 10.73 3.96 -25.85
CA GLY B 1048 9.56 4.67 -26.34
C GLY B 1048 8.31 3.82 -26.28
N GLY B 1049 8.05 3.22 -25.13
CA GLY B 1049 6.93 2.31 -24.99
C GLY B 1049 5.66 3.00 -24.55
N GLY B 1050 4.61 2.20 -24.42
CA GLY B 1050 3.31 2.74 -24.05
C GLY B 1050 3.03 2.65 -22.57
N ILE B 1051 2.04 3.41 -22.15
CA ILE B 1051 1.56 3.38 -20.77
C ILE B 1051 0.52 2.27 -20.68
N LYS B 1052 0.67 1.39 -19.69
CA LYS B 1052 -0.20 0.23 -19.56
C LYS B 1052 -1.56 0.66 -19.03
N PHE B 1053 -2.58 0.59 -19.90
CA PHE B 1053 -3.95 0.75 -19.46
C PHE B 1053 -4.33 -0.50 -18.69
N GLY B 1054 -4.20 -0.46 -17.37
CA GLY B 1054 -4.34 -1.64 -16.55
C GLY B 1054 -5.75 -2.14 -16.36
N GLU B 1055 -5.94 -3.00 -15.37
CA GLU B 1055 -7.24 -3.62 -15.11
C GLU B 1055 -8.15 -2.76 -14.25
N MET B 1056 -7.59 -1.93 -13.36
CA MET B 1056 -8.42 -1.05 -12.55
C MET B 1056 -8.95 0.13 -13.36
N GLU B 1057 -8.20 0.58 -14.35
CA GLU B 1057 -8.71 1.57 -15.29
C GLU B 1057 -9.81 0.99 -16.15
N ARG B 1058 -9.71 -0.30 -16.46
CA ARG B 1058 -10.78 -1.01 -17.15
C ARG B 1058 -12.02 -1.08 -16.28
N ASP B 1059 -11.84 -1.28 -14.96
CA ASP B 1059 -12.97 -1.23 -14.04
C ASP B 1059 -13.60 0.16 -13.98
N CYS B 1060 -12.79 1.20 -14.05
CA CYS B 1060 -13.31 2.56 -14.02
C CYS B 1060 -14.10 2.89 -15.28
N LEU B 1061 -13.61 2.46 -16.44
CA LEU B 1061 -14.37 2.69 -17.67
C LEU B 1061 -15.61 1.80 -17.78
N ILE B 1062 -15.61 0.65 -17.11
CA ILE B 1062 -16.84 -0.14 -17.03
C ILE B 1062 -17.84 0.57 -16.11
N ALA B 1063 -17.37 1.13 -15.00
CA ALA B 1063 -18.24 1.83 -14.06
C ALA B 1063 -18.76 3.16 -14.59
N HIS B 1064 -18.09 3.76 -15.57
CA HIS B 1064 -18.64 4.93 -16.23
C HIS B 1064 -19.77 4.60 -17.19
N GLY B 1065 -19.92 3.34 -17.57
CA GLY B 1065 -20.90 2.97 -18.57
C GLY B 1065 -20.46 3.16 -20.00
N ALA B 1066 -19.17 3.42 -20.22
CA ALA B 1066 -18.64 3.67 -21.56
C ALA B 1066 -18.13 2.34 -22.11
N ALA B 1067 -19.02 1.61 -22.78
CA ALA B 1067 -18.66 0.29 -23.29
C ALA B 1067 -17.91 0.37 -24.61
N ASN B 1068 -18.26 1.32 -25.46
CA ASN B 1068 -17.54 1.48 -26.72
C ASN B 1068 -16.14 2.02 -26.51
N THR B 1069 -15.96 2.88 -25.50
CA THR B 1069 -14.64 3.40 -25.18
C THR B 1069 -13.70 2.29 -24.70
N ILE B 1070 -14.18 1.44 -23.78
CA ILE B 1070 -13.33 0.37 -23.26
C ILE B 1070 -13.16 -0.73 -24.31
N THR B 1071 -14.12 -0.87 -25.23
CA THR B 1071 -13.96 -1.80 -26.34
C THR B 1071 -12.87 -1.33 -27.28
N GLU B 1072 -12.88 -0.04 -27.65
CA GLU B 1072 -11.85 0.47 -28.55
C GLU B 1072 -10.49 0.57 -27.88
N VAL B 1073 -10.45 0.71 -26.55
CA VAL B 1073 -9.17 0.71 -25.85
C VAL B 1073 -8.59 -0.69 -25.81
N LEU B 1074 -9.40 -1.67 -25.41
CA LEU B 1074 -8.87 -3.01 -25.19
C LEU B 1074 -8.62 -3.79 -26.48
N LYS B 1075 -9.19 -3.37 -27.59
CA LYS B 1075 -8.97 -4.08 -28.83
C LYS B 1075 -7.77 -3.51 -29.58
N ASP B 1076 -7.31 -4.27 -30.57
CA ASP B 1076 -6.17 -3.84 -31.36
C ASP B 1076 -6.57 -2.67 -32.27
N SER B 1077 -5.56 -1.93 -32.72
CA SER B 1077 -5.77 -0.68 -33.43
C SER B 1077 -6.44 -0.91 -34.79
N GLU B 1078 -7.13 0.13 -35.24
CA GLU B 1078 -7.83 0.06 -36.53
C GLU B 1078 -6.87 0.03 -37.70
N GLU B 1079 -5.65 0.53 -37.52
CA GLU B 1079 -4.65 0.45 -38.57
C GLU B 1079 -4.13 -0.97 -38.75
N ASP B 1080 -4.16 -1.77 -37.70
CA ASP B 1080 -3.66 -3.15 -37.74
C ASP B 1080 -4.78 -4.14 -38.02
N TYR B 1081 -5.55 -3.91 -39.08
CA TYR B 1081 -6.67 -4.77 -39.42
C TYR B 1081 -6.30 -5.65 -40.60
N GLN B 1082 -6.71 -6.92 -40.53
CA GLN B 1082 -6.55 -7.85 -41.64
C GLN B 1082 -7.71 -8.83 -41.60
N ASP B 1083 -8.08 -9.33 -42.77
CA ASP B 1083 -9.19 -10.26 -42.87
C ASP B 1083 -8.73 -11.64 -42.42
N VAL B 1084 -9.17 -12.05 -41.24
CA VAL B 1084 -8.84 -13.35 -40.66
C VAL B 1084 -10.10 -14.19 -40.65
N TYR B 1085 -10.00 -15.41 -41.17
CA TYR B 1085 -11.12 -16.34 -41.23
C TYR B 1085 -10.89 -17.50 -40.27
N VAL B 1086 -11.95 -17.94 -39.63
CA VAL B 1086 -11.90 -19.06 -38.71
C VAL B 1086 -12.82 -20.15 -39.25
N CYS B 1087 -12.47 -21.39 -38.94
CA CYS B 1087 -13.27 -22.55 -39.32
C CYS B 1087 -14.33 -22.79 -38.28
N GLU B 1088 -15.60 -22.92 -38.72
CA GLU B 1088 -16.68 -23.11 -37.76
C GLU B 1088 -16.74 -24.52 -37.22
N ASN B 1089 -16.06 -25.46 -37.85
CA ASN B 1089 -16.09 -26.86 -37.41
C ASN B 1089 -14.96 -27.16 -36.42
N CYS B 1090 -13.73 -26.81 -36.75
CA CYS B 1090 -12.59 -27.17 -35.92
C CYS B 1090 -12.03 -26.00 -35.11
N GLY B 1091 -12.29 -24.76 -35.50
CA GLY B 1091 -12.01 -23.63 -34.64
C GLY B 1091 -10.72 -22.89 -34.89
N ASP B 1092 -9.92 -23.29 -35.87
CA ASP B 1092 -8.63 -22.64 -36.10
C ASP B 1092 -8.71 -21.72 -37.30
N ILE B 1093 -7.60 -20.99 -37.51
CA ILE B 1093 -7.54 -19.96 -38.54
C ILE B 1093 -7.41 -20.61 -39.90
N ALA B 1094 -8.27 -20.20 -40.83
CA ALA B 1094 -8.19 -20.67 -42.20
C ALA B 1094 -6.94 -20.13 -42.89
N ALA B 1095 -6.55 -20.79 -43.98
CA ALA B 1095 -5.38 -20.42 -44.74
C ALA B 1095 -5.77 -20.06 -46.16
N GLN B 1096 -5.00 -19.17 -46.77
CA GLN B 1096 -5.15 -18.83 -48.19
C GLN B 1096 -4.03 -19.54 -48.95
N ILE B 1097 -4.38 -20.56 -49.72
CA ILE B 1097 -3.36 -21.33 -50.43
C ILE B 1097 -2.81 -20.54 -51.62
N LYS B 1098 -3.67 -20.24 -52.59
CA LYS B 1098 -3.31 -19.39 -53.72
C LYS B 1098 -4.46 -18.46 -54.05
N GLY B 1099 -5.10 -17.91 -53.03
CA GLY B 1099 -6.25 -17.05 -53.19
C GLY B 1099 -7.54 -17.63 -52.65
N ILE B 1100 -7.54 -18.90 -52.25
CA ILE B 1100 -8.74 -19.59 -51.79
C ILE B 1100 -8.60 -19.82 -50.29
N ASN B 1101 -9.57 -19.32 -49.53
CA ASN B 1101 -9.59 -19.58 -48.09
C ASN B 1101 -9.94 -21.03 -47.85
N THR B 1102 -9.00 -21.81 -47.31
CA THR B 1102 -9.20 -23.20 -47.01
C THR B 1102 -8.89 -23.47 -45.55
N CYS B 1103 -9.45 -24.56 -45.03
CA CYS B 1103 -9.02 -25.14 -43.77
C CYS B 1103 -8.26 -26.42 -44.07
N LEU B 1104 -7.01 -26.50 -43.60
CA LEU B 1104 -6.17 -27.64 -43.93
C LEU B 1104 -6.62 -28.90 -43.18
N ARG B 1105 -7.03 -28.73 -41.92
CA ARG B 1105 -7.48 -29.85 -41.10
C ARG B 1105 -8.76 -30.48 -41.62
N CYS B 1106 -9.64 -29.68 -42.22
CA CYS B 1106 -10.90 -30.21 -42.73
C CYS B 1106 -10.80 -30.67 -44.17
N SER B 1107 -9.90 -30.08 -44.96
CA SER B 1107 -9.65 -30.61 -46.29
C SER B 1107 -8.84 -31.89 -46.25
N LYS B 1108 -8.07 -32.13 -45.18
CA LYS B 1108 -7.47 -33.43 -44.98
C LYS B 1108 -8.48 -34.44 -44.44
N LEU B 1109 -9.51 -33.97 -43.74
CA LEU B 1109 -10.54 -34.85 -43.21
C LEU B 1109 -11.73 -35.02 -44.16
N ASN B 1110 -11.60 -34.52 -45.39
CA ASN B 1110 -12.64 -34.59 -46.44
C ASN B 1110 -13.93 -33.90 -46.01
N LEU B 1111 -13.80 -32.67 -45.54
CA LEU B 1111 -14.92 -31.78 -45.26
C LEU B 1111 -14.79 -30.53 -46.12
N SER B 1112 -15.78 -29.64 -45.99
CA SER B 1112 -15.73 -28.31 -46.56
C SER B 1112 -16.62 -27.39 -45.74
N PRO B 1113 -16.16 -26.96 -44.57
CA PRO B 1113 -17.05 -26.27 -43.64
C PRO B 1113 -17.07 -24.76 -43.84
N LEU B 1114 -17.89 -24.07 -43.05
CA LEU B 1114 -18.01 -22.63 -43.16
C LEU B 1114 -16.77 -21.95 -42.61
N LEU B 1115 -16.40 -20.83 -43.25
CA LEU B 1115 -15.30 -19.99 -42.81
C LEU B 1115 -15.87 -18.61 -42.53
N THR B 1116 -15.73 -18.14 -41.29
CA THR B 1116 -16.32 -16.89 -40.85
C THR B 1116 -15.22 -15.89 -40.56
N LYS B 1117 -15.40 -14.66 -41.04
CA LYS B 1117 -14.45 -13.59 -40.79
C LYS B 1117 -14.59 -13.11 -39.35
N ILE B 1118 -13.45 -13.00 -38.64
CA ILE B 1118 -13.45 -12.58 -37.25
C ILE B 1118 -12.57 -11.36 -37.09
N ASP B 1119 -12.94 -10.51 -36.14
CA ASP B 1119 -12.17 -9.32 -35.77
C ASP B 1119 -11.84 -9.39 -34.29
N THR B 1120 -10.77 -10.10 -33.96
CA THR B 1120 -10.29 -10.25 -32.60
C THR B 1120 -8.86 -9.75 -32.51
N THR B 1121 -8.36 -9.63 -31.28
CA THR B 1121 -6.99 -9.21 -31.09
C THR B 1121 -6.03 -10.35 -31.42
N HIS B 1122 -4.78 -9.97 -31.69
CA HIS B 1122 -3.75 -10.96 -32.00
C HIS B 1122 -3.39 -11.80 -30.79
N VAL B 1123 -3.45 -11.22 -29.59
CA VAL B 1123 -3.16 -11.97 -28.38
C VAL B 1123 -4.25 -12.99 -28.09
N SER B 1124 -5.49 -12.72 -28.53
CA SER B 1124 -6.57 -13.69 -28.43
C SER B 1124 -6.30 -14.91 -29.30
N LYS B 1125 -5.78 -14.68 -30.51
CA LYS B 1125 -5.47 -15.80 -31.40
C LYS B 1125 -4.25 -16.57 -30.92
N VAL B 1126 -3.27 -15.88 -30.34
CA VAL B 1126 -2.10 -16.56 -29.78
C VAL B 1126 -2.51 -17.40 -28.57
N PHE B 1127 -3.42 -16.89 -27.73
CA PHE B 1127 -3.93 -17.64 -26.59
C PHE B 1127 -4.72 -18.86 -27.03
N LEU B 1128 -5.57 -18.71 -28.06
CA LEU B 1128 -6.37 -19.84 -28.52
C LEU B 1128 -5.50 -20.89 -29.20
N THR B 1129 -4.48 -20.47 -29.94
CA THR B 1129 -3.58 -21.43 -30.56
C THR B 1129 -2.72 -22.15 -29.53
N GLN B 1130 -2.34 -21.48 -28.45
CA GLN B 1130 -1.57 -22.15 -27.40
C GLN B 1130 -2.45 -23.10 -26.58
N MET B 1131 -3.72 -22.75 -26.37
CA MET B 1131 -4.64 -23.69 -25.71
C MET B 1131 -4.93 -24.88 -26.62
N ASN B 1132 -4.91 -24.67 -27.94
CA ASN B 1132 -4.99 -25.80 -28.87
C ASN B 1132 -3.75 -26.66 -28.79
N ALA B 1133 -2.58 -26.04 -28.59
CA ALA B 1133 -1.34 -26.79 -28.43
C ALA B 1133 -1.34 -27.61 -27.14
N ARG B 1134 -2.01 -27.13 -26.10
CA ARG B 1134 -2.21 -27.95 -24.91
C ARG B 1134 -3.21 -29.07 -25.11
N GLY B 1135 -4.02 -29.02 -26.17
CA GLY B 1135 -4.99 -30.06 -26.46
C GLY B 1135 -6.43 -29.63 -26.35
N VAL B 1136 -6.71 -28.42 -25.88
CA VAL B 1136 -8.07 -27.93 -25.71
C VAL B 1136 -8.53 -27.36 -27.05
N LYS B 1137 -9.49 -28.01 -27.68
CA LYS B 1137 -10.10 -27.49 -28.91
C LYS B 1137 -11.14 -26.45 -28.55
N VAL B 1138 -10.99 -25.24 -29.11
CA VAL B 1138 -11.89 -24.13 -28.85
C VAL B 1138 -12.62 -23.82 -30.15
N LYS B 1139 -13.94 -23.99 -30.13
CA LYS B 1139 -14.76 -23.84 -31.32
C LYS B 1139 -15.80 -22.75 -31.08
N LEU B 1140 -15.83 -21.76 -31.96
CA LEU B 1140 -16.72 -20.62 -31.82
C LEU B 1140 -17.96 -20.81 -32.67
N ASP B 1141 -19.10 -20.39 -32.13
CA ASP B 1141 -20.36 -20.42 -32.84
C ASP B 1141 -20.83 -18.99 -33.09
N PHE B 1142 -21.50 -18.78 -34.22
CA PHE B 1142 -21.84 -17.45 -34.68
C PHE B 1142 -23.35 -17.29 -34.77
N GLU B 1143 -23.81 -16.04 -34.68
CA GLU B 1143 -25.23 -15.74 -34.65
C GLU B 1143 -25.73 -15.52 -36.08
N ARG B 1144 -26.50 -16.47 -36.59
CA ARG B 1144 -27.30 -16.24 -37.79
C ARG B 1144 -28.64 -15.76 -37.29
N ARG B 1145 -28.70 -14.47 -36.95
CA ARG B 1145 -29.89 -13.89 -36.35
C ARG B 1145 -31.02 -13.82 -37.38
N PRO B 1146 -32.26 -14.10 -36.98
CA PRO B 1146 -33.39 -13.91 -37.88
C PRO B 1146 -33.57 -12.44 -38.22
N PRO B 1147 -33.91 -12.13 -39.48
CA PRO B 1147 -33.99 -10.72 -39.90
C PRO B 1147 -35.18 -10.02 -39.22
N SER B 1148 -34.89 -8.93 -38.55
CA SER B 1148 -35.86 -8.23 -37.73
C SER B 1148 -36.36 -6.99 -38.45
N PHE B 1149 -37.59 -6.59 -38.14
CA PHE B 1149 -38.28 -5.54 -38.88
C PHE B 1149 -38.85 -4.53 -37.90
N TYR B 1150 -38.61 -3.25 -38.18
CA TYR B 1150 -39.13 -2.18 -37.34
C TYR B 1150 -40.59 -1.93 -37.66
N LYS B 1151 -41.44 -1.95 -36.64
CA LYS B 1151 -42.84 -1.62 -36.78
C LYS B 1151 -43.18 -0.40 -35.93
N PRO B 1152 -44.11 0.45 -36.38
CA PRO B 1152 -44.45 1.66 -35.62
C PRO B 1152 -45.19 1.34 -34.33
N LEU B 1153 -44.89 2.14 -33.30
CA LEU B 1153 -45.42 1.94 -31.96
C LEU B 1153 -46.35 3.10 -31.58
N ASP B 1154 -47.22 2.83 -30.62
CA ASP B 1154 -48.22 3.80 -30.18
C ASP B 1154 -47.57 4.90 -29.34
N LYS B 1155 -48.34 5.97 -29.12
CA LYS B 1155 -47.85 7.10 -28.35
C LYS B 1155 -47.96 6.80 -26.86
N VAL B 1156 -46.88 7.08 -26.12
CA VAL B 1156 -46.82 6.87 -24.69
C VAL B 1156 -46.40 8.18 -24.04
N ASP B 1157 -47.23 8.68 -23.13
CA ASP B 1157 -46.94 9.90 -22.38
C ASP B 1157 -46.80 9.52 -20.91
N LEU B 1158 -45.61 9.73 -20.36
CA LEU B 1158 -45.30 9.31 -19.00
C LEU B 1158 -45.56 10.40 -17.96
N LYS B 1159 -46.18 11.50 -18.35
CA LYS B 1159 -46.47 12.57 -17.39
C LYS B 1159 -47.61 12.16 -16.47
N PRO B 1160 -47.59 12.58 -15.21
CA PRO B 1160 -48.64 12.18 -14.27
C PRO B 1160 -49.96 12.88 -14.54
N SER B 1161 -51.00 12.39 -13.86
CA SER B 1161 -52.36 12.88 -13.99
C SER B 1161 -52.80 13.49 -12.67
N PHE B 1162 -52.97 14.81 -12.65
CA PHE B 1162 -53.41 15.51 -11.45
C PHE B 1162 -54.83 16.00 -11.59
N HIS C 3 34.23 52.47 1.78
CA HIS C 3 33.86 51.23 1.10
C HIS C 3 33.78 51.45 -0.40
N PRO C 4 34.18 50.45 -1.19
CA PRO C 4 34.03 50.57 -2.65
C PRO C 4 32.58 50.52 -3.11
N ARG C 5 31.69 49.96 -2.30
CA ARG C 5 30.28 49.86 -2.62
C ARG C 5 29.49 50.12 -1.36
N GLU C 6 28.53 51.05 -1.43
CA GLU C 6 27.70 51.40 -0.29
C GLU C 6 26.24 51.28 -0.68
N GLU C 7 25.44 50.64 0.16
CA GLU C 7 24.02 50.56 -0.06
C GLU C 7 23.34 51.83 0.42
N ASN C 8 22.50 52.41 -0.42
CA ASN C 8 21.81 53.65 -0.08
C ASN C 8 20.34 53.51 -0.44
N SER C 9 19.54 54.45 0.04
CA SER C 9 18.10 54.41 -0.16
C SER C 9 17.59 55.80 -0.49
N ILE C 10 16.77 55.89 -1.53
CA ILE C 10 16.13 57.13 -1.96
C ILE C 10 14.64 56.99 -1.68
N VAL C 11 14.12 57.82 -0.79
CA VAL C 11 12.74 57.72 -0.32
C VAL C 11 11.99 58.98 -0.73
N VAL C 12 10.97 58.82 -1.56
CA VAL C 12 10.11 59.92 -2.03
C VAL C 12 8.68 59.60 -1.62
N GLU C 13 8.05 60.51 -0.90
CA GLU C 13 6.65 60.34 -0.52
C GLU C 13 5.76 60.97 -1.58
N LEU C 14 4.90 60.17 -2.18
CA LEU C 14 4.05 60.60 -3.28
C LEU C 14 2.61 60.21 -3.01
N GLU C 15 1.77 60.47 -4.00
CA GLU C 15 0.44 59.88 -4.05
C GLU C 15 0.60 58.37 -4.21
N PRO C 16 -0.27 57.56 -3.59
CA PRO C 16 -0.05 56.10 -3.62
C PRO C 16 -0.18 55.49 -5.01
N SER C 17 -1.18 55.91 -5.78
CA SER C 17 -1.35 55.36 -7.12
C SER C 17 -0.29 55.86 -8.07
N LEU C 18 0.20 57.08 -7.85
CA LEU C 18 1.30 57.61 -8.66
C LEU C 18 2.60 56.87 -8.37
N ALA C 19 2.85 56.56 -7.08
CA ALA C 19 4.04 55.80 -6.72
C ALA C 19 3.96 54.38 -7.26
N THR C 20 2.76 53.77 -7.23
CA THR C 20 2.58 52.44 -7.79
C THR C 20 2.76 52.44 -9.30
N PHE C 21 2.30 53.50 -9.97
CA PHE C 21 2.50 53.65 -11.41
C PHE C 21 3.97 53.79 -11.77
N ILE C 22 4.71 54.60 -11.00
CA ILE C 22 6.13 54.78 -11.26
C ILE C 22 6.90 53.50 -10.99
N LYS C 23 6.54 52.76 -9.94
CA LYS C 23 7.21 51.50 -9.62
C LYS C 23 6.96 50.44 -10.69
N GLN C 24 5.71 50.30 -11.13
CA GLN C 24 5.41 49.30 -12.15
C GLN C 24 5.96 49.69 -13.51
N GLY C 25 6.00 51.00 -13.83
CA GLY C 25 6.64 51.42 -15.05
C GLY C 25 8.14 51.24 -15.04
N PHE C 26 8.78 51.40 -13.87
CA PHE C 26 10.19 51.09 -13.74
C PHE C 26 10.44 49.60 -13.95
N ASN C 27 9.64 48.76 -13.30
CA ASN C 27 9.87 47.33 -13.39
C ASN C 27 9.49 46.77 -14.75
N ASN C 28 8.66 47.47 -15.52
CA ASN C 28 8.30 47.01 -16.85
C ASN C 28 9.16 47.61 -17.95
N LEU C 29 9.73 48.80 -17.74
CA LEU C 29 10.41 49.53 -18.82
C LEU C 29 11.92 49.56 -18.68
N VAL C 30 12.45 49.80 -17.49
CA VAL C 30 13.89 49.92 -17.30
C VAL C 30 14.46 48.50 -17.25
N LYS C 31 14.99 48.02 -18.37
CA LYS C 31 15.48 46.67 -18.51
C LYS C 31 16.97 46.72 -18.83
N TRP C 32 17.79 46.29 -17.88
CA TRP C 32 19.22 46.19 -18.13
C TRP C 32 19.53 44.77 -18.58
N PRO C 33 20.15 44.58 -19.75
CA PRO C 33 20.33 43.23 -20.28
C PRO C 33 21.38 42.44 -19.53
N LEU C 34 21.21 41.13 -19.54
CA LEU C 34 22.14 40.21 -18.90
C LEU C 34 23.05 39.58 -19.94
N LEU C 35 24.11 38.94 -19.46
CA LEU C 35 25.08 38.29 -20.33
C LEU C 35 24.75 36.81 -20.51
N ASN C 36 23.55 36.56 -21.03
CA ASN C 36 23.08 35.18 -21.12
C ASN C 36 23.68 34.45 -22.31
N ILE C 37 24.11 35.19 -23.33
CA ILE C 37 24.72 34.58 -24.51
C ILE C 37 26.19 34.34 -24.19
N GLY C 38 26.48 33.19 -23.61
CA GLY C 38 27.83 32.90 -23.15
C GLY C 38 28.40 31.69 -23.87
N ILE C 39 29.65 31.84 -24.30
CA ILE C 39 30.37 30.81 -25.03
C ILE C 39 31.68 30.55 -24.31
N VAL C 40 31.91 29.31 -23.90
CA VAL C 40 33.18 28.90 -23.32
C VAL C 40 34.05 28.37 -24.44
N LEU C 41 35.23 28.95 -24.59
CA LEU C 41 36.14 28.63 -25.68
C LEU C 41 37.17 27.57 -25.29
N SER C 42 37.63 27.59 -24.04
CA SER C 42 38.54 26.56 -23.53
C SER C 42 38.38 26.52 -22.02
N ASN C 43 38.07 25.35 -21.47
CA ASN C 43 37.86 25.19 -20.04
C ASN C 43 38.64 23.97 -19.58
N THR C 44 39.82 24.21 -18.99
CA THR C 44 40.59 23.17 -18.32
C THR C 44 40.65 23.39 -16.82
N SER C 45 39.79 24.26 -16.29
CA SER C 45 39.69 24.50 -14.86
C SER C 45 38.87 23.41 -14.19
N THR C 46 38.66 23.56 -12.89
CA THR C 46 37.97 22.56 -12.09
C THR C 46 36.46 22.76 -12.07
N ALA C 47 35.95 23.79 -12.72
CA ALA C 47 34.53 24.06 -12.80
C ALA C 47 34.02 23.76 -14.19
N VAL C 48 32.76 23.31 -14.27
CA VAL C 48 32.14 22.96 -15.54
C VAL C 48 31.70 24.24 -16.23
N ASN C 49 31.35 24.15 -17.52
CA ASN C 49 31.02 25.33 -18.31
C ASN C 49 29.76 26.02 -17.81
N GLU C 50 28.84 25.27 -17.22
CA GLU C 50 27.57 25.81 -16.82
C GLU C 50 27.69 26.70 -15.60
N GLU C 51 28.60 26.38 -14.68
CA GLU C 51 28.86 27.25 -13.54
C GLU C 51 29.45 28.57 -13.98
N TRP C 52 30.40 28.52 -14.92
CA TRP C 52 31.01 29.71 -15.48
C TRP C 52 29.97 30.59 -16.17
N LEU C 53 29.11 29.99 -16.98
CA LEU C 53 28.15 30.79 -17.74
C LEU C 53 27.04 31.35 -16.85
N THR C 54 26.61 30.61 -15.83
CA THR C 54 25.62 31.13 -14.91
C THR C 54 26.17 32.24 -14.02
N ALA C 55 27.46 32.17 -13.68
CA ALA C 55 28.03 33.27 -12.88
C ALA C 55 28.38 34.49 -13.73
N VAL C 56 28.86 34.29 -14.96
CA VAL C 56 29.16 35.40 -15.85
C VAL C 56 27.87 36.05 -16.37
N GLU C 57 26.75 35.33 -16.36
CA GLU C 57 25.46 35.88 -16.78
C GLU C 57 25.01 37.04 -15.90
N HIS C 58 25.44 37.09 -14.65
CA HIS C 58 25.00 38.13 -13.75
C HIS C 58 26.17 38.95 -13.22
N ILE C 59 27.08 39.35 -14.10
CA ILE C 59 28.09 40.35 -13.73
C ILE C 59 27.41 41.69 -13.55
N PRO C 60 27.71 42.43 -12.48
CA PRO C 60 27.16 43.80 -12.36
C PRO C 60 27.82 44.74 -13.36
N THR C 61 27.32 44.74 -14.59
CA THR C 61 27.90 45.51 -15.68
C THR C 61 27.45 46.96 -15.72
N MET C 62 26.58 47.39 -14.82
CA MET C 62 26.25 48.80 -14.75
C MET C 62 27.35 49.61 -14.07
N LYS C 63 28.28 48.97 -13.38
CA LYS C 63 29.44 49.67 -12.83
C LYS C 63 30.49 49.95 -13.90
N ILE C 64 30.42 49.27 -15.04
CA ILE C 64 31.42 49.40 -16.08
C ILE C 64 30.87 50.17 -17.29
N PHE C 65 29.66 49.85 -17.71
CA PHE C 65 29.03 50.46 -18.88
C PHE C 65 28.07 51.58 -18.50
N TYR C 66 28.39 52.36 -17.47
CA TYR C 66 27.45 53.37 -16.98
C TYR C 66 27.36 54.55 -17.94
N LYS C 67 28.47 54.93 -18.56
CA LYS C 67 28.52 56.09 -19.46
C LYS C 67 27.68 55.93 -20.72
N HIS C 68 27.20 54.72 -21.00
CA HIS C 68 26.33 54.48 -22.15
C HIS C 68 24.94 53.99 -21.74
N ILE C 69 24.53 54.25 -20.48
CA ILE C 69 23.34 53.65 -19.88
C ILE C 69 22.09 53.88 -20.74
N HIS C 70 21.92 55.12 -21.23
CA HIS C 70 20.75 55.44 -22.04
C HIS C 70 20.74 54.67 -23.34
N LYS C 71 21.88 54.58 -24.02
CA LYS C 71 21.93 53.82 -25.26
C LYS C 71 21.86 52.31 -25.01
N ILE C 72 22.12 51.87 -23.79
CA ILE C 72 21.87 50.47 -23.51
C ILE C 72 20.41 50.26 -23.14
N LEU C 73 19.76 51.29 -22.59
CA LEU C 73 18.37 51.14 -22.19
C LEU C 73 17.40 51.23 -23.34
N THR C 74 17.78 51.87 -24.44
CA THR C 74 16.96 51.95 -25.64
C THR C 74 17.32 50.87 -26.65
N ARG C 75 18.16 49.90 -26.27
CA ARG C 75 18.58 48.74 -27.06
C ARG C 75 19.32 49.11 -28.34
N GLU C 76 19.86 50.32 -28.42
CA GLU C 76 20.64 50.75 -29.57
C GLU C 76 22.11 50.46 -29.43
N MET C 77 22.48 49.69 -28.40
CA MET C 77 23.89 49.48 -28.04
C MET C 77 23.95 48.29 -27.10
N GLY C 78 24.81 47.33 -27.42
CA GLY C 78 25.04 46.18 -26.57
C GLY C 78 26.42 46.25 -25.93
N PHE C 79 26.76 45.17 -25.22
CA PHE C 79 28.10 45.09 -24.67
C PHE C 79 28.56 43.64 -24.69
N LEU C 80 29.72 43.42 -24.09
CA LEU C 80 30.48 42.20 -24.27
C LEU C 80 31.51 42.10 -23.16
N VAL C 81 31.69 40.91 -22.61
CA VAL C 81 32.81 40.63 -21.72
C VAL C 81 33.60 39.47 -22.31
N TYR C 82 34.90 39.46 -22.04
CA TYR C 82 35.79 38.41 -22.52
C TYR C 82 36.80 38.10 -21.44
N LEU C 83 36.92 36.82 -21.09
CA LEU C 83 37.83 36.40 -20.04
C LEU C 83 38.77 35.36 -20.60
N LYS C 84 40.06 35.64 -20.57
CA LYS C 84 41.09 34.64 -20.82
C LYS C 84 42.06 34.71 -19.64
N ARG C 85 42.04 33.68 -18.80
CA ARG C 85 42.80 33.72 -17.56
C ARG C 85 43.28 32.33 -17.21
N SER C 86 44.55 32.20 -16.87
CA SER C 86 45.16 30.93 -16.54
C SER C 86 45.61 30.93 -15.09
N GLN C 87 46.09 29.78 -14.63
CA GLN C 87 46.60 29.68 -13.27
C GLN C 87 47.91 30.46 -13.14
N SER C 88 48.22 30.84 -11.91
CA SER C 88 49.38 31.66 -11.62
C SER C 88 50.06 31.15 -10.37
N GLU C 89 51.26 31.66 -10.11
CA GLU C 89 51.94 31.38 -8.85
C GLU C 89 51.35 32.23 -7.73
N ARG C 90 51.43 33.54 -7.87
CA ARG C 90 50.78 34.48 -6.97
C ARG C 90 49.65 35.19 -7.70
N ASP C 91 48.69 35.68 -6.91
CA ASP C 91 47.38 36.15 -7.36
C ASP C 91 46.69 35.10 -8.22
N ASN C 92 46.55 33.92 -7.63
CA ASN C 92 46.01 32.74 -8.32
C ASN C 92 44.48 32.71 -8.21
N TYR C 93 43.85 33.73 -8.78
CA TYR C 93 42.41 33.86 -8.72
C TYR C 93 41.94 34.78 -9.84
N ILE C 94 40.64 34.74 -10.10
CA ILE C 94 39.99 35.56 -11.11
C ILE C 94 39.08 36.56 -10.42
N THR C 95 39.37 37.85 -10.63
CA THR C 95 38.56 38.98 -10.24
C THR C 95 37.82 39.50 -11.47
N LEU C 96 37.14 40.63 -11.32
CA LEU C 96 36.45 41.26 -12.45
C LEU C 96 37.37 42.15 -13.27
N TYR C 97 38.56 42.45 -12.77
CA TYR C 97 39.53 43.21 -13.56
C TYR C 97 40.15 42.37 -14.66
N ASP C 98 40.12 41.04 -14.53
CA ASP C 98 40.66 40.16 -15.56
C ASP C 98 39.77 40.09 -16.79
N PHE C 99 38.53 40.55 -16.71
CA PHE C 99 37.65 40.62 -17.86
C PHE C 99 38.01 41.82 -18.72
N ASP C 100 37.81 41.65 -20.03
CA ASP C 100 37.87 42.75 -20.98
C ASP C 100 36.45 43.12 -21.36
N TYR C 101 36.11 44.39 -21.19
CA TYR C 101 34.76 44.88 -21.39
C TYR C 101 34.70 45.71 -22.66
N TYR C 102 33.76 45.37 -23.54
CA TYR C 102 33.63 46.00 -24.84
C TYR C 102 32.21 46.49 -25.01
N ILE C 103 32.06 47.67 -25.57
CA ILE C 103 30.75 48.15 -25.98
C ILE C 103 30.59 47.87 -27.46
N ILE C 104 29.34 47.63 -27.87
CA ILE C 104 29.00 47.21 -29.22
C ILE C 104 27.98 48.22 -29.72
N ASP C 105 28.43 49.19 -30.51
CA ASP C 105 27.52 50.12 -31.14
C ASP C 105 26.81 49.41 -32.28
N LYS C 106 25.50 49.21 -32.14
CA LYS C 106 24.70 48.51 -33.15
C LYS C 106 24.42 49.37 -34.37
N ASP C 107 24.78 50.65 -34.34
CA ASP C 107 24.71 51.47 -35.53
C ASP C 107 25.73 51.05 -36.57
N THR C 108 26.86 50.49 -36.12
CA THR C 108 28.00 50.18 -36.97
C THR C 108 28.48 48.74 -36.77
N ASN C 109 27.92 48.01 -35.79
CA ASN C 109 28.52 46.82 -35.18
C ASN C 109 29.96 47.11 -34.75
N SER C 110 30.14 48.27 -34.11
CA SER C 110 31.47 48.74 -33.72
C SER C 110 31.76 48.24 -32.31
N VAL C 111 32.74 47.35 -32.19
CA VAL C 111 33.10 46.76 -30.90
C VAL C 111 34.37 47.47 -30.41
N THR C 112 34.23 48.30 -29.39
CA THR C 112 35.37 49.05 -28.86
C THR C 112 35.46 48.92 -27.36
N MET C 113 36.68 48.94 -26.85
CA MET C 113 36.95 48.63 -25.46
C MET C 113 36.68 49.84 -24.57
N VAL C 114 35.90 49.62 -23.51
CA VAL C 114 35.61 50.67 -22.54
C VAL C 114 36.70 50.67 -21.47
N ASP C 115 36.75 51.72 -20.66
CA ASP C 115 37.75 51.83 -19.61
C ASP C 115 37.36 50.96 -18.41
N LYS C 116 38.37 50.51 -17.67
CA LYS C 116 38.19 49.57 -16.59
C LYS C 116 38.62 50.19 -15.27
N PRO C 117 37.78 50.16 -14.24
CA PRO C 117 38.18 50.74 -12.95
C PRO C 117 39.15 49.84 -12.20
N THR C 118 40.04 50.47 -11.45
CA THR C 118 41.04 49.73 -10.70
C THR C 118 40.50 49.15 -9.40
N GLU C 119 39.28 49.51 -9.00
CA GLU C 119 38.66 48.89 -7.84
C GLU C 119 38.09 47.53 -8.15
N LEU C 120 37.94 47.21 -9.43
CA LEU C 120 37.52 45.87 -9.86
C LEU C 120 38.58 44.81 -9.61
N LYS C 121 39.81 45.21 -9.30
CA LYS C 121 40.79 44.25 -8.79
C LYS C 121 40.40 43.73 -7.41
N GLU C 122 39.61 44.49 -6.66
CA GLU C 122 39.15 44.05 -5.35
C GLU C 122 37.80 43.36 -5.43
N THR C 123 37.68 42.40 -6.34
CA THR C 123 36.50 41.58 -6.52
C THR C 123 36.94 40.12 -6.59
N LEU C 124 35.98 39.21 -6.70
CA LEU C 124 36.33 37.80 -6.75
C LEU C 124 35.27 37.04 -7.52
N LEU C 125 35.72 36.29 -8.53
CA LEU C 125 34.86 35.36 -9.24
C LEU C 125 35.28 33.92 -9.02
N HIS C 126 36.58 33.63 -9.11
CA HIS C 126 37.04 32.24 -9.04
C HIS C 126 38.34 32.19 -8.28
N VAL C 127 38.58 31.08 -7.60
CA VAL C 127 39.88 30.81 -6.97
C VAL C 127 40.41 29.51 -7.58
N PHE C 128 41.56 29.59 -8.22
CA PHE C 128 42.16 28.43 -8.85
C PHE C 128 42.71 27.47 -7.80
N GLN C 129 42.97 26.24 -8.22
CA GLN C 129 43.54 25.22 -7.36
C GLN C 129 45.06 25.43 -7.26
N GLU C 130 45.75 24.44 -6.70
CA GLU C 130 47.18 24.55 -6.44
C GLU C 130 47.95 24.55 -7.75
N TYR C 131 48.86 25.52 -7.89
CA TYR C 131 49.49 25.79 -9.17
C TYR C 131 50.46 24.69 -9.57
N ARG C 132 50.26 24.13 -10.76
CA ARG C 132 51.19 23.20 -11.38
C ARG C 132 51.47 23.68 -12.79
N LEU C 133 52.74 23.79 -13.15
CA LEU C 133 53.08 24.06 -14.55
C LEU C 133 53.13 22.78 -15.38
N LYS C 134 52.88 21.63 -14.76
CA LYS C 134 52.79 20.38 -15.49
C LYS C 134 51.52 20.34 -16.33
N SER C 135 50.37 20.44 -15.68
CA SER C 135 49.07 20.43 -16.35
C SER C 135 48.50 21.83 -16.41
N SER C 136 47.64 22.05 -17.40
CA SER C 136 47.07 23.36 -17.65
C SER C 136 45.77 23.55 -16.87
N GLN C 137 45.58 24.75 -16.35
CA GLN C 137 44.36 25.13 -15.64
C GLN C 137 44.01 26.55 -16.10
N THR C 138 43.25 26.64 -17.18
CA THR C 138 42.93 27.92 -17.79
C THR C 138 41.44 27.97 -18.09
N ILE C 139 40.95 29.17 -18.35
CA ILE C 139 39.56 29.37 -18.73
C ILE C 139 39.48 30.54 -19.70
N GLU C 140 38.75 30.34 -20.80
CA GLU C 140 38.48 31.38 -21.76
C GLU C 140 37.01 31.33 -22.12
N LEU C 141 36.37 32.50 -22.12
CA LEU C 141 34.96 32.60 -22.43
C LEU C 141 34.66 34.00 -22.94
N ILE C 142 33.58 34.12 -23.70
CA ILE C 142 33.09 35.41 -24.16
C ILE C 142 31.57 35.43 -23.98
N ALA C 143 31.07 36.52 -23.41
CA ALA C 143 29.64 36.64 -23.14
C ALA C 143 29.13 37.94 -23.72
N PHE C 144 28.10 37.82 -24.56
CA PHE C 144 27.42 38.96 -25.16
C PHE C 144 26.19 39.30 -24.33
N SER C 145 25.81 40.57 -24.38
CA SER C 145 24.56 40.98 -23.75
C SER C 145 23.38 40.43 -24.53
N SER C 146 22.24 40.34 -23.84
CA SER C 146 21.06 39.76 -24.45
C SER C 146 20.49 40.66 -25.53
N GLY C 147 20.03 40.05 -26.61
CA GLY C 147 19.51 40.78 -27.75
C GLY C 147 20.50 40.95 -28.88
N THR C 148 21.78 40.69 -28.64
CA THR C 148 22.78 40.83 -29.69
C THR C 148 22.67 39.66 -30.66
N VAL C 149 22.58 39.99 -31.94
CA VAL C 149 22.53 38.98 -33.00
C VAL C 149 23.96 38.65 -33.41
N ILE C 150 24.35 37.40 -33.25
CA ILE C 150 25.70 36.96 -33.58
C ILE C 150 25.69 36.46 -35.02
N ASN C 151 26.39 37.21 -35.88
CA ASN C 151 26.57 36.87 -37.28
C ASN C 151 28.00 37.26 -37.66
N GLU C 152 28.35 37.09 -38.94
CA GLU C 152 29.72 37.32 -39.38
C GLU C 152 30.13 38.78 -39.31
N ASP C 153 29.16 39.70 -39.25
CA ASP C 153 29.46 41.12 -39.09
C ASP C 153 30.12 41.41 -37.75
N ILE C 154 29.68 40.74 -36.69
CA ILE C 154 30.28 40.98 -35.38
C ILE C 154 31.44 40.03 -35.10
N VAL C 155 31.50 38.86 -35.75
CA VAL C 155 32.66 38.00 -35.61
C VAL C 155 33.85 38.56 -36.38
N SER C 156 33.60 39.36 -37.42
CA SER C 156 34.68 40.09 -38.09
C SER C 156 35.34 41.13 -37.20
N LYS C 157 34.68 41.60 -36.15
CA LYS C 157 35.24 42.59 -35.24
C LYS C 157 35.93 41.97 -34.03
N LEU C 158 35.74 40.68 -33.76
CA LEU C 158 36.37 40.04 -32.61
C LEU C 158 37.81 39.67 -33.00
N THR C 159 38.66 40.68 -32.95
CA THR C 159 40.06 40.51 -33.31
C THR C 159 40.93 40.06 -32.14
N PHE C 160 40.36 39.96 -30.94
CA PHE C 160 41.13 39.58 -29.76
C PHE C 160 41.07 38.09 -29.45
N LEU C 161 40.39 37.29 -30.28
CA LEU C 161 40.27 35.87 -30.05
C LEU C 161 40.41 35.09 -31.35
N ASP C 162 40.41 33.76 -31.21
CA ASP C 162 40.44 32.86 -32.35
C ASP C 162 39.05 32.73 -32.95
N VAL C 163 38.94 33.03 -34.24
CA VAL C 163 37.64 33.01 -34.91
C VAL C 163 37.19 31.58 -35.17
N GLU C 164 38.14 30.67 -35.42
CA GLU C 164 37.80 29.27 -35.66
C GLU C 164 37.22 28.62 -34.42
N VAL C 165 37.89 28.80 -33.27
CA VAL C 165 37.43 28.24 -32.00
C VAL C 165 36.10 28.87 -31.60
N PHE C 166 35.93 30.17 -31.87
CA PHE C 166 34.67 30.82 -31.52
C PHE C 166 33.52 30.31 -32.37
N ASN C 167 33.75 30.11 -33.67
CA ASN C 167 32.70 29.61 -34.54
C ASN C 167 32.31 28.19 -34.17
N ARG C 168 33.31 27.35 -33.84
CA ARG C 168 33.02 25.98 -33.46
C ARG C 168 32.28 25.89 -32.13
N GLU C 169 32.73 26.65 -31.12
CA GLU C 169 32.07 26.58 -29.82
C GLU C 169 30.72 27.29 -29.83
N TYR C 170 30.54 28.29 -30.69
CA TYR C 170 29.23 28.92 -30.81
C TYR C 170 28.24 28.01 -31.51
N ASN C 171 28.70 27.25 -32.51
CA ASN C 171 27.84 26.24 -33.12
C ASN C 171 27.53 25.10 -32.15
N ASN C 172 28.43 24.85 -31.20
CA ASN C 172 28.14 23.87 -30.15
C ASN C 172 27.05 24.37 -29.21
N VAL C 173 27.15 25.64 -28.79
CA VAL C 173 26.29 26.13 -27.70
C VAL C 173 25.02 26.83 -28.20
N LYS C 174 24.86 27.00 -29.52
CA LYS C 174 23.82 27.85 -30.08
C LYS C 174 22.40 27.35 -29.81
N THR C 175 22.22 26.04 -29.66
CA THR C 175 20.90 25.48 -29.46
C THR C 175 20.38 25.65 -28.03
N ILE C 176 21.20 26.13 -27.12
CA ILE C 176 20.85 26.21 -25.71
C ILE C 176 20.60 27.64 -25.25
N ILE C 177 21.11 28.64 -25.97
CA ILE C 177 20.96 30.04 -25.59
C ILE C 177 19.49 30.45 -25.74
N ASP C 178 18.98 31.13 -24.72
CA ASP C 178 17.58 31.55 -24.66
C ASP C 178 17.29 32.59 -25.72
N PRO C 179 16.30 32.38 -26.60
CA PRO C 179 15.99 33.40 -27.61
C PRO C 179 15.31 34.64 -27.05
N ASP C 180 14.69 34.54 -25.87
CA ASP C 180 14.01 35.67 -25.27
C ASP C 180 15.01 36.65 -24.69
N PHE C 181 14.59 37.91 -24.58
CA PHE C 181 15.43 38.95 -24.00
C PHE C 181 15.47 38.77 -22.49
N VAL C 182 16.63 38.38 -21.97
CA VAL C 182 16.83 38.19 -20.54
C VAL C 182 17.44 39.47 -19.98
N PHE C 183 16.86 39.99 -18.91
CA PHE C 183 17.19 41.32 -18.45
C PHE C 183 17.28 41.34 -16.92
N ARG C 184 17.58 42.53 -16.39
CA ARG C 184 17.76 42.74 -14.96
C ARG C 184 17.24 44.10 -14.58
N SER C 185 16.57 44.19 -13.44
CA SER C 185 16.31 45.55 -12.99
C SER C 185 17.54 46.11 -12.29
N PRO C 186 17.88 47.38 -12.56
CA PRO C 186 19.12 47.95 -12.00
C PRO C 186 19.16 48.01 -10.49
N PHE C 187 18.02 48.27 -9.84
CA PHE C 187 17.95 48.30 -8.38
C PHE C 187 16.52 48.06 -7.95
N ILE C 188 16.37 47.77 -6.65
CA ILE C 188 15.08 47.43 -6.07
C ILE C 188 14.24 48.70 -5.97
N VAL C 189 13.04 48.67 -6.53
CA VAL C 189 12.11 49.79 -6.45
C VAL C 189 10.82 49.26 -5.86
N ILE C 190 10.47 49.76 -4.67
CA ILE C 190 9.21 49.42 -4.03
C ILE C 190 8.46 50.72 -3.75
N SER C 191 7.22 50.58 -3.29
CA SER C 191 6.46 51.74 -2.84
C SER C 191 5.36 51.35 -1.85
N PRO C 192 5.69 51.01 -0.60
CA PRO C 192 4.63 50.63 0.35
C PRO C 192 3.82 51.81 0.85
N MET C 193 2.53 51.82 0.47
CA MET C 193 1.56 52.86 0.84
C MET C 193 2.00 54.25 0.41
N GLY C 194 2.49 54.34 -0.82
CA GLY C 194 2.86 55.61 -1.42
C GLY C 194 4.23 56.12 -1.07
N LYS C 195 5.08 55.30 -0.47
CA LYS C 195 6.43 55.68 -0.08
C LYS C 195 7.39 55.05 -1.08
N LEU C 196 7.59 55.73 -2.21
CA LEU C 196 8.41 55.19 -3.29
C LEU C 196 9.88 55.15 -2.89
N THR C 197 10.45 53.95 -2.85
CA THR C 197 11.78 53.71 -2.32
C THR C 197 12.64 53.05 -3.39
N PHE C 198 13.84 53.58 -3.58
CA PHE C 198 14.87 53.02 -4.43
C PHE C 198 16.00 52.52 -3.54
N PHE C 199 16.35 51.25 -3.69
CA PHE C 199 17.42 50.61 -2.91
C PHE C 199 18.62 50.46 -3.83
N VAL C 200 19.50 51.45 -3.81
CA VAL C 200 20.53 51.58 -4.81
C VAL C 200 21.89 51.21 -4.22
N GLU C 201 22.85 50.95 -5.11
CA GLU C 201 24.23 50.69 -4.75
C GLU C 201 25.09 51.77 -5.37
N VAL C 202 25.82 52.51 -4.54
CA VAL C 202 26.67 53.61 -4.98
C VAL C 202 28.12 53.14 -4.90
N TYR C 203 28.84 53.31 -6.00
CA TYR C 203 30.23 52.92 -6.10
C TYR C 203 31.12 54.14 -6.08
N SER C 204 32.36 53.96 -5.61
CA SER C 204 33.26 55.08 -5.36
C SER C 204 33.80 55.71 -6.63
N TRP C 205 33.85 54.99 -7.74
CA TRP C 205 34.57 55.44 -8.90
C TRP C 205 33.70 56.15 -9.93
N PHE C 206 32.41 56.31 -9.69
CA PHE C 206 31.60 57.15 -10.56
C PHE C 206 30.45 57.75 -9.77
N ASP C 207 29.93 58.86 -10.29
CA ASP C 207 28.81 59.57 -9.68
C ASP C 207 27.51 58.84 -9.98
N PHE C 208 26.78 58.48 -8.94
CA PHE C 208 25.52 57.76 -9.14
C PHE C 208 24.39 58.69 -9.57
N LYS C 209 24.53 60.00 -9.31
CA LYS C 209 23.42 60.92 -9.59
C LYS C 209 23.21 61.12 -11.08
N SER C 210 24.28 61.12 -11.88
CA SER C 210 24.14 61.27 -13.32
C SER C 210 23.49 60.05 -13.96
N CYS C 211 23.89 58.85 -13.50
CA CYS C 211 23.30 57.62 -14.01
C CYS C 211 21.85 57.48 -13.57
N PHE C 212 21.56 57.85 -12.32
CA PHE C 212 20.19 57.83 -11.84
C PHE C 212 19.32 58.84 -12.57
N LYS C 213 19.88 60.00 -12.92
CA LYS C 213 19.15 60.98 -13.71
C LYS C 213 18.87 60.48 -15.12
N ASP C 214 19.83 59.77 -15.71
CA ASP C 214 19.60 59.17 -17.03
C ASP C 214 18.50 58.12 -16.99
N ILE C 215 18.50 57.29 -15.94
CA ILE C 215 17.48 56.24 -15.79
C ILE C 215 16.11 56.86 -15.56
N ILE C 216 16.03 57.91 -14.73
CA ILE C 216 14.75 58.53 -14.44
C ILE C 216 14.23 59.31 -15.64
N ASP C 217 15.12 59.92 -16.44
CA ASP C 217 14.69 60.62 -17.64
C ASP C 217 14.17 59.66 -18.71
N PHE C 218 14.86 58.51 -18.87
CA PHE C 218 14.37 57.47 -19.77
C PHE C 218 13.01 56.95 -19.32
N LEU C 219 12.84 56.75 -18.01
CA LEU C 219 11.58 56.25 -17.47
C LEU C 219 10.45 57.26 -17.64
N GLU C 220 10.74 58.55 -17.44
CA GLU C 220 9.72 59.59 -17.60
C GLU C 220 9.28 59.71 -19.04
N GLY C 221 10.23 59.66 -19.98
CA GLY C 221 9.86 59.69 -21.39
C GLY C 221 9.02 58.49 -21.81
N ALA C 222 9.44 57.30 -21.39
CA ALA C 222 8.69 56.09 -21.75
C ALA C 222 7.32 56.05 -21.10
N LEU C 223 7.21 56.54 -19.86
CA LEU C 223 5.92 56.54 -19.17
C LEU C 223 4.96 57.55 -19.77
N ILE C 224 5.45 58.72 -20.17
CA ILE C 224 4.58 59.71 -20.80
C ILE C 224 4.13 59.23 -22.17
N ALA C 225 5.02 58.56 -22.92
CA ALA C 225 4.62 57.98 -24.21
C ALA C 225 3.58 56.88 -24.04
N ASN C 226 3.74 56.05 -23.00
CA ASN C 226 2.75 55.00 -22.75
C ASN C 226 1.42 55.55 -22.26
N ILE C 227 1.44 56.66 -21.51
CA ILE C 227 0.20 57.30 -21.09
C ILE C 227 -0.53 57.90 -22.28
N HIS C 228 0.23 58.55 -23.18
CA HIS C 228 -0.37 59.17 -24.36
C HIS C 228 -0.95 58.14 -25.33
N ASN C 229 -0.26 57.02 -25.52
CA ASN C 229 -0.75 55.97 -26.41
C ASN C 229 -1.69 54.98 -25.73
N HIS C 230 -2.30 55.37 -24.61
CA HIS C 230 -3.20 54.49 -23.87
C HIS C 230 -4.64 54.91 -24.11
N MET C 231 -5.46 53.97 -24.56
CA MET C 231 -6.87 54.24 -24.82
C MET C 231 -7.71 53.08 -24.29
N ILE C 232 -8.87 53.42 -23.75
CA ILE C 232 -9.74 52.46 -23.08
C ILE C 232 -10.96 52.22 -23.96
N LYS C 233 -11.26 50.94 -24.20
CA LYS C 233 -12.30 50.56 -25.15
C LYS C 233 -13.69 50.91 -24.63
N VAL C 234 -14.56 51.31 -25.54
CA VAL C 234 -15.95 51.63 -25.21
C VAL C 234 -16.87 50.66 -25.92
N GLY C 235 -18.08 50.55 -25.40
CA GLY C 235 -19.05 49.60 -25.90
C GLY C 235 -19.28 48.45 -24.94
N ASN C 236 -19.48 47.24 -25.46
CA ASN C 236 -19.61 46.07 -24.62
C ASN C 236 -18.22 45.52 -24.30
N CYS C 237 -18.17 44.38 -23.61
CA CYS C 237 -16.91 43.90 -23.05
C CYS C 237 -16.79 42.39 -23.18
N ASP C 238 -15.65 41.94 -23.71
CA ASP C 238 -15.14 40.61 -23.43
C ASP C 238 -13.92 40.74 -22.52
N GLU C 239 -13.72 39.76 -21.65
CA GLU C 239 -12.86 39.92 -20.48
C GLU C 239 -11.39 39.64 -20.81
N THR C 240 -10.84 40.46 -21.69
CA THR C 240 -9.41 40.37 -21.95
C THR C 240 -8.68 41.70 -21.79
N VAL C 241 -9.31 42.81 -22.16
CA VAL C 241 -8.71 44.13 -22.03
C VAL C 241 -9.64 44.99 -21.20
N SER C 242 -9.11 46.12 -20.73
CA SER C 242 -9.90 47.04 -19.95
C SER C 242 -10.89 47.76 -20.85
N SER C 243 -12.14 47.85 -20.41
CA SER C 243 -13.20 48.39 -21.26
C SER C 243 -14.13 49.25 -20.42
N TYR C 244 -15.06 49.92 -21.08
CA TYR C 244 -16.03 50.76 -20.39
C TYR C 244 -17.39 50.62 -21.04
N ASN C 245 -18.40 50.30 -20.24
CA ASN C 245 -19.77 50.19 -20.71
C ASN C 245 -20.55 51.40 -20.24
N PRO C 246 -20.91 52.33 -21.14
CA PRO C 246 -21.66 53.52 -20.71
C PRO C 246 -23.13 53.24 -20.45
N GLU C 247 -23.69 52.16 -21.01
CA GLU C 247 -25.08 51.80 -20.74
C GLU C 247 -25.29 51.39 -19.28
N SER C 248 -24.26 50.83 -18.64
CA SER C 248 -24.28 50.59 -17.21
C SER C 248 -23.41 51.56 -16.43
N GLY C 249 -22.50 52.26 -17.10
CA GLY C 249 -21.55 53.10 -16.40
C GLY C 249 -20.51 52.32 -15.64
N MET C 250 -20.03 51.21 -16.21
CA MET C 250 -19.14 50.30 -15.50
C MET C 250 -17.83 50.18 -16.26
N LEU C 251 -16.72 50.46 -15.57
CA LEU C 251 -15.39 50.25 -16.11
C LEU C 251 -14.88 48.88 -15.68
N PHE C 252 -14.47 48.08 -16.66
CA PHE C 252 -13.80 46.81 -16.39
C PHE C 252 -12.30 47.05 -16.45
N VAL C 253 -11.66 46.95 -15.30
CA VAL C 253 -10.22 47.10 -15.18
C VAL C 253 -9.57 45.74 -15.35
N ASN C 254 -8.77 45.60 -16.41
CA ASN C 254 -7.90 44.46 -16.61
C ASN C 254 -6.56 44.91 -17.15
N ASP C 255 -6.08 46.05 -16.66
CA ASP C 255 -4.78 46.59 -17.00
C ASP C 255 -4.18 47.23 -15.76
N LEU C 256 -2.85 47.35 -15.75
CA LEU C 256 -2.20 48.01 -14.62
C LEU C 256 -2.23 49.53 -14.77
N MET C 257 -2.02 50.03 -15.99
CA MET C 257 -2.04 51.45 -16.24
C MET C 257 -3.42 52.04 -16.03
N THR C 258 -4.46 51.33 -16.49
CA THR C 258 -5.84 51.75 -16.26
C THR C 258 -6.17 51.76 -14.78
N MET C 259 -5.67 50.75 -14.05
CA MET C 259 -5.90 50.65 -12.60
C MET C 259 -5.29 51.83 -11.87
N ASN C 260 -4.02 52.13 -12.18
CA ASN C 260 -3.34 53.24 -11.50
C ASN C 260 -3.92 54.59 -11.90
N ILE C 261 -4.34 54.75 -13.15
CA ILE C 261 -4.89 56.02 -13.60
C ILE C 261 -6.24 56.29 -12.95
N VAL C 262 -7.14 55.29 -12.95
CA VAL C 262 -8.43 55.55 -12.32
C VAL C 262 -8.35 55.50 -10.80
N ASN C 263 -7.31 54.89 -10.22
CA ASN C 263 -7.14 54.97 -8.77
C ASN C 263 -6.50 56.27 -8.33
N PHE C 264 -5.84 56.98 -9.26
CA PHE C 264 -5.46 58.36 -9.00
C PHE C 264 -6.68 59.24 -8.79
N PHE C 265 -7.76 58.97 -9.54
CA PHE C 265 -9.01 59.72 -9.43
C PHE C 265 -10.03 59.03 -8.54
N GLY C 266 -9.63 58.64 -7.34
CA GLY C 266 -10.58 58.29 -6.29
C GLY C 266 -11.31 56.98 -6.42
N CYS C 267 -10.87 56.09 -7.30
CA CYS C 267 -11.45 54.75 -7.37
C CYS C 267 -10.55 53.76 -6.64
N ASN C 268 -11.16 52.65 -6.22
CA ASN C 268 -10.45 51.58 -5.53
C ASN C 268 -10.55 50.34 -6.39
N SER C 269 -9.64 50.21 -7.35
CA SER C 269 -9.70 49.14 -8.32
C SER C 269 -8.66 48.07 -8.02
N ARG C 270 -8.86 46.92 -8.66
CA ARG C 270 -7.90 45.84 -8.67
C ARG C 270 -7.92 45.25 -10.08
N LEU C 271 -6.98 44.37 -10.36
CA LEU C 271 -6.93 43.75 -11.69
C LEU C 271 -8.10 42.81 -11.89
N GLU C 272 -8.72 42.92 -13.06
CA GLU C 272 -9.91 42.16 -13.50
C GLU C 272 -11.08 42.38 -12.53
N SER C 273 -11.56 43.62 -12.50
CA SER C 273 -12.70 43.94 -11.65
C SER C 273 -13.55 45.02 -12.30
N TYR C 274 -14.85 44.96 -12.05
CA TYR C 274 -15.80 45.95 -12.55
C TYR C 274 -16.01 47.02 -11.48
N HIS C 275 -16.14 48.27 -11.92
CA HIS C 275 -16.28 49.38 -10.98
C HIS C 275 -17.17 50.45 -11.57
N ARG C 276 -18.09 50.96 -10.75
CA ARG C 276 -18.93 52.08 -11.13
C ARG C 276 -18.08 53.35 -11.07
N PHE C 277 -17.55 53.76 -12.21
CA PHE C 277 -16.63 54.89 -12.27
C PHE C 277 -16.94 55.72 -13.50
N ASP C 278 -17.20 57.01 -13.29
CA ASP C 278 -17.47 57.94 -14.38
C ASP C 278 -16.16 58.35 -15.04
N MET C 279 -16.04 58.11 -16.34
CA MET C 279 -14.81 58.35 -17.07
C MET C 279 -14.66 59.79 -17.55
N THR C 280 -15.53 60.69 -17.12
CA THR C 280 -15.31 62.11 -17.33
C THR C 280 -14.44 62.74 -16.25
N LYS C 281 -14.07 61.97 -15.22
CA LYS C 281 -13.17 62.45 -14.18
C LYS C 281 -11.70 62.21 -14.51
N VAL C 282 -11.40 61.38 -15.49
CA VAL C 282 -10.02 61.06 -15.84
C VAL C 282 -9.43 62.24 -16.61
N ASP C 283 -8.48 62.93 -16.00
CA ASP C 283 -7.73 64.00 -16.62
C ASP C 283 -6.33 63.47 -16.90
N VAL C 284 -6.03 63.25 -18.18
CA VAL C 284 -4.73 62.69 -18.57
C VAL C 284 -3.62 63.70 -18.32
N GLU C 285 -3.89 64.99 -18.52
CA GLU C 285 -2.86 66.01 -18.37
C GLU C 285 -2.51 66.23 -16.90
N LEU C 286 -3.49 66.08 -16.00
CA LEU C 286 -3.20 66.18 -14.58
C LEU C 286 -2.35 65.01 -14.09
N PHE C 287 -2.61 63.81 -14.62
CA PHE C 287 -1.78 62.65 -14.28
C PHE C 287 -0.37 62.81 -14.81
N ILE C 288 -0.23 63.35 -16.03
CA ILE C 288 1.10 63.57 -16.60
C ILE C 288 1.85 64.66 -15.83
N LYS C 289 1.13 65.69 -15.37
CA LYS C 289 1.78 66.76 -14.62
C LYS C 289 2.20 66.28 -13.23
N ALA C 290 1.38 65.42 -12.61
CA ALA C 290 1.75 64.80 -11.34
C ALA C 290 2.94 63.86 -11.51
N LEU C 291 3.02 63.17 -12.65
CA LEU C 291 4.16 62.32 -12.95
C LEU C 291 5.44 63.14 -13.11
N SER C 292 5.35 64.29 -13.78
CA SER C 292 6.53 65.13 -13.97
C SER C 292 6.99 65.76 -12.67
N ASP C 293 6.04 66.21 -11.82
CA ASP C 293 6.40 66.71 -10.50
C ASP C 293 6.98 65.62 -9.61
N ALA C 294 6.50 64.39 -9.78
CA ALA C 294 7.05 63.28 -9.02
C ALA C 294 8.48 62.94 -9.45
N CYS C 295 8.76 63.01 -10.76
CA CYS C 295 10.12 62.76 -11.23
C CYS C 295 11.07 63.87 -10.79
N LYS C 296 10.59 65.11 -10.75
CA LYS C 296 11.40 66.20 -10.20
C LYS C 296 11.67 65.99 -8.71
N LYS C 297 10.67 65.49 -7.98
CA LYS C 297 10.87 65.18 -6.56
C LYS C 297 11.85 64.03 -6.36
N ILE C 298 11.82 63.03 -7.26
CA ILE C 298 12.73 61.89 -7.18
C ILE C 298 14.17 62.36 -7.41
N LEU C 299 14.38 63.21 -8.42
CA LEU C 299 15.72 63.72 -8.68
C LEU C 299 16.21 64.64 -7.57
N SER C 300 15.29 65.42 -6.96
CA SER C 300 15.67 66.24 -5.81
C SER C 300 16.03 65.39 -4.61
N ALA C 301 15.36 64.25 -4.43
CA ALA C 301 15.69 63.35 -3.33
C ALA C 301 17.00 62.61 -3.57
N SER C 302 17.33 62.35 -4.83
CA SER C 302 18.60 61.72 -5.14
C SER C 302 19.76 62.70 -5.08
N ASN C 303 19.51 64.00 -5.28
CA ASN C 303 20.58 64.97 -5.18
C ASN C 303 21.05 65.18 -3.74
N ARG C 304 20.21 64.89 -2.76
CA ARG C 304 20.60 64.92 -1.35
C ARG C 304 20.96 63.55 -0.82
N LEU C 305 21.55 62.69 -1.66
CA LEU C 305 21.92 61.34 -1.26
C LEU C 305 23.09 61.35 -0.28
N MET D 1 -35.24 -35.03 22.06
CA MET D 1 -36.37 -34.37 22.72
C MET D 1 -36.20 -34.32 24.23
N ASN D 2 -36.06 -33.13 24.78
CA ASN D 2 -35.96 -32.92 26.22
C ASN D 2 -36.98 -31.88 26.66
N GLN D 3 -36.94 -31.52 27.93
CA GLN D 3 -37.93 -30.62 28.49
C GLN D 3 -37.70 -29.16 28.11
N TYR D 4 -36.59 -28.85 27.47
CA TYR D 4 -36.29 -27.49 27.04
C TYR D 4 -36.59 -27.26 25.57
N ASN D 5 -36.30 -28.24 24.71
CA ASN D 5 -36.49 -28.07 23.28
C ASN D 5 -37.90 -28.39 22.81
N VAL D 6 -38.84 -28.55 23.74
CA VAL D 6 -40.25 -28.69 23.37
C VAL D 6 -40.99 -27.37 23.43
N LYS D 7 -40.52 -26.39 24.21
CA LYS D 7 -41.14 -25.07 24.21
C LYS D 7 -40.86 -24.33 22.91
N TYR D 8 -39.66 -24.51 22.36
CA TYR D 8 -39.32 -23.89 21.09
C TYR D 8 -40.13 -24.54 19.96
N LEU D 9 -40.34 -25.85 20.05
CA LEU D 9 -41.22 -26.53 19.12
C LEU D 9 -42.66 -26.07 19.27
N ALA D 10 -43.09 -25.75 20.49
CA ALA D 10 -44.45 -25.23 20.69
C ALA D 10 -44.62 -23.87 20.02
N LYS D 11 -43.59 -23.02 20.11
CA LYS D 11 -43.62 -21.75 19.38
C LYS D 11 -43.64 -21.96 17.87
N ILE D 12 -42.98 -23.02 17.37
CA ILE D 12 -43.06 -23.34 15.95
C ILE D 12 -44.47 -23.83 15.58
N LEU D 13 -45.07 -24.61 16.46
CA LEU D 13 -46.36 -25.21 16.14
C LEU D 13 -47.51 -24.22 16.25
N CYS D 14 -47.33 -23.09 16.95
CA CYS D 14 -48.27 -21.99 16.78
C CYS D 14 -48.30 -21.47 15.34
N LEU D 15 -47.13 -21.35 14.72
CA LEU D 15 -47.08 -20.89 13.33
C LEU D 15 -47.63 -21.94 12.37
N LYS D 16 -47.39 -23.22 12.69
CA LYS D 16 -47.99 -24.29 11.89
C LYS D 16 -49.51 -24.31 12.02
N THR D 17 -50.03 -24.01 13.22
CA THR D 17 -51.47 -23.92 13.42
C THR D 17 -52.06 -22.73 12.66
N GLU D 18 -51.36 -21.59 12.68
CA GLU D 18 -51.80 -20.42 11.92
C GLU D 18 -51.82 -20.69 10.43
N ILE D 19 -50.83 -21.43 9.93
CA ILE D 19 -50.83 -21.81 8.51
C ILE D 19 -51.95 -22.80 8.23
N ALA D 20 -52.25 -23.69 9.17
CA ALA D 20 -53.32 -24.67 8.97
C ALA D 20 -54.69 -24.03 8.98
N ARG D 21 -54.86 -22.90 9.65
CA ARG D 21 -56.16 -22.20 9.57
C ARG D 21 -56.20 -21.14 8.47
N ASP D 22 -55.05 -20.68 7.98
CA ASP D 22 -54.99 -19.75 6.86
C ASP D 22 -53.67 -19.91 6.12
N PRO D 23 -53.67 -20.46 4.90
CA PRO D 23 -52.40 -20.73 4.21
C PRO D 23 -51.71 -19.48 3.68
N TYR D 24 -52.39 -18.36 3.59
CA TYR D 24 -51.83 -17.13 3.03
C TYR D 24 -51.65 -16.06 4.11
N ALA D 25 -51.28 -16.47 5.32
CA ALA D 25 -51.02 -15.55 6.41
C ALA D 25 -49.55 -15.18 6.46
N VAL D 26 -49.26 -14.08 7.13
CA VAL D 26 -47.90 -13.60 7.28
C VAL D 26 -47.33 -14.15 8.58
N ILE D 27 -46.24 -14.89 8.47
CA ILE D 27 -45.67 -15.61 9.60
C ILE D 27 -44.47 -14.86 10.13
N ASN D 28 -44.56 -14.42 11.38
CA ASN D 28 -43.47 -13.82 12.11
C ASN D 28 -43.72 -14.10 13.59
N ARG D 29 -42.97 -13.45 14.48
CA ARG D 29 -43.17 -13.70 15.90
C ARG D 29 -44.43 -13.04 16.46
N ASN D 30 -45.01 -12.07 15.74
CA ASN D 30 -46.22 -11.41 16.18
C ASN D 30 -47.42 -12.35 16.18
N VAL D 31 -47.38 -13.42 15.37
CA VAL D 31 -48.37 -14.48 15.40
C VAL D 31 -48.44 -15.13 16.78
N LEU D 32 -47.31 -15.18 17.49
CA LEU D 32 -47.27 -15.70 18.85
C LEU D 32 -48.07 -14.89 19.84
N LEU D 33 -48.47 -13.67 19.50
CA LEU D 33 -49.36 -12.92 20.38
C LEU D 33 -50.81 -13.35 20.27
N ARG D 34 -51.14 -14.26 19.34
CA ARG D 34 -52.52 -14.69 19.15
C ARG D 34 -52.77 -16.12 19.59
N TYR D 35 -51.80 -16.76 20.25
CA TYR D 35 -51.91 -18.17 20.59
C TYR D 35 -51.45 -18.40 22.02
N THR D 36 -51.73 -19.60 22.52
CA THR D 36 -51.37 -19.99 23.88
C THR D 36 -51.04 -21.46 23.90
N THR D 37 -49.89 -21.83 24.45
CA THR D 37 -49.49 -23.23 24.50
C THR D 37 -49.62 -23.81 25.90
N ASP D 38 -49.78 -25.13 25.94
CA ASP D 38 -49.70 -25.92 27.16
C ASP D 38 -48.95 -27.20 26.84
N ILE D 39 -47.90 -27.49 27.60
CA ILE D 39 -46.99 -28.59 27.30
C ILE D 39 -47.12 -29.66 28.37
N GLU D 40 -47.35 -30.90 27.95
CA GLU D 40 -47.32 -32.07 28.82
C GLU D 40 -46.16 -32.91 28.34
N TYR D 41 -45.04 -32.81 29.05
CA TYR D 41 -43.79 -33.43 28.62
C TYR D 41 -43.65 -34.84 29.16
N ASN D 42 -43.20 -35.75 28.30
CA ASN D 42 -42.87 -37.12 28.68
C ASN D 42 -41.86 -37.62 27.67
N ASP D 43 -41.02 -38.56 28.08
CA ASP D 43 -39.92 -39.05 27.25
C ASP D 43 -40.37 -40.04 26.18
N LEU D 44 -41.66 -40.30 26.05
CA LEU D 44 -42.19 -41.11 24.96
C LEU D 44 -43.05 -40.30 24.00
N VAL D 45 -43.95 -39.46 24.53
CA VAL D 45 -44.76 -38.56 23.72
C VAL D 45 -45.01 -37.29 24.52
N THR D 46 -44.82 -36.15 23.88
CA THR D 46 -45.09 -34.85 24.48
C THR D 46 -46.31 -34.25 23.81
N LEU D 47 -47.31 -33.89 24.60
CA LEU D 47 -48.54 -33.32 24.04
C LEU D 47 -48.51 -31.81 24.19
N ILE D 48 -48.60 -31.11 23.06
CA ILE D 48 -48.58 -29.66 23.03
C ILE D 48 -49.93 -29.16 22.56
N THR D 49 -50.64 -28.44 23.42
CA THR D 49 -51.96 -27.91 23.13
C THR D 49 -51.82 -26.44 22.76
N VAL D 50 -52.08 -26.12 21.50
CA VAL D 50 -52.06 -24.74 21.00
C VAL D 50 -53.50 -24.26 20.91
N ARG D 51 -53.80 -23.14 21.55
CA ARG D 51 -55.15 -22.59 21.60
C ARG D 51 -55.14 -21.20 20.98
N HIS D 52 -56.03 -20.98 20.02
CA HIS D 52 -56.29 -19.65 19.50
C HIS D 52 -57.00 -18.83 20.57
N LYS D 53 -56.61 -17.57 20.72
CA LYS D 53 -57.07 -16.79 21.87
C LYS D 53 -58.52 -16.35 21.72
N ILE D 54 -58.88 -15.83 20.56
CA ILE D 54 -60.22 -15.27 20.39
C ILE D 54 -61.22 -16.32 19.90
N ASP D 55 -60.79 -17.29 19.10
CA ASP D 55 -61.71 -18.27 18.54
C ASP D 55 -61.82 -19.53 19.39
N SER D 56 -60.97 -19.68 20.40
CA SER D 56 -60.94 -20.79 21.35
C SER D 56 -60.76 -22.15 20.67
N MET D 57 -60.14 -22.18 19.49
CA MET D 57 -59.88 -23.43 18.80
C MET D 57 -58.63 -24.08 19.35
N LYS D 58 -58.70 -25.38 19.61
CA LYS D 58 -57.59 -26.13 20.17
C LYS D 58 -57.00 -27.05 19.12
N THR D 59 -55.69 -27.23 19.19
CA THR D 59 -54.98 -28.18 18.34
C THR D 59 -53.95 -28.89 19.20
N VAL D 60 -54.00 -30.21 19.24
CA VAL D 60 -53.09 -31.01 20.05
C VAL D 60 -52.08 -31.68 19.12
N PHE D 61 -50.81 -31.35 19.31
CA PHE D 61 -49.72 -31.98 18.61
C PHE D 61 -49.11 -33.05 19.51
N GLN D 62 -48.74 -34.17 18.91
CA GLN D 62 -48.07 -35.26 19.62
C GLN D 62 -46.64 -35.33 19.12
N VAL D 63 -45.69 -34.94 19.96
CA VAL D 63 -44.29 -34.85 19.63
C VAL D 63 -43.59 -36.14 20.06
N PHE D 64 -42.88 -36.76 19.13
CA PHE D 64 -42.18 -38.01 19.36
C PHE D 64 -40.69 -37.84 19.09
N ASN D 65 -39.92 -38.82 19.55
CA ASN D 65 -38.56 -38.97 19.06
C ASN D 65 -38.59 -39.73 17.74
N GLU D 66 -37.44 -39.76 17.08
CA GLU D 66 -37.36 -40.44 15.79
C GLU D 66 -37.40 -41.96 15.95
N SER D 67 -36.96 -42.47 17.09
CA SER D 67 -36.93 -43.92 17.31
C SER D 67 -38.31 -44.45 17.66
N SER D 68 -38.87 -43.98 18.78
CA SER D 68 -40.12 -44.51 19.32
C SER D 68 -41.27 -43.60 18.91
N ILE D 69 -42.11 -44.10 17.99
CA ILE D 69 -43.28 -43.38 17.50
C ILE D 69 -44.49 -44.26 17.77
N ASN D 70 -45.36 -43.81 18.67
CA ASN D 70 -46.61 -44.49 19.01
C ASN D 70 -47.74 -43.50 18.78
N TYR D 71 -48.20 -43.41 17.53
CA TYR D 71 -49.14 -42.37 17.11
C TYR D 71 -50.51 -42.98 16.85
N THR D 72 -51.48 -42.64 17.69
CA THR D 72 -52.89 -42.78 17.41
C THR D 72 -53.54 -41.42 17.60
N PRO D 73 -54.47 -41.03 16.72
CA PRO D 73 -55.03 -39.68 16.78
C PRO D 73 -55.93 -39.47 17.99
N VAL D 74 -55.62 -38.41 18.74
CA VAL D 74 -56.40 -37.94 19.89
C VAL D 74 -57.43 -37.01 19.27
N ASP D 75 -58.48 -36.62 20.02
CA ASP D 75 -59.38 -35.59 19.52
C ASP D 75 -58.67 -34.24 19.46
N ASP D 76 -59.13 -33.39 18.52
CA ASP D 76 -58.52 -32.10 18.18
C ASP D 76 -57.06 -32.23 17.75
N ASP D 77 -56.70 -33.34 17.13
CA ASP D 77 -55.31 -33.55 16.75
C ASP D 77 -54.98 -32.78 15.49
N TYR D 78 -53.67 -32.59 15.26
CA TYR D 78 -53.22 -31.96 14.03
C TYR D 78 -53.42 -32.87 12.82
N GLY D 79 -53.36 -34.19 13.03
CA GLY D 79 -53.54 -35.15 11.96
C GLY D 79 -52.29 -35.86 11.53
N GLU D 80 -51.13 -35.53 12.10
CA GLU D 80 -49.87 -36.10 11.68
C GLU D 80 -48.91 -35.92 12.86
N PRO D 81 -48.11 -36.92 13.18
CA PRO D 81 -47.22 -36.79 14.34
C PRO D 81 -46.03 -35.89 14.04
N ILE D 82 -45.63 -35.11 15.05
CA ILE D 82 -44.45 -34.26 14.96
C ILE D 82 -43.26 -35.08 15.46
N ILE D 83 -42.24 -35.23 14.62
CA ILE D 83 -41.12 -36.12 14.90
C ILE D 83 -39.86 -35.29 15.00
N ILE D 84 -39.15 -35.41 16.12
CA ILE D 84 -37.86 -34.76 16.30
C ILE D 84 -36.78 -35.73 15.84
N THR D 85 -36.21 -35.46 14.67
CA THR D 85 -35.20 -36.32 14.07
C THR D 85 -33.80 -35.90 14.51
N SER D 86 -32.83 -36.77 14.26
CA SER D 86 -31.46 -36.48 14.63
C SER D 86 -30.77 -35.59 13.61
N TYR D 87 -31.13 -35.74 12.33
CA TYR D 87 -30.56 -34.93 11.27
C TYR D 87 -31.68 -34.27 10.48
N LEU D 88 -31.28 -33.34 9.62
CA LEU D 88 -32.25 -32.62 8.80
C LEU D 88 -32.82 -33.56 7.75
N GLN D 89 -34.11 -33.83 7.83
CA GLN D 89 -34.78 -34.77 6.95
C GLN D 89 -35.86 -34.06 6.14
N LYS D 90 -36.30 -34.72 5.08
CA LYS D 90 -37.34 -34.20 4.21
C LYS D 90 -38.71 -34.54 4.80
N GLY D 91 -39.47 -33.52 5.13
CA GLY D 91 -40.77 -33.71 5.75
C GLY D 91 -41.18 -32.54 6.61
N HIS D 92 -42.43 -32.13 6.52
CA HIS D 92 -42.91 -30.95 7.21
C HIS D 92 -43.14 -31.17 8.69
N ASN D 93 -43.24 -32.42 9.13
CA ASN D 93 -43.45 -32.75 10.53
C ASN D 93 -42.21 -33.34 11.17
N LYS D 94 -41.07 -33.29 10.49
CA LYS D 94 -39.82 -33.88 10.98
C LYS D 94 -38.82 -32.74 11.20
N PHE D 95 -38.70 -32.32 12.46
CA PHE D 95 -37.81 -31.23 12.82
C PHE D 95 -36.52 -31.79 13.39
N PRO D 96 -35.36 -31.42 12.86
CA PRO D 96 -34.10 -31.95 13.41
C PRO D 96 -33.78 -31.33 14.75
N VAL D 97 -32.79 -31.94 15.44
CA VAL D 97 -32.45 -31.48 16.77
C VAL D 97 -31.65 -30.19 16.76
N ASN D 98 -31.07 -29.81 15.62
CA ASN D 98 -30.33 -28.56 15.60
C ASN D 98 -31.26 -27.35 15.55
N PHE D 99 -32.45 -27.50 14.98
CA PHE D 99 -33.44 -26.42 14.94
C PHE D 99 -33.91 -25.99 16.32
N LEU D 100 -33.80 -26.88 17.31
CA LEU D 100 -34.34 -26.63 18.64
C LEU D 100 -33.25 -26.49 19.69
N TYR D 101 -32.03 -26.11 19.29
CA TYR D 101 -31.00 -25.83 20.28
C TYR D 101 -31.24 -24.50 20.98
N ILE D 102 -31.80 -23.53 20.26
CA ILE D 102 -32.11 -22.22 20.80
C ILE D 102 -33.59 -21.94 20.52
N ASP D 103 -34.07 -20.81 21.03
CA ASP D 103 -35.41 -20.34 20.77
C ASP D 103 -35.39 -19.57 19.46
N VAL D 104 -36.04 -20.11 18.43
CA VAL D 104 -35.78 -19.65 17.07
C VAL D 104 -36.84 -18.68 16.57
N VAL D 105 -38.08 -18.79 17.06
CA VAL D 105 -39.15 -17.96 16.53
C VAL D 105 -39.07 -16.55 17.11
N ILE D 106 -38.67 -16.44 18.37
CA ILE D 106 -38.51 -15.14 19.02
C ILE D 106 -37.26 -14.40 18.61
N SER D 107 -36.38 -15.02 17.83
CA SER D 107 -35.11 -14.41 17.48
C SER D 107 -35.32 -13.27 16.49
N ASP D 108 -34.34 -12.37 16.45
CA ASP D 108 -34.35 -11.30 15.46
C ASP D 108 -34.02 -11.82 14.07
N LEU D 109 -33.36 -12.96 13.99
CA LEU D 109 -33.01 -13.58 12.72
C LEU D 109 -34.11 -14.46 12.17
N PHE D 110 -35.24 -14.58 12.86
CA PHE D 110 -36.37 -15.30 12.29
C PHE D 110 -37.04 -14.43 11.24
N PRO D 111 -37.24 -14.93 10.03
CA PRO D 111 -37.74 -14.10 8.94
C PRO D 111 -39.24 -13.86 9.04
N SER D 112 -39.73 -13.01 8.14
CA SER D 112 -41.15 -12.77 7.96
C SER D 112 -41.50 -13.13 6.52
N PHE D 113 -42.44 -14.06 6.33
CA PHE D 113 -42.60 -14.66 5.02
C PHE D 113 -44.07 -15.00 4.78
N VAL D 114 -44.41 -15.10 3.50
CA VAL D 114 -45.73 -15.55 3.06
C VAL D 114 -45.58 -16.54 1.92
N ARG D 115 -46.58 -17.40 1.79
CA ARG D 115 -46.85 -18.09 0.55
C ARG D 115 -47.73 -17.23 -0.33
N LEU D 116 -47.33 -17.07 -1.59
CA LEU D 116 -48.08 -16.26 -2.54
C LEU D 116 -49.28 -17.03 -3.08
N ASP D 117 -50.39 -16.33 -3.30
CA ASP D 117 -51.54 -16.94 -3.94
C ASP D 117 -51.35 -16.90 -5.45
N THR D 118 -52.36 -17.31 -6.21
CA THR D 118 -52.20 -17.44 -7.65
C THR D 118 -52.13 -16.08 -8.33
N THR D 119 -52.79 -15.07 -7.77
CA THR D 119 -52.71 -13.71 -8.31
C THR D 119 -51.30 -13.15 -8.15
N GLU D 120 -50.74 -13.24 -6.94
CA GLU D 120 -49.40 -12.72 -6.71
C GLU D 120 -48.33 -13.55 -7.42
N THR D 121 -48.56 -14.86 -7.57
CA THR D 121 -47.64 -15.69 -8.34
C THR D 121 -47.66 -15.31 -9.81
N ASN D 122 -48.84 -15.00 -10.35
CA ASN D 122 -48.93 -14.58 -11.75
C ASN D 122 -48.30 -13.21 -11.95
N ILE D 123 -48.46 -12.30 -10.98
CA ILE D 123 -47.82 -10.99 -11.06
C ILE D 123 -46.31 -11.12 -11.01
N VAL D 124 -45.79 -12.00 -10.14
CA VAL D 124 -44.35 -12.21 -10.02
C VAL D 124 -43.79 -12.85 -11.29
N ASN D 125 -44.53 -13.81 -11.86
CA ASN D 125 -44.06 -14.47 -13.08
C ASN D 125 -44.11 -13.57 -14.30
N SER D 126 -45.07 -12.64 -14.34
CA SER D 126 -45.10 -11.69 -15.45
C SER D 126 -44.14 -10.53 -15.24
N VAL D 127 -43.75 -10.23 -14.00
CA VAL D 127 -42.68 -9.27 -13.77
C VAL D 127 -41.34 -9.86 -14.17
N LEU D 128 -41.13 -11.14 -13.87
CA LEU D 128 -39.85 -11.79 -14.19
C LEU D 128 -39.65 -12.00 -15.69
N GLN D 129 -40.69 -11.89 -16.50
CA GLN D 129 -40.55 -12.04 -17.94
C GLN D 129 -39.78 -10.84 -18.51
N THR D 130 -38.72 -11.13 -19.26
CA THR D 130 -37.79 -10.10 -19.74
C THR D 130 -38.34 -9.31 -20.91
N GLY D 131 -39.50 -9.66 -21.45
CA GLY D 131 -40.10 -8.97 -22.57
C GLY D 131 -39.65 -9.50 -23.92
N ASP D 132 -38.45 -10.07 -24.00
CA ASP D 132 -37.89 -10.57 -25.25
C ASP D 132 -38.26 -12.05 -25.41
N GLY D 133 -39.35 -12.31 -26.13
CA GLY D 133 -39.69 -13.68 -26.46
C GLY D 133 -40.23 -14.44 -25.26
N LYS D 134 -39.70 -15.63 -25.05
CA LYS D 134 -40.09 -16.49 -23.93
C LYS D 134 -39.04 -16.53 -22.82
N LYS D 135 -38.10 -15.59 -22.82
CA LYS D 135 -37.05 -15.59 -21.82
C LYS D 135 -37.59 -15.10 -20.48
N THR D 136 -36.99 -15.58 -19.40
CA THR D 136 -37.47 -15.31 -18.04
C THR D 136 -36.26 -15.15 -17.12
N LEU D 137 -36.39 -14.25 -16.15
CA LEU D 137 -35.43 -14.18 -15.06
C LEU D 137 -35.74 -15.25 -14.02
N ARG D 138 -34.76 -15.52 -13.16
CA ARG D 138 -34.91 -16.49 -12.09
C ARG D 138 -34.89 -15.77 -10.74
N LEU D 139 -35.69 -16.27 -9.83
CA LEU D 139 -35.59 -15.84 -8.45
C LEU D 139 -34.40 -16.53 -7.79
N PRO D 140 -33.86 -15.96 -6.71
CA PRO D 140 -32.86 -16.68 -5.93
C PRO D 140 -33.46 -17.91 -5.26
N LYS D 141 -32.60 -18.86 -4.92
CA LYS D 141 -33.04 -20.19 -4.56
C LYS D 141 -33.03 -20.41 -3.05
N MET D 142 -33.81 -21.39 -2.62
CA MET D 142 -33.92 -21.78 -1.23
C MET D 142 -34.27 -23.26 -1.19
N LEU D 143 -33.60 -24.01 -0.31
CA LEU D 143 -33.81 -25.44 -0.24
C LEU D 143 -35.14 -25.77 0.44
N GLU D 144 -35.71 -26.91 0.04
CA GLU D 144 -36.98 -27.35 0.61
C GLU D 144 -36.82 -27.81 2.04
N THR D 145 -35.64 -28.28 2.41
CA THR D 145 -35.36 -28.70 3.79
C THR D 145 -34.94 -27.47 4.60
N GLU D 146 -35.92 -26.60 4.84
CA GLU D 146 -35.73 -25.37 5.59
C GLU D 146 -36.95 -25.18 6.47
N ILE D 147 -36.77 -24.45 7.58
CA ILE D 147 -37.83 -24.35 8.58
C ILE D 147 -38.98 -23.48 8.07
N VAL D 148 -38.71 -22.59 7.12
CA VAL D 148 -39.75 -21.79 6.48
C VAL D 148 -40.66 -22.67 5.63
N VAL D 149 -40.07 -23.59 4.87
CA VAL D 149 -40.85 -24.49 4.02
C VAL D 149 -41.58 -25.51 4.88
N LYS D 150 -41.01 -25.89 6.02
CA LYS D 150 -41.70 -26.80 6.94
C LYS D 150 -42.90 -26.11 7.60
N ILE D 151 -42.78 -24.83 7.90
CA ILE D 151 -43.88 -24.11 8.53
C ILE D 151 -44.98 -23.84 7.51
N LEU D 152 -44.61 -23.47 6.28
CA LEU D 152 -45.57 -23.05 5.28
C LEU D 152 -46.29 -24.19 4.57
N TYR D 153 -46.13 -25.43 5.00
CA TYR D 153 -46.57 -26.58 4.22
C TYR D 153 -48.09 -26.73 4.25
N ARG D 154 -48.66 -26.99 3.08
CA ARG D 154 -50.04 -27.38 2.90
C ARG D 154 -50.07 -28.62 2.02
N PRO D 155 -50.97 -29.58 2.30
CA PRO D 155 -50.87 -30.89 1.64
C PRO D 155 -51.21 -30.88 0.17
N ASN D 156 -52.13 -30.04 -0.29
CA ASN D 156 -52.47 -29.98 -1.71
C ASN D 156 -52.24 -28.61 -2.32
N ILE D 157 -51.44 -27.77 -1.68
CA ILE D 157 -50.97 -26.53 -2.29
C ILE D 157 -49.45 -26.62 -2.42
N PRO D 158 -48.91 -26.83 -3.61
CA PRO D 158 -47.45 -26.90 -3.76
C PRO D 158 -46.81 -25.52 -3.59
N LEU D 159 -45.78 -25.46 -2.75
CA LEU D 159 -45.12 -24.22 -2.40
C LEU D 159 -43.92 -24.01 -3.31
N LYS D 160 -44.01 -23.03 -4.21
CA LYS D 160 -42.95 -22.76 -5.16
C LYS D 160 -42.24 -21.44 -4.93
N ILE D 161 -42.96 -20.38 -4.55
CA ILE D 161 -42.36 -19.09 -4.26
C ILE D 161 -42.69 -18.71 -2.83
N VAL D 162 -41.68 -18.29 -2.08
CA VAL D 162 -41.86 -17.72 -0.74
C VAL D 162 -41.44 -16.27 -0.78
N ARG D 163 -42.33 -15.37 -0.35
CA ARG D 163 -42.03 -13.96 -0.31
C ARG D 163 -41.55 -13.58 1.09
N PHE D 164 -40.37 -12.97 1.16
CA PHE D 164 -39.79 -12.54 2.42
C PHE D 164 -39.92 -11.05 2.59
N PHE D 165 -40.16 -10.63 3.83
CA PHE D 165 -40.26 -9.22 4.22
C PHE D 165 -39.01 -8.91 5.02
N ARG D 166 -37.96 -8.50 4.32
CA ARG D 166 -36.67 -8.24 4.93
C ARG D 166 -36.68 -6.96 5.74
N ASN D 167 -35.98 -6.98 6.86
CA ASN D 167 -35.65 -5.74 7.56
C ASN D 167 -34.71 -4.91 6.72
N ASN D 168 -34.94 -3.60 6.70
CA ASN D 168 -34.17 -2.68 5.89
C ASN D 168 -33.95 -1.43 6.71
N MET D 169 -32.69 -1.07 6.89
CA MET D 169 -32.32 0.04 7.78
C MET D 169 -32.78 1.38 7.24
N VAL D 170 -32.93 1.52 5.93
CA VAL D 170 -33.26 2.79 5.33
C VAL D 170 -34.69 2.87 4.82
N THR D 171 -35.34 1.74 4.49
CA THR D 171 -36.69 1.77 3.98
C THR D 171 -37.69 1.02 4.84
N GLY D 172 -37.28 0.45 5.97
CA GLY D 172 -38.23 -0.29 6.76
C GLY D 172 -38.32 -1.75 6.38
N VAL D 173 -39.26 -2.07 5.49
CA VAL D 173 -39.45 -3.43 5.02
C VAL D 173 -39.15 -3.48 3.53
N GLU D 174 -38.46 -4.53 3.09
CA GLU D 174 -38.18 -4.78 1.69
C GLU D 174 -38.79 -6.10 1.27
N ILE D 175 -39.26 -6.19 0.03
CA ILE D 175 -39.87 -7.40 -0.49
C ILE D 175 -38.84 -8.17 -1.31
N ALA D 176 -38.65 -9.44 -0.98
CA ALA D 176 -37.86 -10.34 -1.82
C ALA D 176 -38.65 -11.61 -2.04
N ASP D 177 -38.21 -12.41 -3.01
CA ASP D 177 -38.82 -13.71 -3.27
C ASP D 177 -37.72 -14.75 -3.42
N ARG D 178 -37.94 -15.93 -2.85
CA ARG D 178 -37.11 -17.09 -3.13
C ARG D 178 -37.95 -18.17 -3.79
N SER D 179 -37.30 -18.97 -4.63
CA SER D 179 -37.92 -20.13 -5.25
C SER D 179 -37.46 -21.38 -4.53
N VAL D 180 -38.40 -22.26 -4.21
CA VAL D 180 -38.12 -23.47 -3.45
C VAL D 180 -37.75 -24.58 -4.43
N ILE D 181 -36.55 -25.13 -4.29
CA ILE D 181 -36.09 -26.20 -5.17
C ILE D 181 -36.10 -27.52 -4.40
N SER D 182 -36.07 -28.61 -5.15
CA SER D 182 -36.30 -29.94 -4.63
C SER D 182 -35.03 -30.54 -4.03
N VAL D 183 -35.24 -31.48 -3.10
CA VAL D 183 -34.17 -32.21 -2.43
C VAL D 183 -34.56 -33.68 -2.42
N ALA D 184 -33.66 -34.54 -2.92
CA ALA D 184 -33.80 -36.00 -2.93
C ALA D 184 -35.07 -36.52 -3.62
N ILE E 62 -54.47 -10.32 -15.71
CA ILE E 62 -53.67 -9.44 -14.86
C ILE E 62 -52.22 -9.48 -15.32
N GLY E 63 -51.79 -10.63 -15.84
CA GLY E 63 -50.49 -10.72 -16.50
C GLY E 63 -50.42 -9.87 -17.75
N ASN E 64 -51.54 -9.70 -18.44
CA ASN E 64 -51.61 -8.76 -19.55
C ASN E 64 -51.50 -7.32 -19.04
N HIS E 65 -52.04 -7.04 -17.86
CA HIS E 65 -51.92 -5.70 -17.30
C HIS E 65 -50.49 -5.40 -16.88
N ILE E 66 -49.79 -6.38 -16.31
CA ILE E 66 -48.39 -6.22 -15.98
C ILE E 66 -47.55 -6.06 -17.24
N SER E 67 -47.88 -6.80 -18.30
CA SER E 67 -47.18 -6.65 -19.56
C SER E 67 -47.41 -5.28 -20.19
N ALA E 68 -48.60 -4.71 -20.02
CA ALA E 68 -48.87 -3.36 -20.51
C ALA E 68 -48.11 -2.31 -19.70
N LEU E 69 -48.04 -2.50 -18.38
CA LEU E 69 -47.28 -1.58 -17.53
C LEU E 69 -45.79 -1.62 -17.86
N LYS E 70 -45.26 -2.80 -18.15
CA LYS E 70 -43.85 -2.90 -18.49
C LYS E 70 -43.56 -2.40 -19.91
N ARG E 71 -44.52 -2.54 -20.84
CA ARG E 71 -44.37 -1.93 -22.15
C ARG E 71 -44.39 -0.41 -22.06
N ARG E 72 -45.17 0.14 -21.12
CA ARG E 72 -45.14 1.58 -20.89
C ARG E 72 -43.84 2.01 -20.19
N TYR E 73 -43.29 1.13 -19.35
CA TYR E 73 -42.01 1.41 -18.70
C TYR E 73 -40.85 1.36 -19.69
N THR E 74 -41.00 0.62 -20.79
CA THR E 74 -39.95 0.52 -21.81
C THR E 74 -39.68 1.86 -22.50
N ARG E 75 -40.64 2.78 -22.49
CA ARG E 75 -40.50 4.06 -23.18
C ARG E 75 -39.68 5.08 -22.41
N ARG E 76 -39.16 4.74 -21.23
CA ARG E 76 -38.27 5.64 -20.53
C ARG E 76 -36.92 5.71 -21.21
N ILE E 77 -36.36 6.91 -21.31
CA ILE E 77 -35.06 7.11 -21.91
C ILE E 77 -34.13 7.70 -20.86
N SER E 78 -32.91 7.20 -20.81
CA SER E 78 -31.88 7.67 -19.90
C SER E 78 -30.70 8.22 -20.70
N LEU E 79 -29.62 8.55 -20.00
CA LEU E 79 -28.45 9.11 -20.66
C LEU E 79 -27.68 8.05 -21.43
N PHE E 80 -27.74 6.78 -21.01
CA PHE E 80 -27.04 5.71 -21.70
C PHE E 80 -27.64 5.46 -23.07
N GLU E 81 -28.96 5.46 -23.18
CA GLU E 81 -29.63 5.18 -24.45
C GLU E 81 -29.43 6.31 -25.45
N ILE E 82 -29.57 7.55 -24.99
CA ILE E 82 -29.43 8.68 -25.92
C ILE E 82 -27.95 8.87 -26.28
N ALA E 83 -27.04 8.55 -25.36
CA ALA E 83 -25.62 8.62 -25.69
C ALA E 83 -25.23 7.54 -26.69
N GLY E 84 -25.82 6.34 -26.57
CA GLY E 84 -25.55 5.29 -27.54
C GLY E 84 -26.15 5.60 -28.91
N ILE E 85 -27.34 6.20 -28.95
CA ILE E 85 -27.96 6.56 -30.22
C ILE E 85 -27.16 7.65 -30.92
N ILE E 86 -26.74 8.67 -30.16
CA ILE E 86 -25.93 9.76 -30.71
C ILE E 86 -24.57 9.24 -31.16
N ALA E 87 -23.99 8.30 -30.41
CA ALA E 87 -22.69 7.75 -30.77
C ALA E 87 -22.77 6.90 -32.02
N GLU E 88 -23.84 6.11 -32.18
CA GLU E 88 -24.00 5.32 -33.39
C GLU E 88 -24.22 6.19 -34.61
N SER E 89 -25.09 7.19 -34.51
CA SER E 89 -25.34 8.06 -35.65
C SER E 89 -24.14 8.94 -35.97
N TYR E 90 -23.37 9.34 -34.95
CA TYR E 90 -22.18 10.15 -35.17
C TYR E 90 -21.06 9.34 -35.80
N ASN E 91 -20.90 8.08 -35.38
CA ASN E 91 -19.91 7.20 -35.99
C ASN E 91 -20.29 6.85 -37.42
N LEU E 92 -21.58 6.70 -37.72
CA LEU E 92 -21.98 6.42 -39.09
C LEU E 92 -21.84 7.65 -39.98
N LEU E 93 -22.14 8.83 -39.44
CA LEU E 93 -22.04 10.05 -40.24
C LEU E 93 -20.59 10.48 -40.41
N GLN E 94 -19.72 10.07 -39.48
CA GLN E 94 -18.32 10.44 -39.54
C GLN E 94 -17.58 9.65 -40.61
N ARG E 95 -18.08 8.46 -40.95
CA ARG E 95 -17.44 7.60 -41.92
C ARG E 95 -18.08 7.70 -43.30
N GLY E 96 -19.12 8.50 -43.46
CA GLY E 96 -19.59 8.85 -44.78
C GLY E 96 -21.01 8.48 -45.13
N ARG E 97 -21.88 8.31 -44.13
CA ARG E 97 -23.27 8.05 -44.45
C ARG E 97 -23.97 9.36 -44.80
N LEU E 98 -25.07 9.23 -45.52
CA LEU E 98 -25.77 10.41 -46.01
C LEU E 98 -26.60 11.03 -44.89
N PRO E 99 -26.45 12.33 -44.63
CA PRO E 99 -27.28 12.97 -43.59
C PRO E 99 -28.73 13.06 -44.03
N LEU E 100 -29.62 12.50 -43.21
CA LEU E 100 -31.04 12.38 -43.53
C LEU E 100 -31.86 13.53 -42.96
N VAL E 101 -31.47 14.76 -43.26
CA VAL E 101 -32.18 15.93 -42.76
C VAL E 101 -33.08 16.47 -43.86
N SER E 102 -34.13 17.19 -43.43
CA SER E 102 -34.86 18.01 -44.37
C SER E 102 -34.02 19.24 -44.73
N GLU E 103 -34.31 19.81 -45.91
CA GLU E 103 -33.52 20.86 -46.56
C GLU E 103 -32.07 20.38 -46.74
N PHE E 104 -31.94 19.36 -47.59
CA PHE E 104 -30.63 18.85 -47.94
C PHE E 104 -30.03 19.70 -49.05
N SER E 105 -28.83 20.22 -48.80
CA SER E 105 -28.21 21.21 -49.67
C SER E 105 -26.70 20.99 -49.60
N ASP E 106 -25.93 22.00 -50.01
CA ASP E 106 -24.52 22.05 -49.65
C ASP E 106 -24.29 22.84 -48.37
N GLU E 107 -25.24 23.72 -48.01
CA GLU E 107 -25.16 24.48 -46.77
C GLU E 107 -25.18 23.58 -45.54
N THR E 108 -25.86 22.43 -45.63
CA THR E 108 -25.85 21.48 -44.53
C THR E 108 -24.48 20.81 -44.35
N MET E 109 -23.62 20.82 -45.37
CA MET E 109 -22.24 20.41 -45.18
C MET E 109 -21.33 21.55 -44.82
N LYS E 110 -21.88 22.73 -44.55
CA LYS E 110 -21.10 23.87 -44.07
C LYS E 110 -21.22 24.07 -42.56
N GLN E 111 -22.14 23.37 -41.91
CA GLN E 111 -22.25 23.36 -40.46
C GLN E 111 -21.57 22.11 -39.90
N ASN E 112 -21.48 22.05 -38.58
CA ASN E 112 -20.84 20.91 -37.96
C ASN E 112 -21.82 19.75 -37.83
N MET E 113 -21.27 18.58 -37.50
CA MET E 113 -22.02 17.34 -37.59
C MET E 113 -22.93 17.09 -36.39
N LEU E 114 -22.62 17.67 -35.23
CA LEU E 114 -23.48 17.47 -34.06
C LEU E 114 -24.80 18.18 -34.22
N HIS E 115 -24.81 19.33 -34.91
CA HIS E 115 -26.06 20.01 -35.23
C HIS E 115 -26.91 19.15 -36.17
N VAL E 116 -26.27 18.46 -37.11
CA VAL E 116 -26.99 17.58 -38.02
C VAL E 116 -27.56 16.39 -37.27
N ILE E 117 -26.82 15.86 -36.29
CA ILE E 117 -27.31 14.73 -35.50
C ILE E 117 -28.51 15.13 -34.65
N ILE E 118 -28.44 16.30 -34.01
CA ILE E 118 -29.56 16.74 -33.17
C ILE E 118 -30.77 17.12 -34.02
N GLN E 119 -30.55 17.69 -35.21
CA GLN E 119 -31.64 18.02 -36.12
C GLN E 119 -32.31 16.75 -36.65
N GLU E 120 -31.52 15.71 -36.91
CA GLU E 120 -32.08 14.41 -37.27
C GLU E 120 -32.90 13.82 -36.13
N ILE E 121 -32.48 14.08 -34.89
CA ILE E 121 -33.21 13.53 -33.74
C ILE E 121 -34.56 14.21 -33.58
N GLU E 122 -34.58 15.55 -33.56
CA GLU E 122 -35.88 16.21 -33.36
C GLU E 122 -36.75 16.24 -34.61
N GLU E 123 -36.18 16.04 -35.79
CA GLU E 123 -37.01 15.99 -36.99
C GLU E 123 -37.69 14.64 -37.17
N GLY E 124 -37.30 13.62 -36.42
CA GLY E 124 -37.90 12.32 -36.56
C GLY E 124 -37.36 11.49 -37.71
N SER E 125 -36.16 11.80 -38.19
CA SER E 125 -35.55 11.07 -39.29
C SER E 125 -34.22 10.43 -38.89
N CYS E 126 -34.01 10.19 -37.60
CA CYS E 126 -32.80 9.51 -37.16
C CYS E 126 -32.88 8.05 -37.53
N PRO E 127 -31.90 7.50 -38.26
CA PRO E 127 -31.99 6.12 -38.72
C PRO E 127 -31.74 5.07 -37.66
N ILE E 128 -31.26 5.45 -36.49
CA ILE E 128 -30.82 4.49 -35.48
C ILE E 128 -32.03 3.91 -34.76
N VAL E 129 -32.13 2.59 -34.72
CA VAL E 129 -33.16 1.87 -33.99
C VAL E 129 -32.50 1.10 -32.87
N ILE E 130 -32.99 1.29 -31.65
CA ILE E 130 -32.42 0.69 -30.45
C ILE E 130 -33.31 -0.46 -30.00
N GLU E 131 -32.70 -1.60 -29.68
CA GLU E 131 -33.45 -2.78 -29.23
C GLU E 131 -33.41 -2.82 -27.71
N LYS E 132 -34.55 -2.57 -27.09
CA LYS E 132 -34.66 -2.50 -25.63
C LYS E 132 -35.88 -3.28 -25.18
N ASN E 133 -35.67 -4.20 -24.23
CA ASN E 133 -36.70 -5.03 -23.59
C ASN E 133 -37.49 -5.85 -24.61
N GLY E 134 -36.80 -6.33 -25.64
CA GLY E 134 -37.44 -7.09 -26.69
C GLY E 134 -38.18 -6.27 -27.72
N GLU E 135 -38.18 -4.95 -27.61
CA GLU E 135 -38.85 -4.09 -28.57
C GLU E 135 -37.82 -3.30 -29.36
N LEU E 136 -38.24 -2.82 -30.52
CA LEU E 136 -37.42 -1.95 -31.35
C LEU E 136 -37.99 -0.55 -31.28
N LEU E 137 -37.16 0.40 -30.86
CA LEU E 137 -37.57 1.75 -30.57
C LEU E 137 -36.83 2.70 -31.49
N SER E 138 -37.55 3.67 -32.05
CA SER E 138 -36.88 4.82 -32.60
C SER E 138 -36.62 5.83 -31.49
N VAL E 139 -35.89 6.89 -31.82
CA VAL E 139 -35.62 7.93 -30.84
C VAL E 139 -36.86 8.77 -30.56
N ASN E 140 -37.88 8.68 -31.40
CA ASN E 140 -39.14 9.37 -31.20
C ASN E 140 -40.21 8.47 -30.61
N ASP E 141 -39.91 7.20 -30.39
CA ASP E 141 -40.82 6.32 -29.66
C ASP E 141 -40.65 6.43 -28.16
N PHE E 142 -39.55 7.00 -27.69
CA PHE E 142 -39.38 7.27 -26.28
C PHE E 142 -40.22 8.46 -25.83
N ASP E 143 -40.18 8.73 -24.54
CA ASP E 143 -40.88 9.88 -23.98
C ASP E 143 -40.26 11.17 -24.49
N LYS E 144 -41.11 12.05 -25.03
CA LYS E 144 -40.64 13.29 -25.65
C LYS E 144 -40.02 14.22 -24.62
N ASP E 145 -40.61 14.26 -23.42
CA ASP E 145 -40.05 15.07 -22.34
C ASP E 145 -38.72 14.51 -21.86
N GLY E 146 -38.53 13.19 -21.91
CA GLY E 146 -37.24 12.62 -21.54
C GLY E 146 -36.16 12.88 -22.56
N LEU E 147 -36.51 12.82 -23.84
CA LEU E 147 -35.59 13.19 -24.90
C LEU E 147 -35.18 14.65 -24.79
N LYS E 148 -36.16 15.53 -24.52
CA LYS E 148 -35.86 16.95 -24.34
C LYS E 148 -35.01 17.21 -23.10
N PHE E 149 -35.32 16.49 -22.01
CA PHE E 149 -34.60 16.65 -20.75
C PHE E 149 -33.14 16.22 -20.87
N HIS E 150 -32.88 15.14 -21.61
CA HIS E 150 -31.50 14.71 -21.75
C HIS E 150 -30.77 15.50 -22.83
N LEU E 151 -31.46 15.92 -23.88
CA LEU E 151 -30.78 16.66 -24.95
C LEU E 151 -30.45 18.08 -24.51
N ASP E 152 -31.24 18.67 -23.60
CA ASP E 152 -30.89 19.98 -23.06
C ASP E 152 -29.59 19.93 -22.28
N TYR E 153 -29.42 18.90 -21.46
CA TYR E 153 -28.18 18.71 -20.71
C TYR E 153 -27.01 18.42 -21.63
N ILE E 154 -27.23 17.59 -22.65
CA ILE E 154 -26.14 17.22 -23.56
C ILE E 154 -25.70 18.43 -24.38
N ILE E 155 -26.64 19.27 -24.79
CA ILE E 155 -26.31 20.49 -25.52
C ILE E 155 -25.62 21.50 -24.62
N LYS E 156 -26.00 21.57 -23.34
CA LYS E 156 -25.31 22.44 -22.39
C LYS E 156 -23.85 22.03 -22.19
N ILE E 157 -23.61 20.74 -21.93
CA ILE E 157 -22.23 20.31 -21.71
C ILE E 157 -21.43 20.28 -22.99
N TRP E 158 -22.08 20.18 -24.16
CA TRP E 158 -21.35 20.28 -25.41
C TRP E 158 -20.98 21.72 -25.72
N LYS E 159 -21.82 22.68 -25.30
CA LYS E 159 -21.47 24.08 -25.44
C LYS E 159 -20.38 24.50 -24.46
N LEU E 160 -20.30 23.84 -23.30
CA LEU E 160 -19.15 24.06 -22.43
C LEU E 160 -17.88 23.50 -23.05
N GLN E 161 -17.98 22.40 -23.79
CA GLN E 161 -16.83 21.78 -24.44
C GLN E 161 -16.44 22.45 -25.74
N LYS E 162 -17.22 23.44 -26.19
CA LYS E 162 -17.02 24.17 -27.46
C LYS E 162 -17.00 23.22 -28.65
N ARG E 163 -18.01 22.34 -28.71
CA ARG E 163 -18.18 21.45 -29.84
C ARG E 163 -19.58 21.48 -30.45
N TYR E 164 -20.50 22.24 -29.87
CA TYR E 164 -21.83 22.39 -30.42
C TYR E 164 -22.07 23.84 -30.81
N SER F 2 -29.29 -30.38 -56.30
CA SER F 2 -29.02 -30.01 -57.69
C SER F 2 -29.34 -28.54 -57.94
N SER F 3 -30.05 -28.28 -59.04
CA SER F 3 -30.40 -26.91 -59.45
C SER F 3 -31.88 -26.66 -59.18
N PHE F 4 -32.16 -25.60 -58.44
CA PHE F 4 -33.53 -25.22 -58.12
C PHE F 4 -33.56 -23.71 -57.88
N VAL F 5 -34.74 -23.20 -57.54
CA VAL F 5 -34.94 -21.78 -57.27
C VAL F 5 -35.68 -21.65 -55.96
N THR F 6 -35.12 -20.89 -55.02
CA THR F 6 -35.73 -20.67 -53.72
C THR F 6 -35.79 -19.18 -53.42
N ASN F 7 -36.49 -18.84 -52.34
CA ASN F 7 -36.54 -17.49 -51.80
C ASN F 7 -35.82 -17.50 -50.47
N GLY F 8 -34.68 -16.83 -50.41
CA GLY F 8 -33.89 -16.83 -49.18
C GLY F 8 -33.39 -15.48 -48.76
N TYR F 9 -32.49 -15.47 -47.78
CA TYR F 9 -31.83 -14.26 -47.31
C TYR F 9 -30.34 -14.41 -47.50
N LEU F 10 -29.67 -13.32 -47.88
CA LEU F 10 -28.22 -13.28 -48.00
C LEU F 10 -27.71 -12.16 -47.11
N SER F 11 -26.83 -12.50 -46.18
CA SER F 11 -26.33 -11.54 -45.21
C SER F 11 -25.01 -10.97 -45.71
N VAL F 12 -24.99 -9.65 -45.95
CA VAL F 12 -23.80 -8.97 -46.44
C VAL F 12 -23.47 -7.82 -45.49
N THR F 13 -22.27 -7.27 -45.67
CA THR F 13 -21.77 -6.16 -44.88
C THR F 13 -21.53 -4.96 -45.78
N LEU F 14 -22.04 -3.81 -45.35
CA LEU F 14 -21.81 -2.54 -46.02
C LEU F 14 -20.91 -1.67 -45.14
N GLU F 15 -20.06 -0.90 -45.79
CA GLU F 15 -19.32 0.14 -45.12
C GLU F 15 -20.23 1.35 -44.93
N PRO F 16 -19.96 2.20 -43.93
CA PRO F 16 -20.84 3.37 -43.71
C PRO F 16 -20.80 4.41 -44.82
N HIS F 17 -19.77 4.43 -45.66
CA HIS F 17 -19.78 5.35 -46.79
C HIS F 17 -20.67 4.87 -47.93
N GLU F 18 -21.12 3.62 -47.88
CA GLU F 18 -22.02 3.06 -48.88
C GLU F 18 -23.49 3.24 -48.54
N LEU F 19 -23.80 3.93 -47.44
CA LEU F 19 -25.18 4.24 -47.08
C LEU F 19 -25.60 5.60 -47.63
N THR F 20 -25.38 5.79 -48.92
CA THR F 20 -25.72 7.00 -49.65
C THR F 20 -26.99 6.78 -50.47
N LEU F 21 -27.27 7.71 -51.39
CA LEU F 21 -28.34 7.52 -52.37
C LEU F 21 -28.06 6.41 -53.37
N ASP F 22 -26.83 5.90 -53.44
CA ASP F 22 -26.45 4.81 -54.31
C ASP F 22 -26.42 3.49 -53.55
N ILE F 23 -27.37 3.28 -52.63
CA ILE F 23 -27.25 2.22 -51.64
C ILE F 23 -27.55 0.85 -52.25
N LYS F 24 -28.62 0.73 -53.05
CA LYS F 24 -29.00 -0.59 -53.56
C LYS F 24 -28.06 -1.06 -54.67
N THR F 25 -27.38 -0.13 -55.35
CA THR F 25 -26.28 -0.52 -56.24
C THR F 25 -25.14 -1.18 -55.46
N ASN F 26 -24.81 -0.63 -54.29
CA ASN F 26 -23.78 -1.23 -53.45
C ASN F 26 -24.23 -2.55 -52.86
N ILE F 27 -25.53 -2.67 -52.55
CA ILE F 27 -26.08 -3.92 -52.06
C ILE F 27 -26.02 -5.00 -53.15
N ARG F 28 -26.33 -4.61 -54.39
CA ARG F 28 -26.23 -5.53 -55.52
C ARG F 28 -24.79 -5.96 -55.77
N ASN F 29 -23.85 -5.03 -55.66
CA ASN F 29 -22.44 -5.37 -55.87
C ASN F 29 -21.91 -6.27 -54.76
N ALA F 30 -22.35 -6.04 -53.52
CA ALA F 30 -21.92 -6.86 -52.40
C ALA F 30 -22.49 -8.28 -52.50
N VAL F 31 -23.76 -8.40 -52.89
CA VAL F 31 -24.38 -9.71 -53.06
C VAL F 31 -23.74 -10.45 -54.23
N TYR F 32 -23.44 -9.73 -55.31
CA TYR F 32 -22.85 -10.38 -56.48
C TYR F 32 -21.38 -10.74 -56.28
N LYS F 33 -20.70 -10.05 -55.36
CA LYS F 33 -19.30 -10.39 -55.12
C LYS F 33 -19.13 -11.46 -54.05
N THR F 34 -19.97 -11.45 -53.01
CA THR F 34 -19.80 -12.40 -51.91
C THR F 34 -20.61 -13.68 -52.05
N TYR F 35 -21.69 -13.67 -52.84
CA TYR F 35 -22.59 -14.82 -52.90
C TYR F 35 -22.83 -15.38 -54.30
N LEU F 36 -22.53 -14.64 -55.35
CA LEU F 36 -22.75 -15.09 -56.72
C LEU F 36 -21.48 -15.75 -57.25
N HIS F 37 -21.65 -16.90 -57.90
CA HIS F 37 -20.57 -17.73 -58.47
C HIS F 37 -19.57 -18.16 -57.38
N ARG F 38 -20.09 -18.76 -56.32
CA ARG F 38 -19.27 -19.29 -55.25
C ARG F 38 -20.00 -20.45 -54.59
N GLU F 39 -19.23 -21.49 -54.23
CA GLU F 39 -19.80 -22.68 -53.61
C GLU F 39 -19.75 -22.51 -52.09
N ILE F 40 -20.92 -22.57 -51.45
CA ILE F 40 -21.05 -22.40 -50.01
C ILE F 40 -21.75 -23.65 -49.49
N SER F 41 -20.98 -24.62 -49.01
CA SER F 41 -21.46 -25.88 -48.40
C SER F 41 -22.34 -26.68 -49.36
N GLY F 42 -21.74 -27.13 -50.44
CA GLY F 42 -22.41 -27.98 -51.41
C GLY F 42 -23.19 -27.23 -52.47
N LYS F 43 -24.13 -26.41 -52.05
CA LYS F 43 -24.92 -25.60 -52.98
C LYS F 43 -24.07 -24.46 -53.53
N MET F 44 -24.38 -24.06 -54.77
CA MET F 44 -23.66 -23.00 -55.45
C MET F 44 -24.65 -22.18 -56.28
N ALA F 45 -24.89 -20.94 -55.85
CA ALA F 45 -25.82 -20.08 -56.57
C ALA F 45 -25.19 -19.58 -57.86
N LYS F 46 -25.96 -19.61 -58.94
CA LYS F 46 -25.44 -19.15 -60.24
C LYS F 46 -25.77 -17.68 -60.45
N LYS F 47 -27.05 -17.33 -60.50
CA LYS F 47 -27.46 -15.94 -60.63
C LYS F 47 -28.60 -15.66 -59.65
N ILE F 48 -28.47 -14.54 -58.96
CA ILE F 48 -29.32 -14.16 -57.83
C ILE F 48 -30.03 -12.87 -58.20
N GLU F 49 -31.34 -12.81 -57.97
CA GLU F 49 -32.09 -11.59 -58.21
C GLU F 49 -32.57 -11.01 -56.88
N ILE F 50 -32.32 -9.72 -56.66
CA ILE F 50 -32.68 -9.08 -55.41
C ILE F 50 -34.19 -8.81 -55.44
N ARG F 51 -34.92 -9.51 -54.58
CA ARG F 51 -36.36 -9.30 -54.46
C ARG F 51 -36.63 -7.95 -53.81
N GLU F 52 -37.37 -7.10 -54.50
CA GLU F 52 -37.61 -5.72 -54.05
C GLU F 52 -39.10 -5.40 -54.05
N ASP F 53 -39.90 -6.28 -53.45
CA ASP F 53 -41.30 -5.96 -53.15
C ASP F 53 -41.66 -6.15 -51.68
N VAL F 54 -40.73 -6.61 -50.85
CA VAL F 54 -40.96 -6.85 -49.44
C VAL F 54 -40.11 -5.86 -48.66
N GLU F 55 -40.46 -5.65 -47.38
CA GLU F 55 -39.74 -4.74 -46.50
C GLU F 55 -38.29 -5.19 -46.31
N LEU F 56 -37.37 -4.24 -46.39
CA LEU F 56 -35.97 -4.52 -46.04
C LEU F 56 -35.85 -4.61 -44.53
N PRO F 57 -35.15 -5.61 -43.99
CA PRO F 57 -35.02 -5.71 -42.54
C PRO F 57 -34.05 -4.68 -41.99
N LEU F 58 -34.01 -4.59 -40.66
CA LEU F 58 -33.14 -3.64 -39.99
C LEU F 58 -31.68 -4.06 -40.12
N GLY F 59 -30.82 -3.08 -40.38
CA GLY F 59 -29.40 -3.36 -40.53
C GLY F 59 -28.67 -3.38 -39.21
N GLU F 60 -28.14 -4.55 -38.83
CA GLU F 60 -27.48 -4.70 -37.55
C GLU F 60 -26.08 -4.10 -37.59
N ILE F 61 -25.78 -3.23 -36.63
CA ILE F 61 -24.53 -2.48 -36.62
C ILE F 61 -23.48 -3.26 -35.83
N VAL F 62 -22.29 -3.37 -36.41
CA VAL F 62 -21.13 -4.00 -35.79
C VAL F 62 -20.12 -2.88 -35.59
N ASN F 63 -18.89 -3.26 -35.17
CA ASN F 63 -17.86 -2.32 -34.72
C ASN F 63 -17.63 -1.16 -35.68
N ASN F 64 -17.60 -1.43 -36.98
CA ASN F 64 -17.46 -0.35 -37.95
C ASN F 64 -18.29 -0.51 -39.22
N SER F 65 -19.13 -1.54 -39.33
CA SER F 65 -19.87 -1.82 -40.55
C SER F 65 -21.34 -2.04 -40.23
N VAL F 66 -22.13 -2.29 -41.27
CA VAL F 66 -23.54 -2.63 -41.15
C VAL F 66 -23.72 -4.02 -41.75
N VAL F 67 -24.45 -4.89 -41.07
CA VAL F 67 -24.75 -6.22 -41.57
C VAL F 67 -26.24 -6.28 -41.87
N ILE F 68 -26.57 -6.44 -43.15
CA ILE F 68 -27.95 -6.47 -43.62
C ILE F 68 -28.25 -7.84 -44.21
N ASN F 69 -29.48 -8.32 -43.99
CA ASN F 69 -29.97 -9.55 -44.58
C ASN F 69 -30.91 -9.20 -45.71
N VAL F 70 -30.43 -9.33 -46.95
CA VAL F 70 -31.19 -8.96 -48.14
C VAL F 70 -32.04 -10.13 -48.60
N PRO F 71 -33.34 -9.94 -48.83
CA PRO F 71 -34.16 -11.02 -49.40
C PRO F 71 -33.89 -11.17 -50.89
N CYS F 72 -33.84 -12.42 -51.35
CA CYS F 72 -33.38 -12.66 -52.71
C CYS F 72 -34.05 -13.91 -53.27
N VAL F 73 -34.21 -13.91 -54.59
CA VAL F 73 -34.52 -15.10 -55.37
C VAL F 73 -33.20 -15.74 -55.75
N ILE F 74 -32.95 -16.94 -55.24
CA ILE F 74 -31.64 -17.58 -55.35
C ILE F 74 -31.80 -18.82 -56.22
N THR F 75 -31.06 -18.87 -57.32
CA THR F 75 -31.04 -20.02 -58.21
C THR F 75 -29.80 -20.86 -57.87
N TYR F 76 -30.02 -21.96 -57.16
CA TYR F 76 -28.93 -22.82 -56.73
C TYR F 76 -28.66 -23.90 -57.77
N ALA F 77 -27.42 -24.34 -57.82
CA ALA F 77 -27.00 -25.38 -58.77
C ALA F 77 -25.87 -26.23 -58.19
N VAL G 2 33.93 28.64 -8.60
CA VAL G 2 33.28 29.80 -9.20
C VAL G 2 32.16 30.28 -8.29
N PHE G 3 32.19 31.57 -7.99
CA PHE G 3 31.22 32.18 -7.10
C PHE G 3 30.17 32.95 -7.90
N GLN G 4 28.97 33.03 -7.33
CA GLN G 4 28.00 33.99 -7.80
C GLN G 4 28.47 35.40 -7.43
N LEU G 5 28.35 36.32 -8.38
CA LEU G 5 28.78 37.68 -8.14
C LEU G 5 27.68 38.54 -7.53
N VAL G 6 26.42 38.12 -7.66
CA VAL G 6 25.30 38.81 -7.05
C VAL G 6 24.65 37.87 -6.04
N CYS G 7 23.88 38.45 -5.13
CA CYS G 7 23.07 37.65 -4.23
C CYS G 7 21.92 37.02 -5.01
N SER G 8 21.66 35.75 -4.76
CA SER G 8 20.63 35.05 -5.53
C SER G 8 19.21 35.38 -5.08
N THR G 9 19.05 36.06 -3.94
CA THR G 9 17.72 36.46 -3.48
C THR G 9 17.38 37.88 -3.93
N CYS G 10 18.20 38.86 -3.56
CA CYS G 10 17.91 40.25 -3.84
C CYS G 10 18.58 40.79 -5.10
N GLY G 11 19.68 40.19 -5.53
CA GLY G 11 20.38 40.67 -6.70
C GLY G 11 21.45 41.70 -6.46
N LYS G 12 21.89 41.88 -5.22
CA LYS G 12 22.89 42.88 -4.89
C LYS G 12 24.30 42.34 -5.11
N ASP G 13 25.20 43.24 -5.48
CA ASP G 13 26.58 42.88 -5.75
C ASP G 13 27.31 42.53 -4.46
N ILE G 14 27.93 41.36 -4.42
CA ILE G 14 28.66 40.91 -3.23
C ILE G 14 30.07 40.50 -3.62
N SER G 15 30.58 41.05 -4.73
CA SER G 15 31.89 40.65 -5.23
C SER G 15 33.01 41.21 -4.36
N HIS G 16 32.87 42.48 -3.95
CA HIS G 16 33.91 43.15 -3.18
C HIS G 16 34.03 42.54 -1.79
N GLU G 17 32.91 42.12 -1.21
CA GLU G 17 32.95 41.45 0.08
C GLU G 17 33.52 40.04 -0.05
N ARG G 18 33.33 39.39 -1.20
CA ARG G 18 33.98 38.10 -1.46
C ARG G 18 35.50 38.25 -1.48
N TYR G 19 35.99 39.31 -2.13
CA TYR G 19 37.43 39.56 -2.11
C TYR G 19 37.92 39.92 -0.72
N LYS G 20 37.14 40.71 0.03
CA LYS G 20 37.55 41.13 1.36
C LYS G 20 37.51 39.99 2.37
N LEU G 21 36.69 38.97 2.14
CA LEU G 21 36.56 37.86 3.06
C LEU G 21 37.46 36.68 2.73
N ILE G 22 37.50 36.28 1.46
CA ILE G 22 38.17 35.04 1.09
C ILE G 22 39.65 35.25 0.80
N ILE G 23 40.02 36.35 0.16
CA ILE G 23 41.39 36.59 -0.25
C ILE G 23 42.16 37.44 0.76
N ARG G 24 41.59 38.58 1.15
CA ARG G 24 42.23 39.40 2.17
C ARG G 24 42.12 38.78 3.56
N LYS G 25 41.17 37.87 3.75
CA LYS G 25 40.96 37.08 4.97
C LYS G 25 40.71 37.98 6.18
N LYS G 26 39.70 38.83 6.04
CA LYS G 26 39.19 39.60 7.15
C LYS G 26 38.22 38.76 7.96
N SER G 27 37.72 39.33 9.05
CA SER G 27 36.71 38.66 9.84
C SER G 27 35.33 38.88 9.21
N LEU G 28 34.33 38.13 9.69
CA LEU G 28 32.97 38.33 9.20
C LEU G 28 32.39 39.65 9.67
N LYS G 29 32.84 40.17 10.82
CA LYS G 29 32.35 41.44 11.31
C LYS G 29 32.79 42.59 10.41
N ASP G 30 34.09 42.64 10.09
CA ASP G 30 34.65 43.68 9.24
C ASP G 30 34.18 43.58 7.80
N VAL G 31 33.75 42.40 7.36
CA VAL G 31 33.21 42.27 6.01
C VAL G 31 31.74 42.64 5.98
N LEU G 32 30.96 42.15 6.94
CA LEU G 32 29.53 42.38 7.01
C LEU G 32 29.17 43.69 7.67
N VAL G 33 30.13 44.58 7.91
CA VAL G 33 29.79 45.94 8.34
C VAL G 33 29.05 46.71 7.24
N SER G 34 29.23 46.34 5.97
CA SER G 34 28.62 47.06 4.85
C SER G 34 27.53 46.25 4.16
N VAL G 35 27.06 45.17 4.78
CA VAL G 35 26.02 44.31 4.21
C VAL G 35 24.83 44.34 5.16
N LYS G 36 23.65 44.69 4.64
CA LYS G 36 22.49 44.95 5.47
C LYS G 36 21.38 43.93 5.32
N ASN G 37 21.16 43.40 4.12
CA ASN G 37 20.13 42.39 3.92
C ASN G 37 20.61 41.04 4.45
N GLU G 38 19.70 40.30 5.07
CA GLU G 38 20.07 39.05 5.71
C GLU G 38 20.37 37.95 4.71
N CYS G 39 19.81 38.04 3.50
CA CYS G 39 20.09 37.06 2.47
C CYS G 39 21.52 37.20 1.97
N CYS G 40 21.99 38.44 1.77
CA CYS G 40 23.35 38.67 1.34
C CYS G 40 24.35 38.33 2.44
N ARG G 41 23.97 38.54 3.70
CA ARG G 41 24.81 38.12 4.81
C ARG G 41 24.92 36.61 4.88
N LEU G 42 23.84 35.89 4.59
CA LEU G 42 23.93 34.44 4.55
C LEU G 42 24.70 33.94 3.34
N LYS G 43 24.63 34.64 2.21
CA LYS G 43 25.46 34.29 1.07
C LYS G 43 26.94 34.46 1.39
N LEU G 44 27.28 35.56 2.07
CA LEU G 44 28.68 35.79 2.40
C LEU G 44 29.17 34.94 3.55
N SER G 45 28.27 34.41 4.37
CA SER G 45 28.69 33.57 5.50
C SER G 45 28.62 32.07 5.22
N THR G 46 27.84 31.64 4.24
CA THR G 46 27.61 30.21 4.03
C THR G 46 28.14 29.67 2.70
N GLN G 47 28.27 30.49 1.67
CA GLN G 47 28.69 29.98 0.37
C GLN G 47 30.17 29.65 0.38
N ILE G 48 30.51 28.52 -0.24
CA ILE G 48 31.89 28.09 -0.39
C ILE G 48 32.13 27.76 -1.85
N GLU G 49 33.40 27.61 -2.19
CA GLU G 49 33.67 26.92 -3.44
C GLU G 49 33.86 25.43 -3.16
N PRO G 50 33.37 24.56 -4.03
CA PRO G 50 33.48 23.12 -3.76
C PRO G 50 34.91 22.64 -3.93
N GLN G 51 35.32 21.75 -3.03
CA GLN G 51 36.65 21.15 -3.09
C GLN G 51 36.69 20.20 -4.28
N ARG G 52 37.46 20.55 -5.30
CA ARG G 52 37.53 19.78 -6.53
C ARG G 52 38.96 19.50 -6.91
N ASN G 53 39.19 18.32 -7.46
CA ASN G 53 40.50 17.95 -7.95
C ASN G 53 40.73 18.55 -9.33
N LEU G 54 41.95 18.42 -9.82
CA LEU G 54 42.29 18.94 -11.13
C LEU G 54 41.67 18.07 -12.22
N THR G 55 41.38 18.69 -13.35
CA THR G 55 40.77 17.98 -14.47
C THR G 55 41.83 17.15 -15.18
N VAL G 56 41.55 15.86 -15.34
CA VAL G 56 42.46 14.97 -16.03
C VAL G 56 42.40 15.27 -17.52
N GLN G 57 43.56 15.55 -18.12
CA GLN G 57 43.63 15.92 -19.51
C GLN G 57 44.40 14.88 -20.30
N PRO G 58 44.02 14.61 -21.57
CA PRO G 58 43.00 15.26 -22.40
C PRO G 58 41.58 14.80 -22.11
N LEU G 59 40.63 15.66 -22.48
CA LEU G 59 39.21 15.36 -22.30
C LEU G 59 38.73 14.32 -23.29
N LEU G 60 39.36 14.22 -24.45
CA LEU G 60 39.14 13.15 -25.40
C LEU G 60 40.40 12.28 -25.40
N ASP G 61 40.29 11.07 -24.86
CA ASP G 61 41.42 10.18 -24.71
C ASP G 61 41.12 8.86 -25.42
N ILE G 62 42.00 8.47 -26.32
CA ILE G 62 41.82 7.27 -27.13
C ILE G 62 42.92 6.26 -26.87
N ASP H 23 -36.98 -33.62 55.52
CA ASP H 23 -36.43 -34.70 56.33
C ASP H 23 -35.00 -34.36 56.72
N ILE H 24 -34.38 -33.44 55.98
CA ILE H 24 -33.01 -33.04 56.28
C ILE H 24 -32.92 -32.14 57.50
N ARG H 25 -34.05 -31.68 58.04
CA ARG H 25 -34.02 -30.85 59.24
C ARG H 25 -33.61 -31.65 60.47
N GLU H 26 -33.85 -32.97 60.46
CA GLU H 26 -33.32 -33.85 61.50
C GLU H 26 -31.80 -33.81 61.53
N LEU H 27 -31.16 -34.01 60.37
CA LEU H 27 -29.71 -34.01 60.28
C LEU H 27 -29.15 -32.62 60.54
N LEU H 28 -29.86 -31.57 60.09
CA LEU H 28 -29.33 -30.23 60.22
C LEU H 28 -29.52 -29.68 61.63
N SER H 29 -30.49 -30.22 62.39
CA SER H 29 -30.60 -29.92 63.81
C SER H 29 -29.69 -30.81 64.65
N GLN H 30 -29.32 -31.98 64.13
CA GLN H 30 -28.21 -32.74 64.69
C GLN H 30 -26.90 -31.96 64.59
N TYR H 31 -26.72 -31.22 63.50
CA TYR H 31 -25.44 -30.57 63.28
C TYR H 31 -25.35 -29.15 63.85
N VAL H 32 -26.44 -28.38 63.88
CA VAL H 32 -26.39 -26.99 64.28
C VAL H 32 -27.75 -26.59 64.86
N ASP H 33 -27.80 -25.43 65.52
CA ASP H 33 -29.02 -24.88 66.10
C ASP H 33 -30.02 -24.48 65.01
N ASP H 34 -31.29 -24.39 65.42
CA ASP H 34 -32.36 -23.96 64.52
C ASP H 34 -32.63 -22.46 64.70
N ALA H 35 -31.59 -21.65 64.54
CA ALA H 35 -31.72 -20.20 64.52
C ALA H 35 -31.25 -19.57 63.23
N ASN H 36 -30.26 -20.17 62.56
CA ASN H 36 -29.80 -19.79 61.23
C ASN H 36 -29.91 -20.98 60.31
N LEU H 37 -31.05 -21.68 60.37
CA LEU H 37 -31.20 -22.98 59.74
C LEU H 37 -31.92 -22.93 58.39
N GLU H 38 -33.13 -22.37 58.33
CA GLU H 38 -33.81 -22.27 57.05
C GLU H 38 -33.18 -21.19 56.16
N ASP H 39 -32.47 -20.23 56.75
CA ASP H 39 -31.65 -19.31 55.96
C ASP H 39 -30.54 -20.07 55.24
N LEU H 40 -29.88 -20.98 55.97
CA LEU H 40 -28.89 -21.89 55.39
C LEU H 40 -29.52 -22.76 54.31
N ILE H 41 -30.76 -23.21 54.53
CA ILE H 41 -31.42 -24.10 53.59
C ILE H 41 -31.77 -23.36 52.29
N GLU H 42 -32.31 -22.15 52.40
CA GLU H 42 -32.68 -21.42 51.19
C GLU H 42 -31.45 -20.92 50.43
N TRP H 43 -30.38 -20.56 51.17
CA TRP H 43 -29.14 -20.17 50.51
C TRP H 43 -28.50 -21.34 49.77
N ALA H 44 -28.48 -22.51 50.42
CA ALA H 44 -27.93 -23.71 49.79
C ALA H 44 -28.77 -24.12 48.58
N MET H 45 -30.10 -23.97 48.67
CA MET H 45 -30.98 -24.32 47.56
C MET H 45 -30.78 -23.43 46.36
N GLU H 46 -30.80 -22.11 46.55
CA GLU H 46 -30.71 -21.24 45.38
C GLU H 46 -29.29 -21.13 44.85
N LYS H 47 -28.26 -21.20 45.73
CA LYS H 47 -26.90 -21.18 45.23
C LYS H 47 -26.44 -22.54 44.73
N SER H 48 -27.20 -23.60 44.99
CA SER H 48 -26.90 -24.88 44.35
C SER H 48 -27.60 -25.00 43.01
N SER H 49 -28.81 -24.46 42.89
CA SER H 49 -29.48 -24.46 41.59
C SER H 49 -28.94 -23.38 40.67
N LYS H 50 -28.21 -22.39 41.20
CA LYS H 50 -27.62 -21.35 40.38
C LYS H 50 -26.27 -21.76 39.83
N TYR H 51 -25.40 -22.34 40.67
CA TYR H 51 -24.03 -22.66 40.30
C TYR H 51 -23.84 -24.12 39.94
N TYR H 52 -24.86 -24.77 39.39
CA TYR H 52 -24.75 -26.17 38.99
C TYR H 52 -23.93 -26.28 37.71
N ILE H 53 -22.93 -27.16 37.73
CA ILE H 53 -21.95 -27.25 36.66
C ILE H 53 -22.01 -28.64 36.03
N LYS H 54 -22.15 -28.69 34.72
CA LYS H 54 -22.11 -29.90 33.92
C LYS H 54 -20.71 -30.08 33.33
N ASN H 55 -20.57 -31.03 32.42
CA ASN H 55 -19.30 -31.27 31.73
C ASN H 55 -19.34 -30.58 30.38
N ILE H 56 -18.46 -29.61 30.17
CA ILE H 56 -18.51 -28.73 29.01
C ILE H 56 -17.19 -28.85 28.24
N GLY H 57 -17.20 -29.68 27.20
CA GLY H 57 -16.27 -29.51 26.07
C GLY H 57 -14.82 -29.81 26.37
N ASN H 58 -13.96 -28.85 25.98
CA ASN H 58 -12.50 -28.87 26.15
C ASN H 58 -11.87 -30.06 25.42
N THR H 59 -11.99 -30.01 24.10
CA THR H 59 -11.31 -30.91 23.18
C THR H 59 -10.24 -30.13 22.39
N LYS H 60 -9.40 -30.86 21.68
CA LYS H 60 -8.28 -30.28 20.94
C LYS H 60 -8.57 -30.11 19.46
N SER H 61 -9.83 -29.99 19.07
CA SER H 61 -10.21 -29.79 17.67
C SER H 61 -11.02 -28.52 17.52
N ASN H 62 -10.59 -27.45 18.18
CA ASN H 62 -11.38 -26.23 18.24
C ASN H 62 -10.49 -24.99 18.29
N THR H 66 -4.36 -16.17 23.07
CA THR H 66 -4.84 -17.55 23.04
C THR H 66 -4.23 -18.34 24.20
N LYS H 67 -2.99 -17.99 24.56
CA LYS H 67 -2.22 -18.73 25.54
C LYS H 67 -2.22 -18.00 26.89
N PHE H 68 -2.43 -18.79 27.95
CA PHE H 68 -2.43 -18.30 29.32
C PHE H 68 -1.00 -18.26 29.84
N GLU H 69 -0.84 -18.09 31.15
CA GLU H 69 0.47 -18.19 31.77
C GLU H 69 0.93 -19.64 31.73
N SER H 70 2.23 -19.84 31.49
CA SER H 70 2.77 -21.16 31.14
C SER H 70 2.64 -22.16 32.28
N LYS H 71 2.73 -21.68 33.53
CA LYS H 71 2.54 -22.51 34.70
C LYS H 71 1.13 -23.09 34.76
N ASN H 72 0.13 -22.33 34.32
CA ASN H 72 -1.21 -22.88 34.15
C ASN H 72 -1.43 -23.50 32.77
N ASN H 73 -0.69 -23.05 31.76
CA ASN H 73 -0.89 -23.58 30.41
C ASN H 73 -0.44 -25.03 30.28
N ILE H 74 0.54 -25.44 31.08
CA ILE H 74 0.97 -26.84 31.10
C ILE H 74 -0.19 -27.74 31.51
N GLY H 75 -0.88 -27.39 32.59
CA GLY H 75 -2.04 -28.15 33.02
C GLY H 75 -3.23 -28.02 32.09
N ILE H 76 -3.39 -26.86 31.44
CA ILE H 76 -4.53 -26.67 30.55
C ILE H 76 -4.41 -27.54 29.30
N GLU H 77 -3.26 -27.49 28.61
CA GLU H 77 -3.08 -28.41 27.51
C GLU H 77 -2.80 -29.85 27.94
N TYR H 78 -2.53 -30.10 29.22
CA TYR H 78 -2.62 -31.46 29.72
C TYR H 78 -4.07 -31.93 29.73
N SER H 79 -4.97 -31.10 30.23
CA SER H 79 -6.37 -31.47 30.35
C SER H 79 -7.13 -31.37 29.02
N LYS H 80 -6.49 -30.86 27.96
CA LYS H 80 -7.18 -30.77 26.67
C LYS H 80 -7.40 -32.14 26.04
N ASP H 81 -6.50 -33.10 26.26
CA ASP H 81 -6.61 -34.39 25.60
C ASP H 81 -7.46 -35.36 26.41
N SER H 82 -7.98 -36.37 25.72
CA SER H 82 -8.91 -37.32 26.33
C SER H 82 -8.22 -38.55 26.90
N ARG H 83 -6.99 -38.84 26.49
CA ARG H 83 -6.30 -40.02 26.97
C ARG H 83 -5.74 -39.87 28.38
N ASN H 84 -5.70 -38.65 28.91
CA ASN H 84 -5.27 -38.43 30.28
C ASN H 84 -6.41 -38.55 31.28
N LYS H 85 -7.62 -38.84 30.83
CA LYS H 85 -8.78 -39.01 31.69
C LYS H 85 -9.28 -40.44 31.63
N LEU H 86 -9.77 -40.93 32.76
CA LEU H 86 -10.30 -42.27 32.85
C LEU H 86 -11.65 -42.38 32.14
N SER H 87 -12.06 -43.61 31.85
CA SER H 87 -13.34 -43.83 31.21
C SER H 87 -14.48 -43.81 32.21
N TYR H 88 -14.22 -44.20 33.46
CA TYR H 88 -15.20 -44.16 34.52
C TYR H 88 -14.58 -43.49 35.74
N ARG H 89 -15.45 -42.95 36.59
CA ARG H 89 -15.00 -42.10 37.70
C ARG H 89 -14.37 -42.93 38.80
N ASN H 90 -13.13 -42.59 39.17
CA ASN H 90 -12.47 -43.22 40.30
C ASN H 90 -13.08 -42.69 41.60
N LYS H 91 -13.76 -43.56 42.34
CA LYS H 91 -14.40 -43.17 43.57
C LYS H 91 -13.34 -42.94 44.65
N PRO H 92 -13.60 -42.03 45.60
CA PRO H 92 -12.60 -41.76 46.65
C PRO H 92 -12.46 -42.92 47.63
N SER H 93 -11.23 -43.07 48.14
CA SER H 93 -10.87 -44.21 48.97
C SER H 93 -10.45 -43.79 50.37
N ILE H 94 -9.57 -42.80 50.49
CA ILE H 94 -9.09 -42.35 51.80
C ILE H 94 -10.21 -41.59 52.47
N ALA H 95 -10.71 -42.12 53.59
CA ALA H 95 -11.95 -41.65 54.19
C ALA H 95 -11.75 -40.32 54.90
N THR H 96 -12.46 -39.30 54.45
CA THR H 96 -12.49 -37.99 55.08
C THR H 96 -13.92 -37.65 55.46
N ASN H 97 -14.06 -36.52 56.17
CA ASN H 97 -15.33 -36.01 56.71
C ASN H 97 -16.01 -37.06 57.59
N LEU H 98 -15.31 -37.42 58.67
CA LEU H 98 -15.80 -38.40 59.62
C LEU H 98 -16.62 -37.79 60.75
N GLU H 99 -16.47 -36.49 61.01
CA GLU H 99 -17.36 -35.82 61.94
C GLU H 99 -18.72 -35.56 61.31
N TYR H 100 -18.74 -35.22 60.03
CA TYR H 100 -19.96 -34.92 59.29
C TYR H 100 -20.20 -36.05 58.30
N LYS H 101 -20.99 -37.04 58.69
CA LYS H 101 -21.22 -38.21 57.86
C LYS H 101 -22.53 -38.13 57.08
N THR H 102 -22.90 -36.93 56.63
CA THR H 102 -23.87 -36.78 55.55
C THR H 102 -23.26 -37.14 54.19
N LEU H 103 -21.94 -37.26 54.12
CA LEU H 103 -21.29 -37.78 52.92
C LEU H 103 -21.67 -39.23 52.66
N CYS H 104 -22.05 -39.99 53.70
CA CYS H 104 -22.40 -41.40 53.55
C CYS H 104 -23.62 -41.60 52.64
N ASP H 105 -24.52 -40.64 52.60
CA ASP H 105 -25.57 -40.62 51.59
C ASP H 105 -25.24 -39.71 50.41
N MET H 106 -24.41 -38.69 50.63
CA MET H 106 -24.10 -37.72 49.59
C MET H 106 -23.17 -38.28 48.52
N ILE H 107 -22.59 -39.47 48.73
CA ILE H 107 -21.81 -40.13 47.68
C ILE H 107 -22.70 -40.47 46.49
N LYS H 108 -23.73 -41.30 46.71
CA LYS H 108 -24.51 -41.76 45.57
C LYS H 108 -26.01 -41.86 45.82
N GLY H 109 -26.51 -41.56 47.02
CA GLY H 109 -27.95 -41.44 47.16
C GLY H 109 -28.49 -40.15 46.58
N THR H 110 -27.65 -39.13 46.48
CA THR H 110 -28.00 -37.85 45.91
C THR H 110 -27.10 -37.59 44.71
N SER H 111 -27.70 -37.37 43.55
CA SER H 111 -26.96 -37.03 42.35
C SER H 111 -27.52 -35.87 41.55
N GLY H 112 -28.80 -35.53 41.74
CA GLY H 112 -29.40 -34.42 41.03
C GLY H 112 -29.13 -33.08 41.69
N THR H 113 -30.19 -32.29 41.89
CA THR H 113 -30.03 -30.97 42.50
C THR H 113 -29.75 -31.07 43.99
N GLU H 114 -30.29 -32.09 44.65
CA GLU H 114 -30.10 -32.20 46.10
C GLU H 114 -28.68 -32.63 46.46
N LYS H 115 -27.90 -33.17 45.52
CA LYS H 115 -26.49 -33.45 45.80
C LYS H 115 -25.71 -32.17 46.03
N GLU H 116 -25.83 -31.22 45.11
CA GLU H 116 -25.16 -29.94 45.28
C GLU H 116 -25.80 -29.12 46.39
N PHE H 117 -27.10 -29.34 46.64
CA PHE H 117 -27.77 -28.71 47.78
C PHE H 117 -27.18 -29.20 49.11
N LEU H 118 -26.96 -30.51 49.24
CA LEU H 118 -26.33 -31.06 50.43
C LEU H 118 -24.88 -30.64 50.55
N ARG H 119 -24.17 -30.50 49.43
CA ARG H 119 -22.80 -30.02 49.45
C ARG H 119 -22.72 -28.58 49.95
N TYR H 120 -23.63 -27.73 49.48
CA TYR H 120 -23.64 -26.33 49.90
C TYR H 120 -24.02 -26.18 51.36
N LEU H 121 -24.99 -26.95 51.84
CA LEU H 121 -25.34 -26.85 53.25
C LEU H 121 -24.28 -27.47 54.13
N LEU H 122 -23.54 -28.47 53.62
CA LEU H 122 -22.42 -29.02 54.39
C LEU H 122 -21.31 -27.99 54.55
N PHE H 123 -21.03 -27.23 53.48
CA PHE H 123 -20.08 -26.12 53.58
C PHE H 123 -20.58 -25.04 54.52
N GLY H 124 -21.89 -24.77 54.50
CA GLY H 124 -22.46 -23.79 55.42
C GLY H 124 -22.39 -24.24 56.87
N ILE H 125 -22.60 -25.54 57.12
CA ILE H 125 -22.49 -26.09 58.46
C ILE H 125 -21.05 -26.02 58.97
N LYS H 126 -20.08 -26.31 58.08
CA LYS H 126 -18.68 -26.19 58.46
C LYS H 126 -18.29 -24.74 58.75
N CYS H 127 -18.84 -23.79 58.00
CA CYS H 127 -18.55 -22.37 58.26
C CYS H 127 -19.20 -21.89 59.56
N ILE H 128 -20.44 -22.30 59.81
CA ILE H 128 -21.14 -21.79 60.99
C ILE H 128 -20.68 -22.51 62.26
N LYS H 129 -20.13 -23.73 62.15
CA LYS H 129 -19.50 -24.34 63.30
C LYS H 129 -18.09 -23.78 63.50
N LYS H 130 -17.44 -23.36 62.41
CA LYS H 130 -16.22 -22.56 62.55
C LYS H 130 -16.52 -21.18 63.11
N GLY H 131 -17.76 -20.70 62.98
CA GLY H 131 -18.16 -19.44 63.57
C GLY H 131 -17.78 -18.26 62.72
N VAL H 132 -18.16 -18.32 61.44
CA VAL H 132 -17.78 -17.30 60.47
C VAL H 132 -18.83 -17.33 59.35
N GLU H 133 -18.77 -16.33 58.46
CA GLU H 133 -19.80 -16.15 57.44
C GLU H 133 -19.76 -17.28 56.41
N TYR H 134 -20.94 -17.88 56.16
CA TYR H 134 -21.05 -18.98 55.23
C TYR H 134 -21.34 -18.55 53.80
N ASN H 135 -21.76 -17.30 53.59
CA ASN H 135 -22.06 -16.80 52.26
C ASN H 135 -20.81 -16.21 51.63
N ILE H 136 -20.86 -16.02 50.31
CA ILE H 136 -19.80 -15.34 49.59
C ILE H 136 -20.24 -14.01 49.00
N ASP H 137 -21.55 -13.75 48.88
CA ASP H 137 -22.01 -12.45 48.40
C ASP H 137 -21.82 -11.37 49.45
N LYS H 138 -22.12 -11.70 50.71
CA LYS H 138 -21.96 -10.72 51.79
C LYS H 138 -20.54 -10.66 52.34
N ILE H 139 -19.62 -11.48 51.83
CA ILE H 139 -18.20 -11.15 51.97
C ILE H 139 -17.97 -10.01 51.00
N LYS H 140 -17.97 -8.78 51.50
CA LYS H 140 -18.03 -7.64 50.61
C LYS H 140 -16.66 -7.34 50.01
N ASP H 141 -16.69 -6.70 48.84
CA ASP H 141 -15.49 -6.48 48.05
C ASP H 141 -14.52 -5.54 48.76
N VAL H 142 -13.23 -5.76 48.53
CA VAL H 142 -12.23 -4.75 48.83
C VAL H 142 -12.35 -3.68 47.77
N SER H 143 -12.90 -2.52 48.15
CA SER H 143 -13.08 -1.43 47.19
C SER H 143 -11.73 -0.82 46.88
N TYR H 144 -11.28 -0.97 45.63
CA TYR H 144 -9.94 -0.56 45.26
C TYR H 144 -9.86 0.81 44.66
N ASN H 145 -10.99 1.49 44.47
CA ASN H 145 -10.96 2.85 43.95
C ASN H 145 -10.76 3.91 45.04
N ASP H 146 -10.23 3.54 46.20
CA ASP H 146 -9.62 4.50 47.11
C ASP H 146 -8.12 4.64 46.90
N TYR H 147 -7.52 3.77 46.08
CA TYR H 147 -6.13 3.92 45.67
C TYR H 147 -5.97 4.58 44.31
N PHE H 148 -7.02 4.57 43.50
CA PHE H 148 -6.95 5.02 42.11
C PHE H 148 -8.04 6.05 41.83
N ASN H 149 -8.18 7.03 42.74
CA ASN H 149 -9.17 8.08 42.57
C ASN H 149 -8.55 9.48 42.57
N VAL H 150 -7.24 9.58 42.31
CA VAL H 150 -6.60 10.89 42.23
C VAL H 150 -7.03 11.58 40.96
N LEU H 151 -7.01 12.92 40.99
CA LEU H 151 -7.42 13.85 39.92
C LEU H 151 -8.70 13.47 39.15
MG MG L . 1.40 12.80 -3.40
ZN ZN M . 1.12 -19.68 -43.56
ZN ZN N . -10.54 -58.10 -12.74
ZN ZN O . -11.80 -26.96 -40.50
ZN ZN P . 20.45 39.41 -0.90
#